data_2ROD
#
_entry.id   2ROD
#
loop_
_entity.id
_entity.type
_entity.pdbx_description
1 polymer 'Induced myeloid leukemia cell differentiation protein Mcl-1 homolog'
2 polymer Noxa
#
loop_
_entity_poly.entity_id
_entity_poly.type
_entity_poly.pdbx_seq_one_letter_code
_entity_poly.pdbx_strand_id
1 'polypeptide(L)'
;GPLGSEDDLYRQSLEIISRYLREQATGSKDSKPLGEAGAAGRRALETLRRVGDGVQRNHETAFQGMLRKLDIKNEGDVKS
FSRVMVHVFKDGVTNWGRIVTLISFGAFVAKHLKSVNQESFIEPLAETITDVLVRTKRDWLVKQRGWDGFVEFFHVQDLE
GG
;
A
2 'polypeptide(L)' AELPPEFAAQLRKIGDKVYCTWSAPDM B
#
# COMPACT_ATOMS: atom_id res chain seq x y z
N GLY A 1 13.83 10.23 14.26
CA GLY A 1 14.07 11.33 15.23
C GLY A 1 13.02 12.43 15.15
N PRO A 2 12.40 12.81 16.28
CA PRO A 2 11.38 13.87 16.31
C PRO A 2 11.95 15.26 16.07
N LEU A 3 11.48 15.92 15.02
CA LEU A 3 11.95 17.26 14.66
C LEU A 3 10.78 18.24 14.58
N GLY A 4 9.65 17.77 14.05
CA GLY A 4 8.48 18.61 13.94
C GLY A 4 7.31 18.10 14.77
N SER A 5 6.74 16.99 14.34
CA SER A 5 5.60 16.39 15.04
C SER A 5 5.57 14.87 14.88
N GLU A 6 5.26 14.41 13.67
CA GLU A 6 5.19 12.98 13.39
C GLU A 6 6.17 12.61 12.27
N ASP A 7 7.37 13.17 12.33
CA ASP A 7 8.41 12.93 11.32
C ASP A 7 8.78 11.43 11.24
N ASP A 8 8.91 10.79 12.39
CA ASP A 8 9.25 9.36 12.46
C ASP A 8 8.24 8.50 11.69
N LEU A 9 6.96 8.82 11.83
CA LEU A 9 5.89 8.05 11.16
C LEU A 9 6.09 8.03 9.63
N TYR A 10 6.45 9.18 9.06
CA TYR A 10 6.66 9.28 7.62
C TYR A 10 7.87 8.47 7.16
N ARG A 11 9.01 8.63 7.84
CA ARG A 11 10.23 7.93 7.48
C ARG A 11 10.07 6.40 7.52
N GLN A 12 9.56 5.88 8.65
CA GLN A 12 9.35 4.45 8.81
C GLN A 12 8.42 3.91 7.71
N SER A 13 7.34 4.63 7.48
CA SER A 13 6.36 4.25 6.46
C SER A 13 6.97 4.29 5.06
N LEU A 14 7.65 5.38 4.73
CA LEU A 14 8.28 5.54 3.43
C LEU A 14 9.28 4.42 3.15
N GLU A 15 10.16 4.16 4.12
CA GLU A 15 11.16 3.10 3.96
C GLU A 15 10.52 1.74 3.64
N ILE A 16 9.52 1.35 4.43
CA ILE A 16 8.83 0.08 4.24
C ILE A 16 8.11 0.03 2.89
N ILE A 17 7.32 1.06 2.58
CA ILE A 17 6.59 1.10 1.31
C ILE A 17 7.54 1.13 0.12
N SER A 18 8.56 1.99 0.18
CA SER A 18 9.55 2.07 -0.90
C SER A 18 10.23 0.72 -1.10
N ARG A 19 10.54 0.06 0.00
CA ARG A 19 11.17 -1.26 -0.06
C ARG A 19 10.21 -2.30 -0.64
N TYR A 20 8.98 -2.34 -0.12
CA TYR A 20 8.00 -3.32 -0.59
C TYR A 20 7.68 -3.17 -2.09
N LEU A 21 7.35 -1.96 -2.52
CA LEU A 21 6.99 -1.73 -3.93
C LEU A 21 8.16 -2.03 -4.86
N ARG A 22 9.36 -1.56 -4.51
CA ARG A 22 10.56 -1.81 -5.33
C ARG A 22 10.90 -3.31 -5.36
N GLU A 23 10.77 -3.98 -4.21
CA GLU A 23 11.06 -5.40 -4.10
C GLU A 23 10.16 -6.23 -5.02
N GLN A 24 8.85 -6.03 -4.89
CA GLN A 24 7.84 -6.75 -5.67
C GLN A 24 7.99 -6.47 -7.18
N ALA A 25 8.42 -5.26 -7.52
CA ALA A 25 8.60 -4.87 -8.91
C ALA A 25 9.66 -5.71 -9.62
N THR A 26 10.58 -6.30 -8.85
CA THR A 26 11.65 -7.13 -9.42
C THR A 26 11.12 -8.48 -9.94
N GLY A 27 9.99 -8.91 -9.38
CA GLY A 27 9.41 -10.19 -9.79
C GLY A 27 9.88 -11.35 -8.92
N SER A 28 10.85 -11.10 -8.05
CA SER A 28 11.38 -12.14 -7.17
C SER A 28 11.00 -11.89 -5.71
N LYS A 29 11.04 -12.95 -4.90
CA LYS A 29 10.68 -12.85 -3.48
C LYS A 29 11.89 -12.41 -2.64
N ASP A 30 12.41 -11.23 -2.94
CA ASP A 30 13.55 -10.67 -2.24
C ASP A 30 13.08 -9.81 -1.06
N SER A 31 14.01 -9.41 -0.20
CA SER A 31 13.69 -8.58 0.96
C SER A 31 14.95 -7.88 1.46
N LYS A 32 15.15 -6.64 1.01
CA LYS A 32 16.32 -5.88 1.42
C LYS A 32 16.13 -5.20 2.78
N PRO A 33 17.22 -5.02 3.54
CA PRO A 33 17.16 -4.40 4.87
C PRO A 33 16.86 -2.90 4.82
N LEU A 34 16.32 -2.38 5.92
CA LEU A 34 15.99 -0.97 6.05
C LEU A 34 17.15 -0.20 6.67
N GLY A 35 17.18 1.11 6.44
CA GLY A 35 18.24 1.93 7.01
C GLY A 35 17.85 2.54 8.35
N GLU A 36 16.55 2.77 8.52
CA GLU A 36 16.03 3.34 9.76
C GLU A 36 14.97 2.44 10.37
N ALA A 37 14.09 1.90 9.52
CA ALA A 37 13.03 1.02 9.97
C ALA A 37 13.54 -0.40 10.27
N GLY A 38 14.27 -0.54 11.36
CA GLY A 38 14.80 -1.85 11.74
C GLY A 38 13.72 -2.78 12.29
N ALA A 39 13.23 -2.45 13.48
CA ALA A 39 12.20 -3.26 14.12
C ALA A 39 10.86 -3.17 13.37
N ALA A 40 10.38 -1.95 13.18
CA ALA A 40 9.12 -1.73 12.47
C ALA A 40 9.23 -2.13 11.00
N GLY A 41 10.36 -1.79 10.38
CA GLY A 41 10.57 -2.12 8.98
C GLY A 41 10.54 -3.61 8.69
N ARG A 42 11.23 -4.41 9.48
CA ARG A 42 11.24 -5.87 9.27
C ARG A 42 9.88 -6.50 9.58
N ARG A 43 9.25 -6.05 10.67
CA ARG A 43 7.95 -6.57 11.07
C ARG A 43 6.88 -6.20 10.02
N ALA A 44 6.89 -4.93 9.61
CA ALA A 44 5.93 -4.43 8.65
C ALA A 44 6.22 -4.90 7.23
N LEU A 45 7.50 -4.94 6.81
CA LEU A 45 7.83 -5.38 5.46
C LEU A 45 7.44 -6.84 5.25
N GLU A 46 7.69 -7.67 6.25
CA GLU A 46 7.35 -9.09 6.19
C GLU A 46 5.83 -9.28 6.10
N THR A 47 5.10 -8.50 6.90
CA THR A 47 3.64 -8.57 6.91
C THR A 47 3.04 -7.97 5.64
N LEU A 48 3.54 -6.80 5.25
CA LEU A 48 3.07 -6.10 4.06
C LEU A 48 3.29 -6.94 2.80
N ARG A 49 4.35 -7.75 2.79
CA ARG A 49 4.63 -8.61 1.67
C ARG A 49 3.60 -9.73 1.61
N ARG A 50 3.43 -10.41 2.75
CA ARG A 50 2.47 -11.52 2.87
C ARG A 50 1.03 -11.06 2.58
N VAL A 51 0.64 -9.94 3.16
CA VAL A 51 -0.70 -9.39 2.97
C VAL A 51 -0.87 -8.80 1.57
N GLY A 52 0.10 -7.97 1.16
CA GLY A 52 0.05 -7.33 -0.16
C GLY A 52 -0.06 -8.33 -1.30
N ASP A 53 0.68 -9.44 -1.18
CA ASP A 53 0.62 -10.50 -2.20
C ASP A 53 -0.73 -11.19 -2.17
N GLY A 54 -1.20 -11.56 -0.97
CA GLY A 54 -2.49 -12.23 -0.85
C GLY A 54 -3.64 -11.40 -1.42
N VAL A 55 -3.63 -10.10 -1.13
CA VAL A 55 -4.67 -9.19 -1.63
C VAL A 55 -4.66 -9.06 -3.15
N GLN A 56 -3.49 -8.76 -3.72
CA GLN A 56 -3.36 -8.58 -5.16
C GLN A 56 -3.48 -9.88 -5.95
N ARG A 57 -3.03 -11.00 -5.39
CA ARG A 57 -3.14 -12.28 -6.09
C ARG A 57 -4.58 -12.76 -6.14
N ASN A 58 -5.33 -12.53 -5.05
CA ASN A 58 -6.74 -12.92 -5.00
C ASN A 58 -7.57 -12.09 -5.98
N HIS A 59 -7.43 -10.77 -5.93
CA HIS A 59 -8.17 -9.89 -6.84
C HIS A 59 -7.29 -9.50 -8.05
N GLU A 60 -6.42 -10.42 -8.46
CA GLU A 60 -5.49 -10.18 -9.58
C GLU A 60 -6.21 -9.76 -10.87
N THR A 61 -7.32 -10.44 -11.19
CA THR A 61 -8.08 -10.13 -12.39
C THR A 61 -8.59 -8.69 -12.37
N ALA A 62 -9.07 -8.26 -11.21
CA ALA A 62 -9.57 -6.91 -11.03
C ALA A 62 -8.42 -5.91 -11.11
N PHE A 63 -7.30 -6.25 -10.47
CA PHE A 63 -6.12 -5.39 -10.49
C PHE A 63 -5.60 -5.21 -11.92
N GLN A 64 -5.45 -6.34 -12.62
CA GLN A 64 -4.97 -6.32 -14.01
C GLN A 64 -5.93 -5.55 -14.91
N GLY A 65 -7.24 -5.73 -14.68
CA GLY A 65 -8.24 -5.01 -15.45
C GLY A 65 -8.03 -3.51 -15.33
N MET A 66 -7.84 -3.05 -14.09
CA MET A 66 -7.60 -1.64 -13.83
C MET A 66 -6.22 -1.21 -14.33
N LEU A 67 -5.25 -2.11 -14.21
CA LEU A 67 -3.87 -1.85 -14.66
C LEU A 67 -3.84 -1.58 -16.17
N ARG A 68 -4.64 -2.34 -16.92
CA ARG A 68 -4.73 -2.17 -18.36
C ARG A 68 -5.60 -0.95 -18.70
N LYS A 69 -6.53 -0.64 -17.80
CA LYS A 69 -7.42 0.50 -17.97
C LYS A 69 -6.69 1.81 -17.67
N LEU A 70 -5.73 1.75 -16.75
CA LEU A 70 -4.94 2.91 -16.36
C LEU A 70 -3.99 3.36 -17.47
N ASP A 71 -3.92 4.68 -17.66
CA ASP A 71 -3.04 5.26 -18.67
C ASP A 71 -1.78 5.83 -18.00
N ILE A 72 -1.50 5.37 -16.78
CA ILE A 72 -0.35 5.84 -16.01
C ILE A 72 1.00 5.54 -16.67
N LYS A 73 1.74 6.61 -16.97
CA LYS A 73 3.06 6.50 -17.60
C LYS A 73 3.99 7.65 -17.22
N ASN A 74 3.45 8.75 -16.70
CA ASN A 74 4.27 9.91 -16.34
C ASN A 74 4.03 10.40 -14.92
N GLU A 75 4.74 11.47 -14.55
CA GLU A 75 4.62 12.06 -13.20
C GLU A 75 3.25 12.73 -12.99
N GLY A 76 2.59 13.09 -14.09
CA GLY A 76 1.29 13.74 -13.98
C GLY A 76 0.19 12.79 -13.52
N ASP A 77 0.37 11.50 -13.78
CA ASP A 77 -0.61 10.48 -13.42
C ASP A 77 -0.79 10.32 -11.89
N VAL A 78 0.28 10.60 -11.13
CA VAL A 78 0.24 10.48 -9.66
C VAL A 78 -0.92 11.27 -9.03
N LYS A 79 -1.37 12.35 -9.68
CA LYS A 79 -2.48 13.15 -9.17
C LYS A 79 -3.75 12.30 -9.07
N SER A 80 -4.00 11.50 -10.10
CA SER A 80 -5.16 10.62 -10.13
C SER A 80 -4.98 9.44 -9.17
N PHE A 81 -3.76 8.91 -9.10
CA PHE A 81 -3.44 7.78 -8.22
C PHE A 81 -3.68 8.17 -6.76
N SER A 82 -3.15 9.32 -6.37
CA SER A 82 -3.32 9.82 -5.00
C SER A 82 -4.81 10.07 -4.70
N ARG A 83 -5.51 10.59 -5.71
CA ARG A 83 -6.95 10.85 -5.57
C ARG A 83 -7.72 9.54 -5.40
N VAL A 84 -7.41 8.54 -6.22
CA VAL A 84 -8.06 7.23 -6.11
C VAL A 84 -7.81 6.63 -4.72
N MET A 85 -6.57 6.71 -4.25
CA MET A 85 -6.20 6.19 -2.94
C MET A 85 -7.04 6.83 -1.83
N VAL A 86 -7.08 8.16 -1.78
CA VAL A 86 -7.85 8.86 -0.76
C VAL A 86 -9.36 8.65 -0.97
N HIS A 87 -9.77 8.51 -2.24
CA HIS A 87 -11.17 8.28 -2.59
C HIS A 87 -11.71 6.99 -1.94
N VAL A 88 -10.84 6.00 -1.77
CA VAL A 88 -11.25 4.74 -1.14
C VAL A 88 -11.80 4.97 0.28
N PHE A 89 -11.30 6.00 0.96
CA PHE A 89 -11.75 6.32 2.33
C PHE A 89 -12.73 7.50 2.36
N LYS A 90 -13.40 7.74 1.23
CA LYS A 90 -14.36 8.85 1.12
C LYS A 90 -15.55 8.73 2.08
N ASP A 91 -15.88 7.50 2.49
CA ASP A 91 -17.00 7.30 3.41
C ASP A 91 -16.59 7.55 4.87
N GLY A 92 -15.29 7.72 5.09
CA GLY A 92 -14.79 7.98 6.44
C GLY A 92 -14.38 6.71 7.18
N VAL A 93 -14.45 5.57 6.51
CA VAL A 93 -14.08 4.29 7.13
C VAL A 93 -12.63 3.91 6.77
N THR A 94 -11.69 4.24 7.64
CA THR A 94 -10.29 3.92 7.40
C THR A 94 -9.92 2.49 7.79
N ASN A 95 -10.40 1.51 7.04
CA ASN A 95 -10.11 0.10 7.33
C ASN A 95 -8.77 -0.32 6.73
N TRP A 96 -8.02 -1.12 7.49
CA TRP A 96 -6.70 -1.62 7.06
C TRP A 96 -6.74 -2.27 5.68
N GLY A 97 -7.78 -3.08 5.43
CA GLY A 97 -7.94 -3.75 4.14
C GLY A 97 -7.92 -2.77 2.97
N ARG A 98 -8.47 -1.59 3.17
CA ARG A 98 -8.49 -0.56 2.15
C ARG A 98 -7.09 0.04 1.98
N ILE A 99 -6.44 0.31 3.11
CA ILE A 99 -5.09 0.88 3.14
C ILE A 99 -4.10 -0.05 2.43
N VAL A 100 -4.11 -1.33 2.79
CA VAL A 100 -3.19 -2.29 2.17
C VAL A 100 -3.52 -2.50 0.69
N THR A 101 -4.81 -2.44 0.34
CA THR A 101 -5.22 -2.58 -1.07
C THR A 101 -4.54 -1.51 -1.93
N LEU A 102 -4.46 -0.30 -1.39
CA LEU A 102 -3.80 0.81 -2.09
C LEU A 102 -2.30 0.56 -2.25
N ILE A 103 -1.72 -0.13 -1.28
CA ILE A 103 -0.29 -0.47 -1.33
C ILE A 103 -0.07 -1.60 -2.34
N SER A 104 -0.97 -2.60 -2.31
CA SER A 104 -0.89 -3.72 -3.26
C SER A 104 -1.12 -3.21 -4.68
N PHE A 105 -1.92 -2.14 -4.78
CA PHE A 105 -2.18 -1.50 -6.06
C PHE A 105 -0.92 -0.78 -6.52
N GLY A 106 -0.27 -0.08 -5.59
CA GLY A 106 0.97 0.60 -5.90
C GLY A 106 2.02 -0.39 -6.39
N ALA A 107 2.15 -1.50 -5.66
CA ALA A 107 3.08 -2.56 -6.05
C ALA A 107 2.73 -3.12 -7.44
N PHE A 108 1.43 -3.26 -7.71
CA PHE A 108 0.97 -3.76 -9.01
C PHE A 108 1.40 -2.81 -10.13
N VAL A 109 1.28 -1.51 -9.88
CA VAL A 109 1.70 -0.49 -10.86
C VAL A 109 3.23 -0.45 -10.94
N ALA A 110 3.89 -0.61 -9.80
CA ALA A 110 5.36 -0.63 -9.76
C ALA A 110 5.89 -1.73 -10.68
N LYS A 111 5.24 -2.89 -10.63
CA LYS A 111 5.61 -4.01 -11.49
C LYS A 111 5.35 -3.66 -12.96
N HIS A 112 4.20 -3.02 -13.23
CA HIS A 112 3.86 -2.60 -14.59
C HIS A 112 4.91 -1.65 -15.14
N LEU A 113 5.37 -0.71 -14.31
CA LEU A 113 6.39 0.25 -14.73
C LEU A 113 7.75 -0.44 -14.90
N LYS A 114 8.10 -1.33 -13.98
CA LYS A 114 9.37 -2.06 -14.04
C LYS A 114 9.40 -2.99 -15.25
N SER A 115 8.25 -3.57 -15.60
CA SER A 115 8.15 -4.49 -16.74
C SER A 115 8.54 -3.80 -18.04
N VAL A 116 8.33 -2.49 -18.10
CA VAL A 116 8.68 -1.70 -19.28
C VAL A 116 9.92 -0.84 -19.02
N ASN A 117 10.65 -1.17 -17.95
CA ASN A 117 11.87 -0.45 -17.55
C ASN A 117 11.64 1.06 -17.36
N GLN A 118 10.64 1.42 -16.55
CA GLN A 118 10.35 2.82 -16.28
C GLN A 118 10.51 3.16 -14.79
N GLU A 119 11.54 2.57 -14.16
CA GLU A 119 11.85 2.79 -12.75
C GLU A 119 11.87 4.29 -12.37
N SER A 120 12.27 5.13 -13.33
CA SER A 120 12.33 6.58 -13.12
C SER A 120 10.98 7.15 -12.66
N PHE A 121 9.90 6.44 -12.94
CA PHE A 121 8.57 6.87 -12.53
C PHE A 121 8.12 6.12 -11.27
N ILE A 122 8.77 5.01 -10.98
CA ILE A 122 8.44 4.20 -9.80
C ILE A 122 8.80 4.94 -8.51
N GLU A 123 10.00 5.53 -8.47
CA GLU A 123 10.45 6.29 -7.30
C GLU A 123 9.45 7.40 -6.93
N PRO A 124 9.12 8.33 -7.86
CA PRO A 124 8.14 9.40 -7.60
C PRO A 124 6.74 8.85 -7.27
N LEU A 125 6.41 7.71 -7.88
CA LEU A 125 5.13 7.06 -7.62
C LEU A 125 5.05 6.56 -6.18
N ALA A 126 6.04 5.75 -5.78
CA ALA A 126 6.11 5.23 -4.41
C ALA A 126 6.13 6.38 -3.40
N GLU A 127 6.83 7.46 -3.75
CA GLU A 127 6.90 8.64 -2.90
C GLU A 127 5.51 9.28 -2.76
N THR A 128 4.86 9.52 -3.88
CA THR A 128 3.51 10.11 -3.89
C THR A 128 2.54 9.21 -3.13
N ILE A 129 2.64 7.89 -3.37
CA ILE A 129 1.78 6.93 -2.69
C ILE A 129 1.92 7.04 -1.18
N THR A 130 3.16 6.94 -0.70
CA THR A 130 3.44 7.04 0.73
C THR A 130 3.01 8.38 1.31
N ASP A 131 3.42 9.45 0.64
CA ASP A 131 3.09 10.80 1.08
C ASP A 131 1.58 11.01 1.21
N VAL A 132 0.85 10.88 0.10
CA VAL A 132 -0.60 11.09 0.12
C VAL A 132 -1.31 10.11 1.07
N LEU A 133 -0.96 8.83 1.00
CA LEU A 133 -1.57 7.80 1.85
C LEU A 133 -1.45 8.16 3.33
N VAL A 134 -0.25 8.56 3.76
CA VAL A 134 -0.03 8.92 5.16
C VAL A 134 -0.58 10.32 5.49
N ARG A 135 -0.37 11.26 4.57
CA ARG A 135 -0.84 12.64 4.77
C ARG A 135 -2.34 12.73 5.09
N THR A 136 -3.16 11.94 4.39
CA THR A 136 -4.60 11.95 4.62
C THR A 136 -5.03 11.04 5.79
N LYS A 137 -4.07 10.37 6.42
CA LYS A 137 -4.38 9.46 7.55
C LYS A 137 -3.32 9.57 8.66
N ARG A 138 -2.89 10.79 8.95
CA ARG A 138 -1.87 11.03 9.97
C ARG A 138 -2.32 10.62 11.38
N ASP A 139 -3.40 11.24 11.85
CA ASP A 139 -3.92 10.94 13.19
C ASP A 139 -4.31 9.47 13.34
N TRP A 140 -5.00 8.93 12.35
CA TRP A 140 -5.42 7.53 12.39
C TRP A 140 -4.21 6.59 12.51
N LEU A 141 -3.17 6.84 11.72
CA LEU A 141 -1.98 6.01 11.75
C LEU A 141 -1.20 6.17 13.06
N VAL A 142 -1.01 7.41 13.52
CA VAL A 142 -0.27 7.65 14.76
C VAL A 142 -1.02 7.09 15.99
N LYS A 143 -2.35 7.13 15.97
CA LYS A 143 -3.15 6.60 17.07
C LYS A 143 -3.20 5.07 17.04
N GLN A 144 -3.05 4.49 15.85
CA GLN A 144 -3.10 3.04 15.69
C GLN A 144 -1.71 2.39 15.81
N ARG A 145 -0.78 3.05 16.51
CA ARG A 145 0.58 2.53 16.71
C ARG A 145 1.36 2.39 15.39
N GLY A 146 0.83 2.97 14.32
CA GLY A 146 1.47 2.90 13.02
C GLY A 146 1.53 1.48 12.47
N TRP A 147 2.71 1.10 12.00
CA TRP A 147 2.91 -0.23 11.43
C TRP A 147 2.79 -1.33 12.48
N ASP A 148 2.97 -0.97 13.76
CA ASP A 148 2.83 -1.92 14.85
C ASP A 148 1.39 -2.46 14.91
N GLY A 149 0.42 -1.55 14.86
CA GLY A 149 -0.97 -1.95 14.87
C GLY A 149 -1.37 -2.65 13.57
N PHE A 150 -0.76 -2.20 12.47
CA PHE A 150 -1.02 -2.77 11.15
C PHE A 150 -0.66 -4.27 11.10
N VAL A 151 0.55 -4.61 11.54
CA VAL A 151 1.02 -6.00 11.52
C VAL A 151 0.17 -6.90 12.44
N GLU A 152 -0.14 -6.41 13.64
CA GLU A 152 -0.94 -7.17 14.60
C GLU A 152 -2.32 -7.55 14.04
N PHE A 153 -2.96 -6.61 13.34
CA PHE A 153 -4.28 -6.86 12.76
C PHE A 153 -4.25 -8.04 11.77
N PHE A 154 -3.25 -8.07 10.90
CA PHE A 154 -3.14 -9.14 9.91
C PHE A 154 -2.46 -10.40 10.46
N HIS A 155 -2.13 -10.38 11.75
CA HIS A 155 -1.48 -11.52 12.40
C HIS A 155 -2.43 -12.21 13.37
N VAL A 156 -3.72 -11.85 13.31
CA VAL A 156 -4.73 -12.44 14.21
C VAL A 156 -5.11 -13.87 13.78
N GLN A 157 -4.66 -14.27 12.60
CA GLN A 157 -4.93 -15.61 12.09
C GLN A 157 -4.32 -16.67 13.01
N ASP A 158 -2.99 -16.66 13.12
CA ASP A 158 -2.27 -17.60 13.98
C ASP A 158 -0.80 -17.21 14.08
N LEU A 159 -0.55 -16.02 14.61
CA LEU A 159 0.81 -15.51 14.79
C LEU A 159 0.93 -14.75 16.11
N GLU A 160 0.10 -13.71 16.27
CA GLU A 160 0.10 -12.91 17.50
C GLU A 160 -1.28 -12.31 17.75
N GLY A 161 -2.31 -13.15 17.62
CA GLY A 161 -3.67 -12.70 17.85
C GLY A 161 -4.41 -13.56 18.87
N GLY A 162 -5.06 -12.91 19.83
CA GLY A 162 -5.80 -13.64 20.85
C GLY A 162 -6.01 -12.83 22.12
N ALA B 1 -6.31 7.02 -22.77
CA ALA B 1 -5.98 8.47 -22.63
C ALA B 1 -7.01 9.20 -21.76
N GLU B 2 -7.39 8.59 -20.63
CA GLU B 2 -8.37 9.19 -19.71
C GLU B 2 -8.44 8.38 -18.41
N LEU B 3 -8.87 9.02 -17.33
CA LEU B 3 -8.97 8.33 -16.05
C LEU B 3 -10.42 8.11 -15.62
N PRO B 4 -11.00 6.94 -15.98
CA PRO B 4 -12.36 6.58 -15.56
C PRO B 4 -12.33 6.15 -14.09
N PRO B 5 -13.00 6.90 -13.19
CA PRO B 5 -12.98 6.62 -11.74
C PRO B 5 -13.60 5.28 -11.31
N GLU B 6 -13.27 4.20 -12.02
CA GLU B 6 -13.75 2.87 -11.68
C GLU B 6 -12.76 2.21 -10.72
N PHE B 7 -11.48 2.61 -10.80
CA PHE B 7 -10.44 2.09 -9.93
C PHE B 7 -10.77 2.41 -8.48
N ALA B 8 -11.23 3.63 -8.26
CA ALA B 8 -11.60 4.10 -6.94
C ALA B 8 -12.70 3.22 -6.32
N ALA B 9 -13.70 2.88 -7.13
CA ALA B 9 -14.80 2.03 -6.68
C ALA B 9 -14.33 0.59 -6.51
N GLN B 10 -13.61 0.08 -7.51
CA GLN B 10 -13.09 -1.28 -7.49
C GLN B 10 -12.19 -1.50 -6.26
N LEU B 11 -11.18 -0.64 -6.11
CA LEU B 11 -10.26 -0.73 -4.97
C LEU B 11 -11.00 -0.60 -3.65
N ARG B 12 -12.02 0.27 -3.62
CA ARG B 12 -12.83 0.45 -2.41
C ARG B 12 -13.53 -0.86 -2.05
N LYS B 13 -14.23 -1.45 -3.02
CA LYS B 13 -14.93 -2.72 -2.81
C LYS B 13 -13.93 -3.82 -2.41
N ILE B 14 -12.78 -3.86 -3.10
CA ILE B 14 -11.73 -4.83 -2.80
C ILE B 14 -11.28 -4.68 -1.36
N GLY B 15 -10.98 -3.45 -0.95
CA GLY B 15 -10.53 -3.18 0.40
C GLY B 15 -11.50 -3.68 1.45
N ASP B 16 -12.79 -3.41 1.25
CA ASP B 16 -13.84 -3.85 2.18
C ASP B 16 -13.82 -5.38 2.32
N LYS B 17 -13.82 -6.07 1.18
CA LYS B 17 -13.79 -7.53 1.17
C LYS B 17 -12.49 -8.06 1.79
N VAL B 18 -11.37 -7.47 1.39
CA VAL B 18 -10.06 -7.85 1.91
C VAL B 18 -10.01 -7.70 3.43
N TYR B 19 -10.44 -6.54 3.92
CA TYR B 19 -10.48 -6.27 5.35
C TYR B 19 -11.34 -7.29 6.07
N CYS B 20 -12.51 -7.61 5.50
CA CYS B 20 -13.41 -8.59 6.10
C CYS B 20 -12.81 -10.00 6.04
N THR B 21 -11.93 -10.22 5.07
CA THR B 21 -11.28 -11.53 4.89
C THR B 21 -10.11 -11.72 5.86
N TRP B 22 -9.39 -10.63 6.15
CA TRP B 22 -8.24 -10.70 7.06
C TRP B 22 -8.65 -10.59 8.52
N SER B 23 -9.74 -9.85 8.79
CA SER B 23 -10.23 -9.69 10.16
C SER B 23 -10.82 -11.01 10.68
N ALA B 24 -11.47 -11.75 9.79
CA ALA B 24 -12.06 -13.03 10.17
C ALA B 24 -11.05 -14.18 9.95
N PRO B 25 -10.63 -14.85 11.03
CA PRO B 25 -9.70 -15.97 10.95
C PRO B 25 -10.37 -17.29 10.55
N ASP B 26 -9.57 -18.32 10.28
CA ASP B 26 -10.08 -19.63 9.89
C ASP B 26 -10.68 -20.38 11.10
N MET B 27 -11.75 -19.82 11.66
CA MET B 27 -12.43 -20.41 12.80
C MET B 27 -13.92 -20.67 12.50
N GLY A 1 7.42 18.93 5.61
CA GLY A 1 7.17 19.92 6.69
C GLY A 1 7.33 19.33 8.08
N PRO A 2 8.00 20.05 9.00
CA PRO A 2 8.22 19.56 10.38
C PRO A 2 6.95 19.53 11.23
N LEU A 3 5.94 20.29 10.83
CA LEU A 3 4.67 20.35 11.57
C LEU A 3 3.50 19.86 10.74
N GLY A 4 3.34 18.53 10.64
CA GLY A 4 2.24 17.98 9.87
C GLY A 4 2.24 16.47 9.88
N SER A 5 2.83 15.87 8.86
CA SER A 5 2.92 14.42 8.78
C SER A 5 4.12 13.93 9.57
N GLU A 6 3.86 13.51 10.83
CA GLU A 6 4.88 13.02 11.76
C GLU A 6 6.03 12.26 11.05
N ASP A 7 7.17 12.94 10.92
CA ASP A 7 8.35 12.40 10.26
C ASP A 7 8.85 11.07 10.87
N ASP A 8 8.77 10.92 12.19
CA ASP A 8 9.20 9.68 12.86
C ASP A 8 8.55 8.45 12.22
N LEU A 9 7.25 8.54 11.97
CA LEU A 9 6.52 7.44 11.34
C LEU A 9 6.64 7.52 9.82
N TYR A 10 6.72 8.75 9.32
CA TYR A 10 6.83 9.00 7.87
C TYR A 10 8.11 8.40 7.28
N ARG A 11 9.26 8.59 7.95
CA ARG A 11 10.52 8.05 7.45
C ARG A 11 10.45 6.52 7.31
N GLN A 12 9.91 5.86 8.34
CA GLN A 12 9.76 4.41 8.32
C GLN A 12 8.80 3.99 7.20
N SER A 13 7.68 4.71 7.10
CA SER A 13 6.68 4.42 6.09
C SER A 13 7.26 4.58 4.69
N LEU A 14 7.92 5.70 4.43
CA LEU A 14 8.53 5.98 3.14
C LEU A 14 9.58 4.91 2.80
N GLU A 15 10.41 4.55 3.76
CA GLU A 15 11.45 3.55 3.55
C GLU A 15 10.87 2.15 3.28
N ILE A 16 10.00 1.68 4.18
CA ILE A 16 9.38 0.35 4.04
C ILE A 16 8.54 0.23 2.77
N ILE A 17 7.63 1.20 2.55
CA ILE A 17 6.76 1.18 1.38
C ILE A 17 7.54 1.21 0.07
N SER A 18 8.46 2.17 -0.07
CA SER A 18 9.25 2.28 -1.30
C SER A 18 10.03 0.99 -1.58
N ARG A 19 10.49 0.33 -0.53
CA ARG A 19 11.22 -0.92 -0.68
C ARG A 19 10.28 -2.05 -1.10
N TYR A 20 9.19 -2.23 -0.36
CA TYR A 20 8.23 -3.30 -0.67
C TYR A 20 7.64 -3.12 -2.08
N LEU A 21 7.25 -1.90 -2.41
CA LEU A 21 6.67 -1.60 -3.72
C LEU A 21 7.67 -1.92 -4.83
N ARG A 22 8.92 -1.49 -4.66
CA ARG A 22 9.95 -1.75 -5.68
C ARG A 22 10.34 -3.22 -5.70
N GLU A 23 10.34 -3.86 -4.54
CA GLU A 23 10.67 -5.28 -4.44
C GLU A 23 9.65 -6.12 -5.19
N GLN A 24 8.36 -5.91 -4.87
CA GLN A 24 7.27 -6.64 -5.53
C GLN A 24 7.18 -6.29 -7.02
N ALA A 25 7.64 -5.09 -7.37
CA ALA A 25 7.62 -4.63 -8.76
C ALA A 25 8.78 -5.21 -9.57
N THR A 26 9.86 -5.58 -8.88
CA THR A 26 11.04 -6.13 -9.55
C THR A 26 11.12 -7.65 -9.44
N GLY A 27 10.74 -8.19 -8.29
CA GLY A 27 10.81 -9.64 -8.10
C GLY A 27 12.21 -10.11 -7.77
N SER A 28 13.00 -9.23 -7.15
CA SER A 28 14.38 -9.55 -6.80
C SER A 28 14.59 -9.64 -5.30
N LYS A 29 15.80 -10.03 -4.90
CA LYS A 29 16.14 -10.17 -3.49
C LYS A 29 16.66 -8.84 -2.94
N ASP A 30 15.74 -7.91 -2.70
CA ASP A 30 16.09 -6.59 -2.19
C ASP A 30 16.65 -6.67 -0.77
N SER A 31 17.42 -5.65 -0.41
CA SER A 31 18.06 -5.56 0.90
C SER A 31 17.02 -5.59 2.02
N LYS A 32 17.10 -6.61 2.86
CA LYS A 32 16.18 -6.78 3.98
C LYS A 32 16.48 -5.82 5.15
N PRO A 33 17.75 -5.68 5.61
CA PRO A 33 18.09 -4.77 6.70
C PRO A 33 18.02 -3.30 6.27
N LEU A 34 16.93 -2.63 6.62
CA LEU A 34 16.74 -1.22 6.27
C LEU A 34 17.58 -0.30 7.16
N GLY A 35 17.47 1.01 6.96
CA GLY A 35 18.23 1.96 7.76
C GLY A 35 17.38 2.65 8.81
N GLU A 36 16.29 3.27 8.37
CA GLU A 36 15.39 3.98 9.27
C GLU A 36 14.52 2.99 10.04
N ALA A 37 13.84 2.11 9.31
CA ALA A 37 12.98 1.11 9.91
C ALA A 37 13.68 -0.25 9.97
N GLY A 38 14.42 -0.49 11.05
CA GLY A 38 15.14 -1.75 11.19
C GLY A 38 14.23 -2.89 11.63
N ALA A 39 13.82 -2.86 12.89
CA ALA A 39 12.94 -3.89 13.44
C ALA A 39 11.53 -3.75 12.88
N ALA A 40 11.00 -2.53 12.91
CA ALA A 40 9.67 -2.25 12.38
C ALA A 40 9.64 -2.47 10.87
N GLY A 41 10.75 -2.17 10.20
CA GLY A 41 10.84 -2.38 8.78
C GLY A 41 10.76 -3.86 8.43
N ARG A 42 11.45 -4.68 9.21
CA ARG A 42 11.45 -6.13 8.99
C ARG A 42 10.05 -6.71 9.18
N ARG A 43 9.45 -6.44 10.34
CA ARG A 43 8.11 -6.92 10.66
C ARG A 43 7.08 -6.42 9.66
N ALA A 44 7.18 -5.13 9.30
CA ALA A 44 6.27 -4.53 8.33
C ALA A 44 6.43 -5.18 6.96
N LEU A 45 7.68 -5.36 6.53
CA LEU A 45 7.98 -5.98 5.24
C LEU A 45 7.45 -7.42 5.20
N GLU A 46 7.57 -8.11 6.33
CA GLU A 46 7.09 -9.49 6.46
C GLU A 46 5.58 -9.57 6.26
N THR A 47 4.86 -8.76 7.03
CA THR A 47 3.40 -8.74 6.97
C THR A 47 2.89 -8.13 5.67
N LEU A 48 3.54 -7.05 5.22
CA LEU A 48 3.17 -6.37 3.98
C LEU A 48 3.31 -7.31 2.78
N ARG A 49 4.39 -8.09 2.72
CA ARG A 49 4.59 -9.03 1.62
C ARG A 49 3.52 -10.11 1.67
N ARG A 50 3.22 -10.57 2.87
CA ARG A 50 2.20 -11.61 3.06
C ARG A 50 0.81 -11.12 2.63
N VAL A 51 0.36 -10.02 3.23
CA VAL A 51 -0.96 -9.45 2.92
C VAL A 51 -1.02 -8.88 1.49
N GLY A 52 0.06 -8.21 1.08
CA GLY A 52 0.13 -7.62 -0.24
C GLY A 52 -0.05 -8.62 -1.35
N ASP A 53 0.66 -9.75 -1.26
CA ASP A 53 0.55 -10.79 -2.26
C ASP A 53 -0.76 -11.57 -2.07
N GLY A 54 -1.28 -11.59 -0.83
CA GLY A 54 -2.55 -12.27 -0.58
C GLY A 54 -3.68 -11.59 -1.33
N VAL A 55 -3.72 -10.26 -1.24
CA VAL A 55 -4.71 -9.46 -1.96
C VAL A 55 -4.45 -9.51 -3.46
N GLN A 56 -3.17 -9.45 -3.82
CA GLN A 56 -2.75 -9.49 -5.22
C GLN A 56 -3.06 -10.82 -5.88
N ARG A 57 -2.82 -11.92 -5.18
CA ARG A 57 -3.08 -13.25 -5.72
C ARG A 57 -4.57 -13.44 -5.98
N ASN A 58 -5.38 -13.05 -5.00
CA ASN A 58 -6.84 -13.15 -5.13
C ASN A 58 -7.40 -12.19 -6.18
N HIS A 59 -6.97 -10.93 -6.14
CA HIS A 59 -7.48 -9.92 -7.06
C HIS A 59 -6.51 -9.60 -8.22
N GLU A 60 -5.70 -10.57 -8.64
CA GLU A 60 -4.73 -10.34 -9.73
C GLU A 60 -5.45 -10.00 -11.04
N THR A 61 -6.61 -10.62 -11.26
CA THR A 61 -7.40 -10.36 -12.45
C THR A 61 -8.00 -8.96 -12.41
N ALA A 62 -8.44 -8.55 -11.22
CA ALA A 62 -9.01 -7.22 -11.02
C ALA A 62 -7.93 -6.15 -11.20
N PHE A 63 -6.74 -6.44 -10.68
CA PHE A 63 -5.61 -5.52 -10.80
C PHE A 63 -5.19 -5.40 -12.27
N GLN A 64 -5.20 -6.52 -12.98
CA GLN A 64 -4.84 -6.54 -14.40
C GLN A 64 -5.87 -5.78 -15.22
N GLY A 65 -7.15 -6.06 -14.98
CA GLY A 65 -8.22 -5.36 -15.68
C GLY A 65 -8.13 -3.85 -15.44
N MET A 66 -7.87 -3.49 -14.18
CA MET A 66 -7.72 -2.09 -13.82
C MET A 66 -6.49 -1.50 -14.52
N LEU A 67 -5.38 -2.25 -14.49
CA LEU A 67 -4.14 -1.84 -15.13
C LEU A 67 -4.33 -1.65 -16.63
N ARG A 68 -5.08 -2.56 -17.25
CA ARG A 68 -5.36 -2.48 -18.69
C ARG A 68 -6.19 -1.24 -19.01
N LYS A 69 -7.04 -0.84 -18.07
CA LYS A 69 -7.88 0.35 -18.24
C LYS A 69 -7.15 1.60 -17.74
N LEU A 70 -5.93 1.42 -17.23
CA LEU A 70 -5.13 2.53 -16.72
C LEU A 70 -4.21 3.09 -17.80
N ASP A 71 -4.17 4.41 -17.91
CA ASP A 71 -3.32 5.08 -18.89
C ASP A 71 -2.03 5.58 -18.22
N ILE A 72 -1.61 4.88 -17.18
CA ILE A 72 -0.40 5.23 -16.41
C ILE A 72 0.90 5.08 -17.23
N LYS A 73 1.55 6.22 -17.46
CA LYS A 73 2.80 6.26 -18.23
C LYS A 73 3.60 7.56 -17.99
N ASN A 74 3.14 8.44 -17.08
CA ASN A 74 3.82 9.71 -16.84
C ASN A 74 3.56 10.25 -15.42
N GLU A 75 4.07 11.44 -15.14
CA GLU A 75 3.88 12.06 -13.82
C GLU A 75 2.40 12.33 -13.50
N GLY A 76 1.56 12.39 -14.54
CA GLY A 76 0.14 12.63 -14.35
C GLY A 76 -0.63 11.52 -13.64
N ASP A 77 -0.37 10.27 -14.00
CA ASP A 77 -1.07 9.13 -13.38
C ASP A 77 -0.74 8.99 -11.89
N VAL A 78 0.48 9.37 -11.50
CA VAL A 78 0.88 9.30 -10.10
C VAL A 78 -0.05 10.16 -9.23
N LYS A 79 -0.39 11.34 -9.74
CA LYS A 79 -1.30 12.25 -9.04
C LYS A 79 -2.70 11.65 -9.00
N SER A 80 -3.10 11.07 -10.14
CA SER A 80 -4.41 10.43 -10.27
C SER A 80 -4.53 9.27 -9.28
N PHE A 81 -3.42 8.54 -9.12
CA PHE A 81 -3.33 7.41 -8.18
C PHE A 81 -3.62 7.89 -6.76
N SER A 82 -3.05 9.03 -6.39
CA SER A 82 -3.28 9.61 -5.06
C SER A 82 -4.75 10.01 -4.90
N ARG A 83 -5.37 10.41 -6.01
CA ARG A 83 -6.78 10.78 -6.03
C ARG A 83 -7.64 9.55 -5.76
N VAL A 84 -7.20 8.40 -6.30
CA VAL A 84 -7.90 7.14 -6.08
C VAL A 84 -7.93 6.84 -4.58
N MET A 85 -6.77 7.03 -3.95
CA MET A 85 -6.61 6.81 -2.51
C MET A 85 -7.60 7.64 -1.69
N VAL A 86 -7.65 8.95 -1.93
CA VAL A 86 -8.57 9.83 -1.20
C VAL A 86 -10.03 9.51 -1.55
N HIS A 87 -10.28 9.05 -2.78
CA HIS A 87 -11.63 8.69 -3.22
C HIS A 87 -12.11 7.43 -2.50
N VAL A 88 -11.21 6.46 -2.37
CA VAL A 88 -11.53 5.20 -1.68
C VAL A 88 -11.97 5.48 -0.24
N PHE A 89 -11.25 6.37 0.44
CA PHE A 89 -11.55 6.73 1.84
C PHE A 89 -12.43 7.99 1.91
N LYS A 90 -13.18 8.29 0.85
CA LYS A 90 -14.04 9.47 0.82
C LYS A 90 -15.18 9.38 1.84
N ASP A 91 -15.40 8.19 2.39
CA ASP A 91 -16.45 7.97 3.37
C ASP A 91 -15.99 8.36 4.79
N GLY A 92 -14.67 8.49 4.97
CA GLY A 92 -14.13 8.87 6.26
C GLY A 92 -13.66 7.69 7.11
N VAL A 93 -13.94 6.47 6.67
CA VAL A 93 -13.53 5.29 7.42
C VAL A 93 -12.22 4.69 6.89
N THR A 94 -11.18 4.70 7.71
CA THR A 94 -9.89 4.17 7.28
C THR A 94 -9.77 2.67 7.57
N ASN A 95 -10.27 1.85 6.64
CA ASN A 95 -10.21 0.39 6.78
C ASN A 95 -8.79 -0.13 6.47
N TRP A 96 -8.31 -1.04 7.31
CA TRP A 96 -6.97 -1.63 7.12
C TRP A 96 -6.88 -2.36 5.77
N GLY A 97 -7.96 -3.03 5.39
CA GLY A 97 -8.00 -3.74 4.12
C GLY A 97 -7.89 -2.80 2.94
N ARG A 98 -8.38 -1.58 3.10
CA ARG A 98 -8.31 -0.58 2.04
C ARG A 98 -6.88 -0.15 1.83
N ILE A 99 -6.18 0.10 2.94
CA ILE A 99 -4.78 0.52 2.92
C ILE A 99 -3.89 -0.53 2.25
N VAL A 100 -3.96 -1.78 2.73
CA VAL A 100 -3.13 -2.85 2.16
C VAL A 100 -3.46 -3.08 0.68
N THR A 101 -4.73 -2.91 0.31
CA THR A 101 -5.14 -3.05 -1.08
C THR A 101 -4.44 -2.00 -1.95
N LEU A 102 -4.42 -0.76 -1.46
CA LEU A 102 -3.74 0.33 -2.17
C LEU A 102 -2.23 0.09 -2.25
N ILE A 103 -1.66 -0.42 -1.15
CA ILE A 103 -0.22 -0.74 -1.13
C ILE A 103 0.07 -1.87 -2.11
N SER A 104 -0.78 -2.90 -2.10
CA SER A 104 -0.64 -4.04 -3.01
C SER A 104 -0.74 -3.55 -4.45
N PHE A 105 -1.73 -2.69 -4.71
CA PHE A 105 -1.92 -2.12 -6.04
C PHE A 105 -0.72 -1.24 -6.40
N GLY A 106 -0.20 -0.50 -5.42
CA GLY A 106 0.97 0.33 -5.64
C GLY A 106 2.15 -0.48 -6.16
N ALA A 107 2.35 -1.66 -5.56
CA ALA A 107 3.41 -2.56 -5.99
C ALA A 107 3.08 -3.15 -7.37
N PHE A 108 1.78 -3.31 -7.66
CA PHE A 108 1.34 -3.86 -8.94
C PHE A 108 1.55 -2.84 -10.08
N VAL A 109 1.15 -1.58 -9.87
CA VAL A 109 1.35 -0.55 -10.88
C VAL A 109 2.84 -0.31 -11.12
N ALA A 110 3.63 -0.40 -10.04
CA ALA A 110 5.08 -0.25 -10.13
C ALA A 110 5.65 -1.40 -10.95
N LYS A 111 5.02 -2.56 -10.83
CA LYS A 111 5.41 -3.76 -11.58
C LYS A 111 5.23 -3.48 -13.07
N HIS A 112 4.13 -2.80 -13.42
CA HIS A 112 3.87 -2.43 -14.80
C HIS A 112 4.91 -1.43 -15.27
N LEU A 113 5.20 -0.44 -14.42
CA LEU A 113 6.21 0.57 -14.73
C LEU A 113 7.57 -0.08 -14.94
N LYS A 114 7.95 -0.98 -14.03
CA LYS A 114 9.22 -1.69 -14.12
C LYS A 114 9.26 -2.58 -15.37
N SER A 115 8.10 -3.11 -15.76
CA SER A 115 8.01 -3.95 -16.96
C SER A 115 8.42 -3.18 -18.21
N VAL A 116 8.21 -1.86 -18.19
CA VAL A 116 8.60 -1.00 -19.31
C VAL A 116 9.78 -0.12 -18.93
N ASN A 117 10.48 -0.51 -17.85
CA ASN A 117 11.66 0.21 -17.34
C ASN A 117 11.36 1.67 -16.98
N GLN A 118 10.31 1.90 -16.20
CA GLN A 118 9.94 3.25 -15.77
C GLN A 118 10.18 3.43 -14.26
N GLU A 119 11.25 2.80 -13.76
CA GLU A 119 11.63 2.86 -12.35
C GLU A 119 11.70 4.30 -11.81
N SER A 120 12.11 5.25 -12.67
CA SER A 120 12.20 6.66 -12.28
C SER A 120 10.85 7.22 -11.82
N PHE A 121 9.76 6.54 -12.20
CA PHE A 121 8.42 6.96 -11.80
C PHE A 121 7.98 6.24 -10.52
N ILE A 122 8.58 5.08 -10.27
CA ILE A 122 8.27 4.28 -9.08
C ILE A 122 8.74 4.99 -7.80
N GLU A 123 9.94 5.58 -7.87
CA GLU A 123 10.51 6.31 -6.73
C GLU A 123 9.56 7.40 -6.22
N PRO A 124 9.12 8.36 -7.08
CA PRO A 124 8.19 9.42 -6.68
C PRO A 124 6.80 8.85 -6.35
N LEU A 125 6.46 7.73 -6.98
CA LEU A 125 5.17 7.07 -6.74
C LEU A 125 5.08 6.59 -5.29
N ALA A 126 6.12 5.89 -4.82
CA ALA A 126 6.17 5.40 -3.45
C ALA A 126 6.14 6.58 -2.46
N GLU A 127 6.74 7.69 -2.87
CA GLU A 127 6.75 8.89 -2.06
C GLU A 127 5.35 9.52 -2.06
N THR A 128 4.72 9.52 -3.23
CA THR A 128 3.36 10.07 -3.39
C THR A 128 2.32 9.26 -2.62
N ILE A 129 2.33 7.93 -2.81
CA ILE A 129 1.38 7.07 -2.11
C ILE A 129 1.51 7.20 -0.59
N THR A 130 2.74 7.10 -0.09
CA THR A 130 2.99 7.21 1.36
C THR A 130 2.59 8.59 1.87
N ASP A 131 3.03 9.63 1.15
CA ASP A 131 2.71 11.01 1.52
C ASP A 131 1.21 11.21 1.69
N VAL A 132 0.44 10.87 0.66
CA VAL A 132 -1.01 11.01 0.69
C VAL A 132 -1.63 10.10 1.76
N LEU A 133 -1.13 8.87 1.86
CA LEU A 133 -1.63 7.90 2.85
C LEU A 133 -1.42 8.40 4.29
N VAL A 134 -0.28 9.03 4.54
CA VAL A 134 0.02 9.54 5.87
C VAL A 134 -0.62 10.91 6.14
N ARG A 135 -0.58 11.80 5.15
CA ARG A 135 -1.14 13.14 5.31
C ARG A 135 -2.67 13.15 5.41
N THR A 136 -3.34 12.17 4.81
CA THR A 136 -4.80 12.10 4.86
C THR A 136 -5.31 11.22 6.01
N LYS A 137 -4.42 10.46 6.62
CA LYS A 137 -4.81 9.58 7.73
C LYS A 137 -3.90 9.77 8.94
N ARG A 138 -3.46 11.01 9.15
CA ARG A 138 -2.58 11.34 10.27
C ARG A 138 -3.14 10.82 11.61
N ASP A 139 -4.39 11.18 11.90
CA ASP A 139 -5.05 10.76 13.14
C ASP A 139 -5.12 9.23 13.26
N TRP A 140 -5.63 8.58 12.22
CA TRP A 140 -5.78 7.12 12.22
C TRP A 140 -4.44 6.40 12.33
N LEU A 141 -3.44 6.88 11.59
CA LEU A 141 -2.11 6.27 11.60
C LEU A 141 -1.42 6.43 12.96
N VAL A 142 -1.40 7.65 13.50
CA VAL A 142 -0.77 7.89 14.79
C VAL A 142 -1.53 7.16 15.92
N LYS A 143 -2.84 7.01 15.76
CA LYS A 143 -3.66 6.33 16.76
C LYS A 143 -3.46 4.81 16.71
N GLN A 144 -3.15 4.29 15.51
CA GLN A 144 -2.94 2.85 15.35
C GLN A 144 -1.45 2.48 15.39
N ARG A 145 -0.60 3.45 15.74
CA ARG A 145 0.85 3.21 15.84
C ARG A 145 1.49 2.83 14.49
N GLY A 146 0.85 3.24 13.41
CA GLY A 146 1.35 2.96 12.06
C GLY A 146 1.60 1.49 11.74
N TRP A 147 2.88 1.16 11.51
CA TRP A 147 3.27 -0.20 11.16
C TRP A 147 3.03 -1.20 12.28
N ASP A 148 3.33 -0.80 13.52
CA ASP A 148 3.13 -1.68 14.69
C ASP A 148 1.69 -2.23 14.73
N GLY A 149 0.72 -1.35 14.59
CA GLY A 149 -0.68 -1.76 14.60
C GLY A 149 -1.07 -2.52 13.33
N PHE A 150 -0.48 -2.12 12.21
CA PHE A 150 -0.76 -2.77 10.92
C PHE A 150 -0.28 -4.23 10.88
N VAL A 151 0.96 -4.45 11.32
CA VAL A 151 1.53 -5.80 11.31
C VAL A 151 0.85 -6.74 12.30
N GLU A 152 0.55 -6.23 13.50
CA GLU A 152 -0.10 -7.08 14.50
C GLU A 152 -1.56 -7.39 14.14
N PHE A 153 -2.23 -6.47 13.44
CA PHE A 153 -3.62 -6.72 13.02
C PHE A 153 -3.68 -7.81 11.96
N PHE A 154 -2.74 -7.78 11.02
CA PHE A 154 -2.70 -8.77 9.94
C PHE A 154 -1.84 -9.99 10.28
N HIS A 155 -1.77 -10.35 11.56
CA HIS A 155 -0.99 -11.52 11.98
C HIS A 155 -1.91 -12.65 12.45
N VAL A 156 -2.79 -13.10 11.56
CA VAL A 156 -3.73 -14.17 11.88
C VAL A 156 -3.24 -15.54 11.37
N GLN A 157 -3.52 -15.84 10.10
CA GLN A 157 -3.10 -17.10 9.50
C GLN A 157 -3.34 -17.12 7.98
N ASP A 158 -2.26 -17.28 7.21
CA ASP A 158 -2.36 -17.33 5.75
C ASP A 158 -1.33 -18.29 5.14
N LEU A 159 -0.10 -17.82 4.96
CA LEU A 159 0.96 -18.63 4.37
C LEU A 159 1.40 -19.78 5.29
N GLU A 160 1.27 -19.57 6.60
CA GLU A 160 1.65 -20.59 7.58
C GLU A 160 0.48 -21.52 7.89
N GLY A 161 -0.69 -21.17 7.37
CA GLY A 161 -1.88 -21.98 7.60
C GLY A 161 -2.40 -22.63 6.33
N GLY A 162 -1.55 -23.41 5.67
CA GLY A 162 -1.94 -24.06 4.44
C GLY A 162 -1.28 -25.42 4.25
N ALA B 1 -6.32 7.33 -23.14
CA ALA B 1 -7.75 7.71 -22.96
C ALA B 1 -7.97 8.39 -21.60
N GLU B 2 -9.23 8.60 -21.24
CA GLU B 2 -9.57 9.23 -19.96
C GLU B 2 -9.54 8.21 -18.82
N LEU B 3 -9.28 8.68 -17.61
CA LEU B 3 -9.23 7.81 -16.44
C LEU B 3 -10.39 8.09 -15.48
N PRO B 4 -11.46 7.30 -15.57
CA PRO B 4 -12.66 7.45 -14.73
C PRO B 4 -12.45 6.95 -13.29
N PRO B 5 -13.27 7.43 -12.34
CA PRO B 5 -13.18 7.02 -10.92
C PRO B 5 -13.56 5.54 -10.68
N GLU B 6 -13.74 4.80 -11.77
CA GLU B 6 -14.10 3.39 -11.71
C GLU B 6 -13.02 2.57 -10.99
N PHE B 7 -11.75 2.86 -11.28
CA PHE B 7 -10.64 2.15 -10.65
C PHE B 7 -10.69 2.34 -9.13
N ALA B 8 -11.14 3.51 -8.71
CA ALA B 8 -11.25 3.84 -7.30
C ALA B 8 -12.41 3.07 -6.66
N ALA B 9 -13.49 2.91 -7.42
CA ALA B 9 -14.65 2.16 -6.94
C ALA B 9 -14.26 0.70 -6.71
N GLN B 10 -13.49 0.15 -7.65
CA GLN B 10 -13.02 -1.22 -7.53
C GLN B 10 -12.10 -1.37 -6.33
N LEU B 11 -11.04 -0.53 -6.26
CA LEU B 11 -10.11 -0.58 -5.13
C LEU B 11 -10.84 -0.37 -3.81
N ARG B 12 -11.87 0.48 -3.85
CA ARG B 12 -12.70 0.76 -2.67
C ARG B 12 -13.37 -0.54 -2.22
N LYS B 13 -14.07 -1.20 -3.14
CA LYS B 13 -14.75 -2.47 -2.86
C LYS B 13 -13.74 -3.55 -2.45
N ILE B 14 -12.59 -3.59 -3.14
CA ILE B 14 -11.57 -4.58 -2.81
C ILE B 14 -11.03 -4.33 -1.40
N GLY B 15 -10.78 -3.07 -1.07
CA GLY B 15 -10.29 -2.72 0.26
C GLY B 15 -11.28 -3.13 1.34
N ASP B 16 -12.56 -2.80 1.11
CA ASP B 16 -13.63 -3.15 2.05
C ASP B 16 -13.72 -4.67 2.20
N LYS B 17 -13.49 -5.37 1.10
CA LYS B 17 -13.51 -6.84 1.09
C LYS B 17 -12.33 -7.39 1.88
N VAL B 18 -11.12 -6.90 1.58
CA VAL B 18 -9.91 -7.34 2.27
C VAL B 18 -10.00 -7.06 3.78
N TYR B 19 -10.51 -5.87 4.13
CA TYR B 19 -10.68 -5.47 5.51
C TYR B 19 -11.57 -6.49 6.24
N CYS B 20 -12.68 -6.86 5.59
CA CYS B 20 -13.61 -7.83 6.15
C CYS B 20 -13.01 -9.24 6.14
N THR B 21 -12.08 -9.48 5.23
CA THR B 21 -11.42 -10.78 5.10
C THR B 21 -10.46 -11.09 6.25
N TRP B 22 -9.69 -10.09 6.68
CA TRP B 22 -8.73 -10.31 7.76
C TRP B 22 -9.36 -10.14 9.15
N SER B 23 -10.31 -9.22 9.27
CA SER B 23 -10.99 -8.98 10.55
C SER B 23 -11.87 -10.17 10.95
N ALA B 24 -12.59 -10.74 9.99
CA ALA B 24 -13.44 -11.90 10.27
C ALA B 24 -12.68 -13.21 10.10
N PRO B 25 -12.49 -13.97 11.19
CA PRO B 25 -11.76 -15.24 11.16
C PRO B 25 -12.63 -16.41 10.70
N ASP B 26 -13.11 -16.35 9.45
CA ASP B 26 -13.95 -17.42 8.89
C ASP B 26 -13.12 -18.66 8.55
N MET B 27 -12.68 -19.37 9.57
CA MET B 27 -11.87 -20.58 9.40
C MET B 27 -12.53 -21.79 10.09
N GLY A 1 6.08 16.55 7.25
CA GLY A 1 6.05 18.00 7.57
C GLY A 1 5.73 18.27 9.03
N PRO A 2 6.07 19.47 9.54
CA PRO A 2 5.82 19.85 10.93
C PRO A 2 4.34 20.12 11.23
N LEU A 3 3.47 19.18 10.87
CA LEU A 3 2.04 19.31 11.10
C LEU A 3 1.58 18.34 12.19
N GLY A 4 2.54 17.83 12.95
CA GLY A 4 2.25 16.90 14.02
C GLY A 4 3.26 15.77 14.06
N SER A 5 2.89 14.65 14.67
CA SER A 5 3.80 13.52 14.76
C SER A 5 3.74 12.67 13.49
N GLU A 6 4.26 13.22 12.39
CA GLU A 6 4.26 12.51 11.11
C GLU A 6 5.67 12.35 10.53
N ASP A 7 6.54 13.33 10.77
CA ASP A 7 7.92 13.28 10.26
C ASP A 7 8.66 12.01 10.71
N ASP A 8 8.43 11.61 11.95
CA ASP A 8 9.06 10.40 12.50
C ASP A 8 8.48 9.14 11.85
N LEU A 9 7.15 9.08 11.74
CA LEU A 9 6.46 7.94 11.15
C LEU A 9 6.70 7.84 9.64
N TYR A 10 6.85 8.99 8.99
CA TYR A 10 7.06 9.08 7.54
C TYR A 10 8.29 8.28 7.07
N ARG A 11 9.43 8.49 7.72
CA ARG A 11 10.68 7.82 7.35
C ARG A 11 10.55 6.29 7.32
N GLN A 12 10.03 5.73 8.40
CA GLN A 12 9.86 4.28 8.52
C GLN A 12 8.81 3.77 7.54
N SER A 13 7.71 4.50 7.45
CA SER A 13 6.61 4.13 6.55
C SER A 13 7.07 4.12 5.10
N LEU A 14 7.76 5.20 4.71
CA LEU A 14 8.25 5.33 3.35
C LEU A 14 9.20 4.19 2.98
N GLU A 15 10.16 3.91 3.86
CA GLU A 15 11.14 2.84 3.60
C GLU A 15 10.46 1.49 3.38
N ILE A 16 9.57 1.12 4.30
CA ILE A 16 8.84 -0.14 4.20
C ILE A 16 8.03 -0.23 2.90
N ILE A 17 7.23 0.80 2.62
CA ILE A 17 6.41 0.82 1.40
C ILE A 17 7.24 0.93 0.12
N SER A 18 8.09 1.95 0.04
CA SER A 18 8.92 2.18 -1.16
C SER A 18 9.73 0.92 -1.52
N ARG A 19 10.26 0.25 -0.50
CA ARG A 19 11.02 -0.96 -0.75
C ARG A 19 10.10 -2.10 -1.17
N TYR A 20 8.99 -2.29 -0.44
CA TYR A 20 8.03 -3.35 -0.77
C TYR A 20 7.50 -3.20 -2.20
N LEU A 21 7.06 -1.99 -2.57
CA LEU A 21 6.54 -1.74 -3.91
C LEU A 21 7.61 -2.02 -4.96
N ARG A 22 8.84 -1.58 -4.69
CA ARG A 22 9.96 -1.80 -5.60
C ARG A 22 10.27 -3.29 -5.71
N GLU A 23 10.27 -3.96 -4.57
CA GLU A 23 10.53 -5.39 -4.48
C GLU A 23 9.49 -6.17 -5.28
N GLN A 24 8.22 -5.92 -4.97
CA GLN A 24 7.11 -6.59 -5.66
C GLN A 24 7.08 -6.20 -7.14
N ALA A 25 7.43 -4.95 -7.45
CA ALA A 25 7.45 -4.47 -8.83
C ALA A 25 8.39 -5.31 -9.70
N THR A 26 9.47 -5.77 -9.10
CA THR A 26 10.44 -6.58 -9.83
C THR A 26 10.16 -8.08 -9.65
N GLY A 27 9.67 -8.44 -8.47
CA GLY A 27 9.39 -9.84 -8.20
C GLY A 27 10.58 -10.56 -7.61
N SER A 28 11.60 -9.80 -7.22
CA SER A 28 12.81 -10.38 -6.65
C SER A 28 12.83 -10.23 -5.12
N LYS A 29 13.98 -10.50 -4.50
CA LYS A 29 14.09 -10.40 -3.05
C LYS A 29 15.39 -9.71 -2.64
N ASP A 30 15.27 -8.57 -2.00
CA ASP A 30 16.44 -7.82 -1.54
C ASP A 30 16.97 -8.38 -0.23
N SER A 31 18.27 -8.62 -0.18
CA SER A 31 18.92 -9.15 1.02
C SER A 31 18.94 -8.11 2.13
N LYS A 32 18.86 -6.83 1.74
CA LYS A 32 18.88 -5.74 2.70
C LYS A 32 17.90 -4.62 2.26
N PRO A 33 16.58 -4.88 2.34
CA PRO A 33 15.56 -3.90 1.92
C PRO A 33 15.53 -2.65 2.81
N LEU A 34 15.32 -2.86 4.12
CA LEU A 34 15.26 -1.74 5.06
C LEU A 34 16.65 -1.22 5.39
N GLY A 35 16.71 0.03 5.82
CA GLY A 35 17.97 0.65 6.19
C GLY A 35 17.87 1.32 7.54
N GLU A 36 16.79 2.08 7.74
CA GLU A 36 16.55 2.77 9.00
C GLU A 36 15.40 2.10 9.76
N ALA A 37 14.46 1.52 9.02
CA ALA A 37 13.31 0.84 9.62
C ALA A 37 13.69 -0.57 10.07
N GLY A 38 14.35 -0.65 11.22
CA GLY A 38 14.80 -1.94 11.74
C GLY A 38 13.72 -2.78 12.41
N ALA A 39 13.27 -2.37 13.60
CA ALA A 39 12.25 -3.13 14.34
C ALA A 39 10.89 -3.12 13.66
N ALA A 40 10.33 -1.94 13.45
CA ALA A 40 9.02 -1.83 12.80
C ALA A 40 9.13 -2.18 11.33
N GLY A 41 10.26 -1.83 10.71
CA GLY A 41 10.47 -2.13 9.31
C GLY A 41 10.46 -3.62 9.03
N ARG A 42 11.15 -4.40 9.88
CA ARG A 42 11.19 -5.85 9.71
C ARG A 42 9.80 -6.45 9.83
N ARG A 43 9.12 -6.14 10.93
CA ARG A 43 7.77 -6.66 11.17
C ARG A 43 6.76 -6.17 10.12
N ALA A 44 6.82 -4.88 9.80
CA ALA A 44 5.91 -4.30 8.83
C ALA A 44 6.16 -4.81 7.42
N LEU A 45 7.42 -4.86 6.99
CA LEU A 45 7.74 -5.32 5.65
C LEU A 45 7.40 -6.80 5.46
N GLU A 46 7.65 -7.62 6.49
CA GLU A 46 7.34 -9.05 6.40
C GLU A 46 5.83 -9.27 6.30
N THR A 47 5.07 -8.44 7.02
CA THR A 47 3.62 -8.54 7.02
C THR A 47 3.06 -8.01 5.70
N LEU A 48 3.56 -6.84 5.29
CA LEU A 48 3.14 -6.20 4.05
C LEU A 48 3.46 -7.11 2.87
N ARG A 49 4.61 -7.77 2.93
CA ARG A 49 5.03 -8.69 1.87
C ARG A 49 4.04 -9.84 1.72
N ARG A 50 3.71 -10.50 2.83
CA ARG A 50 2.79 -11.64 2.78
C ARG A 50 1.35 -11.23 2.47
N VAL A 51 0.80 -10.26 3.22
CA VAL A 51 -0.58 -9.82 3.01
C VAL A 51 -0.78 -9.17 1.63
N GLY A 52 0.09 -8.21 1.30
CA GLY A 52 0.00 -7.54 0.02
C GLY A 52 0.08 -8.50 -1.15
N ASP A 53 1.10 -9.37 -1.13
CA ASP A 53 1.28 -10.38 -2.15
C ASP A 53 0.02 -11.22 -2.30
N GLY A 54 -0.60 -11.55 -1.16
CA GLY A 54 -1.84 -12.32 -1.18
C GLY A 54 -2.96 -11.57 -1.88
N VAL A 55 -3.18 -10.31 -1.48
CA VAL A 55 -4.21 -9.46 -2.07
C VAL A 55 -3.96 -9.26 -3.57
N GLN A 56 -2.69 -9.04 -3.92
CA GLN A 56 -2.30 -8.82 -5.32
C GLN A 56 -2.47 -10.07 -6.17
N ARG A 57 -2.11 -11.23 -5.62
CA ARG A 57 -2.24 -12.48 -6.36
C ARG A 57 -3.72 -12.87 -6.49
N ASN A 58 -4.50 -12.61 -5.43
CA ASN A 58 -5.93 -12.89 -5.43
C ASN A 58 -6.65 -11.97 -6.41
N HIS A 59 -6.35 -10.67 -6.34
CA HIS A 59 -6.97 -9.69 -7.23
C HIS A 59 -6.03 -9.30 -8.37
N GLU A 60 -5.26 -10.28 -8.86
CA GLU A 60 -4.32 -10.04 -9.96
C GLU A 60 -5.01 -9.50 -11.21
N THR A 61 -6.10 -10.15 -11.60
CA THR A 61 -6.87 -9.73 -12.77
C THR A 61 -7.50 -8.35 -12.57
N ALA A 62 -8.00 -8.11 -11.37
CA ALA A 62 -8.61 -6.82 -11.04
C ALA A 62 -7.60 -5.69 -11.20
N PHE A 63 -6.38 -5.92 -10.71
CA PHE A 63 -5.32 -4.93 -10.82
C PHE A 63 -4.79 -4.87 -12.26
N GLN A 64 -4.68 -6.03 -12.89
CA GLN A 64 -4.21 -6.13 -14.28
C GLN A 64 -5.14 -5.34 -15.21
N GLY A 65 -6.45 -5.53 -15.02
CA GLY A 65 -7.43 -4.81 -15.81
C GLY A 65 -7.35 -3.32 -15.54
N MET A 66 -7.14 -2.96 -14.28
CA MET A 66 -7.00 -1.56 -13.89
C MET A 66 -5.79 -0.95 -14.60
N LEU A 67 -4.70 -1.71 -14.68
CA LEU A 67 -3.47 -1.27 -15.35
C LEU A 67 -3.75 -0.93 -16.82
N ARG A 68 -4.55 -1.76 -17.48
CA ARG A 68 -4.91 -1.56 -18.88
C ARG A 68 -5.64 -0.23 -19.07
N LYS A 69 -6.59 0.05 -18.18
CA LYS A 69 -7.37 1.30 -18.24
C LYS A 69 -6.53 2.51 -17.81
N LEU A 70 -5.61 2.31 -16.87
CA LEU A 70 -4.76 3.38 -16.36
C LEU A 70 -3.79 3.92 -17.43
N ASP A 71 -3.57 5.22 -17.39
CA ASP A 71 -2.67 5.88 -18.33
C ASP A 71 -1.41 6.39 -17.62
N ILE A 72 -0.97 5.67 -16.59
CA ILE A 72 0.21 6.06 -15.82
C ILE A 72 1.48 5.99 -16.69
N LYS A 73 2.08 7.15 -16.97
CA LYS A 73 3.29 7.20 -17.79
C LYS A 73 4.36 8.14 -17.18
N ASN A 74 3.93 9.31 -16.71
CA ASN A 74 4.85 10.30 -16.15
C ASN A 74 4.42 10.80 -14.77
N GLU A 75 5.17 11.76 -14.23
CA GLU A 75 4.91 12.33 -12.89
C GLU A 75 3.54 13.01 -12.80
N GLY A 76 2.97 13.41 -13.93
CA GLY A 76 1.67 14.06 -13.92
C GLY A 76 0.54 13.11 -13.57
N ASP A 77 0.72 11.83 -13.87
CA ASP A 77 -0.28 10.80 -13.60
C ASP A 77 -0.47 10.52 -12.11
N VAL A 78 0.60 10.65 -11.32
CA VAL A 78 0.55 10.41 -9.87
C VAL A 78 -0.52 11.27 -9.17
N LYS A 79 -0.81 12.43 -9.75
CA LYS A 79 -1.84 13.33 -9.19
C LYS A 79 -3.22 12.66 -9.26
N SER A 80 -3.50 12.02 -10.40
CA SER A 80 -4.77 11.31 -10.59
C SER A 80 -4.80 10.07 -9.71
N PHE A 81 -3.64 9.42 -9.58
CA PHE A 81 -3.51 8.23 -8.74
C PHE A 81 -3.82 8.58 -7.28
N SER A 82 -3.33 9.74 -6.86
CA SER A 82 -3.57 10.23 -5.51
C SER A 82 -5.06 10.51 -5.31
N ARG A 83 -5.70 11.04 -6.35
CA ARG A 83 -7.15 11.32 -6.31
C ARG A 83 -7.92 10.02 -6.04
N VAL A 84 -7.44 8.92 -6.64
CA VAL A 84 -8.05 7.61 -6.43
C VAL A 84 -8.00 7.26 -4.94
N MET A 85 -6.80 7.33 -4.38
CA MET A 85 -6.58 7.05 -2.96
C MET A 85 -7.47 7.95 -2.08
N VAL A 86 -7.52 9.24 -2.41
CA VAL A 86 -8.36 10.18 -1.67
C VAL A 86 -9.85 9.81 -1.77
N HIS A 87 -10.28 9.44 -2.97
CA HIS A 87 -11.67 9.05 -3.21
C HIS A 87 -12.00 7.71 -2.54
N VAL A 88 -11.03 6.79 -2.51
CA VAL A 88 -11.25 5.48 -1.88
C VAL A 88 -11.73 5.63 -0.42
N PHE A 89 -11.20 6.64 0.28
CA PHE A 89 -11.58 6.89 1.67
C PHE A 89 -12.56 8.05 1.80
N LYS A 90 -13.31 8.34 0.73
CA LYS A 90 -14.28 9.42 0.76
C LYS A 90 -15.47 9.09 1.66
N ASP A 91 -15.69 7.80 1.93
CA ASP A 91 -16.80 7.38 2.79
C ASP A 91 -16.41 7.50 4.27
N GLY A 92 -15.14 7.79 4.52
CA GLY A 92 -14.67 7.95 5.89
C GLY A 92 -14.33 6.64 6.59
N VAL A 93 -14.31 5.54 5.86
CA VAL A 93 -13.99 4.25 6.46
C VAL A 93 -12.55 3.83 6.17
N THR A 94 -11.64 4.21 7.06
CA THR A 94 -10.23 3.88 6.90
C THR A 94 -9.94 2.44 7.33
N ASN A 95 -10.36 1.48 6.52
CA ASN A 95 -10.13 0.07 6.85
C ASN A 95 -8.72 -0.38 6.49
N TRP A 96 -8.13 -1.21 7.36
CA TRP A 96 -6.78 -1.72 7.14
C TRP A 96 -6.67 -2.48 5.82
N GLY A 97 -7.71 -3.25 5.49
CA GLY A 97 -7.72 -3.99 4.24
C GLY A 97 -7.67 -3.05 3.03
N ARG A 98 -8.18 -1.83 3.20
CA ARG A 98 -8.16 -0.84 2.12
C ARG A 98 -6.76 -0.28 1.94
N ILE A 99 -6.12 0.06 3.06
CA ILE A 99 -4.76 0.59 3.05
C ILE A 99 -3.82 -0.41 2.39
N VAL A 100 -3.93 -1.67 2.80
CA VAL A 100 -3.13 -2.74 2.22
C VAL A 100 -3.49 -2.93 0.74
N THR A 101 -4.77 -2.82 0.41
CA THR A 101 -5.22 -2.94 -0.97
C THR A 101 -4.57 -1.86 -1.85
N LEU A 102 -4.49 -0.64 -1.32
CA LEU A 102 -3.84 0.45 -2.03
C LEU A 102 -2.36 0.14 -2.25
N ILE A 103 -1.71 -0.37 -1.20
CA ILE A 103 -0.30 -0.76 -1.28
C ILE A 103 -0.15 -1.90 -2.30
N SER A 104 -1.11 -2.82 -2.28
CA SER A 104 -1.12 -3.95 -3.20
C SER A 104 -1.24 -3.46 -4.63
N PHE A 105 -2.17 -2.53 -4.85
CA PHE A 105 -2.38 -1.92 -6.15
C PHE A 105 -1.10 -1.19 -6.58
N GLY A 106 -0.52 -0.43 -5.65
CA GLY A 106 0.71 0.29 -5.93
C GLY A 106 1.82 -0.65 -6.41
N ALA A 107 2.01 -1.75 -5.70
CA ALA A 107 3.02 -2.74 -6.08
C ALA A 107 2.72 -3.34 -7.45
N PHE A 108 1.44 -3.51 -7.76
CA PHE A 108 1.02 -4.04 -9.06
C PHE A 108 1.25 -3.01 -10.17
N VAL A 109 0.93 -1.75 -9.88
CA VAL A 109 1.16 -0.66 -10.83
C VAL A 109 2.67 -0.51 -11.07
N ALA A 110 3.43 -0.71 -9.99
CA ALA A 110 4.88 -0.63 -10.07
C ALA A 110 5.40 -1.73 -11.01
N LYS A 111 4.75 -2.90 -10.97
CA LYS A 111 5.11 -4.02 -11.85
C LYS A 111 4.93 -3.59 -13.31
N HIS A 112 3.83 -2.91 -13.59
CA HIS A 112 3.53 -2.41 -14.94
C HIS A 112 4.66 -1.51 -15.45
N LEU A 113 5.13 -0.61 -14.59
CA LEU A 113 6.22 0.30 -14.96
C LEU A 113 7.56 -0.46 -15.08
N LYS A 114 7.81 -1.38 -14.16
CA LYS A 114 9.05 -2.16 -14.18
C LYS A 114 9.13 -3.07 -15.41
N SER A 115 7.97 -3.47 -15.92
CA SER A 115 7.89 -4.34 -17.11
C SER A 115 8.49 -3.65 -18.34
N VAL A 116 8.56 -2.33 -18.30
CA VAL A 116 9.12 -1.54 -19.41
C VAL A 116 10.32 -0.71 -18.95
N ASN A 117 10.96 -1.14 -17.86
CA ASN A 117 12.14 -0.46 -17.29
C ASN A 117 11.86 1.01 -16.91
N GLN A 118 10.73 1.25 -16.26
CA GLN A 118 10.37 2.62 -15.83
C GLN A 118 10.47 2.79 -14.31
N GLU A 119 11.48 2.16 -13.71
CA GLU A 119 11.69 2.24 -12.25
C GLU A 119 11.87 3.68 -11.77
N SER A 120 12.39 4.54 -12.66
CA SER A 120 12.60 5.96 -12.34
C SER A 120 11.27 6.66 -12.04
N PHE A 121 10.16 6.05 -12.47
CA PHE A 121 8.82 6.58 -12.21
C PHE A 121 8.17 5.81 -11.06
N ILE A 122 8.69 4.62 -10.77
CA ILE A 122 8.17 3.77 -9.71
C ILE A 122 8.43 4.41 -8.34
N GLU A 123 9.64 4.94 -8.16
CA GLU A 123 9.99 5.60 -6.92
C GLU A 123 9.06 6.79 -6.64
N PRO A 124 8.96 7.79 -7.57
CA PRO A 124 8.05 8.93 -7.40
C PRO A 124 6.61 8.51 -7.13
N LEU A 125 6.20 7.40 -7.75
CA LEU A 125 4.86 6.86 -7.56
C LEU A 125 4.72 6.31 -6.14
N ALA A 126 5.62 5.41 -5.75
CA ALA A 126 5.63 4.81 -4.42
C ALA A 126 5.73 5.89 -3.34
N GLU A 127 6.56 6.90 -3.60
CA GLU A 127 6.73 8.01 -2.67
C GLU A 127 5.44 8.83 -2.58
N THR A 128 4.83 9.10 -3.73
CA THR A 128 3.58 9.85 -3.78
C THR A 128 2.48 9.10 -3.03
N ILE A 129 2.43 7.77 -3.25
CA ILE A 129 1.45 6.92 -2.58
C ILE A 129 1.61 7.01 -1.06
N THR A 130 2.82 6.75 -0.57
CA THR A 130 3.12 6.81 0.86
C THR A 130 2.76 8.18 1.44
N ASP A 131 3.20 9.22 0.74
CA ASP A 131 2.92 10.59 1.15
C ASP A 131 1.42 10.82 1.32
N VAL A 132 0.64 10.62 0.26
CA VAL A 132 -0.81 10.82 0.32
C VAL A 132 -1.45 9.91 1.38
N LEU A 133 -0.92 8.70 1.52
CA LEU A 133 -1.43 7.73 2.49
C LEU A 133 -1.24 8.21 3.93
N VAL A 134 -0.03 8.69 4.25
CA VAL A 134 0.26 9.17 5.61
C VAL A 134 -0.25 10.59 5.85
N ARG A 135 -0.06 11.47 4.86
CA ARG A 135 -0.49 12.87 4.96
C ARG A 135 -1.99 13.03 5.26
N THR A 136 -2.83 12.24 4.59
CA THR A 136 -4.28 12.32 4.80
C THR A 136 -4.75 11.53 6.03
N LYS A 137 -3.99 10.52 6.44
CA LYS A 137 -4.39 9.70 7.58
C LYS A 137 -3.38 9.79 8.73
N ARG A 138 -2.86 10.99 8.95
CA ARG A 138 -1.87 11.23 10.01
C ARG A 138 -2.42 10.85 11.39
N ASP A 139 -3.63 11.31 11.71
CA ASP A 139 -4.26 11.01 13.00
C ASP A 139 -4.63 9.53 13.13
N TRP A 140 -5.24 8.97 12.08
CA TRP A 140 -5.66 7.57 12.09
C TRP A 140 -4.46 6.61 12.25
N LEU A 141 -3.41 6.86 11.49
CA LEU A 141 -2.22 6.01 11.54
C LEU A 141 -1.54 6.05 12.90
N VAL A 142 -1.25 7.25 13.42
CA VAL A 142 -0.59 7.39 14.72
C VAL A 142 -1.44 6.80 15.86
N LYS A 143 -2.77 6.85 15.70
CA LYS A 143 -3.69 6.32 16.71
C LYS A 143 -3.61 4.79 16.76
N GLN A 144 -3.49 4.16 15.60
CA GLN A 144 -3.43 2.70 15.53
C GLN A 144 -1.99 2.17 15.58
N ARG A 145 -1.08 2.99 16.13
CA ARG A 145 0.34 2.61 16.27
C ARG A 145 1.01 2.36 14.91
N GLY A 146 0.39 2.86 13.85
CA GLY A 146 0.92 2.70 12.51
C GLY A 146 1.10 1.25 12.09
N TRP A 147 2.34 0.90 11.77
CA TRP A 147 2.68 -0.44 11.31
C TRP A 147 2.46 -1.50 12.40
N ASP A 148 2.58 -1.12 13.67
CA ASP A 148 2.37 -2.06 14.77
C ASP A 148 0.92 -2.57 14.77
N GLY A 149 -0.02 -1.65 14.61
CA GLY A 149 -1.43 -2.03 14.56
C GLY A 149 -1.74 -2.80 13.29
N PHE A 150 -1.02 -2.47 12.22
CA PHE A 150 -1.19 -3.14 10.93
C PHE A 150 -0.70 -4.60 10.97
N VAL A 151 0.51 -4.81 11.51
CA VAL A 151 1.09 -6.15 11.59
C VAL A 151 0.30 -7.06 12.54
N GLU A 152 -0.25 -6.49 13.61
CA GLU A 152 -1.02 -7.27 14.57
C GLU A 152 -2.42 -7.59 14.01
N PHE A 153 -2.97 -6.68 13.21
CA PHE A 153 -4.28 -6.89 12.61
C PHE A 153 -4.21 -7.99 11.55
N PHE A 154 -3.12 -8.01 10.79
CA PHE A 154 -2.92 -9.02 9.75
C PHE A 154 -1.95 -10.10 10.23
N HIS A 155 -1.91 -10.30 11.54
CA HIS A 155 -1.03 -11.29 12.15
C HIS A 155 -1.61 -12.71 12.02
N VAL A 156 -0.79 -13.62 11.54
CA VAL A 156 -1.21 -15.01 11.38
C VAL A 156 -0.77 -15.87 12.57
N GLN A 157 -1.09 -17.15 12.55
CA GLN A 157 -0.74 -18.05 13.63
C GLN A 157 0.69 -18.58 13.45
N ASP A 158 1.68 -17.72 13.72
CA ASP A 158 3.09 -18.10 13.57
C ASP A 158 3.49 -19.17 14.58
N LEU A 159 3.16 -18.94 15.85
CA LEU A 159 3.49 -19.89 16.92
C LEU A 159 2.63 -21.16 16.86
N GLU A 160 1.53 -21.12 16.10
CA GLU A 160 0.64 -22.27 15.99
C GLU A 160 0.85 -23.05 14.68
N GLY A 161 0.97 -22.33 13.56
CA GLY A 161 1.18 -22.99 12.28
C GLY A 161 0.17 -22.58 11.22
N GLY A 162 -0.08 -21.28 11.06
CA GLY A 162 -1.03 -20.81 10.07
C GLY A 162 -1.01 -19.31 9.85
N ALA B 1 -6.20 5.85 -20.69
CA ALA B 1 -6.81 7.21 -20.70
C ALA B 1 -8.20 7.17 -20.05
N GLU B 2 -8.86 6.04 -20.20
CA GLU B 2 -10.19 5.81 -19.65
C GLU B 2 -10.13 5.67 -18.12
N LEU B 3 -10.09 6.81 -17.42
CA LEU B 3 -10.01 6.81 -15.97
C LEU B 3 -11.33 7.23 -15.30
N PRO B 4 -12.18 6.25 -14.97
CA PRO B 4 -13.47 6.49 -14.32
C PRO B 4 -13.40 6.27 -12.80
N PRO B 5 -14.39 6.76 -12.03
CA PRO B 5 -14.42 6.60 -10.56
C PRO B 5 -14.54 5.12 -10.11
N GLU B 6 -14.48 4.21 -11.07
CA GLU B 6 -14.59 2.78 -10.80
C GLU B 6 -13.35 2.25 -10.06
N PHE B 7 -12.17 2.79 -10.37
CA PHE B 7 -10.94 2.34 -9.72
C PHE B 7 -10.97 2.61 -8.22
N ALA B 8 -11.62 3.70 -7.82
CA ALA B 8 -11.73 4.06 -6.41
C ALA B 8 -12.76 3.16 -5.72
N ALA B 9 -13.82 2.82 -6.47
CA ALA B 9 -14.86 1.94 -5.96
C ALA B 9 -14.32 0.53 -5.80
N GLN B 10 -13.56 0.07 -6.80
CA GLN B 10 -12.97 -1.26 -6.77
C GLN B 10 -12.04 -1.42 -5.57
N LEU B 11 -11.14 -0.45 -5.37
CA LEU B 11 -10.22 -0.51 -4.23
C LEU B 11 -10.99 -0.41 -2.91
N ARG B 12 -12.10 0.34 -2.93
CA ARG B 12 -12.96 0.51 -1.76
C ARG B 12 -13.60 -0.86 -1.40
N LYS B 13 -14.09 -1.55 -2.43
CA LYS B 13 -14.72 -2.86 -2.24
C LYS B 13 -13.68 -3.95 -1.91
N ILE B 14 -12.57 -3.96 -2.64
CA ILE B 14 -11.50 -4.94 -2.40
C ILE B 14 -10.93 -4.76 -0.99
N GLY B 15 -10.70 -3.51 -0.60
CA GLY B 15 -10.17 -3.23 0.71
C GLY B 15 -11.07 -3.75 1.82
N ASP B 16 -12.36 -3.42 1.76
CA ASP B 16 -13.32 -3.86 2.76
C ASP B 16 -13.48 -5.39 2.72
N LYS B 17 -13.34 -5.96 1.52
CA LYS B 17 -13.44 -7.40 1.33
C LYS B 17 -12.29 -8.10 2.07
N VAL B 18 -11.08 -7.63 1.78
CA VAL B 18 -9.87 -8.17 2.40
C VAL B 18 -9.88 -7.92 3.92
N TYR B 19 -10.27 -6.70 4.30
CA TYR B 19 -10.35 -6.31 5.70
C TYR B 19 -11.26 -7.26 6.49
N CYS B 20 -12.44 -7.56 5.94
CA CYS B 20 -13.38 -8.47 6.60
C CYS B 20 -12.79 -9.87 6.76
N THR B 21 -12.17 -10.38 5.70
CA THR B 21 -11.56 -11.70 5.71
C THR B 21 -10.46 -11.82 6.77
N TRP B 22 -9.69 -10.75 6.96
CA TRP B 22 -8.60 -10.78 7.94
C TRP B 22 -9.06 -10.37 9.35
N SER B 23 -10.09 -9.52 9.43
CA SER B 23 -10.60 -9.08 10.74
C SER B 23 -11.27 -10.23 11.50
N ALA B 24 -11.87 -11.16 10.78
CA ALA B 24 -12.54 -12.30 11.40
C ALA B 24 -11.58 -13.48 11.60
N PRO B 25 -11.35 -13.88 12.87
CA PRO B 25 -10.44 -14.99 13.20
C PRO B 25 -11.02 -16.35 12.82
N ASP B 26 -12.33 -16.43 12.72
CA ASP B 26 -13.03 -17.66 12.36
C ASP B 26 -12.87 -17.96 10.86
N MET B 27 -11.69 -18.44 10.47
CA MET B 27 -11.40 -18.76 9.08
C MET B 27 -11.40 -20.28 8.83
N GLY A 1 2.16 24.57 7.62
CA GLY A 1 0.82 24.08 8.04
C GLY A 1 0.85 23.47 9.43
N PRO A 2 -0.30 22.96 9.93
CA PRO A 2 -0.38 22.35 11.26
C PRO A 2 0.27 20.96 11.31
N LEU A 3 1.60 20.93 11.17
CA LEU A 3 2.34 19.67 11.19
C LEU A 3 2.97 19.42 12.56
N GLY A 4 3.24 18.15 12.85
CA GLY A 4 3.84 17.78 14.12
C GLY A 4 4.32 16.35 14.16
N SER A 5 3.44 15.43 14.54
CA SER A 5 3.78 14.01 14.63
C SER A 5 3.70 13.34 13.25
N GLU A 6 4.52 13.82 12.33
CA GLU A 6 4.56 13.29 10.96
C GLU A 6 5.85 12.54 10.69
N ASP A 7 6.97 13.26 10.79
CA ASP A 7 8.32 12.71 10.52
C ASP A 7 8.56 11.35 11.21
N ASP A 8 8.23 11.27 12.49
CA ASP A 8 8.42 10.03 13.27
C ASP A 8 7.87 8.79 12.55
N LEU A 9 6.62 8.87 12.12
CA LEU A 9 5.97 7.78 11.42
C LEU A 9 6.29 7.79 9.93
N TYR A 10 6.32 8.99 9.33
CA TYR A 10 6.61 9.16 7.89
C TYR A 10 7.89 8.46 7.48
N ARG A 11 8.95 8.61 8.28
CA ARG A 11 10.25 7.98 7.98
C ARG A 11 10.14 6.46 7.91
N GLN A 12 9.59 5.84 8.93
CA GLN A 12 9.43 4.38 8.97
C GLN A 12 8.50 3.92 7.84
N SER A 13 7.45 4.69 7.61
CA SER A 13 6.47 4.39 6.58
C SER A 13 7.08 4.48 5.18
N LEU A 14 7.78 5.59 4.91
CA LEU A 14 8.42 5.80 3.61
C LEU A 14 9.38 4.66 3.27
N GLU A 15 10.23 4.30 4.23
CA GLU A 15 11.19 3.21 4.04
C GLU A 15 10.47 1.89 3.72
N ILE A 16 9.43 1.58 4.50
CA ILE A 16 8.67 0.33 4.32
C ILE A 16 7.90 0.29 3.00
N ILE A 17 7.11 1.32 2.71
CA ILE A 17 6.31 1.36 1.48
C ILE A 17 7.18 1.28 0.22
N SER A 18 8.15 2.18 0.09
CA SER A 18 9.03 2.20 -1.08
C SER A 18 9.78 0.87 -1.21
N ARG A 19 10.18 0.29 -0.09
CA ARG A 19 10.89 -0.98 -0.11
C ARG A 19 9.97 -2.11 -0.55
N TYR A 20 8.71 -2.07 -0.14
CA TYR A 20 7.74 -3.09 -0.51
C TYR A 20 7.36 -2.99 -1.98
N LEU A 21 7.00 -1.78 -2.43
CA LEU A 21 6.61 -1.56 -3.83
C LEU A 21 7.72 -2.04 -4.77
N ARG A 22 8.96 -1.73 -4.38
CA ARG A 22 10.13 -2.14 -5.15
C ARG A 22 10.33 -3.65 -5.06
N GLU A 23 10.17 -4.20 -3.86
CA GLU A 23 10.33 -5.64 -3.63
C GLU A 23 9.41 -6.48 -4.51
N GLN A 24 8.15 -6.07 -4.64
CA GLN A 24 7.19 -6.79 -5.47
C GLN A 24 7.41 -6.54 -6.97
N ALA A 25 7.86 -5.32 -7.30
CA ALA A 25 8.10 -4.96 -8.70
C ALA A 25 9.43 -5.50 -9.25
N THR A 26 10.52 -5.21 -8.56
CA THR A 26 11.86 -5.63 -9.01
C THR A 26 12.80 -5.94 -7.83
N GLY A 27 12.24 -6.44 -6.73
CA GLY A 27 13.05 -6.74 -5.54
C GLY A 27 13.98 -7.94 -5.68
N SER A 28 14.41 -8.24 -6.91
CA SER A 28 15.31 -9.36 -7.16
C SER A 28 16.72 -8.89 -7.51
N LYS A 29 16.82 -7.65 -7.99
CA LYS A 29 18.12 -7.07 -8.37
C LYS A 29 18.21 -5.59 -8.01
N ASP A 30 17.34 -5.12 -7.13
CA ASP A 30 17.35 -3.71 -6.75
C ASP A 30 17.35 -3.53 -5.24
N SER A 31 16.92 -2.34 -4.79
CA SER A 31 16.88 -2.02 -3.36
C SER A 31 15.88 -2.91 -2.61
N LYS A 32 16.40 -3.92 -1.92
CA LYS A 32 15.56 -4.85 -1.18
C LYS A 32 15.58 -4.60 0.35
N PRO A 33 16.78 -4.51 0.99
CA PRO A 33 16.88 -4.27 2.45
C PRO A 33 16.63 -2.81 2.85
N LEU A 34 16.23 -2.61 4.11
CA LEU A 34 15.96 -1.27 4.64
C LEU A 34 17.17 -0.69 5.37
N GLY A 35 17.10 0.60 5.74
CA GLY A 35 18.22 1.24 6.43
C GLY A 35 17.87 1.77 7.81
N GLU A 36 16.83 2.60 7.90
CA GLU A 36 16.41 3.17 9.17
C GLU A 36 15.30 2.33 9.78
N ALA A 37 14.33 1.96 8.96
CA ALA A 37 13.20 1.15 9.42
C ALA A 37 13.61 -0.34 9.49
N GLY A 38 14.41 -0.67 10.49
CA GLY A 38 14.86 -2.05 10.65
C GLY A 38 13.81 -2.95 11.30
N ALA A 39 13.56 -2.74 12.59
CA ALA A 39 12.58 -3.53 13.33
C ALA A 39 11.19 -3.43 12.72
N ALA A 40 10.68 -2.21 12.58
CA ALA A 40 9.37 -1.99 11.99
C ALA A 40 9.40 -2.36 10.51
N GLY A 41 10.55 -2.13 9.88
CA GLY A 41 10.71 -2.45 8.48
C GLY A 41 10.57 -3.93 8.19
N ARG A 42 11.26 -4.77 8.96
CA ARG A 42 11.19 -6.22 8.78
C ARG A 42 9.77 -6.73 9.03
N ARG A 43 9.19 -6.35 10.18
CA ARG A 43 7.84 -6.75 10.55
C ARG A 43 6.83 -6.33 9.48
N ALA A 44 6.82 -5.03 9.16
CA ALA A 44 5.89 -4.50 8.17
C ALA A 44 6.16 -5.02 6.75
N LEU A 45 7.43 -5.12 6.35
CA LEU A 45 7.74 -5.62 5.00
C LEU A 45 7.26 -7.05 4.79
N GLU A 46 7.51 -7.91 5.78
CA GLU A 46 7.08 -9.31 5.70
C GLU A 46 5.56 -9.42 5.74
N THR A 47 4.93 -8.61 6.58
CA THR A 47 3.48 -8.61 6.69
C THR A 47 2.85 -8.06 5.41
N LEU A 48 3.38 -6.94 4.95
CA LEU A 48 2.91 -6.28 3.73
C LEU A 48 3.07 -7.20 2.52
N ARG A 49 4.21 -7.90 2.46
CA ARG A 49 4.47 -8.85 1.39
C ARG A 49 3.37 -9.89 1.33
N ARG A 50 3.13 -10.53 2.47
CA ARG A 50 2.10 -11.58 2.58
C ARG A 50 0.70 -11.05 2.28
N VAL A 51 0.30 -9.98 2.97
CA VAL A 51 -1.03 -9.39 2.78
C VAL A 51 -1.23 -8.88 1.34
N GLY A 52 -0.24 -8.16 0.83
CA GLY A 52 -0.31 -7.63 -0.52
C GLY A 52 -0.41 -8.73 -1.56
N ASP A 53 0.50 -9.71 -1.48
CA ASP A 53 0.49 -10.83 -2.42
C ASP A 53 -0.85 -11.57 -2.35
N GLY A 54 -1.35 -11.77 -1.13
CA GLY A 54 -2.63 -12.43 -0.95
C GLY A 54 -3.78 -11.64 -1.59
N VAL A 55 -3.83 -10.34 -1.32
CA VAL A 55 -4.87 -9.48 -1.89
C VAL A 55 -4.77 -9.43 -3.41
N GLN A 56 -3.53 -9.32 -3.90
CA GLN A 56 -3.26 -9.28 -5.33
C GLN A 56 -3.67 -10.57 -6.05
N ARG A 57 -3.15 -11.70 -5.57
CA ARG A 57 -3.45 -13.01 -6.17
C ARG A 57 -4.94 -13.32 -6.18
N ASN A 58 -5.66 -12.88 -5.16
CA ASN A 58 -7.10 -13.10 -5.06
C ASN A 58 -7.87 -12.19 -6.02
N HIS A 59 -7.49 -10.92 -6.07
CA HIS A 59 -8.16 -9.96 -6.93
C HIS A 59 -7.35 -9.69 -8.21
N GLU A 60 -6.70 -10.74 -8.72
CA GLU A 60 -5.88 -10.64 -9.94
C GLU A 60 -6.66 -10.09 -11.13
N THR A 61 -7.94 -10.43 -11.22
CA THR A 61 -8.78 -9.96 -12.32
C THR A 61 -8.93 -8.45 -12.30
N ALA A 62 -9.34 -7.91 -11.15
CA ALA A 62 -9.51 -6.47 -10.99
C ALA A 62 -8.18 -5.74 -11.15
N PHE A 63 -7.12 -6.32 -10.60
CA PHE A 63 -5.78 -5.74 -10.68
C PHE A 63 -5.24 -5.76 -12.11
N GLN A 64 -5.31 -6.92 -12.77
CA GLN A 64 -4.83 -7.04 -14.16
C GLN A 64 -5.67 -6.19 -15.11
N GLY A 65 -6.98 -6.16 -14.88
CA GLY A 65 -7.85 -5.34 -15.72
C GLY A 65 -7.44 -3.89 -15.66
N MET A 66 -7.20 -3.41 -14.45
CA MET A 66 -6.76 -2.03 -14.25
C MET A 66 -5.33 -1.85 -14.75
N LEU A 67 -4.52 -2.89 -14.60
CA LEU A 67 -3.13 -2.87 -15.05
C LEU A 67 -3.04 -2.75 -16.57
N ARG A 68 -3.86 -3.52 -17.29
CA ARG A 68 -3.87 -3.48 -18.74
C ARG A 68 -4.35 -2.12 -19.25
N LYS A 69 -5.35 -1.56 -18.58
CA LYS A 69 -5.88 -0.25 -18.95
C LYS A 69 -5.16 0.88 -18.21
N LEU A 70 -4.04 0.56 -17.57
CA LEU A 70 -3.29 1.57 -16.83
C LEU A 70 -2.43 2.41 -17.77
N ASP A 71 -2.93 3.60 -18.11
CA ASP A 71 -2.23 4.51 -19.00
C ASP A 71 -1.19 5.35 -18.23
N ILE A 72 -0.61 4.76 -17.19
CA ILE A 72 0.40 5.46 -16.38
C ILE A 72 1.77 5.40 -17.07
N LYS A 73 2.18 6.54 -17.62
CA LYS A 73 3.46 6.64 -18.32
C LYS A 73 4.17 7.98 -18.04
N ASN A 74 3.41 9.01 -17.68
CA ASN A 74 4.01 10.32 -17.40
C ASN A 74 3.81 10.73 -15.94
N GLU A 75 4.49 11.81 -15.53
CA GLU A 75 4.37 12.32 -14.15
C GLU A 75 2.93 12.65 -13.80
N GLY A 76 2.16 13.07 -14.80
CA GLY A 76 0.75 13.40 -14.59
C GLY A 76 -0.08 12.21 -14.14
N ASP A 77 0.35 11.00 -14.48
CA ASP A 77 -0.38 9.79 -14.10
C ASP A 77 -0.28 9.54 -12.58
N VAL A 78 0.86 9.91 -11.99
CA VAL A 78 1.06 9.75 -10.54
C VAL A 78 0.04 10.62 -9.78
N LYS A 79 -0.36 11.71 -10.40
CA LYS A 79 -1.33 12.63 -9.81
C LYS A 79 -2.74 12.01 -9.83
N SER A 80 -3.02 11.22 -10.85
CA SER A 80 -4.32 10.54 -10.97
C SER A 80 -4.43 9.47 -9.87
N PHE A 81 -3.31 8.80 -9.61
CA PHE A 81 -3.22 7.78 -8.57
C PHE A 81 -3.47 8.41 -7.21
N SER A 82 -2.94 9.63 -7.04
CA SER A 82 -3.12 10.39 -5.80
C SER A 82 -4.60 10.71 -5.58
N ARG A 83 -5.30 10.99 -6.69
CA ARG A 83 -6.74 11.26 -6.64
C ARG A 83 -7.49 10.02 -6.13
N VAL A 84 -7.06 8.84 -6.58
CA VAL A 84 -7.65 7.58 -6.15
C VAL A 84 -7.54 7.42 -4.63
N MET A 85 -6.34 7.70 -4.10
CA MET A 85 -6.09 7.61 -2.67
C MET A 85 -7.09 8.47 -1.88
N VAL A 86 -7.19 9.74 -2.25
CA VAL A 86 -8.12 10.65 -1.58
C VAL A 86 -9.58 10.26 -1.83
N HIS A 87 -9.87 9.76 -3.04
CA HIS A 87 -11.24 9.34 -3.40
C HIS A 87 -11.71 8.13 -2.59
N VAL A 88 -10.91 7.07 -2.58
CA VAL A 88 -11.25 5.85 -1.84
C VAL A 88 -11.33 6.08 -0.33
N PHE A 89 -10.43 6.90 0.20
CA PHE A 89 -10.42 7.17 1.64
C PHE A 89 -11.25 8.41 2.00
N LYS A 90 -12.02 8.92 1.05
CA LYS A 90 -12.85 10.11 1.29
C LYS A 90 -14.10 9.78 2.12
N ASP A 91 -14.37 8.49 2.29
CA ASP A 91 -15.53 8.03 3.07
C ASP A 91 -15.34 8.32 4.56
N GLY A 92 -14.09 8.57 4.96
CA GLY A 92 -13.80 8.84 6.36
C GLY A 92 -13.47 7.55 7.12
N VAL A 93 -13.90 6.43 6.56
CA VAL A 93 -13.68 5.13 7.16
C VAL A 93 -12.26 4.63 6.87
N THR A 94 -11.44 4.54 7.90
CA THR A 94 -10.07 4.06 7.74
C THR A 94 -9.97 2.57 8.03
N ASN A 95 -10.12 1.75 7.00
CA ASN A 95 -10.04 0.30 7.16
C ASN A 95 -8.69 -0.25 6.71
N TRP A 96 -8.11 -1.13 7.51
CA TRP A 96 -6.82 -1.74 7.20
C TRP A 96 -6.82 -2.41 5.82
N GLY A 97 -7.89 -3.15 5.51
CA GLY A 97 -8.01 -3.81 4.22
C GLY A 97 -7.97 -2.84 3.05
N ARG A 98 -8.56 -1.66 3.22
CA ARG A 98 -8.55 -0.63 2.19
C ARG A 98 -7.14 -0.09 2.02
N ILE A 99 -6.47 0.16 3.15
CA ILE A 99 -5.10 0.68 3.15
C ILE A 99 -4.14 -0.26 2.43
N VAL A 100 -4.16 -1.54 2.79
CA VAL A 100 -3.27 -2.52 2.14
C VAL A 100 -3.64 -2.72 0.67
N THR A 101 -4.91 -2.52 0.33
CA THR A 101 -5.36 -2.65 -1.06
C THR A 101 -4.65 -1.62 -1.93
N LEU A 102 -4.64 -0.37 -1.47
CA LEU A 102 -3.96 0.71 -2.20
C LEU A 102 -2.47 0.41 -2.33
N ILE A 103 -1.87 -0.09 -1.26
CA ILE A 103 -0.45 -0.45 -1.27
C ILE A 103 -0.20 -1.60 -2.26
N SER A 104 -1.06 -2.62 -2.22
CA SER A 104 -0.94 -3.77 -3.12
C SER A 104 -1.09 -3.31 -4.57
N PHE A 105 -1.98 -2.34 -4.79
CA PHE A 105 -2.19 -1.78 -6.12
C PHE A 105 -0.95 -0.98 -6.51
N GLY A 106 -0.40 -0.24 -5.54
CA GLY A 106 0.81 0.52 -5.78
C GLY A 106 1.95 -0.39 -6.24
N ALA A 107 1.98 -1.59 -5.67
CA ALA A 107 2.97 -2.59 -6.05
C ALA A 107 2.69 -3.09 -7.47
N PHE A 108 1.41 -3.31 -7.77
CA PHE A 108 1.00 -3.78 -9.11
C PHE A 108 1.34 -2.74 -10.18
N VAL A 109 1.06 -1.46 -9.90
CA VAL A 109 1.37 -0.40 -10.84
C VAL A 109 2.89 -0.18 -10.91
N ALA A 110 3.61 -0.52 -9.84
CA ALA A 110 5.05 -0.41 -9.82
C ALA A 110 5.62 -1.43 -10.80
N LYS A 111 5.00 -2.61 -10.83
CA LYS A 111 5.39 -3.67 -11.75
C LYS A 111 5.12 -3.21 -13.18
N HIS A 112 4.02 -2.48 -13.38
CA HIS A 112 3.67 -1.95 -14.71
C HIS A 112 4.79 -1.04 -15.22
N LEU A 113 5.24 -0.12 -14.36
CA LEU A 113 6.32 0.79 -14.72
C LEU A 113 7.64 0.03 -14.85
N LYS A 114 7.83 -0.97 -13.99
CA LYS A 114 9.05 -1.78 -14.01
C LYS A 114 9.11 -2.63 -15.29
N SER A 115 7.95 -3.11 -15.74
CA SER A 115 7.86 -3.94 -16.94
C SER A 115 8.24 -3.14 -18.19
N VAL A 116 8.08 -1.82 -18.12
CA VAL A 116 8.43 -0.95 -19.23
C VAL A 116 9.70 -0.14 -18.92
N ASN A 117 10.38 -0.51 -17.83
CA ASN A 117 11.61 0.14 -17.38
C ASN A 117 11.44 1.65 -17.09
N GLN A 118 10.40 1.98 -16.34
CA GLN A 118 10.13 3.37 -15.96
C GLN A 118 10.28 3.57 -14.45
N GLU A 119 11.24 2.87 -13.84
CA GLU A 119 11.50 2.96 -12.40
C GLU A 119 11.70 4.41 -11.93
N SER A 120 12.21 5.26 -12.83
CA SER A 120 12.42 6.67 -12.51
C SER A 120 11.11 7.36 -12.12
N PHE A 121 9.99 6.75 -12.52
CA PHE A 121 8.66 7.29 -12.19
C PHE A 121 8.09 6.55 -10.97
N ILE A 122 8.65 5.38 -10.68
CA ILE A 122 8.23 4.57 -9.54
C ILE A 122 8.63 5.26 -8.24
N GLU A 123 9.84 5.85 -8.22
CA GLU A 123 10.33 6.56 -7.04
C GLU A 123 9.34 7.66 -6.59
N PRO A 124 8.99 8.63 -7.48
CA PRO A 124 8.02 9.69 -7.14
C PRO A 124 6.65 9.11 -6.82
N LEU A 125 6.29 8.02 -7.51
CA LEU A 125 5.02 7.33 -7.29
C LEU A 125 4.96 6.77 -5.87
N ALA A 126 6.01 6.04 -5.49
CA ALA A 126 6.11 5.47 -4.15
C ALA A 126 6.06 6.57 -3.10
N GLU A 127 6.76 7.67 -3.38
CA GLU A 127 6.77 8.83 -2.49
C GLU A 127 5.36 9.41 -2.39
N THR A 128 4.70 9.55 -3.54
CA THR A 128 3.34 10.10 -3.61
C THR A 128 2.36 9.21 -2.84
N ILE A 129 2.46 7.89 -3.03
CA ILE A 129 1.60 6.94 -2.34
C ILE A 129 1.74 7.10 -0.82
N THR A 130 2.98 7.09 -0.35
CA THR A 130 3.27 7.26 1.08
C THR A 130 2.80 8.63 1.56
N ASP A 131 3.14 9.66 0.78
CA ASP A 131 2.79 11.04 1.08
C ASP A 131 1.29 11.22 1.36
N VAL A 132 0.46 10.89 0.38
CA VAL A 132 -1.00 11.04 0.50
C VAL A 132 -1.61 10.10 1.55
N LEU A 133 -1.10 8.88 1.65
CA LEU A 133 -1.63 7.90 2.61
C LEU A 133 -1.32 8.26 4.06
N VAL A 134 -0.06 8.57 4.35
CA VAL A 134 0.34 8.89 5.73
C VAL A 134 -0.22 10.24 6.21
N ARG A 135 -0.32 11.21 5.31
CA ARG A 135 -0.84 12.54 5.69
C ARG A 135 -2.35 12.53 5.94
N THR A 136 -3.11 12.00 4.98
CA THR A 136 -4.58 11.95 5.11
C THR A 136 -5.04 11.14 6.33
N LYS A 137 -4.31 10.09 6.64
CA LYS A 137 -4.66 9.24 7.79
C LYS A 137 -3.58 9.29 8.88
N ARG A 138 -2.99 10.46 9.10
CA ARG A 138 -1.92 10.61 10.10
C ARG A 138 -2.38 10.29 11.52
N ASP A 139 -3.46 10.95 11.96
CA ASP A 139 -3.99 10.74 13.32
C ASP A 139 -4.41 9.30 13.55
N TRP A 140 -5.02 8.68 12.55
CA TRP A 140 -5.46 7.30 12.67
C TRP A 140 -4.26 6.35 12.78
N LEU A 141 -3.23 6.61 11.98
CA LEU A 141 -2.02 5.78 11.99
C LEU A 141 -1.21 5.96 13.28
N VAL A 142 -0.96 7.21 13.67
CA VAL A 142 -0.17 7.48 14.89
C VAL A 142 -0.84 6.88 16.13
N LYS A 143 -2.17 6.93 16.21
CA LYS A 143 -2.89 6.37 17.35
C LYS A 143 -2.95 4.84 17.28
N GLN A 144 -2.81 4.30 16.07
CA GLN A 144 -2.84 2.85 15.88
C GLN A 144 -1.42 2.25 15.96
N ARG A 145 -0.48 3.00 16.54
CA ARG A 145 0.91 2.54 16.68
C ARG A 145 1.60 2.35 15.32
N GLY A 146 1.00 2.90 14.27
CA GLY A 146 1.56 2.79 12.94
C GLY A 146 1.62 1.37 12.40
N TRP A 147 2.77 1.01 11.86
CA TRP A 147 2.98 -0.30 11.28
C TRP A 147 2.95 -1.41 12.35
N ASP A 148 3.27 -1.05 13.59
CA ASP A 148 3.24 -2.02 14.69
C ASP A 148 1.84 -2.65 14.79
N GLY A 149 0.81 -1.80 14.78
CA GLY A 149 -0.55 -2.29 14.82
C GLY A 149 -0.93 -3.01 13.53
N PHE A 150 -0.45 -2.48 12.40
CA PHE A 150 -0.70 -3.08 11.09
C PHE A 150 -0.18 -4.52 11.04
N VAL A 151 1.04 -4.73 11.54
CA VAL A 151 1.67 -6.06 11.56
C VAL A 151 0.90 -7.01 12.49
N GLU A 152 0.46 -6.49 13.64
CA GLU A 152 -0.30 -7.30 14.61
C GLU A 152 -1.66 -7.70 14.05
N PHE A 153 -2.40 -6.74 13.49
CA PHE A 153 -3.71 -7.00 12.92
C PHE A 153 -3.61 -7.98 11.74
N PHE A 154 -2.71 -7.68 10.81
CA PHE A 154 -2.52 -8.52 9.64
C PHE A 154 -1.63 -9.74 9.94
N HIS A 155 -1.75 -10.26 11.17
CA HIS A 155 -0.99 -11.44 11.58
C HIS A 155 -1.30 -12.61 10.63
N VAL A 156 -0.33 -13.52 10.46
CA VAL A 156 -0.52 -14.66 9.57
C VAL A 156 -1.59 -15.64 10.08
N GLN A 157 -2.85 -15.25 9.95
CA GLN A 157 -3.98 -16.10 10.37
C GLN A 157 -3.99 -17.40 9.56
N ASP A 158 -3.35 -17.35 8.39
CA ASP A 158 -3.26 -18.51 7.51
C ASP A 158 -2.20 -19.49 7.99
N LEU A 159 -1.35 -19.07 8.93
CA LEU A 159 -0.29 -19.94 9.45
C LEU A 159 -0.45 -20.22 10.95
N GLU A 160 -1.11 -19.31 11.67
CA GLU A 160 -1.28 -19.50 13.11
C GLU A 160 -2.76 -19.44 13.55
N GLY A 161 -3.68 -19.44 12.58
CA GLY A 161 -5.11 -19.41 12.91
C GLY A 161 -5.63 -18.02 13.26
N GLY A 162 -5.10 -17.43 14.32
CA GLY A 162 -5.54 -16.10 14.75
C GLY A 162 -4.53 -15.39 15.63
N ALA B 1 -2.22 9.12 -19.07
CA ALA B 1 -3.23 10.21 -19.06
C ALA B 1 -4.65 9.67 -18.86
N GLU B 2 -5.02 8.63 -19.60
CA GLU B 2 -6.37 8.07 -19.49
C GLU B 2 -6.42 6.92 -18.47
N LEU B 3 -6.79 7.23 -17.24
CA LEU B 3 -6.87 6.22 -16.19
C LEU B 3 -8.32 5.84 -15.89
N PRO B 4 -8.64 4.54 -16.01
CA PRO B 4 -10.00 4.00 -15.77
C PRO B 4 -10.52 4.29 -14.36
N PRO B 5 -11.70 4.94 -14.26
CA PRO B 5 -12.32 5.31 -12.97
C PRO B 5 -12.72 4.11 -12.10
N GLU B 6 -12.48 2.90 -12.58
CA GLU B 6 -12.82 1.69 -11.82
C GLU B 6 -11.95 1.53 -10.57
N PHE B 7 -10.74 2.10 -10.58
CA PHE B 7 -9.84 1.97 -9.42
C PHE B 7 -10.48 2.45 -8.11
N ALA B 8 -11.35 3.45 -8.18
CA ALA B 8 -11.98 3.97 -6.98
C ALA B 8 -12.97 2.97 -6.37
N ALA B 9 -13.89 2.46 -7.20
CA ALA B 9 -14.89 1.51 -6.74
C ALA B 9 -14.30 0.12 -6.51
N GLN B 10 -13.42 -0.31 -7.40
CA GLN B 10 -12.79 -1.63 -7.30
C GLN B 10 -11.96 -1.75 -6.02
N LEU B 11 -11.03 -0.82 -5.83
CA LEU B 11 -10.18 -0.85 -4.64
C LEU B 11 -11.02 -0.65 -3.37
N ARG B 12 -12.04 0.21 -3.46
CA ARG B 12 -12.94 0.47 -2.32
C ARG B 12 -13.60 -0.82 -1.84
N LYS B 13 -14.32 -1.50 -2.74
CA LYS B 13 -15.01 -2.74 -2.38
C LYS B 13 -14.02 -3.86 -2.04
N ILE B 14 -12.89 -3.88 -2.73
CA ILE B 14 -11.86 -4.87 -2.44
C ILE B 14 -11.33 -4.65 -1.03
N GLY B 15 -11.12 -3.38 -0.68
CA GLY B 15 -10.64 -3.03 0.64
C GLY B 15 -11.58 -3.51 1.74
N ASP B 16 -12.87 -3.22 1.60
CA ASP B 16 -13.88 -3.66 2.58
C ASP B 16 -13.82 -5.18 2.77
N LYS B 17 -13.74 -5.90 1.64
CA LYS B 17 -13.67 -7.35 1.66
C LYS B 17 -12.38 -7.85 2.32
N VAL B 18 -11.24 -7.34 1.84
CA VAL B 18 -9.93 -7.70 2.39
C VAL B 18 -9.87 -7.42 3.90
N TYR B 19 -10.36 -6.24 4.28
CA TYR B 19 -10.41 -5.84 5.68
C TYR B 19 -11.20 -6.86 6.51
N CYS B 20 -12.39 -7.21 6.03
CA CYS B 20 -13.22 -8.20 6.73
C CYS B 20 -12.57 -9.59 6.71
N THR B 21 -11.86 -9.89 5.63
CA THR B 21 -11.19 -11.17 5.46
C THR B 21 -10.09 -11.38 6.51
N TRP B 22 -9.18 -10.42 6.66
CA TRP B 22 -8.08 -10.55 7.63
C TRP B 22 -8.56 -10.38 9.07
N SER B 23 -9.60 -9.58 9.27
CA SER B 23 -10.15 -9.34 10.61
C SER B 23 -10.74 -10.61 11.22
N ALA B 24 -11.16 -11.55 10.36
CA ALA B 24 -11.75 -12.80 10.83
C ALA B 24 -10.69 -13.89 11.03
N PRO B 25 -10.52 -14.38 12.28
CA PRO B 25 -9.55 -15.43 12.59
C PRO B 25 -10.10 -16.85 12.38
N ASP B 26 -9.20 -17.80 12.19
CA ASP B 26 -9.59 -19.20 11.98
C ASP B 26 -9.76 -19.93 13.32
N MET B 27 -10.88 -19.68 14.00
CA MET B 27 -11.17 -20.29 15.30
C MET B 27 -12.46 -21.11 15.25
N GLY A 1 5.29 23.62 9.66
CA GLY A 1 4.01 22.87 9.53
C GLY A 1 3.50 22.35 10.86
N PRO A 2 2.75 21.24 10.87
CA PRO A 2 2.21 20.63 12.09
C PRO A 2 3.30 19.99 12.96
N LEU A 3 3.62 20.63 14.08
CA LEU A 3 4.65 20.10 14.99
C LEU A 3 4.10 18.94 15.83
N GLY A 4 4.04 17.76 15.24
CA GLY A 4 3.55 16.59 15.93
C GLY A 4 4.09 15.30 15.34
N SER A 5 3.59 14.16 15.83
CA SER A 5 4.04 12.86 15.33
C SER A 5 3.45 12.55 13.96
N GLU A 6 4.19 12.87 12.92
CA GLU A 6 3.76 12.61 11.55
C GLU A 6 4.93 12.20 10.68
N ASP A 7 5.89 13.12 10.52
CA ASP A 7 7.08 12.84 9.70
C ASP A 7 7.89 11.66 10.27
N ASP A 8 7.93 11.57 11.60
CA ASP A 8 8.62 10.47 12.27
C ASP A 8 8.06 9.12 11.83
N LEU A 9 6.74 9.01 11.77
CA LEU A 9 6.08 7.78 11.34
C LEU A 9 6.16 7.66 9.82
N TYR A 10 6.20 8.81 9.15
CA TYR A 10 6.30 8.86 7.70
C TYR A 10 7.62 8.26 7.24
N ARG A 11 8.67 8.39 8.07
CA ARG A 11 9.98 7.82 7.74
C ARG A 11 9.88 6.30 7.58
N GLN A 12 9.29 5.65 8.59
CA GLN A 12 9.08 4.20 8.58
C GLN A 12 8.22 3.83 7.39
N SER A 13 7.16 4.62 7.19
CA SER A 13 6.22 4.40 6.10
C SER A 13 6.91 4.49 4.73
N LEU A 14 7.53 5.63 4.45
CA LEU A 14 8.24 5.85 3.19
C LEU A 14 9.26 4.75 2.94
N GLU A 15 10.09 4.48 3.95
CA GLU A 15 11.13 3.44 3.83
C GLU A 15 10.52 2.05 3.55
N ILE A 16 9.58 1.63 4.39
CA ILE A 16 8.93 0.32 4.24
C ILE A 16 8.18 0.18 2.91
N ILE A 17 7.35 1.16 2.57
CA ILE A 17 6.58 1.10 1.33
C ILE A 17 7.48 1.11 0.08
N SER A 18 8.38 2.08 -0.01
CA SER A 18 9.29 2.17 -1.16
C SER A 18 10.08 0.87 -1.32
N ARG A 19 10.49 0.28 -0.20
CA ARG A 19 11.22 -0.98 -0.23
C ARG A 19 10.32 -2.10 -0.74
N TYR A 20 9.14 -2.25 -0.14
CA TYR A 20 8.19 -3.29 -0.52
C TYR A 20 7.84 -3.23 -2.02
N LEU A 21 7.52 -2.04 -2.52
CA LEU A 21 7.17 -1.90 -3.94
C LEU A 21 8.36 -2.24 -4.83
N ARG A 22 9.56 -1.85 -4.41
CA ARG A 22 10.78 -2.16 -5.16
C ARG A 22 11.05 -3.67 -5.15
N GLU A 23 10.77 -4.29 -4.00
CA GLU A 23 10.94 -5.74 -3.86
C GLU A 23 9.89 -6.50 -4.67
N GLN A 24 8.67 -5.97 -4.68
CA GLN A 24 7.57 -6.57 -5.44
C GLN A 24 7.84 -6.43 -6.95
N ALA A 25 8.32 -5.25 -7.34
CA ALA A 25 8.63 -4.95 -8.75
C ALA A 25 9.67 -5.90 -9.32
N THR A 26 10.69 -6.22 -8.53
CA THR A 26 11.75 -7.14 -8.96
C THR A 26 11.37 -8.60 -8.66
N GLY A 27 10.54 -8.77 -7.63
CA GLY A 27 10.08 -10.10 -7.23
C GLY A 27 10.89 -10.67 -6.08
N SER A 28 12.09 -10.13 -5.89
CA SER A 28 13.00 -10.57 -4.84
C SER A 28 14.14 -9.57 -4.67
N LYS A 29 14.87 -9.68 -3.58
CA LYS A 29 15.99 -8.78 -3.30
C LYS A 29 16.83 -9.34 -2.16
N ASP A 30 16.24 -9.33 -0.96
CA ASP A 30 16.91 -9.83 0.24
C ASP A 30 15.88 -10.05 1.35
N SER A 31 16.31 -10.71 2.42
CA SER A 31 15.44 -10.99 3.56
C SER A 31 15.84 -10.12 4.75
N LYS A 32 16.87 -9.31 4.56
CA LYS A 32 17.37 -8.41 5.60
C LYS A 32 16.40 -7.27 5.89
N PRO A 33 16.41 -6.75 7.13
CA PRO A 33 15.53 -5.65 7.56
C PRO A 33 15.89 -4.31 6.90
N LEU A 34 15.30 -3.24 7.39
CA LEU A 34 15.54 -1.91 6.83
C LEU A 34 16.57 -1.12 7.65
N GLY A 35 16.62 0.20 7.45
CA GLY A 35 17.57 1.02 8.17
C GLY A 35 16.91 1.78 9.31
N GLU A 36 15.85 2.52 8.99
CA GLU A 36 15.13 3.28 10.00
C GLU A 36 14.11 2.41 10.71
N ALA A 37 13.25 1.75 9.93
CA ALA A 37 12.25 0.85 10.50
C ALA A 37 12.84 -0.56 10.69
N GLY A 38 13.49 -0.78 11.82
CA GLY A 38 14.10 -2.09 12.10
C GLY A 38 13.12 -3.16 12.57
N ALA A 39 12.64 -3.03 13.81
CA ALA A 39 11.71 -4.04 14.37
C ALA A 39 10.34 -3.97 13.71
N ALA A 40 9.74 -2.78 13.74
CA ALA A 40 8.43 -2.57 13.12
C ALA A 40 8.53 -2.73 11.61
N GLY A 41 9.67 -2.31 11.06
CA GLY A 41 9.90 -2.41 9.64
C GLY A 41 10.03 -3.85 9.17
N ARG A 42 10.87 -4.64 9.84
CA ARG A 42 11.03 -6.06 9.49
C ARG A 42 9.68 -6.78 9.50
N ARG A 43 8.91 -6.54 10.56
CA ARG A 43 7.58 -7.15 10.68
C ARG A 43 6.64 -6.59 9.62
N ALA A 44 6.74 -5.29 9.37
CA ALA A 44 5.89 -4.63 8.37
C ALA A 44 6.20 -5.13 6.96
N LEU A 45 7.47 -5.33 6.65
CA LEU A 45 7.86 -5.84 5.34
C LEU A 45 7.32 -7.26 5.13
N GLU A 46 7.41 -8.07 6.19
CA GLU A 46 6.90 -9.45 6.14
C GLU A 46 5.38 -9.43 5.98
N THR A 47 4.71 -8.65 6.84
CA THR A 47 3.25 -8.53 6.80
C THR A 47 2.79 -7.98 5.45
N LEU A 48 3.49 -6.97 4.96
CA LEU A 48 3.15 -6.34 3.68
C LEU A 48 3.35 -7.31 2.51
N ARG A 49 4.44 -8.09 2.52
CA ARG A 49 4.69 -9.05 1.43
C ARG A 49 3.65 -10.16 1.46
N ARG A 50 3.30 -10.59 2.67
CA ARG A 50 2.31 -11.66 2.86
C ARG A 50 0.91 -11.24 2.41
N VAL A 51 0.40 -10.15 2.99
CA VAL A 51 -0.94 -9.65 2.66
C VAL A 51 -1.00 -9.04 1.26
N GLY A 52 0.05 -8.33 0.87
CA GLY A 52 0.10 -7.70 -0.44
C GLY A 52 0.03 -8.71 -1.58
N ASP A 53 0.93 -9.69 -1.57
CA ASP A 53 0.95 -10.72 -2.61
C ASP A 53 -0.33 -11.56 -2.55
N GLY A 54 -0.79 -11.86 -1.33
CA GLY A 54 -2.02 -12.63 -1.18
C GLY A 54 -3.22 -11.95 -1.81
N VAL A 55 -3.39 -10.66 -1.52
CA VAL A 55 -4.49 -9.87 -2.08
C VAL A 55 -4.27 -9.62 -3.57
N GLN A 56 -3.03 -9.30 -3.93
CA GLN A 56 -2.63 -9.03 -5.32
C GLN A 56 -2.92 -10.21 -6.23
N ARG A 57 -2.41 -11.39 -5.85
CA ARG A 57 -2.62 -12.59 -6.65
C ARG A 57 -4.11 -12.96 -6.67
N ASN A 58 -4.80 -12.71 -5.57
CA ASN A 58 -6.24 -12.99 -5.49
C ASN A 58 -7.02 -12.06 -6.44
N HIS A 59 -6.73 -10.77 -6.36
CA HIS A 59 -7.42 -9.79 -7.21
C HIS A 59 -6.53 -9.37 -8.40
N GLU A 60 -5.78 -10.33 -8.93
CA GLU A 60 -4.88 -10.08 -10.06
C GLU A 60 -5.64 -9.47 -11.25
N THR A 61 -6.76 -10.10 -11.60
CA THR A 61 -7.61 -9.66 -12.71
C THR A 61 -8.18 -8.26 -12.45
N ALA A 62 -8.63 -8.03 -11.23
CA ALA A 62 -9.19 -6.74 -10.85
C ALA A 62 -8.12 -5.65 -10.98
N PHE A 63 -6.93 -5.94 -10.47
CA PHE A 63 -5.82 -4.99 -10.54
C PHE A 63 -5.40 -4.78 -12.00
N GLN A 64 -5.32 -5.87 -12.75
CA GLN A 64 -4.96 -5.83 -14.16
C GLN A 64 -5.99 -5.02 -14.95
N GLY A 65 -7.27 -5.26 -14.67
CA GLY A 65 -8.32 -4.51 -15.34
C GLY A 65 -8.20 -3.02 -15.07
N MET A 66 -8.03 -2.67 -13.79
CA MET A 66 -7.87 -1.27 -13.42
C MET A 66 -6.57 -0.71 -14.01
N LEU A 67 -5.55 -1.55 -14.10
CA LEU A 67 -4.26 -1.16 -14.68
C LEU A 67 -4.45 -0.76 -16.13
N ARG A 68 -5.17 -1.58 -16.89
CA ARG A 68 -5.43 -1.29 -18.30
C ARG A 68 -6.24 0.00 -18.46
N LYS A 69 -7.08 0.28 -17.47
CA LYS A 69 -7.91 1.50 -17.49
C LYS A 69 -7.14 2.71 -16.93
N LEU A 70 -5.96 2.45 -16.35
CA LEU A 70 -5.15 3.53 -15.77
C LEU A 70 -4.32 4.26 -16.82
N ASP A 71 -4.18 5.57 -16.65
CA ASP A 71 -3.38 6.38 -17.56
C ASP A 71 -2.02 6.70 -16.93
N ILE A 72 -1.76 6.10 -15.77
CA ILE A 72 -0.51 6.32 -15.01
C ILE A 72 0.74 6.02 -15.86
N LYS A 73 1.44 7.08 -16.27
CA LYS A 73 2.65 6.94 -17.09
C LYS A 73 3.72 7.98 -16.73
N ASN A 74 3.32 9.22 -16.51
CA ASN A 74 4.27 10.30 -16.17
C ASN A 74 3.93 11.01 -14.86
N GLU A 75 4.75 12.02 -14.52
CA GLU A 75 4.59 12.80 -13.28
C GLU A 75 3.18 13.36 -13.11
N GLY A 76 2.56 13.78 -14.20
CA GLY A 76 1.20 14.33 -14.12
C GLY A 76 0.16 13.33 -13.65
N ASP A 77 0.41 12.05 -13.88
CA ASP A 77 -0.52 10.99 -13.50
C ASP A 77 -0.59 10.74 -11.99
N VAL A 78 0.53 10.96 -11.28
CA VAL A 78 0.55 10.76 -9.82
C VAL A 78 -0.53 11.59 -9.11
N LYS A 79 -0.89 12.73 -9.70
CA LYS A 79 -1.94 13.59 -9.15
C LYS A 79 -3.28 12.88 -9.20
N SER A 80 -3.52 12.15 -10.29
CA SER A 80 -4.76 11.39 -10.45
C SER A 80 -4.76 10.24 -9.45
N PHE A 81 -3.56 9.73 -9.13
CA PHE A 81 -3.41 8.65 -8.16
C PHE A 81 -3.82 9.17 -6.77
N SER A 82 -3.48 10.43 -6.50
CA SER A 82 -3.87 11.08 -5.24
C SER A 82 -5.40 11.12 -5.16
N ARG A 83 -6.03 11.41 -6.30
CA ARG A 83 -7.49 11.44 -6.39
C ARG A 83 -8.08 10.06 -6.04
N VAL A 84 -7.38 9.00 -6.46
CA VAL A 84 -7.79 7.63 -6.15
C VAL A 84 -7.70 7.41 -4.65
N MET A 85 -6.56 7.79 -4.09
CA MET A 85 -6.29 7.64 -2.66
C MET A 85 -7.31 8.42 -1.83
N VAL A 86 -7.52 9.70 -2.16
CA VAL A 86 -8.47 10.52 -1.41
C VAL A 86 -9.92 10.00 -1.55
N HIS A 87 -10.26 9.41 -2.69
CA HIS A 87 -11.60 8.88 -2.90
C HIS A 87 -11.80 7.59 -2.07
N VAL A 88 -10.83 6.68 -2.13
CA VAL A 88 -10.93 5.41 -1.38
C VAL A 88 -10.98 5.66 0.14
N PHE A 89 -10.33 6.73 0.59
CA PHE A 89 -10.33 7.06 2.02
C PHE A 89 -11.39 8.13 2.35
N LYS A 90 -12.18 8.52 1.34
CA LYS A 90 -13.22 9.55 1.52
C LYS A 90 -14.43 9.03 2.31
N ASP A 91 -14.57 7.72 2.41
CA ASP A 91 -15.68 7.12 3.14
C ASP A 91 -15.52 7.35 4.65
N GLY A 92 -14.35 7.80 5.06
CA GLY A 92 -14.09 8.04 6.47
C GLY A 92 -13.49 6.84 7.17
N VAL A 93 -13.66 5.66 6.57
CA VAL A 93 -13.15 4.42 7.14
C VAL A 93 -11.78 4.05 6.55
N THR A 94 -10.71 4.47 7.22
CA THR A 94 -9.36 4.16 6.79
C THR A 94 -8.99 2.73 7.21
N ASN A 95 -9.73 1.76 6.68
CA ASN A 95 -9.52 0.36 6.99
C ASN A 95 -8.16 -0.14 6.49
N TRP A 96 -7.49 -0.93 7.31
CA TRP A 96 -6.18 -1.48 6.96
C TRP A 96 -6.23 -2.24 5.63
N GLY A 97 -7.32 -2.95 5.42
CA GLY A 97 -7.50 -3.68 4.16
C GLY A 97 -7.45 -2.75 2.96
N ARG A 98 -7.92 -1.51 3.13
CA ARG A 98 -7.90 -0.52 2.07
C ARG A 98 -6.48 0.02 1.87
N ILE A 99 -5.79 0.26 3.00
CA ILE A 99 -4.43 0.76 2.97
C ILE A 99 -3.50 -0.27 2.29
N VAL A 100 -3.59 -1.53 2.71
CA VAL A 100 -2.77 -2.59 2.14
C VAL A 100 -3.17 -2.86 0.69
N THR A 101 -4.47 -2.81 0.39
CA THR A 101 -4.93 -3.03 -0.99
C THR A 101 -4.36 -1.96 -1.91
N LEU A 102 -4.32 -0.71 -1.45
CA LEU A 102 -3.75 0.37 -2.23
C LEU A 102 -2.25 0.13 -2.44
N ILE A 103 -1.60 -0.44 -1.43
CA ILE A 103 -0.17 -0.77 -1.53
C ILE A 103 0.01 -1.92 -2.52
N SER A 104 -0.91 -2.89 -2.45
CA SER A 104 -0.92 -4.05 -3.34
C SER A 104 -1.08 -3.59 -4.79
N PHE A 105 -2.07 -2.71 -5.01
CA PHE A 105 -2.32 -2.16 -6.34
C PHE A 105 -1.12 -1.34 -6.80
N GLY A 106 -0.60 -0.50 -5.89
CA GLY A 106 0.57 0.30 -6.20
C GLY A 106 1.74 -0.57 -6.61
N ALA A 107 1.97 -1.64 -5.85
CA ALA A 107 3.03 -2.60 -6.15
C ALA A 107 2.82 -3.23 -7.53
N PHE A 108 1.55 -3.50 -7.87
CA PHE A 108 1.21 -4.07 -9.18
C PHE A 108 1.64 -3.11 -10.30
N VAL A 109 1.42 -1.81 -10.05
CA VAL A 109 1.81 -0.77 -11.00
C VAL A 109 3.35 -0.70 -11.08
N ALA A 110 4.01 -0.82 -9.93
CA ALA A 110 5.48 -0.80 -9.87
C ALA A 110 6.04 -1.92 -10.75
N LYS A 111 5.41 -3.10 -10.67
CA LYS A 111 5.81 -4.24 -11.48
C LYS A 111 5.64 -3.92 -12.97
N HIS A 112 4.49 -3.31 -13.32
CA HIS A 112 4.24 -2.92 -14.70
C HIS A 112 5.29 -1.92 -15.17
N LEU A 113 5.65 -1.01 -14.27
CA LEU A 113 6.67 -0.01 -14.55
C LEU A 113 8.03 -0.70 -14.79
N LYS A 114 8.42 -1.57 -13.86
CA LYS A 114 9.69 -2.30 -13.97
C LYS A 114 9.71 -3.19 -15.23
N SER A 115 8.53 -3.66 -15.64
CA SER A 115 8.41 -4.51 -16.83
C SER A 115 8.97 -3.81 -18.07
N VAL A 116 8.83 -2.49 -18.10
CA VAL A 116 9.34 -1.66 -19.20
C VAL A 116 10.49 -0.77 -18.69
N ASN A 117 10.98 -1.11 -17.50
CA ASN A 117 12.08 -0.39 -16.84
C ASN A 117 11.77 1.09 -16.60
N GLN A 118 10.58 1.38 -16.07
CA GLN A 118 10.18 2.76 -15.78
C GLN A 118 10.62 3.20 -14.38
N GLU A 119 11.83 2.78 -13.97
CA GLU A 119 12.38 3.12 -12.65
C GLU A 119 12.28 4.62 -12.35
N SER A 120 12.51 5.44 -13.37
CA SER A 120 12.45 6.89 -13.24
C SER A 120 11.06 7.37 -12.80
N PHE A 121 10.05 6.52 -12.99
CA PHE A 121 8.69 6.85 -12.59
C PHE A 121 8.29 6.12 -11.30
N ILE A 122 8.99 5.03 -11.01
CA ILE A 122 8.72 4.24 -9.80
C ILE A 122 9.04 5.06 -8.54
N GLU A 123 10.18 5.76 -8.57
CA GLU A 123 10.58 6.59 -7.43
C GLU A 123 9.48 7.61 -7.06
N PRO A 124 9.05 8.49 -8.00
CA PRO A 124 8.00 9.47 -7.72
C PRO A 124 6.65 8.80 -7.42
N LEU A 125 6.34 7.70 -8.08
CA LEU A 125 5.08 6.99 -7.86
C LEU A 125 5.01 6.41 -6.44
N ALA A 126 6.01 5.59 -6.08
CA ALA A 126 6.07 4.98 -4.76
C ALA A 126 6.07 6.02 -3.65
N GLU A 127 6.87 7.07 -3.83
CA GLU A 127 6.95 8.14 -2.84
C GLU A 127 5.63 8.92 -2.75
N THR A 128 4.99 9.17 -3.89
CA THR A 128 3.71 9.88 -3.92
C THR A 128 2.63 9.07 -3.19
N ILE A 129 2.58 7.76 -3.49
CA ILE A 129 1.61 6.88 -2.85
C ILE A 129 1.71 6.97 -1.33
N THR A 130 2.92 6.79 -0.79
CA THR A 130 3.15 6.86 0.66
C THR A 130 2.68 8.19 1.24
N ASP A 131 3.15 9.29 0.65
CA ASP A 131 2.79 10.63 1.12
C ASP A 131 1.28 10.83 1.20
N VAL A 132 0.56 10.51 0.12
CA VAL A 132 -0.88 10.68 0.09
C VAL A 132 -1.59 9.66 0.99
N LEU A 133 -1.19 8.39 0.89
CA LEU A 133 -1.82 7.31 1.68
C LEU A 133 -1.62 7.49 3.20
N VAL A 134 -0.43 7.90 3.62
CA VAL A 134 -0.16 8.07 5.05
C VAL A 134 -0.55 9.45 5.60
N ARG A 135 -0.19 10.53 4.91
CA ARG A 135 -0.47 11.88 5.41
C ARG A 135 -1.96 12.28 5.37
N THR A 136 -2.73 11.82 4.37
CA THR A 136 -4.15 12.19 4.32
C THR A 136 -4.91 11.66 5.54
N LYS A 137 -4.45 10.53 6.08
CA LYS A 137 -5.07 9.93 7.25
C LYS A 137 -4.04 9.71 8.37
N ARG A 138 -3.16 10.70 8.56
CA ARG A 138 -2.10 10.62 9.58
C ARG A 138 -2.65 10.30 10.99
N ASP A 139 -3.83 10.83 11.30
CA ASP A 139 -4.44 10.61 12.61
C ASP A 139 -4.75 9.13 12.84
N TRP A 140 -5.31 8.48 11.82
CA TRP A 140 -5.64 7.05 11.90
C TRP A 140 -4.38 6.22 12.13
N LEU A 141 -3.28 6.68 11.53
CA LEU A 141 -2.00 6.01 11.68
C LEU A 141 -1.46 6.17 13.10
N VAL A 142 -1.50 7.39 13.61
CA VAL A 142 -1.02 7.67 14.99
C VAL A 142 -1.84 6.87 16.01
N LYS A 143 -3.12 6.67 15.71
CA LYS A 143 -4.02 5.93 16.59
C LYS A 143 -3.56 4.48 16.82
N GLN A 144 -3.09 3.81 15.76
CA GLN A 144 -2.62 2.42 15.90
C GLN A 144 -1.11 2.29 15.70
N ARG A 145 -0.36 3.35 16.00
CA ARG A 145 1.12 3.35 15.87
C ARG A 145 1.58 3.07 14.42
N GLY A 146 0.65 3.15 13.48
CA GLY A 146 0.98 2.91 12.08
C GLY A 146 1.19 1.46 11.72
N TRP A 147 2.44 1.10 11.47
CA TRP A 147 2.80 -0.25 11.07
C TRP A 147 2.60 -1.27 12.19
N ASP A 148 2.74 -0.84 13.45
CA ASP A 148 2.54 -1.75 14.57
C ASP A 148 1.10 -2.27 14.57
N GLY A 149 0.14 -1.36 14.36
CA GLY A 149 -1.26 -1.76 14.30
C GLY A 149 -1.55 -2.57 13.05
N PHE A 150 -0.86 -2.26 11.95
CA PHE A 150 -1.03 -2.96 10.68
C PHE A 150 -0.46 -4.39 10.77
N VAL A 151 0.74 -4.52 11.32
CA VAL A 151 1.38 -5.82 11.47
C VAL A 151 0.57 -6.74 12.38
N GLU A 152 0.22 -6.23 13.56
CA GLU A 152 -0.55 -6.99 14.53
C GLU A 152 -1.99 -7.24 14.05
N PHE A 153 -2.48 -6.40 13.14
CA PHE A 153 -3.83 -6.57 12.59
C PHE A 153 -3.88 -7.78 11.65
N PHE A 154 -2.80 -8.01 10.91
CA PHE A 154 -2.75 -9.15 9.98
C PHE A 154 -1.98 -10.33 10.57
N HIS A 155 -1.39 -10.14 11.74
CA HIS A 155 -0.65 -11.20 12.41
C HIS A 155 -1.49 -11.80 13.55
N VAL A 156 -2.82 -11.78 13.39
CA VAL A 156 -3.73 -12.32 14.40
C VAL A 156 -3.45 -13.81 14.68
N GLN A 157 -2.87 -14.48 13.69
CA GLN A 157 -2.52 -15.90 13.81
C GLN A 157 -1.13 -16.06 14.42
N ASP A 158 -0.10 -15.90 13.59
CA ASP A 158 1.28 -16.02 14.05
C ASP A 158 1.81 -14.68 14.61
N LEU A 159 1.34 -14.32 15.80
CA LEU A 159 1.77 -13.07 16.44
C LEU A 159 3.26 -13.08 16.79
N GLU A 160 3.80 -14.27 17.06
CA GLU A 160 5.21 -14.43 17.41
C GLU A 160 6.10 -14.49 16.17
N GLY A 161 5.50 -14.70 15.00
CA GLY A 161 6.25 -14.77 13.77
C GLY A 161 6.49 -13.40 13.15
N GLY A 162 7.30 -13.35 12.09
CA GLY A 162 7.58 -12.08 11.43
C GLY A 162 9.02 -11.96 10.96
N ALA B 1 -5.83 9.99 -21.41
CA ALA B 1 -7.22 10.51 -21.24
C ALA B 1 -7.51 10.78 -19.76
N GLU B 2 -8.80 10.77 -19.39
CA GLU B 2 -9.17 11.00 -18.00
C GLU B 2 -9.36 9.67 -17.27
N LEU B 3 -9.39 9.73 -15.93
CA LEU B 3 -9.55 8.53 -15.12
C LEU B 3 -10.91 8.49 -14.42
N PRO B 4 -11.75 7.50 -14.77
CA PRO B 4 -13.08 7.32 -14.17
C PRO B 4 -12.99 6.73 -12.75
N PRO B 5 -13.90 7.13 -11.85
CA PRO B 5 -13.91 6.64 -10.45
C PRO B 5 -14.29 5.16 -10.29
N GLU B 6 -13.88 4.32 -11.24
CA GLU B 6 -14.17 2.88 -11.19
C GLU B 6 -13.14 2.17 -10.31
N PHE B 7 -11.88 2.56 -10.46
CA PHE B 7 -10.79 1.99 -9.68
C PHE B 7 -11.03 2.15 -8.17
N ALA B 8 -11.59 3.30 -7.79
CA ALA B 8 -11.87 3.60 -6.39
C ALA B 8 -12.93 2.67 -5.80
N ALA B 9 -13.96 2.37 -6.59
CA ALA B 9 -15.01 1.47 -6.15
C ALA B 9 -14.47 0.06 -5.95
N GLN B 10 -13.70 -0.40 -6.93
CA GLN B 10 -13.09 -1.73 -6.87
C GLN B 10 -12.12 -1.83 -5.69
N LEU B 11 -11.19 -0.86 -5.60
CA LEU B 11 -10.23 -0.83 -4.50
C LEU B 11 -10.95 -0.78 -3.16
N ARG B 12 -12.02 0.03 -3.10
CA ARG B 12 -12.83 0.15 -1.88
C ARG B 12 -13.41 -1.21 -1.49
N LYS B 13 -14.04 -1.89 -2.46
CA LYS B 13 -14.61 -3.21 -2.23
C LYS B 13 -13.55 -4.19 -1.75
N ILE B 14 -12.44 -4.26 -2.48
CA ILE B 14 -11.33 -5.16 -2.13
C ILE B 14 -10.80 -4.83 -0.73
N GLY B 15 -10.60 -3.55 -0.45
CA GLY B 15 -10.10 -3.13 0.84
C GLY B 15 -10.97 -3.58 1.99
N ASP B 16 -12.27 -3.30 1.90
CA ASP B 16 -13.20 -3.68 2.96
C ASP B 16 -13.36 -5.21 3.04
N LYS B 17 -13.36 -5.88 1.89
CA LYS B 17 -13.47 -7.33 1.84
C LYS B 17 -12.28 -7.98 2.55
N VAL B 18 -11.07 -7.55 2.19
CA VAL B 18 -9.86 -8.06 2.79
C VAL B 18 -9.81 -7.72 4.29
N TYR B 19 -10.09 -6.45 4.59
CA TYR B 19 -10.11 -5.96 5.97
C TYR B 19 -11.10 -6.75 6.84
N CYS B 20 -12.33 -6.89 6.37
CA CYS B 20 -13.37 -7.62 7.11
C CYS B 20 -13.01 -9.10 7.28
N THR B 21 -12.24 -9.63 6.35
CA THR B 21 -11.83 -11.03 6.39
C THR B 21 -10.68 -11.27 7.39
N TRP B 22 -9.68 -10.40 7.37
CA TRP B 22 -8.53 -10.54 8.27
C TRP B 22 -8.81 -10.00 9.67
N SER B 23 -9.82 -9.14 9.81
CA SER B 23 -10.17 -8.58 11.12
C SER B 23 -10.87 -9.61 12.03
N ALA B 24 -11.19 -10.77 11.48
CA ALA B 24 -11.85 -11.83 12.24
C ALA B 24 -10.85 -12.77 12.93
N PRO B 25 -10.90 -12.84 14.28
CA PRO B 25 -10.01 -13.70 15.05
C PRO B 25 -10.53 -15.15 15.16
N ASP B 26 -11.81 -15.34 14.84
CA ASP B 26 -12.43 -16.65 14.88
C ASP B 26 -12.06 -17.48 13.65
N MET B 27 -10.97 -18.23 13.76
CA MET B 27 -10.50 -19.08 12.65
C MET B 27 -10.39 -20.55 13.09
N GLY A 1 10.73 11.05 5.65
CA GLY A 1 11.44 11.80 4.58
C GLY A 1 12.67 12.54 5.12
N PRO A 2 12.82 13.84 4.81
CA PRO A 2 13.96 14.63 5.28
C PRO A 2 13.89 14.91 6.79
N LEU A 3 12.90 15.71 7.21
CA LEU A 3 12.72 16.05 8.62
C LEU A 3 11.39 16.78 8.81
N GLY A 4 10.77 16.63 9.98
CA GLY A 4 9.51 17.30 10.23
C GLY A 4 8.80 16.78 11.47
N SER A 5 7.74 17.47 11.86
CA SER A 5 6.95 17.09 13.04
C SER A 5 6.31 15.70 12.89
N GLU A 6 6.01 15.33 11.66
CA GLU A 6 5.38 14.04 11.38
C GLU A 6 6.30 13.14 10.56
N ASP A 7 7.61 13.35 10.69
CA ASP A 7 8.60 12.57 9.93
C ASP A 7 8.81 11.17 10.52
N ASP A 8 8.61 11.01 11.82
CA ASP A 8 8.81 9.70 12.47
C ASP A 8 7.97 8.61 11.79
N LEU A 9 6.65 8.83 11.72
CA LEU A 9 5.76 7.87 11.10
C LEU A 9 5.98 7.83 9.59
N TYR A 10 6.25 9.00 9.00
CA TYR A 10 6.50 9.13 7.58
C TYR A 10 7.72 8.32 7.14
N ARG A 11 8.79 8.34 7.94
CA ARG A 11 10.01 7.60 7.63
C ARG A 11 9.79 6.08 7.62
N GLN A 12 9.14 5.57 8.68
CA GLN A 12 8.85 4.14 8.77
C GLN A 12 7.94 3.70 7.61
N SER A 13 6.94 4.51 7.32
CA SER A 13 6.00 4.23 6.25
C SER A 13 6.68 4.27 4.89
N LEU A 14 7.35 5.40 4.59
CA LEU A 14 8.05 5.57 3.31
C LEU A 14 9.03 4.42 3.07
N GLU A 15 9.82 4.09 4.09
CA GLU A 15 10.80 3.02 3.97
C GLU A 15 10.15 1.66 3.72
N ILE A 16 9.21 1.26 4.58
CA ILE A 16 8.52 -0.02 4.43
C ILE A 16 7.79 -0.12 3.09
N ILE A 17 7.06 0.93 2.74
CA ILE A 17 6.32 0.95 1.46
C ILE A 17 7.28 0.87 0.27
N SER A 18 8.29 1.73 0.23
CA SER A 18 9.26 1.74 -0.88
C SER A 18 9.97 0.38 -0.99
N ARG A 19 10.35 -0.19 0.14
CA ARG A 19 11.02 -1.49 0.15
C ARG A 19 10.14 -2.56 -0.52
N TYR A 20 8.90 -2.64 -0.07
CA TYR A 20 7.95 -3.62 -0.63
C TYR A 20 7.63 -3.35 -2.11
N LEU A 21 7.31 -2.10 -2.45
CA LEU A 21 6.96 -1.75 -3.84
C LEU A 21 8.08 -2.13 -4.82
N ARG A 22 9.33 -1.80 -4.47
CA ARG A 22 10.47 -2.13 -5.33
C ARG A 22 10.74 -3.64 -5.34
N GLU A 23 10.70 -4.26 -4.16
CA GLU A 23 10.93 -5.71 -4.05
C GLU A 23 9.86 -6.48 -4.83
N GLN A 24 8.64 -5.96 -4.81
CA GLN A 24 7.52 -6.56 -5.52
C GLN A 24 7.68 -6.34 -7.03
N ALA A 25 7.99 -5.10 -7.42
CA ALA A 25 8.18 -4.75 -8.83
C ALA A 25 9.35 -5.52 -9.45
N THR A 26 10.29 -5.96 -8.64
CA THR A 26 11.44 -6.72 -9.12
C THR A 26 11.22 -8.23 -9.02
N GLY A 27 10.13 -8.63 -8.37
CA GLY A 27 9.79 -10.04 -8.22
C GLY A 27 10.88 -10.83 -7.51
N SER A 28 11.64 -10.18 -6.64
CA SER A 28 12.73 -10.84 -5.92
C SER A 28 12.59 -10.64 -4.41
N LYS A 29 13.47 -11.29 -3.64
CA LYS A 29 13.44 -11.18 -2.17
C LYS A 29 14.78 -10.72 -1.62
N ASP A 30 14.76 -9.64 -0.83
CA ASP A 30 15.96 -9.10 -0.22
C ASP A 30 16.01 -9.43 1.29
N SER A 31 17.21 -9.80 1.76
CA SER A 31 17.39 -10.14 3.18
C SER A 31 17.88 -8.92 3.97
N LYS A 32 18.42 -7.92 3.26
CA LYS A 32 18.93 -6.70 3.89
C LYS A 32 17.81 -5.97 4.65
N PRO A 33 18.16 -5.35 5.80
CA PRO A 33 17.21 -4.62 6.64
C PRO A 33 16.59 -3.40 5.95
N LEU A 34 15.46 -2.93 6.50
CA LEU A 34 14.76 -1.76 5.97
C LEU A 34 15.70 -0.55 5.86
N GLY A 35 16.23 -0.15 7.00
CA GLY A 35 17.12 1.00 7.07
C GLY A 35 17.03 1.71 8.40
N GLU A 36 15.90 2.37 8.63
CA GLU A 36 15.64 3.07 9.89
C GLU A 36 14.56 2.35 10.70
N ALA A 37 13.58 1.79 10.00
CA ALA A 37 12.50 1.04 10.64
C ALA A 37 12.94 -0.40 10.90
N GLY A 38 13.59 -0.64 12.03
CA GLY A 38 14.07 -1.99 12.35
C GLY A 38 12.99 -2.93 12.85
N ALA A 39 12.51 -2.72 14.08
CA ALA A 39 11.49 -3.58 14.67
C ALA A 39 10.17 -3.55 13.90
N ALA A 40 9.62 -2.35 13.74
CA ALA A 40 8.37 -2.17 13.01
C ALA A 40 8.57 -2.51 11.53
N GLY A 41 9.66 -2.03 10.95
CA GLY A 41 9.95 -2.29 9.55
C GLY A 41 10.04 -3.78 9.21
N ARG A 42 10.86 -4.53 9.92
CA ARG A 42 11.01 -5.96 9.66
C ARG A 42 9.70 -6.73 9.85
N ARG A 43 8.97 -6.44 10.93
CA ARG A 43 7.69 -7.11 11.18
C ARG A 43 6.66 -6.71 10.13
N ALA A 44 6.66 -5.44 9.74
CA ALA A 44 5.74 -4.95 8.72
C ALA A 44 6.12 -5.48 7.35
N LEU A 45 7.41 -5.65 7.10
CA LEU A 45 7.88 -6.18 5.82
C LEU A 45 7.36 -7.60 5.59
N GLU A 46 7.44 -8.46 6.62
CA GLU A 46 6.96 -9.83 6.49
C GLU A 46 5.43 -9.87 6.31
N THR A 47 4.73 -9.09 7.14
CA THR A 47 3.27 -9.04 7.08
C THR A 47 2.78 -8.46 5.74
N LEU A 48 3.35 -7.32 5.35
CA LEU A 48 2.98 -6.65 4.10
C LEU A 48 3.25 -7.56 2.90
N ARG A 49 4.31 -8.35 2.96
CA ARG A 49 4.64 -9.26 1.88
C ARG A 49 3.56 -10.33 1.73
N ARG A 50 3.13 -10.90 2.85
CA ARG A 50 2.12 -11.95 2.83
C ARG A 50 0.73 -11.40 2.43
N VAL A 51 0.28 -10.35 3.10
CA VAL A 51 -1.04 -9.76 2.83
C VAL A 51 -1.08 -9.04 1.47
N GLY A 52 -0.04 -8.28 1.17
CA GLY A 52 0.00 -7.54 -0.09
C GLY A 52 0.09 -8.42 -1.32
N ASP A 53 1.06 -9.34 -1.33
CA ASP A 53 1.24 -10.25 -2.45
C ASP A 53 0.02 -11.15 -2.61
N GLY A 54 -0.57 -11.54 -1.48
CA GLY A 54 -1.75 -12.36 -1.51
C GLY A 54 -2.89 -11.65 -2.24
N VAL A 55 -3.12 -10.39 -1.90
CA VAL A 55 -4.16 -9.58 -2.54
C VAL A 55 -3.87 -9.36 -4.02
N GLN A 56 -2.59 -9.10 -4.34
CA GLN A 56 -2.17 -8.88 -5.73
C GLN A 56 -2.46 -10.08 -6.62
N ARG A 57 -2.09 -11.27 -6.17
CA ARG A 57 -2.33 -12.48 -6.93
C ARG A 57 -3.82 -12.84 -6.95
N ASN A 58 -4.50 -12.65 -5.82
CA ASN A 58 -5.93 -12.95 -5.73
C ASN A 58 -6.77 -12.01 -6.59
N HIS A 59 -6.57 -10.70 -6.43
CA HIS A 59 -7.35 -9.72 -7.19
C HIS A 59 -6.56 -9.14 -8.38
N GLU A 60 -5.72 -9.96 -9.01
CA GLU A 60 -4.92 -9.49 -10.15
C GLU A 60 -5.82 -9.07 -11.31
N THR A 61 -6.88 -9.84 -11.55
CA THR A 61 -7.83 -9.55 -12.63
C THR A 61 -8.48 -8.18 -12.41
N ALA A 62 -8.87 -7.91 -11.17
CA ALA A 62 -9.47 -6.63 -10.81
C ALA A 62 -8.45 -5.51 -10.99
N PHE A 63 -7.22 -5.76 -10.56
CA PHE A 63 -6.14 -4.79 -10.69
C PHE A 63 -5.87 -4.50 -12.17
N GLN A 64 -5.86 -5.55 -12.98
CA GLN A 64 -5.65 -5.41 -14.42
C GLN A 64 -6.71 -4.49 -15.03
N GLY A 65 -7.98 -4.70 -14.68
CA GLY A 65 -9.06 -3.85 -15.19
C GLY A 65 -8.82 -2.39 -14.88
N MET A 66 -8.44 -2.10 -13.63
CA MET A 66 -8.15 -0.73 -13.23
C MET A 66 -6.94 -0.22 -14.02
N LEU A 67 -5.94 -1.08 -14.16
CA LEU A 67 -4.73 -0.75 -14.92
C LEU A 67 -5.05 -0.39 -16.36
N ARG A 68 -5.93 -1.17 -16.99
CA ARG A 68 -6.33 -0.92 -18.38
C ARG A 68 -7.01 0.45 -18.51
N LYS A 69 -7.75 0.84 -17.48
CA LYS A 69 -8.43 2.14 -17.50
C LYS A 69 -7.60 3.22 -16.81
N LEU A 70 -6.34 2.94 -16.54
CA LEU A 70 -5.47 3.92 -15.89
C LEU A 70 -4.58 4.64 -16.90
N ASP A 71 -4.16 5.85 -16.56
CA ASP A 71 -3.30 6.65 -17.42
C ASP A 71 -1.85 6.67 -16.90
N ILE A 72 -1.53 5.72 -16.01
CA ILE A 72 -0.19 5.62 -15.43
C ILE A 72 0.87 5.42 -16.51
N LYS A 73 1.63 6.49 -16.78
CA LYS A 73 2.69 6.47 -17.80
C LYS A 73 3.70 7.60 -17.55
N ASN A 74 3.22 8.83 -17.69
CA ASN A 74 4.03 10.03 -17.50
C ASN A 74 3.71 10.70 -16.16
N GLU A 75 4.31 11.86 -15.89
CA GLU A 75 4.11 12.61 -14.63
C GLU A 75 2.63 12.74 -14.21
N GLY A 76 1.72 12.62 -15.19
CA GLY A 76 0.29 12.69 -14.89
C GLY A 76 -0.21 11.53 -14.03
N ASP A 77 0.52 10.41 -14.06
CA ASP A 77 0.15 9.21 -13.32
C ASP A 77 0.00 9.44 -11.81
N VAL A 78 0.95 10.16 -11.18
CA VAL A 78 0.87 10.43 -9.74
C VAL A 78 -0.40 11.20 -9.38
N LYS A 79 -0.89 12.01 -10.31
CA LYS A 79 -2.11 12.78 -10.11
C LYS A 79 -3.32 11.86 -10.22
N SER A 80 -3.28 10.98 -11.22
CA SER A 80 -4.37 10.03 -11.44
C SER A 80 -4.46 9.05 -10.26
N PHE A 81 -3.30 8.61 -9.76
CA PHE A 81 -3.26 7.71 -8.63
C PHE A 81 -3.80 8.40 -7.39
N SER A 82 -3.42 9.66 -7.19
CA SER A 82 -3.89 10.45 -6.06
C SER A 82 -5.42 10.59 -6.10
N ARG A 83 -5.96 10.87 -7.29
CA ARG A 83 -7.41 11.00 -7.46
C ARG A 83 -8.13 9.73 -6.97
N VAL A 84 -7.57 8.58 -7.34
CA VAL A 84 -8.14 7.30 -6.94
C VAL A 84 -7.96 7.05 -5.44
N MET A 85 -6.72 7.15 -4.95
CA MET A 85 -6.42 6.91 -3.54
C MET A 85 -7.17 7.87 -2.61
N VAL A 86 -7.33 9.13 -3.03
CA VAL A 86 -8.06 10.10 -2.21
C VAL A 86 -9.54 9.69 -2.14
N HIS A 87 -10.08 9.23 -3.27
CA HIS A 87 -11.47 8.79 -3.33
C HIS A 87 -11.64 7.49 -2.52
N VAL A 88 -10.68 6.58 -2.62
CA VAL A 88 -10.74 5.31 -1.88
C VAL A 88 -10.88 5.56 -0.37
N PHE A 89 -10.20 6.57 0.13
CA PHE A 89 -10.27 6.91 1.55
C PHE A 89 -11.15 8.15 1.79
N LYS A 90 -12.01 8.47 0.82
CA LYS A 90 -12.89 9.64 0.92
C LYS A 90 -14.12 9.33 1.79
N ASP A 91 -14.31 8.05 2.14
CA ASP A 91 -15.45 7.66 2.96
C ASP A 91 -15.28 8.16 4.40
N GLY A 92 -14.05 8.51 4.77
CA GLY A 92 -13.78 9.01 6.11
C GLY A 92 -13.27 7.93 7.05
N VAL A 93 -13.47 6.67 6.69
CA VAL A 93 -13.02 5.56 7.52
C VAL A 93 -11.69 4.98 7.03
N THR A 94 -10.73 4.82 7.95
CA THR A 94 -9.42 4.27 7.62
C THR A 94 -9.37 2.76 7.86
N ASN A 95 -9.54 1.97 6.81
CA ASN A 95 -9.49 0.52 6.94
C ASN A 95 -8.13 -0.03 6.49
N TRP A 96 -7.54 -0.90 7.33
CA TRP A 96 -6.25 -1.51 7.03
C TRP A 96 -6.28 -2.23 5.68
N GLY A 97 -7.36 -2.97 5.44
CA GLY A 97 -7.52 -3.70 4.20
C GLY A 97 -7.46 -2.78 2.98
N ARG A 98 -7.93 -1.55 3.13
CA ARG A 98 -7.90 -0.59 2.04
C ARG A 98 -6.48 -0.08 1.84
N ILE A 99 -5.76 0.08 2.94
CA ILE A 99 -4.38 0.55 2.90
C ILE A 99 -3.47 -0.49 2.23
N VAL A 100 -3.54 -1.74 2.70
CA VAL A 100 -2.73 -2.82 2.12
C VAL A 100 -3.09 -3.04 0.65
N THR A 101 -4.38 -2.91 0.31
CA THR A 101 -4.83 -3.08 -1.07
C THR A 101 -4.24 -1.97 -1.94
N LEU A 102 -4.16 -0.76 -1.37
CA LEU A 102 -3.57 0.38 -2.07
C LEU A 102 -2.07 0.11 -2.31
N ILE A 103 -1.40 -0.45 -1.30
CA ILE A 103 0.02 -0.79 -1.42
C ILE A 103 0.23 -1.87 -2.47
N SER A 104 -0.57 -2.94 -2.37
CA SER A 104 -0.51 -4.06 -3.32
C SER A 104 -0.75 -3.55 -4.75
N PHE A 105 -1.71 -2.65 -4.89
CA PHE A 105 -2.03 -2.04 -6.18
C PHE A 105 -0.84 -1.21 -6.67
N GLY A 106 -0.27 -0.41 -5.76
CA GLY A 106 0.90 0.41 -6.10
C GLY A 106 2.04 -0.45 -6.59
N ALA A 107 2.25 -1.59 -5.93
CA ALA A 107 3.29 -2.53 -6.32
C ALA A 107 3.01 -3.11 -7.71
N PHE A 108 1.73 -3.44 -7.95
CA PHE A 108 1.30 -3.97 -9.24
C PHE A 108 1.59 -2.94 -10.34
N VAL A 109 1.33 -1.68 -10.02
CA VAL A 109 1.60 -0.58 -10.95
C VAL A 109 3.11 -0.45 -11.17
N ALA A 110 3.86 -0.37 -10.06
CA ALA A 110 5.33 -0.29 -10.10
C ALA A 110 5.91 -1.44 -10.93
N LYS A 111 5.34 -2.63 -10.78
CA LYS A 111 5.78 -3.81 -11.53
C LYS A 111 5.59 -3.60 -13.03
N HIS A 112 4.44 -3.03 -13.41
CA HIS A 112 4.15 -2.76 -14.82
C HIS A 112 5.13 -1.72 -15.37
N LEU A 113 5.51 -0.75 -14.54
CA LEU A 113 6.47 0.27 -14.94
C LEU A 113 7.89 -0.30 -14.98
N LYS A 114 8.23 -1.11 -13.99
CA LYS A 114 9.55 -1.74 -13.91
C LYS A 114 9.77 -2.67 -15.11
N SER A 115 8.67 -3.20 -15.66
CA SER A 115 8.74 -4.07 -16.82
C SER A 115 9.38 -3.36 -18.01
N VAL A 116 9.17 -2.04 -18.07
CA VAL A 116 9.75 -1.21 -19.13
C VAL A 116 10.84 -0.29 -18.54
N ASN A 117 11.28 -0.65 -17.33
CA ASN A 117 12.32 0.09 -16.60
C ASN A 117 11.94 1.56 -16.31
N GLN A 118 10.71 1.81 -15.88
CA GLN A 118 10.28 3.16 -15.54
C GLN A 118 10.52 3.46 -14.07
N GLU A 119 11.63 2.95 -13.52
CA GLU A 119 11.98 3.15 -12.11
C GLU A 119 12.09 4.64 -11.75
N SER A 120 12.47 5.45 -12.74
CA SER A 120 12.60 6.90 -12.56
C SER A 120 11.24 7.52 -12.22
N PHE A 121 10.17 6.83 -12.61
CA PHE A 121 8.81 7.28 -12.32
C PHE A 121 8.23 6.54 -11.10
N ILE A 122 8.76 5.36 -10.84
CA ILE A 122 8.30 4.54 -9.72
C ILE A 122 8.62 5.21 -8.38
N GLU A 123 9.82 5.80 -8.26
CA GLU A 123 10.20 6.49 -7.03
C GLU A 123 9.20 7.60 -6.67
N PRO A 124 8.94 8.59 -7.57
CA PRO A 124 7.95 9.64 -7.31
C PRO A 124 6.56 9.06 -7.03
N LEU A 125 6.25 7.93 -7.67
CA LEU A 125 4.97 7.24 -7.48
C LEU A 125 4.87 6.71 -6.04
N ALA A 126 5.86 5.92 -5.64
CA ALA A 126 5.91 5.34 -4.30
C ALA A 126 5.95 6.43 -3.24
N GLU A 127 6.70 7.50 -3.53
CA GLU A 127 6.80 8.64 -2.62
C GLU A 127 5.45 9.35 -2.51
N THR A 128 4.79 9.54 -3.66
CA THR A 128 3.48 10.20 -3.69
C THR A 128 2.44 9.36 -2.97
N ILE A 129 2.44 8.05 -3.22
CA ILE A 129 1.50 7.13 -2.57
C ILE A 129 1.64 7.23 -1.05
N THR A 130 2.87 7.02 -0.58
CA THR A 130 3.15 7.10 0.86
C THR A 130 2.81 8.48 1.41
N ASP A 131 3.22 9.50 0.67
CA ASP A 131 2.97 10.89 1.04
C ASP A 131 1.47 11.16 1.23
N VAL A 132 0.67 10.92 0.20
CA VAL A 132 -0.77 11.14 0.29
C VAL A 132 -1.38 10.33 1.43
N LEU A 133 -0.91 9.09 1.60
CA LEU A 133 -1.41 8.21 2.66
C LEU A 133 -1.15 8.80 4.05
N VAL A 134 0.08 9.26 4.29
CA VAL A 134 0.45 9.84 5.59
C VAL A 134 -0.05 11.29 5.73
N ARG A 135 -0.29 11.96 4.61
CA ARG A 135 -0.75 13.34 4.63
C ARG A 135 -2.28 13.42 4.84
N THR A 136 -2.99 12.37 4.44
CA THR A 136 -4.46 12.37 4.58
C THR A 136 -4.91 11.59 5.81
N LYS A 137 -4.17 10.56 6.22
CA LYS A 137 -4.54 9.76 7.38
C LYS A 137 -3.52 9.85 8.51
N ARG A 138 -2.87 11.01 8.63
CA ARG A 138 -1.86 11.23 9.67
C ARG A 138 -2.40 10.97 11.08
N ASP A 139 -3.63 11.44 11.34
CA ASP A 139 -4.27 11.26 12.64
C ASP A 139 -4.48 9.79 12.97
N TRP A 140 -5.05 9.04 12.03
CA TRP A 140 -5.31 7.62 12.24
C TRP A 140 -4.02 6.79 12.28
N LEU A 141 -3.09 7.10 11.39
CA LEU A 141 -1.81 6.36 11.31
C LEU A 141 -1.02 6.48 12.62
N VAL A 142 -1.00 7.67 13.20
CA VAL A 142 -0.29 7.88 14.45
C VAL A 142 -1.08 7.33 15.64
N LYS A 143 -2.41 7.33 15.52
CA LYS A 143 -3.29 6.86 16.59
C LYS A 143 -3.33 5.33 16.69
N GLN A 144 -3.43 4.64 15.55
CA GLN A 144 -3.53 3.18 15.56
C GLN A 144 -2.16 2.48 15.60
N ARG A 145 -1.16 3.12 16.21
CA ARG A 145 0.20 2.54 16.33
C ARG A 145 0.89 2.35 14.97
N GLY A 146 0.25 2.84 13.92
CA GLY A 146 0.81 2.72 12.58
C GLY A 146 1.04 1.29 12.14
N TRP A 147 2.27 0.99 11.74
CA TRP A 147 2.63 -0.34 11.26
C TRP A 147 2.52 -1.40 12.37
N ASP A 148 2.67 -1.00 13.63
CA ASP A 148 2.56 -1.95 14.73
C ASP A 148 1.13 -2.52 14.80
N GLY A 149 0.14 -1.65 14.64
CA GLY A 149 -1.24 -2.09 14.63
C GLY A 149 -1.53 -2.90 13.38
N PHE A 150 -0.84 -2.55 12.30
CA PHE A 150 -0.98 -3.26 11.02
C PHE A 150 -0.42 -4.69 11.13
N VAL A 151 0.78 -4.81 11.69
CA VAL A 151 1.42 -6.12 11.86
C VAL A 151 0.57 -7.01 12.77
N GLU A 152 0.07 -6.42 13.86
CA GLU A 152 -0.76 -7.14 14.82
C GLU A 152 -2.08 -7.62 14.20
N PHE A 153 -2.76 -6.72 13.48
CA PHE A 153 -4.04 -7.04 12.85
C PHE A 153 -3.91 -8.16 11.80
N PHE A 154 -2.80 -8.19 11.08
CA PHE A 154 -2.59 -9.21 10.06
C PHE A 154 -1.68 -10.35 10.54
N HIS A 155 -1.72 -10.65 11.84
CA HIS A 155 -0.90 -11.72 12.40
C HIS A 155 -1.57 -12.40 13.59
N VAL A 156 -1.35 -13.70 13.73
CA VAL A 156 -1.91 -14.45 14.85
C VAL A 156 -1.01 -14.33 16.08
N GLN A 157 -1.60 -14.04 17.23
CA GLN A 157 -0.84 -13.90 18.47
C GLN A 157 -1.49 -14.68 19.61
N ASP A 158 -0.90 -15.84 19.94
CA ASP A 158 -1.43 -16.70 21.01
C ASP A 158 -1.14 -16.11 22.41
N LEU A 159 -1.63 -14.89 22.64
CA LEU A 159 -1.42 -14.21 23.92
C LEU A 159 -2.37 -14.76 24.99
N GLU A 160 -3.56 -15.16 24.58
CA GLU A 160 -4.56 -15.69 25.51
C GLU A 160 -4.60 -17.22 25.45
N GLY A 161 -3.50 -17.82 24.98
CA GLY A 161 -3.43 -19.27 24.88
C GLY A 161 -2.07 -19.83 25.30
N GLY A 162 -1.58 -19.37 26.46
CA GLY A 162 -0.29 -19.83 26.95
C GLY A 162 -0.23 -19.87 28.47
N ALA B 1 -16.27 14.60 -15.69
CA ALA B 1 -15.19 13.94 -14.90
C ALA B 1 -14.08 13.43 -15.82
N GLU B 2 -12.88 13.29 -15.27
CA GLU B 2 -11.73 12.81 -16.03
C GLU B 2 -11.40 11.35 -15.68
N LEU B 3 -11.58 11.00 -14.41
CA LEU B 3 -11.30 9.64 -13.95
C LEU B 3 -12.59 8.93 -13.52
N PRO B 4 -12.99 7.88 -14.25
CA PRO B 4 -14.19 7.09 -13.92
C PRO B 4 -14.00 6.38 -12.58
N PRO B 5 -14.80 6.72 -11.56
CA PRO B 5 -14.65 6.14 -10.21
C PRO B 5 -14.91 4.63 -10.08
N GLU B 6 -14.34 3.85 -10.99
CA GLU B 6 -14.46 2.41 -10.97
C GLU B 6 -13.38 1.81 -10.08
N PHE B 7 -12.11 2.12 -10.41
CA PHE B 7 -10.96 1.65 -9.63
C PHE B 7 -11.09 2.09 -8.17
N ALA B 8 -11.53 3.33 -7.97
CA ALA B 8 -11.71 3.85 -6.63
C ALA B 8 -12.74 3.04 -5.85
N ALA B 9 -13.89 2.79 -6.48
CA ALA B 9 -14.96 2.02 -5.85
C ALA B 9 -14.52 0.57 -5.63
N GLN B 10 -13.83 0.00 -6.62
CA GLN B 10 -13.34 -1.37 -6.54
C GLN B 10 -12.30 -1.51 -5.43
N LEU B 11 -11.29 -0.62 -5.41
CA LEU B 11 -10.25 -0.66 -4.39
C LEU B 11 -10.88 -0.56 -3.00
N ARG B 12 -11.95 0.22 -2.88
CA ARG B 12 -12.66 0.35 -1.62
C ARG B 12 -13.25 -1.00 -1.19
N LYS B 13 -13.93 -1.67 -2.13
CA LYS B 13 -14.54 -2.96 -1.85
C LYS B 13 -13.49 -4.04 -1.58
N ILE B 14 -12.41 -4.06 -2.37
CA ILE B 14 -11.34 -5.03 -2.15
C ILE B 14 -10.73 -4.82 -0.77
N GLY B 15 -10.55 -3.55 -0.41
CA GLY B 15 -10.03 -3.21 0.90
C GLY B 15 -10.93 -3.68 2.02
N ASP B 16 -12.23 -3.39 1.91
CA ASP B 16 -13.21 -3.82 2.90
C ASP B 16 -13.20 -5.35 3.00
N LYS B 17 -13.17 -6.00 1.83
CA LYS B 17 -13.13 -7.44 1.74
C LYS B 17 -11.91 -8.01 2.45
N VAL B 18 -10.73 -7.50 2.12
CA VAL B 18 -9.48 -7.96 2.72
C VAL B 18 -9.50 -7.77 4.25
N TYR B 19 -9.87 -6.57 4.69
CA TYR B 19 -9.92 -6.25 6.11
C TYR B 19 -10.88 -7.18 6.87
N CYS B 20 -12.06 -7.44 6.31
CA CYS B 20 -13.04 -8.32 6.98
C CYS B 20 -12.61 -9.80 6.90
N THR B 21 -11.94 -10.16 5.81
CA THR B 21 -11.47 -11.53 5.62
C THR B 21 -10.38 -11.89 6.62
N TRP B 22 -9.49 -10.95 6.91
CA TRP B 22 -8.41 -11.20 7.86
C TRP B 22 -8.90 -11.05 9.31
N SER B 23 -9.96 -10.26 9.49
CA SER B 23 -10.55 -10.06 10.82
C SER B 23 -11.20 -11.36 11.31
N ALA B 24 -11.92 -12.03 10.42
CA ALA B 24 -12.60 -13.28 10.76
C ALA B 24 -11.69 -14.49 10.54
N PRO B 25 -11.54 -15.35 11.56
CA PRO B 25 -10.70 -16.54 11.47
C PRO B 25 -11.35 -17.70 10.71
N ASP B 26 -11.67 -17.47 9.43
CA ASP B 26 -12.30 -18.49 8.59
C ASP B 26 -11.27 -19.50 8.09
N MET B 27 -10.82 -20.37 8.99
CA MET B 27 -9.83 -21.40 8.64
C MET B 27 -10.36 -22.80 8.97
N GLY A 1 10.83 17.31 9.98
CA GLY A 1 9.42 17.73 10.20
C GLY A 1 8.93 17.43 11.61
N PRO A 2 7.67 17.00 11.77
CA PRO A 2 7.08 16.70 13.08
C PRO A 2 7.61 15.38 13.67
N LEU A 3 8.70 15.48 14.43
CA LEU A 3 9.33 14.30 15.05
C LEU A 3 8.38 13.55 15.99
N GLY A 4 8.46 12.23 15.97
CA GLY A 4 7.62 11.39 16.83
C GLY A 4 6.19 11.23 16.34
N SER A 5 5.63 12.29 15.76
CA SER A 5 4.25 12.24 15.29
C SER A 5 4.13 11.88 13.81
N GLU A 6 4.94 12.50 12.95
CA GLU A 6 4.85 12.22 11.50
C GLU A 6 6.20 12.11 10.79
N ASP A 7 7.23 12.82 11.26
CA ASP A 7 8.54 12.79 10.60
C ASP A 7 9.18 11.39 10.62
N ASP A 8 9.29 10.80 11.80
CA ASP A 8 9.88 9.47 11.93
C ASP A 8 8.97 8.42 11.28
N LEU A 9 7.67 8.58 11.45
CA LEU A 9 6.70 7.67 10.84
C LEU A 9 6.84 7.70 9.32
N TYR A 10 7.05 8.91 8.78
CA TYR A 10 7.23 9.13 7.35
C TYR A 10 8.38 8.31 6.79
N ARG A 11 9.55 8.45 7.41
CA ARG A 11 10.75 7.74 6.96
C ARG A 11 10.54 6.21 6.88
N GLN A 12 10.02 5.64 7.95
CA GLN A 12 9.76 4.19 8.00
C GLN A 12 8.79 3.77 6.89
N SER A 13 7.67 4.48 6.78
CA SER A 13 6.64 4.17 5.77
C SER A 13 7.17 4.37 4.35
N LEU A 14 7.85 5.49 4.11
CA LEU A 14 8.42 5.79 2.78
C LEU A 14 9.30 4.64 2.28
N GLU A 15 10.21 4.18 3.13
CA GLU A 15 11.11 3.09 2.75
C GLU A 15 10.43 1.72 2.77
N ILE A 16 9.63 1.43 3.79
CA ILE A 16 8.95 0.12 3.88
C ILE A 16 8.01 -0.10 2.69
N ILE A 17 7.25 0.93 2.32
CA ILE A 17 6.32 0.82 1.20
C ILE A 17 7.09 0.70 -0.12
N SER A 18 8.02 1.64 -0.37
CA SER A 18 8.82 1.62 -1.61
C SER A 18 9.58 0.29 -1.74
N ARG A 19 10.16 -0.18 -0.63
CA ARG A 19 10.89 -1.45 -0.63
C ARG A 19 10.02 -2.58 -1.14
N TYR A 20 8.82 -2.73 -0.57
CA TYR A 20 7.90 -3.76 -0.99
C TYR A 20 7.53 -3.61 -2.47
N LEU A 21 7.15 -2.38 -2.86
CA LEU A 21 6.76 -2.11 -4.24
C LEU A 21 7.89 -2.44 -5.23
N ARG A 22 9.11 -2.04 -4.89
CA ARG A 22 10.28 -2.30 -5.74
C ARG A 22 10.66 -3.79 -5.75
N GLU A 23 10.68 -4.41 -4.58
CA GLU A 23 11.02 -5.83 -4.47
C GLU A 23 10.02 -6.70 -5.24
N GLN A 24 8.73 -6.40 -5.08
CA GLN A 24 7.69 -7.16 -5.77
C GLN A 24 7.71 -6.84 -7.27
N ALA A 25 8.14 -5.64 -7.61
CA ALA A 25 8.20 -5.21 -9.01
C ALA A 25 9.27 -5.96 -9.81
N THR A 26 10.37 -6.32 -9.16
CA THR A 26 11.45 -7.04 -9.86
C THR A 26 11.52 -8.52 -9.47
N GLY A 27 10.83 -8.90 -8.39
CA GLY A 27 10.84 -10.30 -7.95
C GLY A 27 12.11 -10.67 -7.18
N SER A 28 12.71 -9.69 -6.52
CA SER A 28 13.94 -9.91 -5.76
C SER A 28 13.65 -10.12 -4.27
N LYS A 29 14.64 -10.65 -3.57
CA LYS A 29 14.51 -10.91 -2.14
C LYS A 29 15.61 -10.17 -1.36
N ASP A 30 15.62 -8.85 -1.48
CA ASP A 30 16.63 -8.03 -0.80
C ASP A 30 16.35 -7.91 0.70
N SER A 31 16.74 -8.91 1.46
CA SER A 31 16.55 -8.89 2.91
C SER A 31 17.61 -8.04 3.61
N LYS A 32 18.33 -7.25 2.82
CA LYS A 32 19.36 -6.36 3.34
C LYS A 32 18.73 -5.23 4.17
N PRO A 33 19.48 -4.63 5.11
CA PRO A 33 18.97 -3.53 5.95
C PRO A 33 18.38 -2.39 5.13
N LEU A 34 17.07 -2.21 5.22
CA LEU A 34 16.38 -1.15 4.47
C LEU A 34 16.45 0.19 5.18
N GLY A 35 15.93 1.21 4.54
CA GLY A 35 15.94 2.54 5.10
C GLY A 35 15.31 2.59 6.47
N GLU A 36 16.05 3.20 7.41
CA GLU A 36 15.67 3.36 8.84
C GLU A 36 14.36 2.65 9.23
N ALA A 37 14.44 1.32 9.36
CA ALA A 37 13.28 0.52 9.72
C ALA A 37 13.74 -0.92 10.06
N GLY A 38 14.38 -1.09 11.22
CA GLY A 38 14.88 -2.40 11.60
C GLY A 38 13.79 -3.33 12.16
N ALA A 39 13.32 -3.03 13.37
CA ALA A 39 12.29 -3.85 14.01
C ALA A 39 10.93 -3.66 13.33
N ALA A 40 10.49 -2.39 13.28
CA ALA A 40 9.22 -2.07 12.64
C ALA A 40 9.25 -2.44 11.16
N GLY A 41 10.42 -2.28 10.54
CA GLY A 41 10.57 -2.61 9.12
C GLY A 41 10.39 -4.09 8.83
N ARG A 42 10.93 -4.96 9.70
CA ARG A 42 10.80 -6.40 9.50
C ARG A 42 9.35 -6.83 9.64
N ARG A 43 8.70 -6.35 10.70
CA ARG A 43 7.31 -6.68 10.95
C ARG A 43 6.39 -6.08 9.88
N ALA A 44 6.69 -4.85 9.46
CA ALA A 44 5.89 -4.20 8.43
C ALA A 44 6.10 -4.86 7.07
N LEU A 45 7.34 -5.23 6.77
CA LEU A 45 7.64 -5.87 5.48
C LEU A 45 7.04 -7.28 5.41
N GLU A 46 7.19 -8.06 6.48
CA GLU A 46 6.63 -9.42 6.50
C GLU A 46 5.12 -9.37 6.28
N THR A 47 4.46 -8.36 6.85
CA THR A 47 3.01 -8.21 6.68
C THR A 47 2.68 -7.64 5.31
N LEU A 48 3.37 -6.58 4.91
CA LEU A 48 3.13 -5.95 3.60
C LEU A 48 3.37 -6.95 2.47
N ARG A 49 4.34 -7.84 2.65
CA ARG A 49 4.64 -8.87 1.65
C ARG A 49 3.50 -9.89 1.58
N ARG A 50 3.22 -10.52 2.73
CA ARG A 50 2.17 -11.53 2.83
C ARG A 50 0.77 -10.99 2.48
N VAL A 51 0.36 -9.91 3.14
CA VAL A 51 -0.96 -9.33 2.90
C VAL A 51 -1.06 -8.68 1.51
N GLY A 52 -0.04 -7.92 1.13
CA GLY A 52 -0.05 -7.26 -0.18
C GLY A 52 -0.10 -8.24 -1.34
N ASP A 53 0.68 -9.32 -1.24
CA ASP A 53 0.70 -10.32 -2.29
C ASP A 53 -0.63 -11.06 -2.33
N GLY A 54 -1.15 -11.38 -1.14
CA GLY A 54 -2.43 -12.06 -1.05
C GLY A 54 -3.53 -11.27 -1.75
N VAL A 55 -3.61 -9.97 -1.45
CA VAL A 55 -4.60 -9.09 -2.08
C VAL A 55 -4.38 -9.00 -3.59
N GLN A 56 -3.12 -8.88 -4.00
CA GLN A 56 -2.76 -8.77 -5.42
C GLN A 56 -3.14 -10.04 -6.19
N ARG A 57 -2.77 -11.21 -5.67
CA ARG A 57 -3.09 -12.46 -6.34
C ARG A 57 -4.57 -12.81 -6.23
N ASN A 58 -5.18 -12.49 -5.09
CA ASN A 58 -6.60 -12.75 -4.87
C ASN A 58 -7.44 -11.93 -5.86
N HIS A 59 -7.15 -10.65 -5.97
CA HIS A 59 -7.86 -9.76 -6.88
C HIS A 59 -7.04 -9.51 -8.14
N GLU A 60 -6.27 -10.53 -8.55
CA GLU A 60 -5.42 -10.45 -9.73
C GLU A 60 -6.20 -10.00 -10.98
N THR A 61 -7.38 -10.59 -11.19
CA THR A 61 -8.20 -10.24 -12.35
C THR A 61 -8.59 -8.75 -12.32
N ALA A 62 -8.94 -8.25 -11.14
CA ALA A 62 -9.32 -6.86 -10.98
C ALA A 62 -8.11 -5.93 -11.14
N PHE A 63 -7.04 -6.24 -10.43
CA PHE A 63 -5.82 -5.43 -10.50
C PHE A 63 -5.26 -5.41 -11.93
N GLN A 64 -5.23 -6.58 -12.58
CA GLN A 64 -4.74 -6.66 -13.96
C GLN A 64 -5.65 -5.88 -14.90
N GLY A 65 -6.96 -5.99 -14.67
CA GLY A 65 -7.93 -5.26 -15.47
C GLY A 65 -7.73 -3.76 -15.31
N MET A 66 -7.56 -3.33 -14.06
CA MET A 66 -7.32 -1.93 -13.75
C MET A 66 -5.99 -1.48 -14.38
N LEU A 67 -4.97 -2.32 -14.26
CA LEU A 67 -3.65 -2.02 -14.83
C LEU A 67 -3.72 -1.86 -16.35
N ARG A 68 -4.53 -2.70 -17.00
CA ARG A 68 -4.69 -2.66 -18.46
C ARG A 68 -5.43 -1.39 -18.88
N LYS A 69 -6.34 -0.91 -18.04
CA LYS A 69 -7.12 0.29 -18.34
C LYS A 69 -6.43 1.56 -17.83
N LEU A 70 -5.45 1.39 -16.94
CA LEU A 70 -4.70 2.52 -16.36
C LEU A 70 -3.92 3.32 -17.40
N ASP A 71 -4.04 4.64 -17.30
CA ASP A 71 -3.33 5.54 -18.20
C ASP A 71 -2.08 6.12 -17.51
N ILE A 72 -1.67 5.47 -16.42
CA ILE A 72 -0.50 5.90 -15.65
C ILE A 72 0.79 5.71 -16.44
N LYS A 73 1.39 6.82 -16.89
CA LYS A 73 2.63 6.76 -17.66
C LYS A 73 3.66 7.80 -17.19
N ASN A 74 3.20 9.01 -16.91
CA ASN A 74 4.11 10.09 -16.49
C ASN A 74 3.88 10.55 -15.04
N GLU A 75 4.67 11.55 -14.63
CA GLU A 75 4.59 12.10 -13.27
C GLU A 75 3.17 12.59 -12.91
N GLY A 76 2.53 13.30 -13.84
CA GLY A 76 1.18 13.82 -13.59
C GLY A 76 0.19 12.75 -13.18
N ASP A 77 0.44 11.51 -13.61
CA ASP A 77 -0.43 10.38 -13.29
C ASP A 77 -0.39 10.00 -11.79
N VAL A 78 0.74 10.21 -11.12
CA VAL A 78 0.85 9.88 -9.68
C VAL A 78 -0.12 10.72 -8.84
N LYS A 79 -0.44 11.93 -9.30
CA LYS A 79 -1.36 12.82 -8.59
C LYS A 79 -2.78 12.26 -8.66
N SER A 80 -3.15 11.71 -9.82
CA SER A 80 -4.46 11.11 -10.01
C SER A 80 -4.59 9.88 -9.13
N PHE A 81 -3.48 9.15 -9.00
CA PHE A 81 -3.40 7.95 -8.17
C PHE A 81 -3.72 8.29 -6.70
N SER A 82 -3.17 9.41 -6.25
CA SER A 82 -3.39 9.87 -4.88
C SER A 82 -4.89 10.13 -4.63
N ARG A 83 -5.52 10.79 -5.59
CA ARG A 83 -6.96 11.09 -5.52
C ARG A 83 -7.77 9.78 -5.32
N VAL A 84 -7.40 8.75 -6.08
CA VAL A 84 -8.07 7.44 -5.99
C VAL A 84 -8.00 6.86 -4.58
N MET A 85 -6.78 6.84 -4.01
CA MET A 85 -6.57 6.31 -2.66
C MET A 85 -7.51 6.96 -1.64
N VAL A 86 -7.62 8.29 -1.69
CA VAL A 86 -8.52 9.01 -0.79
C VAL A 86 -10.00 8.70 -1.10
N HIS A 87 -10.32 8.63 -2.39
CA HIS A 87 -11.68 8.35 -2.85
C HIS A 87 -12.20 7.03 -2.25
N VAL A 88 -11.29 6.09 -2.03
CA VAL A 88 -11.63 4.79 -1.45
C VAL A 88 -12.22 4.92 -0.03
N PHE A 89 -11.78 5.93 0.72
CA PHE A 89 -12.26 6.12 2.10
C PHE A 89 -13.45 7.08 2.18
N LYS A 90 -14.17 7.23 1.07
CA LYS A 90 -15.35 8.12 0.99
C LYS A 90 -16.40 7.84 2.08
N ASP A 91 -16.42 6.62 2.62
CA ASP A 91 -17.39 6.27 3.65
C ASP A 91 -17.01 6.83 5.02
N GLY A 92 -15.76 7.30 5.15
CA GLY A 92 -15.32 7.87 6.42
C GLY A 92 -14.73 6.84 7.37
N VAL A 93 -14.47 5.63 6.87
CA VAL A 93 -13.91 4.57 7.71
C VAL A 93 -12.54 4.10 7.18
N THR A 94 -11.50 4.38 7.95
CA THR A 94 -10.14 3.99 7.56
C THR A 94 -9.83 2.53 7.88
N ASN A 95 -10.45 1.62 7.16
CA ASN A 95 -10.20 0.18 7.38
C ASN A 95 -8.87 -0.24 6.77
N TRP A 96 -8.11 -1.04 7.52
CA TRP A 96 -6.78 -1.52 7.09
C TRP A 96 -6.82 -2.22 5.72
N GLY A 97 -7.91 -2.95 5.44
CA GLY A 97 -8.03 -3.63 4.17
C GLY A 97 -7.96 -2.70 2.98
N ARG A 98 -8.50 -1.49 3.15
CA ARG A 98 -8.48 -0.49 2.08
C ARG A 98 -7.08 0.08 1.93
N ILE A 99 -6.47 0.43 3.07
CA ILE A 99 -5.13 0.98 3.10
C ILE A 99 -4.14 0.03 2.42
N VAL A 100 -4.20 -1.26 2.77
CA VAL A 100 -3.32 -2.24 2.16
C VAL A 100 -3.67 -2.49 0.69
N THR A 101 -4.95 -2.31 0.35
CA THR A 101 -5.40 -2.47 -1.04
C THR A 101 -4.76 -1.39 -1.91
N LEU A 102 -4.67 -0.18 -1.36
CA LEU A 102 -4.04 0.94 -2.07
C LEU A 102 -2.57 0.63 -2.31
N ILE A 103 -1.92 0.01 -1.32
CA ILE A 103 -0.52 -0.37 -1.44
C ILE A 103 -0.40 -1.52 -2.44
N SER A 104 -1.38 -2.42 -2.43
CA SER A 104 -1.41 -3.56 -3.36
C SER A 104 -1.55 -3.03 -4.80
N PHE A 105 -2.38 -2.01 -4.95
CA PHE A 105 -2.57 -1.35 -6.24
C PHE A 105 -1.26 -0.67 -6.62
N GLY A 106 -0.62 -0.04 -5.63
CA GLY A 106 0.65 0.62 -5.85
C GLY A 106 1.72 -0.36 -6.27
N ALA A 107 1.72 -1.55 -5.65
CA ALA A 107 2.67 -2.60 -6.00
C ALA A 107 2.45 -3.09 -7.43
N PHE A 108 1.17 -3.22 -7.82
CA PHE A 108 0.84 -3.65 -9.18
C PHE A 108 1.32 -2.61 -10.19
N VAL A 109 1.21 -1.33 -9.83
CA VAL A 109 1.66 -0.25 -10.68
C VAL A 109 3.20 -0.21 -10.70
N ALA A 110 3.81 -0.43 -9.52
CA ALA A 110 5.27 -0.45 -9.40
C ALA A 110 5.85 -1.48 -10.37
N LYS A 111 5.21 -2.64 -10.43
CA LYS A 111 5.62 -3.71 -11.34
C LYS A 111 5.49 -3.26 -12.80
N HIS A 112 4.35 -2.66 -13.13
CA HIS A 112 4.09 -2.17 -14.49
C HIS A 112 5.13 -1.11 -14.90
N LEU A 113 5.55 -0.29 -13.95
CA LEU A 113 6.55 0.74 -14.23
C LEU A 113 7.97 0.16 -14.29
N LYS A 114 8.37 -0.61 -13.28
CA LYS A 114 9.71 -1.20 -13.24
C LYS A 114 9.98 -2.14 -14.43
N SER A 115 8.99 -2.96 -14.78
CA SER A 115 9.12 -3.91 -15.90
C SER A 115 9.51 -3.22 -17.20
N VAL A 116 9.14 -1.96 -17.36
CA VAL A 116 9.47 -1.20 -18.57
C VAL A 116 10.53 -0.11 -18.28
N ASN A 117 11.34 -0.34 -17.24
CA ASN A 117 12.42 0.58 -16.83
C ASN A 117 11.92 2.01 -16.57
N GLN A 118 10.84 2.14 -15.80
CA GLN A 118 10.29 3.46 -15.47
C GLN A 118 10.64 3.86 -14.04
N GLU A 119 11.87 3.55 -13.63
CA GLU A 119 12.36 3.87 -12.28
C GLU A 119 12.13 5.34 -11.89
N SER A 120 12.25 6.23 -12.87
CA SER A 120 12.05 7.67 -12.63
C SER A 120 10.58 7.99 -12.31
N PHE A 121 9.71 6.99 -12.45
CA PHE A 121 8.29 7.17 -12.16
C PHE A 121 7.84 6.29 -11.00
N ILE A 122 8.43 5.10 -10.87
CA ILE A 122 8.07 4.18 -9.79
C ILE A 122 8.49 4.72 -8.42
N GLU A 123 9.70 5.28 -8.32
CA GLU A 123 10.18 5.83 -7.04
C GLU A 123 9.29 7.00 -6.60
N PRO A 124 9.13 8.06 -7.44
CA PRO A 124 8.25 9.19 -7.11
C PRO A 124 6.82 8.74 -6.82
N LEU A 125 6.40 7.63 -7.45
CA LEU A 125 5.07 7.08 -7.22
C LEU A 125 4.98 6.56 -5.79
N ALA A 126 5.95 5.73 -5.39
CA ALA A 126 5.98 5.17 -4.04
C ALA A 126 6.03 6.29 -2.99
N GLU A 127 6.70 7.38 -3.35
CA GLU A 127 6.80 8.55 -2.47
C GLU A 127 5.45 9.26 -2.41
N THR A 128 4.85 9.49 -3.58
CA THR A 128 3.55 10.15 -3.69
C THR A 128 2.47 9.34 -2.95
N ILE A 129 2.52 8.02 -3.15
CA ILE A 129 1.57 7.11 -2.49
C ILE A 129 1.71 7.23 -0.97
N THR A 130 2.92 7.03 -0.47
CA THR A 130 3.20 7.09 0.96
C THR A 130 2.87 8.46 1.56
N ASP A 131 3.36 9.52 0.92
CA ASP A 131 3.12 10.88 1.41
C ASP A 131 1.62 11.17 1.59
N VAL A 132 0.84 10.92 0.55
CA VAL A 132 -0.60 11.14 0.59
C VAL A 132 -1.29 10.15 1.53
N LEU A 133 -0.90 8.87 1.46
CA LEU A 133 -1.49 7.82 2.30
C LEU A 133 -1.34 8.13 3.79
N VAL A 134 -0.17 8.61 4.18
CA VAL A 134 0.06 8.97 5.58
C VAL A 134 -0.69 10.25 5.94
N ARG A 135 -0.47 11.31 5.17
CA ARG A 135 -1.13 12.60 5.42
C ARG A 135 -2.66 12.53 5.45
N THR A 136 -3.28 11.75 4.55
CA THR A 136 -4.74 11.65 4.50
C THR A 136 -5.35 11.04 5.78
N LYS A 137 -4.56 10.29 6.55
CA LYS A 137 -5.06 9.67 7.77
C LYS A 137 -4.02 9.68 8.91
N ARG A 138 -3.31 10.79 9.06
CA ARG A 138 -2.28 10.92 10.09
C ARG A 138 -2.79 10.61 11.50
N ASP A 139 -3.92 11.18 11.89
CA ASP A 139 -4.49 10.94 13.22
C ASP A 139 -4.80 9.46 13.43
N TRP A 140 -5.32 8.82 12.39
CA TRP A 140 -5.65 7.40 12.46
C TRP A 140 -4.37 6.56 12.57
N LEU A 141 -3.34 6.99 11.85
CA LEU A 141 -2.05 6.32 11.86
C LEU A 141 -1.32 6.49 13.19
N VAL A 142 -1.24 7.73 13.68
CA VAL A 142 -0.55 8.01 14.95
C VAL A 142 -1.23 7.28 16.12
N LYS A 143 -2.55 7.13 16.05
CA LYS A 143 -3.30 6.43 17.08
C LYS A 143 -3.04 4.93 17.02
N GLN A 144 -2.69 4.43 15.84
CA GLN A 144 -2.41 3.01 15.65
C GLN A 144 -0.91 2.71 15.60
N ARG A 145 -0.08 3.69 15.95
CA ARG A 145 1.39 3.51 15.93
C ARG A 145 1.91 3.23 14.53
N GLY A 146 1.12 3.57 13.51
CA GLY A 146 1.52 3.35 12.13
C GLY A 146 1.65 1.88 11.75
N TRP A 147 2.89 1.46 11.50
CA TRP A 147 3.17 0.10 11.10
C TRP A 147 2.82 -0.92 12.17
N ASP A 148 3.20 -0.66 13.42
CA ASP A 148 2.92 -1.58 14.53
C ASP A 148 1.44 -2.00 14.56
N GLY A 149 0.53 -1.03 14.44
CA GLY A 149 -0.90 -1.34 14.43
C GLY A 149 -1.29 -2.14 13.20
N PHE A 150 -0.75 -1.76 12.05
CA PHE A 150 -1.02 -2.46 10.78
C PHE A 150 -0.57 -3.92 10.84
N VAL A 151 0.62 -4.13 11.40
CA VAL A 151 1.21 -5.47 11.52
C VAL A 151 0.37 -6.38 12.42
N GLU A 152 -0.02 -5.87 13.58
CA GLU A 152 -0.82 -6.64 14.54
C GLU A 152 -2.16 -7.09 13.94
N PHE A 153 -2.86 -6.18 13.26
CA PHE A 153 -4.15 -6.49 12.65
C PHE A 153 -4.03 -7.62 11.62
N PHE A 154 -2.84 -7.76 11.02
CA PHE A 154 -2.60 -8.80 10.05
C PHE A 154 -1.70 -9.91 10.61
N HIS A 155 -1.67 -10.02 11.94
CA HIS A 155 -0.86 -11.04 12.60
C HIS A 155 -1.72 -12.21 13.06
N VAL A 156 -2.98 -12.19 12.66
CA VAL A 156 -3.93 -13.24 13.02
C VAL A 156 -3.78 -14.45 12.08
N GLN A 157 -3.76 -15.64 12.65
CA GLN A 157 -3.62 -16.87 11.85
C GLN A 157 -4.34 -18.05 12.52
N ASP A 158 -5.48 -18.43 11.96
CA ASP A 158 -6.27 -19.54 12.49
C ASP A 158 -7.01 -20.27 11.36
N LEU A 159 -6.78 -21.57 11.25
CA LEU A 159 -7.42 -22.39 10.23
C LEU A 159 -8.08 -23.61 10.89
N GLU A 160 -8.05 -23.61 12.23
CA GLU A 160 -8.61 -24.72 13.00
C GLU A 160 -9.83 -24.28 13.82
N GLY A 161 -9.83 -23.03 14.26
CA GLY A 161 -10.96 -22.51 15.03
C GLY A 161 -10.63 -22.31 16.51
N GLY A 162 -9.92 -21.23 16.81
CA GLY A 162 -9.55 -20.95 18.19
C GLY A 162 -10.02 -19.57 18.67
N ALA B 1 -12.88 12.26 -20.29
CA ALA B 1 -13.22 10.96 -20.94
C ALA B 1 -11.94 10.15 -21.22
N GLU B 2 -11.34 9.63 -20.16
CA GLU B 2 -10.11 8.85 -20.26
C GLU B 2 -10.10 7.69 -19.26
N LEU B 3 -9.91 8.01 -17.98
CA LEU B 3 -9.89 7.00 -16.93
C LEU B 3 -11.20 6.97 -16.16
N PRO B 4 -11.93 5.85 -16.24
CA PRO B 4 -13.21 5.68 -15.54
C PRO B 4 -13.03 5.33 -14.07
N PRO B 5 -14.03 5.65 -13.21
CA PRO B 5 -13.97 5.38 -11.77
C PRO B 5 -14.03 3.88 -11.42
N GLU B 6 -13.57 3.03 -12.34
CA GLU B 6 -13.57 1.59 -12.14
C GLU B 6 -12.49 1.19 -11.13
N PHE B 7 -11.32 1.78 -11.27
CA PHE B 7 -10.20 1.50 -10.36
C PHE B 7 -10.54 1.95 -8.93
N ALA B 8 -11.31 3.03 -8.83
CA ALA B 8 -11.71 3.56 -7.53
C ALA B 8 -12.75 2.67 -6.85
N ALA B 9 -13.77 2.26 -7.62
CA ALA B 9 -14.81 1.38 -7.10
C ALA B 9 -14.23 0.04 -6.70
N GLN B 10 -13.34 -0.48 -7.55
CA GLN B 10 -12.68 -1.76 -7.30
C GLN B 10 -11.91 -1.72 -5.99
N LEU B 11 -11.03 -0.73 -5.85
CA LEU B 11 -10.21 -0.58 -4.64
C LEU B 11 -11.10 -0.48 -3.38
N ARG B 12 -12.26 0.17 -3.51
CA ARG B 12 -13.19 0.32 -2.39
C ARG B 12 -13.79 -1.03 -1.97
N LYS B 13 -14.25 -1.81 -2.95
CA LYS B 13 -14.80 -3.12 -2.68
C LYS B 13 -13.72 -4.08 -2.19
N ILE B 14 -12.55 -4.01 -2.82
CA ILE B 14 -11.42 -4.84 -2.44
C ILE B 14 -10.96 -4.49 -1.02
N GLY B 15 -10.95 -3.19 -0.72
CA GLY B 15 -10.55 -2.72 0.60
C GLY B 15 -11.39 -3.32 1.71
N ASP B 16 -12.71 -3.26 1.59
CA ASP B 16 -13.59 -3.83 2.60
C ASP B 16 -13.48 -5.36 2.60
N LYS B 17 -13.12 -5.93 1.43
CA LYS B 17 -12.96 -7.38 1.30
C LYS B 17 -11.75 -7.86 2.10
N VAL B 18 -10.59 -7.25 1.86
CA VAL B 18 -9.36 -7.59 2.56
C VAL B 18 -9.52 -7.43 4.07
N TYR B 19 -10.09 -6.29 4.47
CA TYR B 19 -10.33 -6.00 5.88
C TYR B 19 -11.24 -7.07 6.48
N CYS B 20 -12.31 -7.40 5.77
CA CYS B 20 -13.26 -8.42 6.22
C CYS B 20 -12.59 -9.79 6.32
N THR B 21 -11.83 -10.15 5.29
CA THR B 21 -11.11 -11.43 5.21
C THR B 21 -10.10 -11.60 6.34
N TRP B 22 -9.33 -10.56 6.63
CA TRP B 22 -8.31 -10.64 7.67
C TRP B 22 -8.87 -10.43 9.07
N SER B 23 -9.97 -9.71 9.20
CA SER B 23 -10.59 -9.50 10.51
C SER B 23 -11.47 -10.70 10.88
N ALA B 24 -12.54 -10.90 10.13
CA ALA B 24 -13.46 -12.02 10.35
C ALA B 24 -13.04 -13.23 9.51
N PRO B 25 -13.53 -14.45 9.84
CA PRO B 25 -13.21 -15.67 9.07
C PRO B 25 -13.86 -15.66 7.67
N ASP B 26 -13.43 -14.73 6.83
CA ASP B 26 -13.96 -14.57 5.48
C ASP B 26 -12.90 -14.93 4.41
N MET B 27 -13.31 -14.96 3.16
CA MET B 27 -12.41 -15.27 2.05
C MET B 27 -12.21 -14.05 1.14
N GLY A 1 13.51 20.77 17.10
CA GLY A 1 13.55 19.29 16.99
C GLY A 1 12.15 18.67 16.95
N PRO A 2 12.04 17.34 17.07
CA PRO A 2 10.75 16.65 17.05
C PRO A 2 9.82 17.06 18.19
N LEU A 3 8.56 17.36 17.86
CA LEU A 3 7.59 17.79 18.87
C LEU A 3 6.72 16.61 19.32
N GLY A 4 6.68 15.56 18.51
CA GLY A 4 5.88 14.39 18.82
C GLY A 4 5.98 13.33 17.74
N SER A 5 4.97 12.47 17.63
CA SER A 5 4.97 11.41 16.62
C SER A 5 4.58 11.96 15.25
N GLU A 6 5.53 12.63 14.61
CA GLU A 6 5.30 13.23 13.30
C GLU A 6 6.20 12.63 12.22
N ASP A 7 7.49 12.95 12.26
CA ASP A 7 8.45 12.47 11.26
C ASP A 7 8.66 10.96 11.36
N ASP A 8 8.62 10.43 12.59
CA ASP A 8 8.80 9.00 12.83
C ASP A 8 7.87 8.16 11.95
N LEU A 9 6.57 8.49 11.99
CA LEU A 9 5.58 7.79 11.18
C LEU A 9 5.88 7.92 9.70
N TYR A 10 6.22 9.13 9.25
CA TYR A 10 6.54 9.38 7.84
C TYR A 10 7.76 8.58 7.40
N ARG A 11 8.84 8.64 8.19
CA ARG A 11 10.08 7.93 7.87
C ARG A 11 9.88 6.41 7.83
N GLN A 12 9.24 5.84 8.85
CA GLN A 12 9.00 4.40 8.88
C GLN A 12 8.14 3.98 7.68
N SER A 13 7.06 4.73 7.44
CA SER A 13 6.17 4.45 6.32
C SER A 13 6.90 4.57 4.98
N LEU A 14 7.63 5.67 4.80
CA LEU A 14 8.39 5.89 3.57
C LEU A 14 9.35 4.73 3.31
N GLU A 15 10.09 4.35 4.34
CA GLU A 15 11.04 3.25 4.22
C GLU A 15 10.35 1.91 3.95
N ILE A 16 9.31 1.59 4.71
CA ILE A 16 8.59 0.32 4.53
C ILE A 16 7.83 0.24 3.20
N ILE A 17 7.02 1.25 2.88
CA ILE A 17 6.25 1.26 1.63
C ILE A 17 7.17 1.21 0.41
N SER A 18 8.18 2.10 0.37
CA SER A 18 9.12 2.13 -0.73
C SER A 18 9.81 0.78 -0.88
N ARG A 19 10.10 0.13 0.24
CA ARG A 19 10.76 -1.18 0.22
C ARG A 19 9.91 -2.19 -0.56
N TYR A 20 8.65 -2.36 -0.15
CA TYR A 20 7.74 -3.33 -0.78
C TYR A 20 7.50 -3.00 -2.26
N LEU A 21 7.12 -1.76 -2.57
CA LEU A 21 6.83 -1.38 -3.96
C LEU A 21 8.05 -1.58 -4.86
N ARG A 22 9.22 -1.09 -4.41
CA ARG A 22 10.45 -1.22 -5.20
C ARG A 22 10.96 -2.67 -5.23
N GLU A 23 10.97 -3.34 -4.08
CA GLU A 23 11.47 -4.71 -3.99
C GLU A 23 10.66 -5.66 -4.86
N GLN A 24 9.33 -5.53 -4.82
CA GLN A 24 8.48 -6.41 -5.62
C GLN A 24 8.66 -6.15 -7.12
N ALA A 25 8.62 -4.88 -7.51
CA ALA A 25 8.76 -4.53 -8.92
C ALA A 25 10.18 -4.78 -9.45
N THR A 26 11.18 -4.57 -8.61
CA THR A 26 12.57 -4.73 -9.01
C THR A 26 13.27 -5.88 -8.29
N GLY A 27 12.54 -6.95 -8.00
CA GLY A 27 13.12 -8.11 -7.31
C GLY A 27 14.29 -8.74 -8.05
N SER A 28 14.49 -8.33 -9.30
CA SER A 28 15.58 -8.83 -10.13
C SER A 28 16.79 -7.90 -10.08
N LYS A 29 16.64 -6.74 -9.42
CA LYS A 29 17.72 -5.77 -9.33
C LYS A 29 17.44 -4.71 -8.24
N ASP A 30 17.99 -4.94 -7.05
CA ASP A 30 17.79 -4.01 -5.94
C ASP A 30 18.60 -2.71 -6.14
N SER A 31 18.49 -1.79 -5.19
CA SER A 31 19.20 -0.51 -5.28
C SER A 31 19.26 0.20 -3.91
N LYS A 32 18.10 0.56 -3.37
CA LYS A 32 18.03 1.25 -2.08
C LYS A 32 17.46 0.32 -1.00
N PRO A 33 18.33 -0.21 -0.12
CA PRO A 33 17.92 -1.11 0.97
C PRO A 33 17.22 -0.39 2.12
N LEU A 34 17.24 -1.00 3.31
CA LEU A 34 16.60 -0.40 4.49
C LEU A 34 17.63 0.26 5.39
N GLY A 35 17.31 1.47 5.86
CA GLY A 35 18.21 2.19 6.73
C GLY A 35 17.53 2.74 7.99
N GLU A 36 16.28 3.18 7.85
CA GLU A 36 15.54 3.74 9.00
C GLU A 36 14.62 2.70 9.62
N ALA A 37 13.61 2.28 8.86
CA ALA A 37 12.64 1.28 9.34
C ALA A 37 13.25 -0.13 9.38
N GLY A 38 14.18 -0.34 10.30
CA GLY A 38 14.83 -1.64 10.42
C GLY A 38 14.02 -2.70 11.14
N ALA A 39 13.86 -2.54 12.47
CA ALA A 39 13.11 -3.53 13.27
C ALA A 39 11.60 -3.49 12.97
N ALA A 40 10.99 -2.33 13.15
CA ALA A 40 9.56 -2.18 12.89
C ALA A 40 9.26 -2.43 11.42
N GLY A 41 10.23 -2.08 10.57
CA GLY A 41 10.11 -2.28 9.15
C GLY A 41 10.23 -3.73 8.73
N ARG A 42 11.11 -4.48 9.39
CA ARG A 42 11.29 -5.90 9.07
C ARG A 42 9.99 -6.68 9.31
N ARG A 43 9.37 -6.45 10.48
CA ARG A 43 8.11 -7.11 10.81
C ARG A 43 6.98 -6.64 9.89
N ALA A 44 7.00 -5.34 9.59
CA ALA A 44 6.00 -4.75 8.71
C ALA A 44 6.17 -5.22 7.26
N LEU A 45 7.40 -5.36 6.82
CA LEU A 45 7.68 -5.80 5.45
C LEU A 45 7.20 -7.23 5.22
N GLU A 46 7.55 -8.15 6.12
CA GLU A 46 7.10 -9.54 5.98
C GLU A 46 5.57 -9.56 5.95
N THR A 47 4.95 -8.85 6.89
CA THR A 47 3.50 -8.75 6.96
C THR A 47 2.93 -8.18 5.65
N LEU A 48 3.46 -7.04 5.23
CA LEU A 48 3.02 -6.36 4.01
C LEU A 48 3.26 -7.19 2.74
N ARG A 49 4.39 -7.89 2.67
CA ARG A 49 4.71 -8.70 1.50
C ARG A 49 3.71 -9.85 1.36
N ARG A 50 3.45 -10.55 2.46
CA ARG A 50 2.50 -11.67 2.44
C ARG A 50 1.09 -11.18 2.15
N VAL A 51 0.63 -10.21 2.94
CA VAL A 51 -0.71 -9.64 2.77
C VAL A 51 -0.89 -9.02 1.38
N GLY A 52 0.03 -8.14 1.00
CA GLY A 52 -0.05 -7.46 -0.29
C GLY A 52 -0.11 -8.43 -1.46
N ASP A 53 0.75 -9.45 -1.43
CA ASP A 53 0.77 -10.44 -2.50
C ASP A 53 -0.51 -11.27 -2.49
N GLY A 54 -1.06 -11.49 -1.29
CA GLY A 54 -2.31 -12.23 -1.17
C GLY A 54 -3.50 -11.45 -1.73
N VAL A 55 -3.44 -10.13 -1.60
CA VAL A 55 -4.50 -9.25 -2.11
C VAL A 55 -4.46 -9.16 -3.64
N GLN A 56 -3.26 -8.95 -4.19
CA GLN A 56 -3.10 -8.85 -5.64
C GLN A 56 -3.32 -10.20 -6.31
N ARG A 57 -2.96 -11.29 -5.64
CA ARG A 57 -3.15 -12.63 -6.19
C ARG A 57 -4.63 -12.97 -6.26
N ASN A 58 -5.33 -12.79 -5.16
CA ASN A 58 -6.76 -13.08 -5.10
C ASN A 58 -7.54 -12.19 -6.08
N HIS A 59 -7.22 -10.91 -6.11
CA HIS A 59 -7.91 -9.97 -6.99
C HIS A 59 -7.09 -9.61 -8.23
N GLU A 60 -6.33 -10.58 -8.76
CA GLU A 60 -5.47 -10.36 -9.94
C GLU A 60 -6.27 -9.86 -11.16
N THR A 61 -7.43 -10.46 -11.40
CA THR A 61 -8.28 -10.09 -12.53
C THR A 61 -8.73 -8.63 -12.45
N ALA A 62 -9.31 -8.27 -11.32
CA ALA A 62 -9.77 -6.90 -11.10
C ALA A 62 -8.59 -5.92 -11.16
N PHE A 63 -7.48 -6.30 -10.52
CA PHE A 63 -6.28 -5.46 -10.50
C PHE A 63 -5.76 -5.23 -11.92
N GLN A 64 -5.56 -6.32 -12.66
CA GLN A 64 -5.06 -6.22 -14.04
C GLN A 64 -6.00 -5.40 -14.92
N GLY A 65 -7.31 -5.62 -14.77
CA GLY A 65 -8.29 -4.88 -15.55
C GLY A 65 -8.22 -3.39 -15.25
N MET A 66 -8.26 -3.04 -13.97
CA MET A 66 -8.18 -1.63 -13.55
C MET A 66 -6.82 -1.03 -13.88
N LEU A 67 -5.78 -1.86 -13.84
CA LEU A 67 -4.41 -1.43 -14.15
C LEU A 67 -4.31 -0.99 -15.61
N ARG A 68 -4.95 -1.75 -16.51
CA ARG A 68 -4.94 -1.43 -17.92
C ARG A 68 -5.79 -0.19 -18.21
N LYS A 69 -6.85 0.01 -17.42
CA LYS A 69 -7.72 1.17 -17.57
C LYS A 69 -7.02 2.45 -17.09
N LEU A 70 -6.01 2.29 -16.25
CA LEU A 70 -5.26 3.42 -15.72
C LEU A 70 -4.36 4.06 -16.77
N ASP A 71 -4.36 5.39 -16.84
CA ASP A 71 -3.52 6.10 -17.80
C ASP A 71 -2.13 6.37 -17.20
N ILE A 72 -1.75 5.55 -16.22
CA ILE A 72 -0.45 5.67 -15.53
C ILE A 72 0.71 5.53 -16.50
N LYS A 73 1.38 6.65 -16.80
CA LYS A 73 2.51 6.68 -17.73
C LYS A 73 3.44 7.86 -17.44
N ASN A 74 2.95 9.07 -17.71
CA ASN A 74 3.72 10.30 -17.52
C ASN A 74 3.53 10.91 -16.13
N GLU A 75 4.15 12.08 -15.90
CA GLU A 75 4.08 12.82 -14.62
C GLU A 75 2.65 12.94 -14.07
N GLY A 76 1.66 12.81 -14.93
CA GLY A 76 0.26 12.88 -14.52
C GLY A 76 -0.18 11.68 -13.70
N ASP A 77 0.53 10.56 -13.84
CA ASP A 77 0.21 9.32 -13.14
C ASP A 77 0.15 9.48 -11.60
N VAL A 78 1.15 10.13 -11.01
CA VAL A 78 1.17 10.33 -9.56
C VAL A 78 -0.05 11.14 -9.09
N LYS A 79 -0.52 12.05 -9.94
CA LYS A 79 -1.68 12.87 -9.63
C LYS A 79 -2.95 12.02 -9.80
N SER A 80 -2.97 11.24 -10.87
CA SER A 80 -4.08 10.34 -11.18
C SER A 80 -4.25 9.29 -10.08
N PHE A 81 -3.12 8.74 -9.63
CA PHE A 81 -3.12 7.73 -8.58
C PHE A 81 -3.60 8.35 -7.27
N SER A 82 -3.04 9.50 -6.91
CA SER A 82 -3.46 10.22 -5.69
C SER A 82 -4.95 10.48 -5.73
N ARG A 83 -5.44 10.82 -6.93
CA ARG A 83 -6.85 11.07 -7.17
C ARG A 83 -7.68 9.85 -6.75
N VAL A 84 -7.22 8.66 -7.12
CA VAL A 84 -7.89 7.41 -6.75
C VAL A 84 -7.79 7.16 -5.24
N MET A 85 -6.59 7.39 -4.68
CA MET A 85 -6.35 7.19 -3.24
C MET A 85 -7.30 8.03 -2.40
N VAL A 86 -7.33 9.34 -2.67
CA VAL A 86 -8.21 10.24 -1.92
C VAL A 86 -9.69 9.92 -2.17
N HIS A 87 -10.00 9.43 -3.37
CA HIS A 87 -11.39 9.08 -3.72
C HIS A 87 -11.94 7.98 -2.80
N VAL A 88 -11.24 6.85 -2.73
CA VAL A 88 -11.69 5.73 -1.91
C VAL A 88 -11.68 6.05 -0.41
N PHE A 89 -10.79 6.94 0.01
CA PHE A 89 -10.70 7.34 1.41
C PHE A 89 -11.37 8.69 1.68
N LYS A 90 -12.29 9.09 0.80
CA LYS A 90 -13.00 10.37 0.96
C LYS A 90 -14.13 10.27 1.97
N ASP A 91 -14.59 9.05 2.23
CA ASP A 91 -15.68 8.79 3.17
C ASP A 91 -15.24 9.03 4.62
N GLY A 92 -13.94 9.10 4.85
CA GLY A 92 -13.42 9.36 6.19
C GLY A 92 -13.15 8.09 6.99
N VAL A 93 -13.75 6.98 6.58
CA VAL A 93 -13.54 5.71 7.27
C VAL A 93 -12.30 4.99 6.73
N THR A 94 -11.29 4.86 7.57
CA THR A 94 -10.06 4.19 7.17
C THR A 94 -10.07 2.71 7.53
N ASN A 95 -10.24 1.87 6.52
CA ASN A 95 -10.24 0.42 6.71
C ASN A 95 -8.85 -0.16 6.45
N TRP A 96 -8.35 -0.97 7.38
CA TRP A 96 -7.02 -1.59 7.25
C TRP A 96 -6.89 -2.35 5.92
N GLY A 97 -7.94 -3.07 5.54
CA GLY A 97 -7.93 -3.80 4.29
C GLY A 97 -7.83 -2.90 3.07
N ARG A 98 -8.34 -1.68 3.19
CA ARG A 98 -8.28 -0.73 2.08
C ARG A 98 -6.84 -0.27 1.86
N ILE A 99 -6.14 -0.06 2.98
CA ILE A 99 -4.74 0.40 2.92
C ILE A 99 -3.85 -0.65 2.27
N VAL A 100 -3.91 -1.90 2.74
CA VAL A 100 -3.10 -2.97 2.16
C VAL A 100 -3.45 -3.22 0.69
N THR A 101 -4.74 -3.08 0.37
CA THR A 101 -5.21 -3.25 -1.02
C THR A 101 -4.61 -2.17 -1.91
N LEU A 102 -4.57 -0.95 -1.39
CA LEU A 102 -4.00 0.19 -2.11
C LEU A 102 -2.49 -0.02 -2.31
N ILE A 103 -1.81 -0.47 -1.26
CA ILE A 103 -0.37 -0.74 -1.35
C ILE A 103 -0.12 -1.88 -2.33
N SER A 104 -0.96 -2.92 -2.25
CA SER A 104 -0.87 -4.07 -3.16
C SER A 104 -1.08 -3.61 -4.59
N PHE A 105 -1.99 -2.66 -4.77
CA PHE A 105 -2.28 -2.09 -6.09
C PHE A 105 -1.10 -1.23 -6.55
N GLY A 106 -0.53 -0.46 -5.60
CA GLY A 106 0.62 0.37 -5.92
C GLY A 106 1.78 -0.47 -6.42
N ALA A 107 2.02 -1.60 -5.75
CA ALA A 107 3.07 -2.53 -6.15
C ALA A 107 2.78 -3.07 -7.56
N PHE A 108 1.52 -3.36 -7.83
CA PHE A 108 1.09 -3.84 -9.14
C PHE A 108 1.42 -2.79 -10.21
N VAL A 109 1.14 -1.52 -9.89
CA VAL A 109 1.43 -0.41 -10.78
C VAL A 109 2.95 -0.25 -10.96
N ALA A 110 3.69 -0.40 -9.86
CA ALA A 110 5.15 -0.32 -9.90
C ALA A 110 5.72 -1.43 -10.79
N LYS A 111 5.20 -2.65 -10.59
CA LYS A 111 5.61 -3.81 -11.40
C LYS A 111 5.34 -3.55 -12.87
N HIS A 112 4.15 -3.01 -13.16
CA HIS A 112 3.76 -2.68 -14.53
C HIS A 112 4.71 -1.62 -15.11
N LEU A 113 5.17 -0.71 -14.24
CA LEU A 113 6.11 0.32 -14.65
C LEU A 113 7.50 -0.29 -14.89
N LYS A 114 7.82 -1.34 -14.13
CA LYS A 114 9.10 -2.03 -14.29
C LYS A 114 9.06 -2.92 -15.54
N SER A 115 7.87 -3.43 -15.87
CA SER A 115 7.69 -4.28 -17.05
C SER A 115 7.97 -3.49 -18.33
N VAL A 116 7.93 -2.17 -18.22
CA VAL A 116 8.22 -1.28 -19.35
C VAL A 116 9.50 -0.48 -19.11
N ASN A 117 10.27 -0.91 -18.09
CA ASN A 117 11.54 -0.28 -17.70
C ASN A 117 11.40 1.22 -17.40
N GLN A 118 10.42 1.57 -16.57
CA GLN A 118 10.18 2.97 -16.21
C GLN A 118 10.47 3.24 -14.73
N GLU A 119 11.54 2.62 -14.21
CA GLU A 119 11.95 2.77 -12.79
C GLU A 119 12.00 4.24 -12.35
N SER A 120 12.42 5.12 -13.25
CA SER A 120 12.53 6.55 -12.99
C SER A 120 11.21 7.16 -12.51
N PHE A 121 10.09 6.53 -12.87
CA PHE A 121 8.77 7.01 -12.46
C PHE A 121 8.26 6.22 -11.26
N ILE A 122 8.85 5.06 -11.01
CA ILE A 122 8.47 4.21 -9.88
C ILE A 122 8.81 4.89 -8.56
N GLU A 123 10.00 5.48 -8.49
CA GLU A 123 10.45 6.18 -7.27
C GLU A 123 9.43 7.26 -6.85
N PRO A 124 9.10 8.23 -7.74
CA PRO A 124 8.12 9.28 -7.43
C PRO A 124 6.73 8.70 -7.11
N LEU A 125 6.38 7.60 -7.78
CA LEU A 125 5.09 6.94 -7.53
C LEU A 125 5.06 6.37 -6.10
N ALA A 126 6.09 5.62 -5.75
CA ALA A 126 6.20 5.04 -4.40
C ALA A 126 6.19 6.15 -3.34
N GLU A 127 6.93 7.22 -3.62
CA GLU A 127 6.99 8.37 -2.72
C GLU A 127 5.60 9.02 -2.61
N THR A 128 4.94 9.19 -3.76
CA THR A 128 3.60 9.77 -3.80
C THR A 128 2.63 8.92 -2.99
N ILE A 129 2.66 7.61 -3.23
CA ILE A 129 1.80 6.67 -2.52
C ILE A 129 1.98 6.82 -1.01
N THR A 130 3.25 6.86 -0.57
CA THR A 130 3.55 7.01 0.85
C THR A 130 3.05 8.35 1.39
N ASP A 131 3.43 9.44 0.70
CA ASP A 131 3.02 10.79 1.09
C ASP A 131 1.51 10.88 1.28
N VAL A 132 0.74 10.48 0.26
CA VAL A 132 -0.71 10.50 0.35
C VAL A 132 -1.22 9.56 1.46
N LEU A 133 -0.64 8.36 1.52
CA LEU A 133 -1.03 7.37 2.54
C LEU A 133 -0.89 7.93 3.95
N VAL A 134 0.25 8.56 4.24
CA VAL A 134 0.48 9.14 5.56
C VAL A 134 -0.30 10.44 5.75
N ARG A 135 -0.22 11.35 4.78
CA ARG A 135 -0.91 12.64 4.86
C ARG A 135 -2.42 12.50 5.11
N THR A 136 -3.06 11.52 4.47
CA THR A 136 -4.50 11.34 4.67
C THR A 136 -4.81 10.36 5.82
N LYS A 137 -3.77 9.89 6.53
CA LYS A 137 -3.95 8.97 7.65
C LYS A 137 -2.99 9.29 8.79
N ARG A 138 -2.81 10.57 9.08
CA ARG A 138 -1.91 11.01 10.14
C ARG A 138 -2.41 10.57 11.52
N ASP A 139 -3.59 11.07 11.90
CA ASP A 139 -4.18 10.76 13.19
C ASP A 139 -4.55 9.28 13.33
N TRP A 140 -5.17 8.73 12.29
CA TRP A 140 -5.59 7.32 12.32
C TRP A 140 -4.41 6.38 12.54
N LEU A 141 -3.26 6.67 11.95
CA LEU A 141 -2.08 5.82 12.11
C LEU A 141 -1.50 5.92 13.53
N VAL A 142 -1.29 7.14 14.03
CA VAL A 142 -0.74 7.34 15.37
C VAL A 142 -1.67 6.76 16.45
N LYS A 143 -2.99 6.85 16.21
CA LYS A 143 -3.96 6.31 17.16
C LYS A 143 -4.05 4.78 17.08
N GLN A 144 -3.61 4.21 15.95
CA GLN A 144 -3.65 2.77 15.75
C GLN A 144 -2.29 2.10 15.98
N ARG A 145 -1.47 2.69 16.85
CA ARG A 145 -0.14 2.15 17.18
C ARG A 145 0.82 2.15 15.98
N GLY A 146 0.46 2.86 14.92
CA GLY A 146 1.31 2.93 13.74
C GLY A 146 1.47 1.61 13.00
N TRP A 147 2.69 1.36 12.52
CA TRP A 147 2.98 0.13 11.79
C TRP A 147 2.85 -1.11 12.67
N ASP A 148 3.17 -0.99 13.95
CA ASP A 148 3.04 -2.12 14.87
C ASP A 148 1.58 -2.61 14.90
N GLY A 149 0.65 -1.65 14.85
CA GLY A 149 -0.76 -1.99 14.82
C GLY A 149 -1.12 -2.74 13.55
N PHE A 150 -0.58 -2.26 12.43
CA PHE A 150 -0.80 -2.91 11.13
C PHE A 150 -0.20 -4.32 11.12
N VAL A 151 1.03 -4.42 11.61
CA VAL A 151 1.74 -5.71 11.67
C VAL A 151 0.98 -6.71 12.53
N GLU A 152 0.58 -6.29 13.73
CA GLU A 152 -0.15 -7.15 14.64
C GLU A 152 -1.49 -7.61 14.05
N PHE A 153 -2.25 -6.67 13.49
CA PHE A 153 -3.56 -6.98 12.92
C PHE A 153 -3.47 -7.96 11.75
N PHE A 154 -2.48 -7.79 10.88
CA PHE A 154 -2.35 -8.67 9.71
C PHE A 154 -1.28 -9.76 9.91
N HIS A 155 -0.82 -9.97 11.14
CA HIS A 155 0.19 -10.99 11.42
C HIS A 155 0.17 -11.42 12.89
N VAL A 156 -0.39 -12.59 13.14
CA VAL A 156 -0.47 -13.13 14.51
C VAL A 156 0.91 -13.59 14.99
N GLN A 157 1.25 -13.24 16.24
CA GLN A 157 2.54 -13.61 16.81
C GLN A 157 2.37 -14.42 18.10
N ASP A 158 1.16 -14.39 18.64
CA ASP A 158 0.83 -15.13 19.87
C ASP A 158 0.86 -16.64 19.65
N LEU A 159 1.98 -17.26 19.99
CA LEU A 159 2.14 -18.71 19.83
C LEU A 159 1.86 -19.44 21.15
N GLU A 160 1.75 -18.70 22.23
CA GLU A 160 1.48 -19.28 23.54
C GLU A 160 0.07 -18.91 24.03
N GLY A 161 -0.38 -17.70 23.70
CA GLY A 161 -1.71 -17.26 24.11
C GLY A 161 -2.81 -17.80 23.21
N GLY A 162 -3.06 -19.11 23.27
CA GLY A 162 -4.08 -19.72 22.45
C GLY A 162 -4.41 -21.15 22.86
N ALA B 1 -7.17 8.66 -21.83
CA ALA B 1 -7.32 10.13 -21.72
C ALA B 1 -7.61 10.54 -20.27
N GLU B 2 -8.87 10.39 -19.85
CA GLU B 2 -9.25 10.73 -18.49
C GLU B 2 -9.37 9.48 -17.63
N LEU B 3 -9.35 9.65 -16.32
CA LEU B 3 -9.45 8.52 -15.39
C LEU B 3 -10.84 8.43 -14.76
N PRO B 4 -11.71 7.54 -15.29
CA PRO B 4 -13.06 7.35 -14.75
C PRO B 4 -13.01 6.64 -13.40
N PRO B 5 -13.73 7.13 -12.38
CA PRO B 5 -13.71 6.55 -11.03
C PRO B 5 -14.32 5.12 -10.92
N GLU B 6 -13.93 4.25 -11.85
CA GLU B 6 -14.40 2.87 -11.85
C GLU B 6 -13.48 2.01 -10.98
N PHE B 7 -12.17 2.16 -11.20
CA PHE B 7 -11.16 1.43 -10.44
C PHE B 7 -11.27 1.75 -8.96
N ALA B 8 -11.45 3.04 -8.65
CA ALA B 8 -11.60 3.51 -7.27
C ALA B 8 -12.74 2.79 -6.55
N ALA B 9 -13.86 2.65 -7.24
CA ALA B 9 -15.03 1.97 -6.68
C ALA B 9 -14.73 0.52 -6.31
N GLN B 10 -14.12 -0.21 -7.25
CA GLN B 10 -13.78 -1.60 -7.01
C GLN B 10 -12.66 -1.73 -5.98
N LEU B 11 -11.66 -0.87 -6.08
CA LEU B 11 -10.52 -0.86 -5.16
C LEU B 11 -10.99 -0.74 -3.71
N ARG B 12 -11.86 0.24 -3.43
CA ARG B 12 -12.36 0.42 -2.06
C ARG B 12 -13.20 -0.79 -1.64
N LYS B 13 -13.98 -1.36 -2.58
CA LYS B 13 -14.79 -2.53 -2.27
C LYS B 13 -13.87 -3.72 -1.96
N ILE B 14 -12.79 -3.84 -2.74
CA ILE B 14 -11.80 -4.89 -2.50
C ILE B 14 -11.16 -4.65 -1.14
N GLY B 15 -10.90 -3.38 -0.83
CA GLY B 15 -10.34 -3.02 0.46
C GLY B 15 -11.25 -3.44 1.59
N ASP B 16 -12.54 -3.10 1.48
CA ASP B 16 -13.53 -3.48 2.49
C ASP B 16 -13.54 -5.00 2.64
N LYS B 17 -13.39 -5.70 1.51
CA LYS B 17 -13.35 -7.15 1.49
C LYS B 17 -12.13 -7.68 2.23
N VAL B 18 -10.94 -7.27 1.78
CA VAL B 18 -9.68 -7.68 2.41
C VAL B 18 -9.71 -7.34 3.90
N TYR B 19 -10.25 -6.17 4.21
CA TYR B 19 -10.38 -5.70 5.58
C TYR B 19 -11.19 -6.70 6.42
N CYS B 20 -12.39 -7.06 5.94
CA CYS B 20 -13.24 -8.00 6.66
C CYS B 20 -12.65 -9.41 6.62
N THR B 21 -11.85 -9.68 5.60
CA THR B 21 -11.21 -11.00 5.44
C THR B 21 -10.24 -11.29 6.60
N TRP B 22 -9.44 -10.29 6.96
CA TRP B 22 -8.48 -10.46 8.05
C TRP B 22 -9.11 -10.18 9.42
N SER B 23 -10.11 -9.29 9.45
CA SER B 23 -10.80 -8.94 10.69
C SER B 23 -11.64 -10.10 11.24
N ALA B 24 -12.04 -11.02 10.36
CA ALA B 24 -12.84 -12.17 10.77
C ALA B 24 -11.95 -13.35 11.18
N PRO B 25 -12.02 -13.75 12.47
CA PRO B 25 -11.24 -14.88 12.99
C PRO B 25 -11.87 -16.24 12.69
N ASP B 26 -12.23 -16.46 11.44
CA ASP B 26 -12.86 -17.71 11.01
C ASP B 26 -12.49 -18.04 9.57
N MET B 27 -13.15 -19.05 8.99
CA MET B 27 -12.87 -19.46 7.62
C MET B 27 -14.00 -19.03 6.67
N GLY A 1 13.75 10.34 11.55
CA GLY A 1 13.63 11.61 10.80
C GLY A 1 13.91 12.82 11.67
N PRO A 2 13.79 14.05 11.12
CA PRO A 2 14.02 15.29 11.88
C PRO A 2 12.97 15.51 12.98
N LEU A 3 13.10 16.63 13.70
CA LEU A 3 12.17 16.94 14.77
C LEU A 3 11.10 17.93 14.28
N GLY A 4 10.18 17.45 13.45
CA GLY A 4 9.12 18.29 12.94
C GLY A 4 7.76 17.89 13.47
N SER A 5 7.34 16.65 13.20
CA SER A 5 6.04 16.15 13.67
C SER A 5 5.88 14.66 13.42
N GLU A 6 5.77 14.27 12.15
CA GLU A 6 5.60 12.86 11.78
C GLU A 6 6.72 12.38 10.88
N ASP A 7 7.90 12.95 11.08
CA ASP A 7 9.08 12.62 10.29
C ASP A 7 9.44 11.12 10.39
N ASP A 8 9.55 10.61 11.61
CA ASP A 8 9.88 9.21 11.83
C ASP A 8 8.82 8.28 11.24
N LEU A 9 7.55 8.59 11.47
CA LEU A 9 6.45 7.79 10.94
C LEU A 9 6.49 7.78 9.41
N TYR A 10 6.65 8.96 8.82
CA TYR A 10 6.71 9.09 7.36
C TYR A 10 7.96 8.42 6.79
N ARG A 11 9.10 8.58 7.46
CA ARG A 11 10.35 7.99 6.99
C ARG A 11 10.29 6.46 6.92
N GLN A 12 9.88 5.83 8.02
CA GLN A 12 9.79 4.36 8.06
C GLN A 12 8.79 3.85 7.02
N SER A 13 7.63 4.48 6.93
CA SER A 13 6.61 4.09 5.96
C SER A 13 7.12 4.26 4.52
N LEU A 14 7.82 5.37 4.27
CA LEU A 14 8.37 5.64 2.95
C LEU A 14 9.32 4.51 2.53
N GLU A 15 10.21 4.14 3.44
CA GLU A 15 11.19 3.07 3.19
C GLU A 15 10.52 1.71 2.99
N ILE A 16 9.66 1.32 3.93
CA ILE A 16 8.97 0.03 3.85
C ILE A 16 8.13 -0.08 2.58
N ILE A 17 7.37 0.98 2.28
CA ILE A 17 6.55 0.99 1.08
C ILE A 17 7.42 1.02 -0.19
N SER A 18 8.49 1.83 -0.16
CA SER A 18 9.40 1.92 -1.31
C SER A 18 10.05 0.57 -1.59
N ARG A 19 10.50 -0.13 -0.54
CA ARG A 19 11.12 -1.42 -0.71
C ARG A 19 10.11 -2.49 -1.16
N TYR A 20 8.99 -2.62 -0.44
CA TYR A 20 7.98 -3.61 -0.79
C TYR A 20 7.48 -3.44 -2.22
N LEU A 21 7.21 -2.19 -2.62
CA LEU A 21 6.72 -1.91 -3.97
C LEU A 21 7.74 -2.34 -5.02
N ARG A 22 8.99 -1.93 -4.85
CA ARG A 22 10.06 -2.29 -5.80
C ARG A 22 10.36 -3.80 -5.78
N GLU A 23 10.31 -4.42 -4.60
CA GLU A 23 10.57 -5.85 -4.48
C GLU A 23 9.50 -6.67 -5.19
N GLN A 24 8.23 -6.40 -4.90
CA GLN A 24 7.13 -7.11 -5.55
C GLN A 24 7.10 -6.80 -7.04
N ALA A 25 7.63 -5.63 -7.40
CA ALA A 25 7.70 -5.21 -8.80
C ALA A 25 8.85 -5.94 -9.51
N THR A 26 9.79 -6.47 -8.72
CA THR A 26 10.93 -7.19 -9.27
C THR A 26 10.72 -8.70 -9.25
N GLY A 27 10.16 -9.21 -8.16
CA GLY A 27 9.92 -10.64 -8.04
C GLY A 27 10.84 -11.31 -7.05
N SER A 28 11.74 -10.54 -6.46
CA SER A 28 12.69 -11.07 -5.48
C SER A 28 13.18 -9.98 -4.52
N LYS A 29 14.31 -9.35 -4.87
CA LYS A 29 14.87 -8.29 -4.05
C LYS A 29 15.61 -7.26 -4.91
N ASP A 30 15.00 -6.09 -5.09
CA ASP A 30 15.58 -5.03 -5.91
C ASP A 30 16.74 -4.31 -5.17
N SER A 31 17.37 -3.36 -5.85
CA SER A 31 18.49 -2.60 -5.29
C SER A 31 18.00 -1.48 -4.37
N LYS A 32 17.20 -1.83 -3.37
CA LYS A 32 16.67 -0.85 -2.42
C LYS A 32 17.04 -1.21 -0.98
N PRO A 33 17.79 -0.34 -0.30
CA PRO A 33 18.21 -0.56 1.09
C PRO A 33 17.28 0.10 2.13
N LEU A 34 17.62 -0.08 3.40
CA LEU A 34 16.84 0.49 4.51
C LEU A 34 17.73 1.38 5.39
N GLY A 35 17.13 2.38 6.02
CA GLY A 35 17.89 3.27 6.88
C GLY A 35 17.30 3.42 8.27
N GLU A 36 16.18 4.12 8.37
CA GLU A 36 15.51 4.32 9.65
C GLU A 36 14.48 3.23 9.93
N ALA A 37 13.97 2.60 8.88
CA ALA A 37 12.98 1.52 9.03
C ALA A 37 13.66 0.19 9.38
N GLY A 38 14.35 0.15 10.52
CA GLY A 38 15.04 -1.05 10.94
C GLY A 38 14.15 -2.11 11.60
N ALA A 39 13.66 -1.81 12.80
CA ALA A 39 12.80 -2.75 13.52
C ALA A 39 11.42 -2.85 12.90
N ALA A 40 10.76 -1.69 12.76
CA ALA A 40 9.43 -1.64 12.17
C ALA A 40 9.49 -2.09 10.71
N GLY A 41 10.59 -1.75 10.04
CA GLY A 41 10.77 -2.13 8.65
C GLY A 41 10.83 -3.64 8.47
N ARG A 42 11.35 -4.34 9.47
CA ARG A 42 11.45 -5.80 9.42
C ARG A 42 10.08 -6.48 9.60
N ARG A 43 9.41 -6.17 10.71
CA ARG A 43 8.10 -6.77 10.98
C ARG A 43 7.07 -6.38 9.93
N ALA A 44 7.08 -5.11 9.53
CA ALA A 44 6.17 -4.63 8.50
C ALA A 44 6.46 -5.28 7.16
N LEU A 45 7.73 -5.50 6.85
CA LEU A 45 8.11 -6.12 5.58
C LEU A 45 7.50 -7.52 5.44
N GLU A 46 7.51 -8.29 6.52
CA GLU A 46 6.96 -9.64 6.50
C GLU A 46 5.43 -9.62 6.30
N THR A 47 4.76 -8.85 7.15
CA THR A 47 3.30 -8.74 7.11
C THR A 47 2.80 -8.09 5.82
N LEU A 48 3.56 -7.13 5.30
CA LEU A 48 3.19 -6.43 4.06
C LEU A 48 3.32 -7.37 2.85
N ARG A 49 4.34 -8.22 2.86
CA ARG A 49 4.57 -9.16 1.78
C ARG A 49 3.45 -10.21 1.74
N ARG A 50 3.11 -10.74 2.91
CA ARG A 50 2.07 -11.76 3.03
C ARG A 50 0.68 -11.22 2.62
N VAL A 51 0.24 -10.16 3.28
CA VAL A 51 -1.06 -9.55 2.99
C VAL A 51 -1.09 -8.96 1.59
N GLY A 52 -0.01 -8.28 1.21
CA GLY A 52 0.07 -7.66 -0.10
C GLY A 52 -0.01 -8.65 -1.25
N ASP A 53 0.82 -9.69 -1.23
CA ASP A 53 0.80 -10.70 -2.29
C ASP A 53 -0.53 -11.43 -2.29
N GLY A 54 -1.05 -11.72 -1.10
CA GLY A 54 -2.35 -12.38 -0.99
C GLY A 54 -3.43 -11.63 -1.76
N VAL A 55 -3.44 -10.30 -1.59
CA VAL A 55 -4.39 -9.43 -2.29
C VAL A 55 -4.05 -9.31 -3.78
N GLN A 56 -2.75 -9.28 -4.07
CA GLN A 56 -2.26 -9.17 -5.45
C GLN A 56 -2.65 -10.40 -6.28
N ARG A 57 -2.67 -11.57 -5.65
CA ARG A 57 -3.01 -12.82 -6.33
C ARG A 57 -4.52 -13.03 -6.49
N ASN A 58 -5.29 -12.96 -5.41
CA ASN A 58 -6.74 -13.17 -5.52
C ASN A 58 -7.42 -12.04 -6.30
N HIS A 59 -6.88 -10.83 -6.23
CA HIS A 59 -7.44 -9.70 -6.98
C HIS A 59 -6.61 -9.39 -8.22
N GLU A 60 -5.93 -10.40 -8.75
CA GLU A 60 -5.07 -10.28 -9.94
C GLU A 60 -5.83 -9.66 -11.12
N THR A 61 -6.96 -10.27 -11.49
CA THR A 61 -7.78 -9.80 -12.60
C THR A 61 -8.23 -8.35 -12.40
N ALA A 62 -8.72 -8.04 -11.21
CA ALA A 62 -9.18 -6.70 -10.90
C ALA A 62 -8.03 -5.70 -11.05
N PHE A 63 -6.86 -6.08 -10.54
CA PHE A 63 -5.68 -5.23 -10.63
C PHE A 63 -5.27 -5.04 -12.10
N GLN A 64 -5.13 -6.15 -12.84
CA GLN A 64 -4.76 -6.09 -14.25
C GLN A 64 -5.73 -5.24 -15.07
N GLY A 65 -7.04 -5.42 -14.81
CA GLY A 65 -8.04 -4.64 -15.51
C GLY A 65 -7.90 -3.14 -15.26
N MET A 66 -7.82 -2.76 -13.99
CA MET A 66 -7.68 -1.35 -13.63
C MET A 66 -6.31 -0.81 -14.05
N LEU A 67 -5.29 -1.67 -13.97
CA LEU A 67 -3.93 -1.31 -14.36
C LEU A 67 -3.87 -0.89 -15.82
N ARG A 68 -4.64 -1.59 -16.66
CA ARG A 68 -4.70 -1.27 -18.08
C ARG A 68 -5.48 0.03 -18.31
N LYS A 69 -6.52 0.24 -17.50
CA LYS A 69 -7.34 1.45 -17.61
C LYS A 69 -6.61 2.69 -17.07
N LEU A 70 -5.85 2.52 -15.99
CA LEU A 70 -5.10 3.64 -15.40
C LEU A 70 -4.05 4.19 -16.35
N ASP A 71 -4.03 5.52 -16.49
CA ASP A 71 -3.06 6.20 -17.36
C ASP A 71 -1.70 6.36 -16.68
N ILE A 72 -1.32 5.38 -15.86
CA ILE A 72 -0.05 5.42 -15.15
C ILE A 72 1.13 5.20 -16.09
N LYS A 73 1.85 6.28 -16.39
CA LYS A 73 3.01 6.23 -17.27
C LYS A 73 3.89 7.49 -17.12
N ASN A 74 3.26 8.65 -17.28
CA ASN A 74 3.96 9.94 -17.18
C ASN A 74 3.65 10.64 -15.84
N GLU A 75 4.21 11.84 -15.65
CA GLU A 75 4.02 12.63 -14.40
C GLU A 75 2.55 12.72 -13.95
N GLY A 76 1.62 12.65 -14.89
CA GLY A 76 0.20 12.71 -14.58
C GLY A 76 -0.29 11.56 -13.70
N ASP A 77 0.44 10.44 -13.73
CA ASP A 77 0.07 9.24 -12.97
C ASP A 77 -0.03 9.48 -11.45
N VAL A 78 1.00 10.06 -10.83
CA VAL A 78 1.01 10.32 -9.38
C VAL A 78 -0.15 11.21 -8.95
N LYS A 79 -0.47 12.20 -9.78
CA LYS A 79 -1.57 13.12 -9.49
C LYS A 79 -2.91 12.39 -9.60
N SER A 80 -3.05 11.58 -10.64
CA SER A 80 -4.27 10.81 -10.88
C SER A 80 -4.45 9.77 -9.76
N PHE A 81 -3.36 9.05 -9.46
CA PHE A 81 -3.37 8.03 -8.40
C PHE A 81 -3.78 8.64 -7.06
N SER A 82 -3.23 9.82 -6.76
CA SER A 82 -3.56 10.54 -5.53
C SER A 82 -5.06 10.76 -5.44
N ARG A 83 -5.65 11.19 -6.57
CA ARG A 83 -7.09 11.42 -6.63
C ARG A 83 -7.86 10.11 -6.39
N VAL A 84 -7.30 8.99 -6.89
CA VAL A 84 -7.91 7.68 -6.69
C VAL A 84 -7.92 7.35 -5.19
N MET A 85 -6.75 7.47 -4.56
CA MET A 85 -6.60 7.21 -3.13
C MET A 85 -7.54 8.08 -2.30
N VAL A 86 -7.62 9.37 -2.65
CA VAL A 86 -8.50 10.29 -1.95
C VAL A 86 -9.95 9.79 -2.03
N HIS A 87 -10.34 9.28 -3.21
CA HIS A 87 -11.68 8.75 -3.41
C HIS A 87 -11.86 7.42 -2.66
N VAL A 88 -10.83 6.57 -2.67
CA VAL A 88 -10.90 5.28 -1.98
C VAL A 88 -11.20 5.48 -0.49
N PHE A 89 -10.62 6.50 0.11
CA PHE A 89 -10.85 6.82 1.52
C PHE A 89 -11.78 8.03 1.67
N LYS A 90 -12.60 8.30 0.65
CA LYS A 90 -13.49 9.47 0.66
C LYS A 90 -14.66 9.37 1.65
N ASP A 91 -15.16 8.17 1.94
CA ASP A 91 -16.30 8.02 2.85
C ASP A 91 -15.92 8.35 4.30
N GLY A 92 -14.63 8.37 4.60
CA GLY A 92 -14.17 8.69 5.94
C GLY A 92 -13.84 7.46 6.78
N VAL A 93 -14.37 6.29 6.38
CA VAL A 93 -14.11 5.05 7.10
C VAL A 93 -12.72 4.51 6.79
N THR A 94 -11.88 4.43 7.80
CA THR A 94 -10.51 3.93 7.62
C THR A 94 -10.40 2.43 7.91
N ASN A 95 -10.39 1.62 6.86
CA ASN A 95 -10.27 0.17 7.02
C ASN A 95 -8.85 -0.27 6.66
N TRP A 96 -8.25 -1.13 7.51
CA TRP A 96 -6.89 -1.64 7.27
C TRP A 96 -6.76 -2.33 5.91
N GLY A 97 -7.86 -2.88 5.41
CA GLY A 97 -7.86 -3.56 4.14
C GLY A 97 -7.68 -2.61 2.96
N ARG A 98 -8.13 -1.37 3.11
CA ARG A 98 -7.99 -0.38 2.05
C ARG A 98 -6.53 0.08 1.97
N ILE A 99 -5.91 0.19 3.14
CA ILE A 99 -4.51 0.61 3.23
C ILE A 99 -3.59 -0.40 2.54
N VAL A 100 -3.72 -1.69 2.89
CA VAL A 100 -2.90 -2.73 2.28
C VAL A 100 -3.23 -2.89 0.79
N THR A 101 -4.49 -2.63 0.43
CA THR A 101 -4.90 -2.73 -0.97
C THR A 101 -4.17 -1.70 -1.82
N LEU A 102 -4.11 -0.45 -1.34
CA LEU A 102 -3.40 0.61 -2.05
C LEU A 102 -1.92 0.26 -2.21
N ILE A 103 -1.35 -0.39 -1.19
CA ILE A 103 0.06 -0.80 -1.22
C ILE A 103 0.25 -1.97 -2.20
N SER A 104 -0.61 -2.97 -2.11
CA SER A 104 -0.56 -4.13 -3.00
C SER A 104 -0.73 -3.67 -4.44
N PHE A 105 -1.65 -2.73 -4.65
CA PHE A 105 -1.90 -2.16 -5.97
C PHE A 105 -0.68 -1.37 -6.42
N GLY A 106 -0.11 -0.58 -5.52
CA GLY A 106 1.09 0.20 -5.83
C GLY A 106 2.22 -0.70 -6.29
N ALA A 107 2.40 -1.84 -5.62
CA ALA A 107 3.41 -2.81 -5.99
C ALA A 107 3.14 -3.37 -7.39
N PHE A 108 1.86 -3.64 -7.67
CA PHE A 108 1.46 -4.15 -8.98
C PHE A 108 1.68 -3.07 -10.05
N VAL A 109 1.38 -1.82 -9.69
CA VAL A 109 1.58 -0.69 -10.59
C VAL A 109 3.07 -0.52 -10.87
N ALA A 110 3.88 -0.58 -9.81
CA ALA A 110 5.33 -0.47 -9.96
C ALA A 110 5.85 -1.58 -10.88
N LYS A 111 5.24 -2.75 -10.77
CA LYS A 111 5.60 -3.91 -11.59
C LYS A 111 5.41 -3.60 -13.09
N HIS A 112 4.28 -2.99 -13.45
CA HIS A 112 4.02 -2.66 -14.85
C HIS A 112 5.01 -1.61 -15.37
N LEU A 113 5.40 -0.69 -14.50
CA LEU A 113 6.35 0.36 -14.87
C LEU A 113 7.78 -0.17 -14.94
N LYS A 114 8.19 -0.92 -13.91
CA LYS A 114 9.55 -1.50 -13.87
C LYS A 114 9.77 -2.48 -15.03
N SER A 115 8.68 -3.09 -15.51
CA SER A 115 8.77 -4.03 -16.65
C SER A 115 9.39 -3.35 -17.87
N VAL A 116 9.24 -2.04 -17.96
CA VAL A 116 9.80 -1.25 -19.06
C VAL A 116 10.87 -0.30 -18.52
N ASN A 117 11.43 -0.66 -17.36
CA ASN A 117 12.48 0.10 -16.69
C ASN A 117 12.11 1.56 -16.43
N GLN A 118 11.03 1.78 -15.68
CA GLN A 118 10.60 3.12 -15.35
C GLN A 118 10.59 3.32 -13.82
N GLU A 119 11.56 2.72 -13.14
CA GLU A 119 11.67 2.82 -11.68
C GLU A 119 11.85 4.27 -11.21
N SER A 120 12.38 5.13 -12.08
CA SER A 120 12.58 6.53 -11.74
C SER A 120 11.24 7.23 -11.49
N PHE A 121 10.15 6.62 -11.94
CA PHE A 121 8.80 7.18 -11.75
C PHE A 121 8.09 6.53 -10.55
N ILE A 122 8.38 5.24 -10.32
CA ILE A 122 7.76 4.52 -9.20
C ILE A 122 8.25 5.07 -7.85
N GLU A 123 9.48 5.59 -7.80
CA GLU A 123 10.01 6.17 -6.56
C GLU A 123 9.06 7.29 -6.05
N PRO A 124 8.79 8.34 -6.88
CA PRO A 124 7.86 9.42 -6.51
C PRO A 124 6.43 8.89 -6.29
N LEU A 125 6.09 7.82 -7.01
CA LEU A 125 4.79 7.18 -6.87
C LEU A 125 4.65 6.58 -5.47
N ALA A 126 5.74 5.97 -4.99
CA ALA A 126 5.78 5.40 -3.65
C ALA A 126 5.58 6.50 -2.62
N GLU A 127 6.23 7.65 -2.88
CA GLU A 127 6.09 8.82 -2.03
C GLU A 127 4.64 9.28 -2.06
N THR A 128 4.06 9.26 -3.27
CA THR A 128 2.66 9.64 -3.48
C THR A 128 1.73 8.74 -2.68
N ILE A 129 1.88 7.42 -2.86
CA ILE A 129 1.06 6.44 -2.17
C ILE A 129 1.19 6.60 -0.64
N THR A 130 2.42 6.73 -0.17
CA THR A 130 2.69 6.91 1.26
C THR A 130 2.12 8.23 1.78
N ASP A 131 2.43 9.32 1.08
CA ASP A 131 1.99 10.66 1.47
C ASP A 131 0.47 10.74 1.54
N VAL A 132 -0.21 10.43 0.45
CA VAL A 132 -1.68 10.50 0.43
C VAL A 132 -2.29 9.58 1.50
N LEU A 133 -1.68 8.42 1.70
CA LEU A 133 -2.16 7.46 2.70
C LEU A 133 -2.02 8.00 4.13
N VAL A 134 -0.86 8.57 4.45
CA VAL A 134 -0.64 9.10 5.80
C VAL A 134 -1.28 10.49 5.98
N ARG A 135 -1.00 11.42 5.07
CA ARG A 135 -1.55 12.79 5.16
C ARG A 135 -3.08 12.82 5.27
N THR A 136 -3.78 11.94 4.56
CA THR A 136 -5.25 11.91 4.61
C THR A 136 -5.77 11.14 5.82
N LYS A 137 -4.91 10.40 6.50
CA LYS A 137 -5.32 9.61 7.67
C LYS A 137 -4.32 9.76 8.84
N ARG A 138 -3.85 10.98 9.05
CA ARG A 138 -2.87 11.27 10.12
C ARG A 138 -3.34 10.81 11.50
N ASP A 139 -4.53 11.27 11.91
CA ASP A 139 -5.10 10.91 13.21
C ASP A 139 -5.22 9.39 13.38
N TRP A 140 -5.74 8.72 12.36
CA TRP A 140 -5.93 7.27 12.40
C TRP A 140 -4.58 6.52 12.43
N LEU A 141 -3.64 6.96 11.60
CA LEU A 141 -2.33 6.33 11.51
C LEU A 141 -1.49 6.55 12.78
N VAL A 142 -1.45 7.79 13.28
CA VAL A 142 -0.66 8.09 14.48
C VAL A 142 -1.20 7.34 15.71
N LYS A 143 -2.53 7.21 15.80
CA LYS A 143 -3.15 6.50 16.92
C LYS A 143 -2.98 4.98 16.79
N GLN A 144 -2.80 4.51 15.55
CA GLN A 144 -2.63 3.08 15.31
C GLN A 144 -1.15 2.67 15.31
N ARG A 145 -0.26 3.63 15.59
CA ARG A 145 1.19 3.37 15.64
C ARG A 145 1.76 2.95 14.28
N GLY A 146 1.01 3.21 13.21
CA GLY A 146 1.45 2.86 11.87
C GLY A 146 1.61 1.37 11.60
N TRP A 147 2.85 0.96 11.36
CA TRP A 147 3.17 -0.43 11.04
C TRP A 147 2.91 -1.39 12.20
N ASP A 148 3.18 -0.95 13.42
CA ASP A 148 2.94 -1.79 14.59
C ASP A 148 1.47 -2.21 14.67
N GLY A 149 0.56 -1.26 14.50
CA GLY A 149 -0.86 -1.57 14.53
C GLY A 149 -1.26 -2.36 13.29
N PHE A 150 -0.52 -2.16 12.20
CA PHE A 150 -0.77 -2.87 10.94
C PHE A 150 -0.40 -4.36 11.06
N VAL A 151 0.79 -4.65 11.59
CA VAL A 151 1.23 -6.03 11.75
C VAL A 151 0.38 -6.79 12.76
N GLU A 152 -0.10 -6.08 13.78
CA GLU A 152 -0.95 -6.68 14.82
C GLU A 152 -2.28 -7.16 14.24
N PHE A 153 -2.99 -6.26 13.54
CA PHE A 153 -4.28 -6.60 12.94
C PHE A 153 -4.14 -7.67 11.85
N PHE A 154 -3.04 -7.64 11.12
CA PHE A 154 -2.82 -8.60 10.05
C PHE A 154 -1.94 -9.78 10.48
N HIS A 155 -1.99 -10.14 11.76
CA HIS A 155 -1.19 -11.27 12.24
C HIS A 155 -2.05 -12.50 12.49
N VAL A 156 -2.41 -13.20 11.43
CA VAL A 156 -3.21 -14.42 11.53
C VAL A 156 -2.31 -15.62 11.86
N GLN A 157 -2.66 -16.79 11.34
CA GLN A 157 -1.86 -17.99 11.57
C GLN A 157 -0.56 -17.97 10.74
N ASP A 158 0.32 -17.02 11.09
CA ASP A 158 1.58 -16.87 10.39
C ASP A 158 2.63 -16.21 11.29
N LEU A 159 3.65 -16.99 11.66
CA LEU A 159 4.73 -16.49 12.51
C LEU A 159 5.97 -16.17 11.66
N GLU A 160 6.43 -17.19 10.94
CA GLU A 160 7.58 -17.06 10.06
C GLU A 160 7.16 -17.22 8.61
N GLY A 161 6.29 -18.21 8.35
CA GLY A 161 5.80 -18.47 7.00
C GLY A 161 6.90 -18.90 6.04
N GLY A 162 7.05 -18.14 4.96
CA GLY A 162 8.07 -18.44 3.96
C GLY A 162 8.22 -17.32 2.93
N ALA B 1 -12.63 15.42 -16.67
CA ALA B 1 -13.31 14.68 -17.78
C ALA B 1 -12.46 13.51 -18.25
N GLU B 2 -11.99 12.73 -17.29
CA GLU B 2 -11.15 11.56 -17.56
C GLU B 2 -11.95 10.26 -17.41
N LEU B 3 -11.29 9.21 -16.93
CA LEU B 3 -11.93 7.92 -16.72
C LEU B 3 -12.77 7.94 -15.43
N PRO B 4 -13.96 7.30 -15.45
CA PRO B 4 -14.87 7.24 -14.29
C PRO B 4 -14.20 6.69 -13.02
N PRO B 5 -14.69 7.11 -11.83
CA PRO B 5 -14.13 6.65 -10.53
C PRO B 5 -14.40 5.17 -10.23
N GLU B 6 -14.52 4.37 -11.28
CA GLU B 6 -14.78 2.94 -11.15
C GLU B 6 -13.58 2.22 -10.54
N PHE B 7 -12.38 2.59 -10.97
CA PHE B 7 -11.15 1.99 -10.45
C PHE B 7 -11.00 2.28 -8.96
N ALA B 8 -11.43 3.47 -8.56
CA ALA B 8 -11.36 3.88 -7.16
C ALA B 8 -12.41 3.12 -6.34
N ALA B 9 -13.62 3.01 -6.89
CA ALA B 9 -14.70 2.26 -6.24
C ALA B 9 -14.31 0.80 -6.08
N GLN B 10 -13.74 0.24 -7.16
CA GLN B 10 -13.27 -1.15 -7.15
C GLN B 10 -12.24 -1.36 -6.06
N LEU B 11 -11.24 -0.46 -6.00
CA LEU B 11 -10.19 -0.53 -4.97
C LEU B 11 -10.81 -0.46 -3.58
N ARG B 12 -11.81 0.40 -3.40
CA ARG B 12 -12.49 0.54 -2.13
C ARG B 12 -13.14 -0.79 -1.74
N LYS B 13 -13.91 -1.37 -2.66
CA LYS B 13 -14.55 -2.66 -2.44
C LYS B 13 -13.51 -3.71 -2.06
N ILE B 14 -12.40 -3.72 -2.81
CA ILE B 14 -11.30 -4.65 -2.54
C ILE B 14 -10.77 -4.43 -1.12
N GLY B 15 -10.60 -3.15 -0.76
CA GLY B 15 -10.12 -2.80 0.58
C GLY B 15 -11.08 -3.28 1.66
N ASP B 16 -12.37 -2.98 1.51
CA ASP B 16 -13.39 -3.41 2.46
C ASP B 16 -13.38 -4.94 2.57
N LYS B 17 -13.20 -5.61 1.43
CA LYS B 17 -13.16 -7.07 1.37
C LYS B 17 -11.90 -7.61 2.07
N VAL B 18 -10.75 -7.04 1.76
CA VAL B 18 -9.48 -7.48 2.36
C VAL B 18 -9.53 -7.41 3.89
N TYR B 19 -9.96 -6.27 4.42
CA TYR B 19 -10.06 -6.10 5.87
C TYR B 19 -11.07 -7.09 6.45
N CYS B 20 -12.16 -7.32 5.72
CA CYS B 20 -13.20 -8.25 6.15
C CYS B 20 -12.68 -9.70 6.14
N THR B 21 -11.69 -9.96 5.30
CA THR B 21 -11.10 -11.29 5.16
C THR B 21 -10.05 -11.56 6.26
N TRP B 22 -9.21 -10.57 6.55
CA TRP B 22 -8.16 -10.73 7.57
C TRP B 22 -8.69 -10.55 8.99
N SER B 23 -9.81 -9.85 9.14
CA SER B 23 -10.40 -9.62 10.47
C SER B 23 -11.08 -10.88 11.02
N ALA B 24 -11.17 -11.92 10.21
CA ALA B 24 -11.79 -13.18 10.62
C ALA B 24 -10.78 -14.15 11.25
N PRO B 25 -11.03 -14.58 12.50
CA PRO B 25 -10.14 -15.52 13.20
C PRO B 25 -10.27 -16.96 12.71
N ASP B 26 -9.13 -17.59 12.43
CA ASP B 26 -9.10 -18.97 11.94
C ASP B 26 -8.92 -19.97 13.09
N MET B 27 -7.69 -20.11 13.57
CA MET B 27 -7.39 -21.04 14.68
C MET B 27 -6.73 -20.32 15.85
N GLY A 1 10.76 15.20 8.03
CA GLY A 1 11.37 16.52 8.33
C GLY A 1 10.77 17.17 9.57
N PRO A 2 11.00 18.48 9.78
CA PRO A 2 10.47 19.20 10.94
C PRO A 2 8.99 19.59 10.79
N LEU A 3 8.16 18.61 10.44
CA LEU A 3 6.73 18.84 10.26
C LEU A 3 5.96 18.61 11.57
N GLY A 4 6.58 17.89 12.49
CA GLY A 4 5.95 17.61 13.77
C GLY A 4 5.91 16.13 14.09
N SER A 5 5.18 15.76 15.14
CA SER A 5 5.05 14.37 15.57
C SER A 5 4.17 13.57 14.60
N GLU A 6 4.73 13.31 13.42
CA GLU A 6 4.05 12.55 12.38
C GLU A 6 5.05 12.05 11.35
N ASP A 7 5.99 12.92 10.98
CA ASP A 7 7.03 12.57 10.01
C ASP A 7 7.87 11.40 10.52
N ASP A 8 7.96 11.28 11.84
CA ASP A 8 8.69 10.19 12.48
C ASP A 8 8.15 8.85 11.98
N LEU A 9 6.83 8.80 11.77
CA LEU A 9 6.18 7.60 11.27
C LEU A 9 6.28 7.56 9.74
N TYR A 10 6.28 8.74 9.13
CA TYR A 10 6.40 8.87 7.68
C TYR A 10 7.74 8.31 7.19
N ARG A 11 8.79 8.53 7.99
CA ARG A 11 10.13 8.03 7.65
C ARG A 11 10.11 6.51 7.52
N GLN A 12 9.46 5.84 8.48
CA GLN A 12 9.36 4.39 8.45
C GLN A 12 8.36 3.96 7.38
N SER A 13 7.30 4.75 7.20
CA SER A 13 6.29 4.48 6.19
C SER A 13 6.91 4.42 4.80
N LEU A 14 7.56 5.51 4.40
CA LEU A 14 8.21 5.55 3.09
C LEU A 14 9.31 4.49 2.99
N GLU A 15 10.03 4.26 4.08
CA GLU A 15 11.08 3.24 4.09
C GLU A 15 10.51 1.87 3.75
N ILE A 16 9.48 1.45 4.49
CA ILE A 16 8.83 0.16 4.26
C ILE A 16 8.17 0.10 2.88
N ILE A 17 7.45 1.16 2.52
CA ILE A 17 6.77 1.22 1.23
C ILE A 17 7.76 1.15 0.07
N SER A 18 8.85 1.93 0.15
CA SER A 18 9.89 1.91 -0.89
C SER A 18 10.53 0.53 -0.98
N ARG A 19 10.86 -0.04 0.18
CA ARG A 19 11.49 -1.35 0.23
C ARG A 19 10.58 -2.43 -0.36
N TYR A 20 9.30 -2.43 0.02
CA TYR A 20 8.36 -3.43 -0.49
C TYR A 20 8.04 -3.24 -1.97
N LEU A 21 7.59 -2.04 -2.36
CA LEU A 21 7.21 -1.78 -3.75
C LEU A 21 8.35 -2.02 -4.73
N ARG A 22 9.53 -1.46 -4.45
CA ARG A 22 10.67 -1.63 -5.35
C ARG A 22 11.16 -3.08 -5.40
N GLU A 23 11.17 -3.78 -4.26
CA GLU A 23 11.62 -5.17 -4.25
C GLU A 23 10.62 -6.10 -4.94
N GLN A 24 9.34 -5.97 -4.60
CA GLN A 24 8.29 -6.79 -5.22
C GLN A 24 8.21 -6.55 -6.73
N ALA A 25 8.58 -5.33 -7.15
CA ALA A 25 8.54 -4.96 -8.57
C ALA A 25 9.67 -5.60 -9.38
N THR A 26 10.77 -5.95 -8.72
CA THR A 26 11.89 -6.57 -9.43
C THR A 26 12.08 -8.05 -9.07
N GLY A 27 11.57 -8.47 -7.91
CA GLY A 27 11.70 -9.87 -7.50
C GLY A 27 13.12 -10.25 -7.10
N SER A 28 13.88 -9.29 -6.58
CA SER A 28 15.27 -9.55 -6.17
C SER A 28 15.32 -10.29 -4.83
N LYS A 29 14.82 -9.66 -3.77
CA LYS A 29 14.81 -10.30 -2.45
C LYS A 29 13.65 -9.79 -1.59
N ASP A 30 12.78 -10.72 -1.21
CA ASP A 30 11.61 -10.44 -0.38
C ASP A 30 11.96 -9.64 0.88
N SER A 31 12.63 -10.31 1.82
CA SER A 31 13.03 -9.68 3.08
C SER A 31 14.40 -9.01 2.95
N LYS A 32 14.43 -7.82 2.36
CA LYS A 32 15.69 -7.10 2.20
C LYS A 32 15.89 -6.09 3.33
N PRO A 33 17.12 -5.98 3.85
CA PRO A 33 17.46 -5.06 4.95
C PRO A 33 17.13 -3.59 4.66
N LEU A 34 16.58 -2.91 5.66
CA LEU A 34 16.21 -1.50 5.52
C LEU A 34 17.31 -0.60 6.11
N GLY A 35 16.99 0.67 6.33
CA GLY A 35 17.98 1.59 6.88
C GLY A 35 17.51 2.31 8.14
N GLU A 36 16.25 2.74 8.15
CA GLU A 36 15.69 3.44 9.30
C GLU A 36 14.58 2.62 9.97
N ALA A 37 13.92 1.76 9.20
CA ALA A 37 12.85 0.93 9.73
C ALA A 37 13.32 -0.51 9.99
N GLY A 38 13.97 -0.73 11.12
CA GLY A 38 14.47 -2.07 11.45
C GLY A 38 13.41 -3.00 12.02
N ALA A 39 12.98 -2.74 13.26
CA ALA A 39 11.98 -3.57 13.93
C ALA A 39 10.61 -3.47 13.25
N ALA A 40 10.11 -2.24 13.13
CA ALA A 40 8.82 -2.02 12.49
C ALA A 40 8.91 -2.37 11.00
N GLY A 41 10.05 -2.06 10.39
CA GLY A 41 10.25 -2.36 8.98
C GLY A 41 10.24 -3.85 8.70
N ARG A 42 10.88 -4.63 9.57
CA ARG A 42 10.93 -6.08 9.42
C ARG A 42 9.52 -6.67 9.49
N ARG A 43 8.80 -6.35 10.58
CA ARG A 43 7.45 -6.84 10.77
C ARG A 43 6.53 -6.40 9.63
N ALA A 44 6.64 -5.12 9.25
CA ALA A 44 5.81 -4.58 8.19
C ALA A 44 6.16 -5.15 6.81
N LEU A 45 7.44 -5.36 6.53
CA LEU A 45 7.86 -5.89 5.22
C LEU A 45 7.32 -7.30 4.98
N GLU A 46 7.51 -8.19 5.96
CA GLU A 46 7.05 -9.57 5.84
C GLU A 46 5.51 -9.62 5.81
N THR A 47 4.87 -8.75 6.57
CA THR A 47 3.41 -8.71 6.62
C THR A 47 2.86 -8.10 5.33
N LEU A 48 3.46 -7.00 4.88
CA LEU A 48 3.04 -6.33 3.64
C LEU A 48 3.21 -7.26 2.44
N ARG A 49 4.27 -8.07 2.46
CA ARG A 49 4.53 -9.03 1.39
C ARG A 49 3.42 -10.07 1.33
N ARG A 50 3.19 -10.74 2.46
CA ARG A 50 2.17 -11.77 2.57
C ARG A 50 0.77 -11.24 2.24
N VAL A 51 0.40 -10.11 2.83
CA VAL A 51 -0.92 -9.52 2.61
C VAL A 51 -1.04 -8.89 1.21
N GLY A 52 -0.07 -8.07 0.84
CA GLY A 52 -0.09 -7.41 -0.47
C GLY A 52 -0.15 -8.41 -1.62
N ASP A 53 0.79 -9.37 -1.63
CA ASP A 53 0.82 -10.39 -2.66
C ASP A 53 -0.50 -11.19 -2.64
N GLY A 54 -1.00 -11.48 -1.44
CA GLY A 54 -2.25 -12.21 -1.32
C GLY A 54 -3.43 -11.45 -1.91
N VAL A 55 -3.58 -10.18 -1.54
CA VAL A 55 -4.66 -9.33 -2.05
C VAL A 55 -4.66 -9.26 -3.59
N GLN A 56 -3.51 -8.93 -4.16
CA GLN A 56 -3.39 -8.82 -5.61
C GLN A 56 -3.48 -10.18 -6.30
N ARG A 57 -3.02 -11.25 -5.65
CA ARG A 57 -3.11 -12.59 -6.23
C ARG A 57 -4.57 -13.04 -6.28
N ASN A 58 -5.30 -12.79 -5.18
CA ASN A 58 -6.72 -13.13 -5.10
C ASN A 58 -7.54 -12.30 -6.09
N HIS A 59 -7.28 -10.99 -6.10
CA HIS A 59 -7.98 -10.08 -7.00
C HIS A 59 -7.12 -9.80 -8.24
N GLU A 60 -6.40 -10.83 -8.69
CA GLU A 60 -5.49 -10.75 -9.84
C GLU A 60 -6.17 -10.12 -11.05
N THR A 61 -7.33 -10.64 -11.42
CA THR A 61 -8.07 -10.14 -12.58
C THR A 61 -8.58 -8.71 -12.37
N ALA A 62 -9.02 -8.40 -11.16
CA ALA A 62 -9.52 -7.07 -10.84
C ALA A 62 -8.40 -6.04 -10.98
N PHE A 63 -7.24 -6.37 -10.43
CA PHE A 63 -6.07 -5.48 -10.49
C PHE A 63 -5.52 -5.43 -11.92
N GLN A 64 -5.45 -6.60 -12.57
CA GLN A 64 -4.95 -6.69 -13.94
C GLN A 64 -5.85 -5.90 -14.90
N GLY A 65 -7.17 -6.07 -14.77
CA GLY A 65 -8.11 -5.35 -15.60
C GLY A 65 -7.97 -3.85 -15.46
N MET A 66 -7.95 -3.38 -14.21
CA MET A 66 -7.79 -1.96 -13.91
C MET A 66 -6.46 -1.46 -14.45
N LEU A 67 -5.44 -2.33 -14.36
CA LEU A 67 -4.10 -2.02 -14.85
C LEU A 67 -4.08 -1.92 -16.38
N ARG A 68 -4.82 -2.82 -17.04
CA ARG A 68 -4.92 -2.83 -18.49
C ARG A 68 -5.44 -1.48 -19.01
N LYS A 69 -6.39 -0.91 -18.28
CA LYS A 69 -6.96 0.38 -18.66
C LYS A 69 -6.34 1.51 -17.83
N LEU A 70 -5.26 1.21 -17.13
CA LEU A 70 -4.57 2.20 -16.30
C LEU A 70 -3.62 3.07 -17.15
N ASP A 71 -3.98 4.33 -17.32
CA ASP A 71 -3.18 5.27 -18.10
C ASP A 71 -1.97 5.81 -17.32
N ILE A 72 -1.40 4.99 -16.45
CA ILE A 72 -0.24 5.41 -15.67
C ILE A 72 1.04 5.24 -16.50
N LYS A 73 1.59 6.39 -16.91
CA LYS A 73 2.82 6.42 -17.70
C LYS A 73 3.47 7.81 -17.65
N ASN A 74 2.65 8.85 -17.69
CA ASN A 74 3.15 10.23 -17.66
C ASN A 74 2.91 10.89 -16.30
N GLU A 75 3.29 12.17 -16.18
CA GLU A 75 3.15 12.96 -14.94
C GLU A 75 1.76 12.87 -14.29
N GLY A 76 0.75 12.51 -15.09
CA GLY A 76 -0.62 12.40 -14.59
C GLY A 76 -0.85 11.23 -13.63
N ASP A 77 -0.01 10.19 -13.73
CA ASP A 77 -0.14 8.99 -12.91
C ASP A 77 -0.17 9.26 -11.39
N VAL A 78 0.86 9.92 -10.87
CA VAL A 78 0.92 10.23 -9.44
C VAL A 78 -0.24 11.13 -9.00
N LYS A 79 -0.67 12.01 -9.90
CA LYS A 79 -1.77 12.92 -9.61
C LYS A 79 -3.10 12.15 -9.54
N SER A 80 -3.25 11.17 -10.43
CA SER A 80 -4.46 10.35 -10.45
C SER A 80 -4.46 9.37 -9.28
N PHE A 81 -3.32 8.72 -9.04
CA PHE A 81 -3.18 7.75 -7.94
C PHE A 81 -3.51 8.41 -6.60
N SER A 82 -2.94 9.59 -6.37
CA SER A 82 -3.19 10.33 -5.13
C SER A 82 -4.66 10.75 -5.08
N ARG A 83 -5.20 11.16 -6.23
CA ARG A 83 -6.60 11.56 -6.33
C ARG A 83 -7.51 10.38 -5.96
N VAL A 84 -7.19 9.20 -6.47
CA VAL A 84 -7.95 7.98 -6.17
C VAL A 84 -7.93 7.70 -4.67
N MET A 85 -6.73 7.77 -4.08
CA MET A 85 -6.55 7.53 -2.65
C MET A 85 -7.45 8.45 -1.82
N VAL A 86 -7.55 9.72 -2.23
CA VAL A 86 -8.38 10.68 -1.51
C VAL A 86 -9.87 10.32 -1.64
N HIS A 87 -10.26 9.81 -2.79
CA HIS A 87 -11.65 9.42 -3.05
C HIS A 87 -11.99 8.08 -2.37
N VAL A 88 -11.04 7.15 -2.35
CA VAL A 88 -11.27 5.84 -1.73
C VAL A 88 -11.70 5.97 -0.26
N PHE A 89 -11.09 6.92 0.45
CA PHE A 89 -11.41 7.14 1.86
C PHE A 89 -12.34 8.34 2.05
N LYS A 90 -13.11 8.67 1.01
CA LYS A 90 -14.05 9.79 1.09
C LYS A 90 -15.26 9.45 1.97
N ASP A 91 -15.41 8.18 2.32
CA ASP A 91 -16.52 7.75 3.17
C ASP A 91 -16.16 7.84 4.66
N GLY A 92 -14.88 8.08 4.94
CA GLY A 92 -14.43 8.22 6.32
C GLY A 92 -13.96 6.92 6.98
N VAL A 93 -14.37 5.79 6.42
CA VAL A 93 -13.98 4.49 6.98
C VAL A 93 -12.55 4.12 6.58
N THR A 94 -11.62 4.28 7.51
CA THR A 94 -10.22 3.97 7.25
C THR A 94 -9.87 2.55 7.67
N ASN A 95 -10.15 1.60 6.79
CA ASN A 95 -9.87 0.20 7.07
C ASN A 95 -8.46 -0.19 6.65
N TRP A 96 -7.79 -1.02 7.45
CA TRP A 96 -6.43 -1.47 7.13
C TRP A 96 -6.38 -2.18 5.78
N GLY A 97 -7.43 -2.95 5.49
CA GLY A 97 -7.51 -3.65 4.22
C GLY A 97 -7.49 -2.69 3.03
N ARG A 98 -8.03 -1.49 3.24
CA ARG A 98 -8.04 -0.47 2.19
C ARG A 98 -6.65 0.14 2.04
N ILE A 99 -6.07 0.51 3.18
CA ILE A 99 -4.73 1.10 3.21
C ILE A 99 -3.71 0.17 2.54
N VAL A 100 -3.79 -1.11 2.86
CA VAL A 100 -2.89 -2.09 2.28
C VAL A 100 -3.23 -2.33 0.79
N THR A 101 -4.52 -2.22 0.45
CA THR A 101 -4.95 -2.40 -0.95
C THR A 101 -4.33 -1.33 -1.85
N LEU A 102 -4.23 -0.10 -1.33
CA LEU A 102 -3.60 0.99 -2.09
C LEU A 102 -2.13 0.67 -2.35
N ILE A 103 -1.47 0.12 -1.33
CA ILE A 103 -0.06 -0.27 -1.44
C ILE A 103 0.05 -1.47 -2.39
N SER A 104 -0.95 -2.36 -2.33
CA SER A 104 -0.99 -3.53 -3.20
C SER A 104 -1.10 -3.08 -4.66
N PHE A 105 -1.97 -2.11 -4.90
CA PHE A 105 -2.14 -1.55 -6.24
C PHE A 105 -0.83 -0.86 -6.64
N GLY A 106 -0.23 -0.15 -5.69
CA GLY A 106 1.05 0.51 -5.94
C GLY A 106 2.10 -0.51 -6.37
N ALA A 107 2.14 -1.65 -5.67
CA ALA A 107 3.06 -2.73 -5.99
C ALA A 107 2.74 -3.32 -7.38
N PHE A 108 1.45 -3.31 -7.75
CA PHE A 108 1.03 -3.80 -9.06
C PHE A 108 1.54 -2.87 -10.16
N VAL A 109 1.38 -1.56 -9.92
CA VAL A 109 1.86 -0.54 -10.85
C VAL A 109 3.37 -0.60 -10.95
N ALA A 110 4.02 -0.84 -9.81
CA ALA A 110 5.48 -0.96 -9.76
C ALA A 110 5.95 -2.08 -10.69
N LYS A 111 5.29 -3.24 -10.61
CA LYS A 111 5.62 -4.37 -11.49
C LYS A 111 5.43 -3.96 -12.95
N HIS A 112 4.28 -3.37 -13.25
CA HIS A 112 3.96 -2.93 -14.61
C HIS A 112 5.00 -1.94 -15.15
N LEU A 113 5.38 -0.97 -14.33
CA LEU A 113 6.36 0.04 -14.73
C LEU A 113 7.76 -0.58 -14.86
N LYS A 114 8.13 -1.44 -13.91
CA LYS A 114 9.45 -2.09 -13.94
C LYS A 114 9.55 -3.06 -15.12
N SER A 115 8.43 -3.68 -15.50
CA SER A 115 8.40 -4.62 -16.62
C SER A 115 8.74 -3.93 -17.94
N VAL A 116 8.45 -2.63 -18.01
CA VAL A 116 8.75 -1.84 -19.20
C VAL A 116 9.95 -0.91 -18.96
N ASN A 117 10.64 -1.15 -17.83
CA ASN A 117 11.82 -0.37 -17.44
C ASN A 117 11.53 1.12 -17.24
N GLN A 118 10.35 1.43 -16.69
CA GLN A 118 9.98 2.82 -16.42
C GLN A 118 10.07 3.12 -14.91
N GLU A 119 11.08 2.54 -14.29
CA GLU A 119 11.32 2.68 -12.85
C GLU A 119 11.46 4.14 -12.40
N SER A 120 11.82 5.02 -13.33
CA SER A 120 11.98 6.44 -13.02
C SER A 120 10.66 7.06 -12.54
N PHE A 121 9.55 6.38 -12.84
CA PHE A 121 8.23 6.85 -12.40
C PHE A 121 7.81 6.15 -11.10
N ILE A 122 8.40 4.98 -10.83
CA ILE A 122 8.09 4.22 -9.61
C ILE A 122 8.57 4.97 -8.37
N GLU A 123 9.80 5.49 -8.43
CA GLU A 123 10.39 6.23 -7.29
C GLU A 123 9.45 7.37 -6.82
N PRO A 124 9.06 8.32 -7.72
CA PRO A 124 8.15 9.41 -7.34
C PRO A 124 6.76 8.91 -6.94
N LEU A 125 6.35 7.77 -7.51
CA LEU A 125 5.06 7.17 -7.21
C LEU A 125 5.01 6.72 -5.74
N ALA A 126 6.10 6.09 -5.28
CA ALA A 126 6.20 5.62 -3.90
C ALA A 126 6.04 6.77 -2.90
N GLU A 127 6.73 7.88 -3.15
CA GLU A 127 6.64 9.05 -2.29
C GLU A 127 5.24 9.65 -2.36
N THR A 128 4.69 9.73 -3.58
CA THR A 128 3.36 10.27 -3.78
C THR A 128 2.32 9.46 -2.99
N ILE A 129 2.38 8.14 -3.15
CA ILE A 129 1.48 7.25 -2.43
C ILE A 129 1.65 7.42 -0.92
N THR A 130 2.90 7.28 -0.46
CA THR A 130 3.22 7.40 0.97
C THR A 130 2.79 8.74 1.57
N ASP A 131 3.21 9.85 0.95
CA ASP A 131 2.87 11.18 1.46
C ASP A 131 1.36 11.36 1.59
N VAL A 132 0.64 11.11 0.50
CA VAL A 132 -0.83 11.24 0.52
C VAL A 132 -1.44 10.29 1.55
N LEU A 133 -0.89 9.08 1.65
CA LEU A 133 -1.36 8.06 2.60
C LEU A 133 -1.22 8.53 4.05
N VAL A 134 -0.06 9.07 4.39
CA VAL A 134 0.21 9.52 5.76
C VAL A 134 -0.47 10.87 6.06
N ARG A 135 -0.44 11.80 5.10
CA ARG A 135 -1.05 13.12 5.31
C ARG A 135 -2.57 13.05 5.45
N THR A 136 -3.20 12.05 4.84
CA THR A 136 -4.65 11.89 4.92
C THR A 136 -5.07 11.12 6.17
N LYS A 137 -4.67 9.86 6.25
CA LYS A 137 -5.04 9.00 7.38
C LYS A 137 -4.03 9.09 8.52
N ARG A 138 -3.56 10.30 8.80
CA ARG A 138 -2.59 10.52 9.89
C ARG A 138 -3.11 10.04 11.24
N ASP A 139 -4.36 10.37 11.55
CA ASP A 139 -4.97 9.98 12.83
C ASP A 139 -5.08 8.47 12.97
N TRP A 140 -5.64 7.80 11.97
CA TRP A 140 -5.78 6.35 12.03
C TRP A 140 -4.42 5.66 12.09
N LEU A 141 -3.42 6.27 11.46
CA LEU A 141 -2.07 5.73 11.48
C LEU A 141 -1.44 5.88 12.86
N VAL A 142 -1.45 7.10 13.41
CA VAL A 142 -0.88 7.36 14.72
C VAL A 142 -1.64 6.61 15.83
N LYS A 143 -2.94 6.40 15.63
CA LYS A 143 -3.79 5.71 16.59
C LYS A 143 -3.45 4.23 16.71
N GLN A 144 -3.18 3.57 15.58
CA GLN A 144 -2.86 2.14 15.60
C GLN A 144 -1.35 1.86 15.59
N ARG A 145 -0.56 2.78 16.17
CA ARG A 145 0.90 2.62 16.24
C ARG A 145 1.53 2.50 14.84
N GLY A 146 0.84 3.01 13.83
CA GLY A 146 1.35 2.95 12.47
C GLY A 146 1.37 1.54 11.88
N TRP A 147 2.52 1.18 11.32
CA TRP A 147 2.71 -0.12 10.70
C TRP A 147 2.77 -1.25 11.72
N ASP A 148 3.25 -0.97 12.92
CA ASP A 148 3.34 -1.99 13.96
C ASP A 148 1.94 -2.56 14.25
N GLY A 149 0.95 -1.67 14.35
CA GLY A 149 -0.43 -2.10 14.57
C GLY A 149 -0.98 -2.80 13.34
N PHE A 150 -0.63 -2.28 12.16
CA PHE A 150 -1.04 -2.89 10.89
C PHE A 150 -0.55 -4.34 10.80
N VAL A 151 0.66 -4.58 11.30
CA VAL A 151 1.26 -5.91 11.30
C VAL A 151 0.48 -6.87 12.20
N GLU A 152 0.21 -6.43 13.43
CA GLU A 152 -0.55 -7.24 14.39
C GLU A 152 -1.93 -7.61 13.84
N PHE A 153 -2.58 -6.63 13.20
CA PHE A 153 -3.93 -6.82 12.63
C PHE A 153 -3.94 -7.90 11.53
N PHE A 154 -2.91 -7.93 10.70
CA PHE A 154 -2.84 -8.91 9.63
C PHE A 154 -2.05 -10.15 10.04
N HIS A 155 -1.98 -10.39 11.35
CA HIS A 155 -1.26 -11.54 11.88
C HIS A 155 -2.03 -12.20 13.02
N VAL A 156 -1.35 -13.06 13.79
CA VAL A 156 -1.97 -13.75 14.91
C VAL A 156 -0.89 -14.35 15.83
N GLN A 157 -1.31 -14.94 16.95
CA GLN A 157 -0.38 -15.55 17.89
C GLN A 157 0.13 -16.90 17.36
N ASP A 158 0.86 -16.84 16.26
CA ASP A 158 1.40 -18.02 15.60
C ASP A 158 2.58 -18.60 16.38
N LEU A 159 2.44 -19.86 16.75
CA LEU A 159 3.47 -20.59 17.48
C LEU A 159 3.95 -21.80 16.65
N GLU A 160 3.53 -21.87 15.39
CA GLU A 160 3.92 -22.99 14.52
C GLU A 160 4.56 -22.48 13.22
N GLY A 161 3.98 -21.43 12.64
CA GLY A 161 4.51 -20.89 11.39
C GLY A 161 3.59 -21.13 10.21
N GLY A 162 2.51 -20.36 10.12
CA GLY A 162 1.57 -20.52 9.01
C GLY A 162 1.96 -19.72 7.78
N ALA B 1 -5.53 6.22 -22.98
CA ALA B 1 -6.64 7.15 -22.62
C ALA B 1 -7.94 6.38 -22.41
N GLU B 2 -7.92 5.42 -21.50
CA GLU B 2 -9.09 4.59 -21.23
C GLU B 2 -9.32 4.42 -19.73
N LEU B 3 -8.58 5.17 -18.91
CA LEU B 3 -8.70 5.09 -17.46
C LEU B 3 -10.13 5.41 -16.98
N PRO B 4 -10.85 4.39 -16.48
CA PRO B 4 -12.21 4.53 -15.99
C PRO B 4 -12.29 4.85 -14.50
N PRO B 5 -13.35 5.57 -14.05
CA PRO B 5 -13.53 5.94 -12.64
C PRO B 5 -13.89 4.76 -11.73
N GLU B 6 -13.46 3.56 -12.10
CA GLU B 6 -13.74 2.36 -11.33
C GLU B 6 -12.65 2.13 -10.27
N PHE B 7 -11.50 2.77 -10.44
CA PHE B 7 -10.38 2.62 -9.51
C PHE B 7 -10.77 2.93 -8.06
N ALA B 8 -11.57 3.96 -7.86
CA ALA B 8 -12.01 4.36 -6.52
C ALA B 8 -12.94 3.33 -5.92
N ALA B 9 -13.92 2.89 -6.72
CA ALA B 9 -14.87 1.87 -6.28
C ALA B 9 -14.19 0.56 -5.99
N GLN B 10 -13.41 0.09 -6.97
CA GLN B 10 -12.68 -1.18 -6.88
C GLN B 10 -11.77 -1.22 -5.65
N LEU B 11 -10.89 -0.23 -5.51
CA LEU B 11 -9.97 -0.20 -4.36
C LEU B 11 -10.72 -0.07 -3.03
N ARG B 12 -11.90 0.57 -3.06
CA ARG B 12 -12.72 0.72 -1.85
C ARG B 12 -13.32 -0.63 -1.44
N LYS B 13 -14.08 -1.25 -2.36
CA LYS B 13 -14.72 -2.54 -2.09
C LYS B 13 -13.69 -3.64 -1.81
N ILE B 14 -12.61 -3.68 -2.58
CA ILE B 14 -11.56 -4.68 -2.38
C ILE B 14 -10.90 -4.48 -1.02
N GLY B 15 -10.66 -3.22 -0.66
CA GLY B 15 -10.06 -2.91 0.61
C GLY B 15 -10.90 -3.39 1.77
N ASP B 16 -12.20 -3.09 1.74
CA ASP B 16 -13.11 -3.52 2.79
C ASP B 16 -13.27 -5.04 2.78
N LYS B 17 -13.24 -5.65 1.59
CA LYS B 17 -13.34 -7.10 1.46
C LYS B 17 -12.12 -7.77 2.09
N VAL B 18 -10.93 -7.26 1.76
CA VAL B 18 -9.68 -7.79 2.31
C VAL B 18 -9.68 -7.61 3.83
N TYR B 19 -10.01 -6.38 4.27
CA TYR B 19 -10.09 -6.06 5.69
C TYR B 19 -11.06 -7.02 6.39
N CYS B 20 -12.15 -7.36 5.70
CA CYS B 20 -13.14 -8.28 6.24
C CYS B 20 -12.55 -9.69 6.41
N THR B 21 -11.84 -10.16 5.38
CA THR B 21 -11.23 -11.50 5.41
C THR B 21 -10.18 -11.66 6.52
N TRP B 22 -9.42 -10.59 6.80
CA TRP B 22 -8.38 -10.67 7.82
C TRP B 22 -8.91 -10.37 9.23
N SER B 23 -10.00 -9.61 9.33
CA SER B 23 -10.58 -9.29 10.64
C SER B 23 -11.69 -10.29 11.01
N ALA B 24 -12.68 -10.41 10.14
CA ALA B 24 -13.80 -11.32 10.35
C ALA B 24 -13.55 -12.70 9.72
N PRO B 25 -14.24 -13.74 10.21
CA PRO B 25 -14.10 -15.10 9.66
C PRO B 25 -14.83 -15.28 8.32
N ASP B 26 -14.17 -14.87 7.23
CA ASP B 26 -14.74 -14.97 5.88
C ASP B 26 -14.80 -16.44 5.40
N MET B 27 -15.74 -17.20 5.94
CA MET B 27 -15.91 -18.61 5.56
C MET B 27 -17.32 -18.89 5.03
N GLY A 1 5.53 10.92 17.07
CA GLY A 1 5.30 9.98 18.20
C GLY A 1 6.44 9.95 19.20
N PRO A 2 7.35 8.97 19.08
CA PRO A 2 8.50 8.85 19.99
C PRO A 2 9.58 9.90 19.74
N LEU A 3 9.60 10.47 18.54
CA LEU A 3 10.60 11.50 18.19
C LEU A 3 9.93 12.84 17.89
N GLY A 4 8.97 12.83 16.97
CA GLY A 4 8.29 14.06 16.63
C GLY A 4 6.78 13.93 16.71
N SER A 5 6.08 14.36 15.68
CA SER A 5 4.62 14.28 15.65
C SER A 5 4.15 13.26 14.61
N GLU A 6 4.73 13.34 13.43
CA GLU A 6 4.37 12.43 12.33
C GLU A 6 5.61 12.00 11.55
N ASP A 7 6.67 12.78 11.67
CA ASP A 7 7.93 12.51 11.00
C ASP A 7 8.41 11.07 11.26
N ASP A 8 8.44 10.67 12.53
CA ASP A 8 8.87 9.32 12.90
C ASP A 8 8.00 8.26 12.21
N LEU A 9 6.70 8.47 12.26
CA LEU A 9 5.74 7.56 11.63
C LEU A 9 5.95 7.52 10.10
N TYR A 10 6.07 8.69 9.50
CA TYR A 10 6.26 8.81 8.06
C TYR A 10 7.62 8.25 7.62
N ARG A 11 8.67 8.51 8.40
CA ARG A 11 10.02 8.01 8.08
C ARG A 11 10.04 6.48 8.01
N GLN A 12 9.45 5.83 9.00
CA GLN A 12 9.41 4.37 9.02
C GLN A 12 8.48 3.83 7.93
N SER A 13 7.39 4.55 7.69
CA SER A 13 6.44 4.16 6.65
C SER A 13 7.11 4.24 5.28
N LEU A 14 7.82 5.33 5.03
CA LEU A 14 8.52 5.55 3.77
C LEU A 14 9.46 4.37 3.48
N GLU A 15 10.34 4.06 4.42
CA GLU A 15 11.28 2.95 4.25
C GLU A 15 10.57 1.63 3.94
N ILE A 16 9.49 1.34 4.65
CA ILE A 16 8.74 0.10 4.45
C ILE A 16 8.01 0.07 3.10
N ILE A 17 7.21 1.10 2.81
CA ILE A 17 6.46 1.15 1.55
C ILE A 17 7.39 1.29 0.34
N SER A 18 8.35 2.22 0.41
CA SER A 18 9.29 2.44 -0.69
C SER A 18 10.06 1.16 -1.03
N ARG A 19 10.55 0.45 -0.01
CA ARG A 19 11.27 -0.78 -0.25
C ARG A 19 10.33 -1.85 -0.82
N TYR A 20 9.17 -2.03 -0.17
CA TYR A 20 8.19 -3.04 -0.61
C TYR A 20 7.75 -2.83 -2.07
N LEU A 21 7.34 -1.62 -2.43
CA LEU A 21 6.89 -1.36 -3.81
C LEU A 21 8.01 -1.60 -4.83
N ARG A 22 9.21 -1.10 -4.53
CA ARG A 22 10.35 -1.30 -5.45
C ARG A 22 10.73 -2.78 -5.54
N GLU A 23 10.64 -3.48 -4.41
CA GLU A 23 10.93 -4.92 -4.35
C GLU A 23 10.05 -5.69 -5.31
N GLN A 24 8.74 -5.50 -5.20
CA GLN A 24 7.79 -6.18 -6.06
C GLN A 24 7.92 -5.70 -7.50
N ALA A 25 8.11 -4.39 -7.68
CA ALA A 25 8.27 -3.80 -9.02
C ALA A 25 9.45 -4.41 -9.78
N THR A 26 10.63 -4.35 -9.17
CA THR A 26 11.85 -4.88 -9.78
C THR A 26 11.82 -6.41 -9.88
N GLY A 27 11.25 -7.05 -8.88
CA GLY A 27 11.16 -8.51 -8.88
C GLY A 27 12.23 -9.16 -8.01
N SER A 28 12.71 -8.42 -7.02
CA SER A 28 13.73 -8.94 -6.11
C SER A 28 13.55 -8.38 -4.70
N LYS A 29 13.47 -9.29 -3.73
CA LYS A 29 13.29 -8.94 -2.32
C LYS A 29 14.55 -8.29 -1.72
N ASP A 30 14.37 -7.41 -0.75
CA ASP A 30 15.51 -6.75 -0.11
C ASP A 30 15.66 -7.23 1.35
N SER A 31 16.71 -8.00 1.59
CA SER A 31 16.98 -8.52 2.94
C SER A 31 18.13 -7.77 3.62
N LYS A 32 18.33 -6.50 3.23
CA LYS A 32 19.39 -5.69 3.84
C LYS A 32 18.81 -4.81 4.95
N PRO A 33 19.64 -4.41 5.92
CA PRO A 33 19.19 -3.55 7.03
C PRO A 33 18.64 -2.20 6.57
N LEU A 34 17.65 -1.68 7.29
CA LEU A 34 17.05 -0.38 6.97
C LEU A 34 17.69 0.73 7.80
N GLY A 35 17.27 1.97 7.57
CA GLY A 35 17.82 3.09 8.31
C GLY A 35 17.19 3.26 9.69
N GLU A 36 15.92 3.64 9.72
CA GLU A 36 15.20 3.85 10.98
C GLU A 36 14.09 2.81 11.17
N ALA A 37 13.61 2.24 10.09
CA ALA A 37 12.55 1.23 10.16
C ALA A 37 13.14 -0.19 10.33
N GLY A 38 13.89 -0.38 11.42
CA GLY A 38 14.48 -1.69 11.67
C GLY A 38 13.52 -2.70 12.28
N ALA A 39 13.17 -2.49 13.55
CA ALA A 39 12.25 -3.40 14.26
C ALA A 39 10.86 -3.38 13.62
N ALA A 40 10.28 -2.18 13.53
CA ALA A 40 8.97 -2.04 12.91
C ALA A 40 9.02 -2.38 11.43
N GLY A 41 10.15 -2.06 10.80
CA GLY A 41 10.33 -2.35 9.39
C GLY A 41 10.35 -3.84 9.09
N ARG A 42 11.13 -4.60 9.86
CA ARG A 42 11.22 -6.05 9.64
C ARG A 42 9.85 -6.72 9.84
N ARG A 43 9.16 -6.39 10.94
CA ARG A 43 7.85 -6.97 11.22
C ARG A 43 6.84 -6.58 10.14
N ALA A 44 6.82 -5.29 9.79
CA ALA A 44 5.90 -4.78 8.78
C ALA A 44 6.27 -5.24 7.38
N LEU A 45 7.56 -5.43 7.10
CA LEU A 45 8.02 -5.86 5.78
C LEU A 45 7.45 -7.24 5.44
N GLU A 46 7.67 -8.21 6.33
CA GLU A 46 7.16 -9.56 6.10
C GLU A 46 5.64 -9.57 6.10
N THR A 47 5.03 -8.84 7.02
CA THR A 47 3.57 -8.78 7.10
C THR A 47 2.99 -8.17 5.82
N LEU A 48 3.56 -7.05 5.38
CA LEU A 48 3.11 -6.36 4.18
C LEU A 48 3.40 -7.20 2.94
N ARG A 49 4.58 -7.82 2.88
CA ARG A 49 4.95 -8.65 1.74
C ARG A 49 3.97 -9.82 1.57
N ARG A 50 3.65 -10.48 2.66
CA ARG A 50 2.74 -11.63 2.64
C ARG A 50 1.28 -11.22 2.41
N VAL A 51 0.80 -10.25 3.20
CA VAL A 51 -0.59 -9.79 3.07
C VAL A 51 -0.80 -9.05 1.74
N GLY A 52 0.18 -8.26 1.33
CA GLY A 52 0.09 -7.50 0.10
C GLY A 52 0.04 -8.39 -1.13
N ASP A 53 1.01 -9.30 -1.26
CA ASP A 53 1.04 -10.21 -2.40
C ASP A 53 -0.20 -11.12 -2.40
N GLY A 54 -0.71 -11.42 -1.19
CA GLY A 54 -1.90 -12.24 -1.07
C GLY A 54 -3.10 -11.57 -1.74
N VAL A 55 -3.38 -10.33 -1.37
CA VAL A 55 -4.47 -9.55 -1.97
C VAL A 55 -4.21 -9.31 -3.45
N GLN A 56 -2.95 -9.01 -3.76
CA GLN A 56 -2.49 -8.72 -5.12
C GLN A 56 -2.71 -9.89 -6.07
N ARG A 57 -2.24 -11.08 -5.68
CA ARG A 57 -2.37 -12.27 -6.52
C ARG A 57 -3.81 -12.80 -6.52
N ASN A 58 -4.52 -12.63 -5.41
CA ASN A 58 -5.90 -13.08 -5.31
C ASN A 58 -6.81 -12.24 -6.20
N HIS A 59 -6.77 -10.93 -6.03
CA HIS A 59 -7.58 -10.03 -6.83
C HIS A 59 -6.80 -9.50 -8.04
N GLU A 60 -5.90 -10.34 -8.56
CA GLU A 60 -5.06 -10.00 -9.71
C GLU A 60 -5.91 -9.67 -10.94
N THR A 61 -6.99 -10.39 -11.13
CA THR A 61 -7.89 -10.16 -12.27
C THR A 61 -8.44 -8.74 -12.25
N ALA A 62 -8.96 -8.35 -11.09
CA ALA A 62 -9.52 -7.01 -10.91
C ALA A 62 -8.41 -5.96 -11.00
N PHE A 63 -7.28 -6.24 -10.33
CA PHE A 63 -6.14 -5.33 -10.35
C PHE A 63 -5.66 -5.09 -11.77
N GLN A 64 -5.55 -6.16 -12.55
CA GLN A 64 -5.11 -6.05 -13.95
C GLN A 64 -6.10 -5.24 -14.78
N GLY A 65 -7.39 -5.37 -14.46
CA GLY A 65 -8.41 -4.60 -15.16
C GLY A 65 -8.17 -3.11 -15.00
N MET A 66 -7.88 -2.69 -13.77
CA MET A 66 -7.60 -1.29 -13.47
C MET A 66 -6.18 -0.92 -13.92
N LEU A 67 -5.27 -1.90 -13.88
CA LEU A 67 -3.88 -1.71 -14.29
C LEU A 67 -3.79 -1.27 -15.74
N ARG A 68 -4.57 -1.94 -16.60
CA ARG A 68 -4.60 -1.60 -18.02
C ARG A 68 -5.53 -0.41 -18.25
N LYS A 69 -6.51 -0.25 -17.37
CA LYS A 69 -7.46 0.86 -17.45
C LYS A 69 -6.76 2.19 -17.17
N LEU A 70 -5.95 2.20 -16.11
CA LEU A 70 -5.20 3.39 -15.71
C LEU A 70 -4.17 3.78 -16.77
N ASP A 71 -4.28 4.99 -17.31
CA ASP A 71 -3.36 5.49 -18.34
C ASP A 71 -2.00 5.90 -17.76
N ILE A 72 -1.51 5.16 -16.77
CA ILE A 72 -0.23 5.46 -16.14
C ILE A 72 0.93 5.37 -17.16
N LYS A 73 1.44 6.54 -17.55
CA LYS A 73 2.53 6.63 -18.51
C LYS A 73 3.19 8.00 -18.43
N ASN A 74 2.37 9.06 -18.48
CA ASN A 74 2.88 10.43 -18.41
C ASN A 74 2.72 11.00 -17.00
N GLU A 75 3.17 12.25 -16.79
CA GLU A 75 3.10 12.92 -15.48
C GLU A 75 1.69 12.87 -14.83
N GLY A 76 0.67 12.63 -15.64
CA GLY A 76 -0.69 12.55 -15.13
C GLY A 76 -0.98 11.34 -14.23
N ASP A 77 -0.19 10.26 -14.38
CA ASP A 77 -0.42 9.04 -13.58
C ASP A 77 -0.33 9.26 -12.07
N VAL A 78 0.80 9.79 -11.60
CA VAL A 78 1.01 10.08 -10.18
C VAL A 78 -0.11 10.95 -9.59
N LYS A 79 -0.56 11.93 -10.36
CA LYS A 79 -1.64 12.82 -9.94
C LYS A 79 -2.96 12.05 -9.87
N SER A 80 -3.20 11.22 -10.89
CA SER A 80 -4.41 10.40 -10.93
C SER A 80 -4.43 9.44 -9.75
N PHE A 81 -3.27 8.83 -9.47
CA PHE A 81 -3.11 7.91 -8.35
C PHE A 81 -3.53 8.58 -7.04
N SER A 82 -3.12 9.84 -6.86
CA SER A 82 -3.47 10.60 -5.66
C SER A 82 -5.00 10.74 -5.55
N ARG A 83 -5.65 10.96 -6.69
CA ARG A 83 -7.10 11.10 -6.73
C ARG A 83 -7.78 9.77 -6.40
N VAL A 84 -7.18 8.67 -6.83
CA VAL A 84 -7.72 7.34 -6.55
C VAL A 84 -7.74 7.09 -5.04
N MET A 85 -6.59 7.29 -4.41
CA MET A 85 -6.44 7.11 -2.97
C MET A 85 -7.45 8.00 -2.21
N VAL A 86 -7.55 9.26 -2.61
CA VAL A 86 -8.47 10.20 -1.98
C VAL A 86 -9.92 9.73 -2.18
N HIS A 87 -10.23 9.21 -3.38
CA HIS A 87 -11.57 8.70 -3.68
C HIS A 87 -11.90 7.46 -2.84
N VAL A 88 -10.94 6.54 -2.73
CA VAL A 88 -11.12 5.31 -1.95
C VAL A 88 -11.41 5.61 -0.47
N PHE A 89 -10.70 6.60 0.08
CA PHE A 89 -10.88 6.98 1.48
C PHE A 89 -11.74 8.23 1.63
N LYS A 90 -12.56 8.52 0.62
CA LYS A 90 -13.42 9.72 0.63
C LYS A 90 -14.56 9.59 1.65
N ASP A 91 -14.77 8.39 2.18
CA ASP A 91 -15.82 8.15 3.16
C ASP A 91 -15.36 8.53 4.58
N GLY A 92 -14.04 8.66 4.76
CA GLY A 92 -13.50 9.03 6.06
C GLY A 92 -13.14 7.85 6.93
N VAL A 93 -13.47 6.64 6.48
CA VAL A 93 -13.17 5.44 7.27
C VAL A 93 -11.88 4.75 6.80
N THR A 94 -10.88 4.74 7.66
CA THR A 94 -9.60 4.11 7.34
C THR A 94 -9.55 2.66 7.84
N ASN A 95 -9.58 1.71 6.90
CA ASN A 95 -9.51 0.30 7.25
C ASN A 95 -8.21 -0.31 6.72
N TRP A 96 -7.60 -1.18 7.54
CA TRP A 96 -6.33 -1.84 7.17
C TRP A 96 -6.45 -2.56 5.83
N GLY A 97 -7.57 -3.25 5.62
CA GLY A 97 -7.79 -3.95 4.36
C GLY A 97 -7.78 -3.02 3.17
N ARG A 98 -8.26 -1.80 3.37
CA ARG A 98 -8.27 -0.79 2.32
C ARG A 98 -6.86 -0.32 2.03
N ILE A 99 -6.11 -0.06 3.10
CA ILE A 99 -4.73 0.39 3.01
C ILE A 99 -3.85 -0.66 2.32
N VAL A 100 -3.92 -1.91 2.76
CA VAL A 100 -3.11 -2.96 2.16
C VAL A 100 -3.51 -3.22 0.71
N THR A 101 -4.79 -3.06 0.39
CA THR A 101 -5.28 -3.23 -0.98
C THR A 101 -4.68 -2.14 -1.87
N LEU A 102 -4.49 -0.96 -1.29
CA LEU A 102 -3.90 0.17 -1.99
C LEU A 102 -2.39 -0.04 -2.16
N ILE A 103 -1.72 -0.48 -1.08
CA ILE A 103 -0.28 -0.74 -1.13
C ILE A 103 0.04 -1.86 -2.12
N SER A 104 -0.76 -2.94 -2.08
CA SER A 104 -0.57 -4.07 -2.99
C SER A 104 -0.79 -3.60 -4.42
N PHE A 105 -1.73 -2.68 -4.59
CA PHE A 105 -2.02 -2.08 -5.90
C PHE A 105 -0.82 -1.26 -6.36
N GLY A 106 -0.22 -0.52 -5.43
CA GLY A 106 0.96 0.27 -5.74
C GLY A 106 2.07 -0.61 -6.29
N ALA A 107 2.37 -1.70 -5.59
CA ALA A 107 3.38 -2.65 -6.02
C ALA A 107 3.04 -3.22 -7.40
N PHE A 108 1.76 -3.56 -7.61
CA PHE A 108 1.29 -4.09 -8.88
C PHE A 108 1.47 -3.06 -10.01
N VAL A 109 1.11 -1.81 -9.71
CA VAL A 109 1.28 -0.73 -10.67
C VAL A 109 2.76 -0.54 -10.98
N ALA A 110 3.58 -0.51 -9.93
CA ALA A 110 5.02 -0.38 -10.08
C ALA A 110 5.57 -1.56 -10.92
N LYS A 111 5.00 -2.74 -10.71
CA LYS A 111 5.38 -3.93 -11.49
C LYS A 111 5.15 -3.68 -12.97
N HIS A 112 3.97 -3.11 -13.27
CA HIS A 112 3.60 -2.78 -14.64
C HIS A 112 4.60 -1.75 -15.20
N LEU A 113 4.89 -0.72 -14.40
CA LEU A 113 5.84 0.31 -14.80
C LEU A 113 7.20 -0.30 -15.07
N LYS A 114 7.63 -1.23 -14.21
CA LYS A 114 8.91 -1.90 -14.39
C LYS A 114 8.90 -2.74 -15.68
N SER A 115 7.75 -3.33 -15.98
CA SER A 115 7.58 -4.13 -17.18
C SER A 115 7.62 -3.26 -18.45
N VAL A 116 7.14 -2.02 -18.34
CA VAL A 116 7.15 -1.11 -19.48
C VAL A 116 8.31 -0.10 -19.39
N ASN A 117 9.22 -0.35 -18.45
CA ASN A 117 10.40 0.50 -18.22
C ASN A 117 10.04 1.94 -17.86
N GLN A 118 9.11 2.11 -16.93
CA GLN A 118 8.69 3.44 -16.49
C GLN A 118 9.25 3.72 -15.08
N GLU A 119 10.47 3.26 -14.84
CA GLU A 119 11.16 3.45 -13.55
C GLU A 119 11.22 4.93 -13.16
N SER A 120 11.20 5.80 -14.18
CA SER A 120 11.23 7.25 -13.97
C SER A 120 10.04 7.71 -13.13
N PHE A 121 8.96 6.93 -13.18
CA PHE A 121 7.76 7.23 -12.41
C PHE A 121 7.58 6.25 -11.26
N ILE A 122 8.36 5.16 -11.29
CA ILE A 122 8.30 4.15 -10.23
C ILE A 122 8.78 4.72 -8.89
N GLU A 123 9.97 5.33 -8.91
CA GLU A 123 10.53 5.92 -7.69
C GLU A 123 9.58 6.99 -7.10
N PRO A 124 9.16 8.01 -7.88
CA PRO A 124 8.25 9.04 -7.39
C PRO A 124 6.90 8.47 -6.96
N LEU A 125 6.44 7.41 -7.62
CA LEU A 125 5.16 6.78 -7.29
C LEU A 125 5.16 6.22 -5.87
N ALA A 126 6.23 5.50 -5.52
CA ALA A 126 6.38 4.91 -4.19
C ALA A 126 6.40 5.97 -3.10
N GLU A 127 7.08 7.08 -3.37
CA GLU A 127 7.15 8.17 -2.41
C GLU A 127 5.81 8.89 -2.35
N THR A 128 5.13 8.96 -3.50
CA THR A 128 3.82 9.59 -3.59
C THR A 128 2.77 8.80 -2.80
N ILE A 129 2.68 7.49 -3.06
CA ILE A 129 1.72 6.65 -2.34
C ILE A 129 1.98 6.68 -0.83
N THR A 130 3.26 6.74 -0.45
CA THR A 130 3.62 6.82 0.97
C THR A 130 3.18 8.14 1.57
N ASP A 131 3.53 9.24 0.88
CA ASP A 131 3.17 10.57 1.36
C ASP A 131 1.64 10.72 1.46
N VAL A 132 0.93 10.46 0.36
CA VAL A 132 -0.53 10.58 0.36
C VAL A 132 -1.20 9.68 1.40
N LEU A 133 -0.61 8.50 1.64
CA LEU A 133 -1.17 7.56 2.62
C LEU A 133 -1.03 8.10 4.05
N VAL A 134 0.15 8.59 4.40
CA VAL A 134 0.38 9.13 5.73
C VAL A 134 -0.20 10.55 5.88
N ARG A 135 -0.12 11.33 4.81
CA ARG A 135 -0.62 12.71 4.79
C ARG A 135 -2.13 12.78 5.05
N THR A 136 -2.89 11.87 4.45
CA THR A 136 -4.35 11.85 4.61
C THR A 136 -4.81 11.00 5.79
N LYS A 137 -3.87 10.36 6.49
CA LYS A 137 -4.22 9.51 7.64
C LYS A 137 -3.24 9.70 8.78
N ARG A 138 -2.74 10.93 8.93
CA ARG A 138 -1.77 11.26 9.98
C ARG A 138 -2.26 10.85 11.38
N ASP A 139 -3.42 11.37 11.77
CA ASP A 139 -3.99 11.08 13.10
C ASP A 139 -4.33 9.59 13.25
N TRP A 140 -4.93 9.00 12.22
CA TRP A 140 -5.32 7.59 12.28
C TRP A 140 -4.11 6.65 12.42
N LEU A 141 -3.13 6.82 11.54
CA LEU A 141 -1.94 5.98 11.56
C LEU A 141 -1.12 6.15 12.84
N VAL A 142 -0.84 7.40 13.23
CA VAL A 142 -0.05 7.66 14.43
C VAL A 142 -0.77 7.18 15.70
N LYS A 143 -2.10 7.17 15.69
CA LYS A 143 -2.89 6.73 16.83
C LYS A 143 -2.92 5.20 16.97
N GLN A 144 -3.12 4.50 15.85
CA GLN A 144 -3.20 3.03 15.85
C GLN A 144 -1.82 2.35 15.88
N ARG A 145 -0.82 3.02 16.47
CA ARG A 145 0.55 2.48 16.58
C ARG A 145 1.21 2.26 15.20
N GLY A 146 0.56 2.76 14.15
CA GLY A 146 1.08 2.61 12.80
C GLY A 146 1.19 1.17 12.35
N TRP A 147 2.35 0.82 11.82
CA TRP A 147 2.61 -0.53 11.34
C TRP A 147 2.50 -1.57 12.46
N ASP A 148 2.75 -1.12 13.70
CA ASP A 148 2.66 -2.00 14.86
C ASP A 148 1.24 -2.57 14.98
N GLY A 149 0.24 -1.71 14.80
CA GLY A 149 -1.14 -2.15 14.85
C GLY A 149 -1.54 -2.90 13.59
N PHE A 150 -0.92 -2.54 12.47
CA PHE A 150 -1.19 -3.19 11.19
C PHE A 150 -0.70 -4.64 11.19
N VAL A 151 0.52 -4.87 11.67
CA VAL A 151 1.10 -6.21 11.72
C VAL A 151 0.42 -7.07 12.80
N GLU A 152 0.08 -6.45 13.93
CA GLU A 152 -0.57 -7.15 15.04
C GLU A 152 -2.01 -7.54 14.67
N PHE A 153 -2.62 -6.77 13.78
CA PHE A 153 -3.99 -7.05 13.33
C PHE A 153 -4.05 -8.41 12.62
N PHE A 154 -3.06 -8.68 11.77
CA PHE A 154 -3.02 -9.95 11.04
C PHE A 154 -2.29 -11.02 11.86
N HIS A 155 -1.27 -10.61 12.61
CA HIS A 155 -0.49 -11.53 13.42
C HIS A 155 -0.76 -11.32 14.91
N VAL A 156 -1.77 -11.99 15.45
CA VAL A 156 -2.12 -11.87 16.86
C VAL A 156 -0.98 -12.35 17.76
N GLN A 157 -0.26 -11.40 18.34
CA GLN A 157 0.86 -11.71 19.21
C GLN A 157 0.40 -12.17 20.59
N ASP A 158 0.19 -13.48 20.72
CA ASP A 158 -0.25 -14.04 21.99
C ASP A 158 0.90 -14.09 23.00
N LEU A 159 0.84 -13.19 23.96
CA LEU A 159 1.85 -13.12 25.00
C LEU A 159 1.28 -13.64 26.32
N GLU A 160 0.14 -14.33 26.23
CA GLU A 160 -0.54 -14.87 27.42
C GLU A 160 -0.63 -16.40 27.36
N GLY A 161 -0.99 -16.94 26.19
CA GLY A 161 -1.13 -18.38 26.04
C GLY A 161 0.21 -19.08 25.83
N GLY A 162 0.79 -18.89 24.65
CA GLY A 162 2.06 -19.52 24.34
C GLY A 162 2.49 -19.32 22.89
N ALA B 1 -13.97 12.86 -17.21
CA ALA B 1 -14.70 12.57 -18.49
C ALA B 1 -14.07 11.37 -19.21
N GLU B 2 -12.75 11.33 -19.17
CA GLU B 2 -11.97 10.25 -19.79
C GLU B 2 -11.96 8.99 -18.92
N LEU B 3 -11.19 9.02 -17.83
CA LEU B 3 -11.11 7.87 -16.93
C LEU B 3 -12.12 8.00 -15.78
N PRO B 4 -13.07 7.06 -15.71
CA PRO B 4 -14.09 7.05 -14.66
C PRO B 4 -13.54 6.58 -13.32
N PRO B 5 -14.24 6.87 -12.20
CA PRO B 5 -13.79 6.46 -10.85
C PRO B 5 -13.92 4.95 -10.62
N GLU B 6 -13.94 4.19 -11.72
CA GLU B 6 -14.05 2.74 -11.70
C GLU B 6 -12.89 2.09 -10.94
N PHE B 7 -11.67 2.55 -11.22
CA PHE B 7 -10.48 2.03 -10.56
C PHE B 7 -10.52 2.28 -9.05
N ALA B 8 -11.06 3.42 -8.65
CA ALA B 8 -11.16 3.79 -7.24
C ALA B 8 -12.31 3.01 -6.57
N ALA B 9 -13.46 2.96 -7.23
CA ALA B 9 -14.62 2.23 -6.72
C ALA B 9 -14.28 0.76 -6.51
N GLN B 10 -13.61 0.17 -7.50
CA GLN B 10 -13.19 -1.23 -7.41
C GLN B 10 -12.23 -1.43 -6.24
N LEU B 11 -11.24 -0.54 -6.13
CA LEU B 11 -10.27 -0.60 -5.04
C LEU B 11 -10.96 -0.51 -3.69
N ARG B 12 -11.99 0.34 -3.60
CA ARG B 12 -12.76 0.50 -2.36
C ARG B 12 -13.42 -0.83 -2.00
N LYS B 13 -14.10 -1.43 -2.96
CA LYS B 13 -14.78 -2.71 -2.75
C LYS B 13 -13.79 -3.77 -2.27
N ILE B 14 -12.66 -3.89 -2.98
CA ILE B 14 -11.63 -4.86 -2.60
C ILE B 14 -11.08 -4.54 -1.21
N GLY B 15 -10.85 -3.26 -0.94
CA GLY B 15 -10.34 -2.85 0.36
C GLY B 15 -11.29 -3.25 1.49
N ASP B 16 -12.57 -2.92 1.33
CA ASP B 16 -13.59 -3.25 2.33
C ASP B 16 -13.66 -4.77 2.51
N LYS B 17 -13.65 -5.48 1.38
CA LYS B 17 -13.70 -6.94 1.40
C LYS B 17 -12.47 -7.52 2.11
N VAL B 18 -11.28 -7.09 1.71
CA VAL B 18 -10.04 -7.58 2.32
C VAL B 18 -10.02 -7.32 3.83
N TYR B 19 -10.49 -6.15 4.24
CA TYR B 19 -10.57 -5.80 5.65
C TYR B 19 -11.52 -6.76 6.38
N CYS B 20 -12.67 -7.03 5.75
CA CYS B 20 -13.66 -7.94 6.32
C CYS B 20 -13.12 -9.37 6.38
N THR B 21 -12.45 -9.80 5.31
CA THR B 21 -11.88 -11.15 5.23
C THR B 21 -10.81 -11.40 6.30
N TRP B 22 -9.98 -10.40 6.57
CA TRP B 22 -8.91 -10.54 7.57
C TRP B 22 -9.44 -10.44 9.01
N SER B 23 -10.52 -9.68 9.21
CA SER B 23 -11.09 -9.52 10.55
C SER B 23 -12.11 -10.63 10.85
N ALA B 24 -13.23 -10.61 10.12
CA ALA B 24 -14.28 -11.61 10.31
C ALA B 24 -14.08 -12.81 9.37
N PRO B 25 -14.71 -13.96 9.66
CA PRO B 25 -14.58 -15.17 8.82
C PRO B 25 -15.33 -15.03 7.48
N ASP B 26 -14.96 -14.02 6.70
CA ASP B 26 -15.56 -13.76 5.41
C ASP B 26 -14.65 -14.22 4.26
N MET B 27 -15.23 -14.45 3.10
CA MET B 27 -14.48 -14.89 1.92
C MET B 27 -14.03 -13.69 1.08
N GLY A 1 5.82 22.93 19.87
CA GLY A 1 4.82 22.25 18.99
C GLY A 1 5.09 20.76 18.84
N PRO A 2 4.21 20.02 18.16
CA PRO A 2 4.37 18.57 17.97
C PRO A 2 5.45 18.22 16.93
N LEU A 3 6.68 18.60 17.23
CA LEU A 3 7.80 18.33 16.31
C LEU A 3 8.51 17.02 16.68
N GLY A 4 8.39 16.02 15.81
CA GLY A 4 9.02 14.73 16.07
C GLY A 4 8.01 13.60 16.24
N SER A 5 7.48 13.13 15.12
CA SER A 5 6.49 12.05 15.13
C SER A 5 6.09 11.67 13.70
N GLU A 6 5.49 12.63 12.98
CA GLU A 6 5.04 12.40 11.61
C GLU A 6 6.20 12.04 10.68
N ASP A 7 7.26 12.84 10.69
CA ASP A 7 8.44 12.58 9.84
C ASP A 7 9.04 11.20 10.12
N ASP A 8 9.26 10.89 11.41
CA ASP A 8 9.83 9.60 11.78
C ASP A 8 8.98 8.43 11.27
N LEU A 9 7.67 8.50 11.49
CA LEU A 9 6.77 7.46 11.00
C LEU A 9 6.74 7.47 9.47
N TYR A 10 6.81 8.68 8.90
CA TYR A 10 6.80 8.88 7.46
C TYR A 10 8.03 8.24 6.80
N ARG A 11 9.22 8.48 7.37
CA ARG A 11 10.45 7.91 6.83
C ARG A 11 10.36 6.39 6.77
N GLN A 12 9.87 5.79 7.85
CA GLN A 12 9.71 4.34 7.90
C GLN A 12 8.67 3.90 6.87
N SER A 13 7.58 4.65 6.78
CA SER A 13 6.50 4.36 5.82
C SER A 13 7.03 4.36 4.39
N LEU A 14 7.70 5.45 4.01
CA LEU A 14 8.25 5.56 2.66
C LEU A 14 9.29 4.47 2.40
N GLU A 15 10.18 4.24 3.38
CA GLU A 15 11.22 3.22 3.23
C GLU A 15 10.60 1.84 3.04
N ILE A 16 9.71 1.46 3.96
CA ILE A 16 9.04 0.16 3.89
C ILE A 16 8.30 -0.01 2.56
N ILE A 17 7.48 0.98 2.20
CA ILE A 17 6.72 0.93 0.95
C ILE A 17 7.65 0.88 -0.28
N SER A 18 8.62 1.81 -0.35
CA SER A 18 9.56 1.84 -1.47
C SER A 18 10.31 0.52 -1.60
N ARG A 19 10.79 -0.01 -0.47
CA ARG A 19 11.51 -1.28 -0.48
C ARG A 19 10.58 -2.45 -0.83
N TYR A 20 9.38 -2.46 -0.24
CA TYR A 20 8.41 -3.52 -0.48
C TYR A 20 8.02 -3.61 -1.95
N LEU A 21 7.64 -2.47 -2.55
CA LEU A 21 7.27 -2.46 -3.96
C LEU A 21 8.46 -2.86 -4.82
N ARG A 22 9.64 -2.41 -4.43
CA ARG A 22 10.88 -2.72 -5.12
C ARG A 22 11.12 -4.23 -5.19
N GLU A 23 10.85 -4.93 -4.09
CA GLU A 23 11.04 -6.38 -4.05
C GLU A 23 10.03 -7.09 -4.96
N GLN A 24 8.74 -6.80 -4.76
CA GLN A 24 7.69 -7.41 -5.57
C GLN A 24 7.86 -7.08 -7.07
N ALA A 25 8.31 -5.87 -7.37
CA ALA A 25 8.52 -5.43 -8.75
C ALA A 25 9.72 -6.14 -9.41
N THR A 26 10.83 -6.24 -8.69
CA THR A 26 12.03 -6.88 -9.23
C THR A 26 11.92 -8.40 -9.19
N GLY A 27 11.37 -8.93 -8.10
CA GLY A 27 11.24 -10.37 -7.97
C GLY A 27 11.81 -10.91 -6.66
N SER A 28 12.29 -10.02 -5.79
CA SER A 28 12.84 -10.43 -4.49
C SER A 28 11.80 -11.18 -3.66
N LYS A 29 12.09 -12.45 -3.38
CA LYS A 29 11.19 -13.29 -2.60
C LYS A 29 11.25 -12.97 -1.10
N ASP A 30 12.44 -12.60 -0.62
CA ASP A 30 12.63 -12.29 0.79
C ASP A 30 13.33 -10.95 1.00
N SER A 31 13.28 -10.46 2.25
CA SER A 31 13.91 -9.20 2.63
C SER A 31 13.77 -8.99 4.13
N LYS A 32 14.90 -8.86 4.82
CA LYS A 32 14.90 -8.67 6.27
C LYS A 32 15.50 -7.33 6.73
N PRO A 33 16.66 -6.87 6.17
CA PRO A 33 17.28 -5.60 6.58
C PRO A 33 16.77 -4.37 5.81
N LEU A 34 16.83 -3.21 6.46
CA LEU A 34 16.39 -1.94 5.84
C LEU A 34 17.33 -0.80 6.25
N GLY A 35 16.97 0.44 5.88
CA GLY A 35 17.80 1.58 6.23
C GLY A 35 17.55 2.07 7.65
N GLU A 36 16.40 2.71 7.86
CA GLU A 36 16.04 3.21 9.19
C GLU A 36 14.96 2.32 9.80
N ALA A 37 14.09 1.79 8.95
CA ALA A 37 13.01 0.93 9.40
C ALA A 37 13.49 -0.52 9.52
N GLY A 38 14.36 -0.77 10.50
CA GLY A 38 14.89 -2.11 10.70
C GLY A 38 13.91 -3.05 11.38
N ALA A 39 13.65 -2.83 12.66
CA ALA A 39 12.74 -3.69 13.43
C ALA A 39 11.30 -3.58 12.93
N ALA A 40 10.78 -2.36 12.89
CA ALA A 40 9.42 -2.12 12.41
C ALA A 40 9.31 -2.45 10.93
N GLY A 41 10.34 -2.11 10.17
CA GLY A 41 10.35 -2.37 8.73
C GLY A 41 10.38 -3.86 8.42
N ARG A 42 11.05 -4.64 9.26
CA ARG A 42 11.13 -6.08 9.07
C ARG A 42 9.75 -6.71 9.27
N ARG A 43 9.11 -6.38 10.39
CA ARG A 43 7.77 -6.91 10.67
C ARG A 43 6.76 -6.40 9.64
N ALA A 44 6.95 -5.15 9.20
CA ALA A 44 6.08 -4.55 8.21
C ALA A 44 6.29 -5.17 6.83
N LEU A 45 7.54 -5.29 6.40
CA LEU A 45 7.86 -5.86 5.08
C LEU A 45 7.33 -7.28 4.94
N GLU A 46 7.64 -8.13 5.92
CA GLU A 46 7.19 -9.52 5.92
C GLU A 46 5.66 -9.61 5.90
N THR A 47 4.99 -8.86 6.76
CA THR A 47 3.53 -8.85 6.82
C THR A 47 2.94 -8.28 5.54
N LEU A 48 3.45 -7.12 5.12
CA LEU A 48 3.00 -6.44 3.90
C LEU A 48 3.22 -7.31 2.66
N ARG A 49 4.31 -8.06 2.64
CA ARG A 49 4.61 -8.94 1.51
C ARG A 49 3.57 -10.06 1.41
N ARG A 50 3.27 -10.67 2.55
CA ARG A 50 2.30 -11.76 2.59
C ARG A 50 0.88 -11.26 2.29
N VAL A 51 0.44 -10.23 3.00
CA VAL A 51 -0.90 -9.67 2.78
C VAL A 51 -1.03 -9.00 1.41
N GLY A 52 0.01 -8.29 1.00
CA GLY A 52 0.01 -7.60 -0.28
C GLY A 52 -0.04 -8.55 -1.46
N ASP A 53 0.86 -9.54 -1.48
CA ASP A 53 0.90 -10.52 -2.56
C ASP A 53 -0.41 -11.31 -2.59
N GLY A 54 -0.98 -11.56 -1.40
CA GLY A 54 -2.23 -12.27 -1.30
C GLY A 54 -3.38 -11.53 -1.97
N VAL A 55 -3.40 -10.21 -1.82
CA VAL A 55 -4.45 -9.38 -2.43
C VAL A 55 -4.29 -9.34 -3.96
N GLN A 56 -3.04 -9.18 -4.41
CA GLN A 56 -2.73 -9.13 -5.84
C GLN A 56 -3.17 -10.40 -6.55
N ARG A 57 -2.88 -11.55 -5.94
CA ARG A 57 -3.26 -12.84 -6.52
C ARG A 57 -4.75 -13.13 -6.33
N ASN A 58 -5.36 -12.53 -5.30
CA ASN A 58 -6.80 -12.73 -5.04
C ASN A 58 -7.68 -11.91 -5.99
N HIS A 59 -7.43 -10.60 -6.05
CA HIS A 59 -8.21 -9.73 -6.94
C HIS A 59 -7.41 -9.40 -8.20
N GLU A 60 -6.66 -10.40 -8.69
CA GLU A 60 -5.82 -10.25 -9.88
C GLU A 60 -6.60 -9.76 -11.10
N THR A 61 -7.81 -10.28 -11.30
CA THR A 61 -8.65 -9.89 -12.44
C THR A 61 -8.94 -8.39 -12.44
N ALA A 62 -9.46 -7.90 -11.32
CA ALA A 62 -9.76 -6.48 -11.18
C ALA A 62 -8.48 -5.64 -11.24
N PHE A 63 -7.44 -6.13 -10.55
CA PHE A 63 -6.16 -5.44 -10.54
C PHE A 63 -5.59 -5.31 -11.95
N GLN A 64 -5.57 -6.42 -12.70
CA GLN A 64 -5.05 -6.42 -14.07
C GLN A 64 -5.79 -5.41 -14.95
N GLY A 65 -7.11 -5.33 -14.78
CA GLY A 65 -7.89 -4.37 -15.55
C GLY A 65 -7.40 -2.96 -15.34
N MET A 66 -7.29 -2.55 -14.08
CA MET A 66 -6.80 -1.21 -13.76
C MET A 66 -5.32 -1.07 -14.10
N LEU A 67 -4.59 -2.19 -13.99
CA LEU A 67 -3.17 -2.24 -14.30
C LEU A 67 -2.90 -1.87 -15.77
N ARG A 68 -3.65 -2.49 -16.67
CA ARG A 68 -3.50 -2.23 -18.10
C ARG A 68 -3.99 -0.83 -18.47
N LYS A 69 -5.03 -0.37 -17.78
CA LYS A 69 -5.58 0.96 -18.04
C LYS A 69 -4.75 2.05 -17.36
N LEU A 70 -3.76 1.64 -16.60
CA LEU A 70 -2.88 2.60 -15.91
C LEU A 70 -1.59 2.82 -16.68
N ASP A 71 -1.62 3.74 -17.64
CA ASP A 71 -0.45 4.06 -18.45
C ASP A 71 0.49 5.04 -17.71
N ILE A 72 0.56 4.88 -16.39
CA ILE A 72 1.38 5.72 -15.51
C ILE A 72 2.80 5.97 -16.03
N LYS A 73 3.08 7.24 -16.31
CA LYS A 73 4.40 7.67 -16.79
C LYS A 73 4.66 9.18 -16.54
N ASN A 74 3.64 9.94 -16.13
CA ASN A 74 3.83 11.38 -15.89
C ASN A 74 3.22 11.87 -14.58
N GLU A 75 3.45 13.15 -14.29
CA GLU A 75 2.96 13.82 -13.06
C GLU A 75 1.43 13.77 -12.91
N GLY A 76 0.71 13.60 -14.02
CA GLY A 76 -0.74 13.54 -13.96
C GLY A 76 -1.27 12.19 -13.47
N ASP A 77 -0.50 11.14 -13.70
CA ASP A 77 -0.89 9.79 -13.31
C ASP A 77 -0.88 9.62 -11.79
N VAL A 78 0.16 10.12 -11.12
CA VAL A 78 0.23 10.03 -9.66
C VAL A 78 -0.94 10.79 -9.03
N LYS A 79 -1.41 11.82 -9.73
CA LYS A 79 -2.55 12.61 -9.26
C LYS A 79 -3.82 11.76 -9.33
N SER A 80 -3.90 10.92 -10.37
CA SER A 80 -5.04 10.02 -10.54
C SER A 80 -4.99 8.93 -9.47
N PHE A 81 -3.79 8.38 -9.27
CA PHE A 81 -3.57 7.34 -8.26
C PHE A 81 -3.95 7.85 -6.87
N SER A 82 -3.54 9.07 -6.56
CA SER A 82 -3.87 9.69 -5.28
C SER A 82 -5.35 10.06 -5.23
N ARG A 83 -5.91 10.44 -6.38
CA ARG A 83 -7.34 10.77 -6.48
C ARG A 83 -8.20 9.54 -6.18
N VAL A 84 -7.78 8.39 -6.71
CA VAL A 84 -8.49 7.14 -6.46
C VAL A 84 -8.40 6.79 -4.97
N MET A 85 -7.23 7.03 -4.39
CA MET A 85 -6.99 6.74 -2.97
C MET A 85 -7.90 7.58 -2.06
N VAL A 86 -7.93 8.90 -2.27
CA VAL A 86 -8.77 9.79 -1.44
C VAL A 86 -10.26 9.43 -1.56
N HIS A 87 -10.68 8.96 -2.75
CA HIS A 87 -12.08 8.55 -2.95
C HIS A 87 -12.37 7.31 -2.13
N VAL A 88 -11.42 6.38 -2.08
CA VAL A 88 -11.58 5.15 -1.32
C VAL A 88 -11.95 5.46 0.14
N PHE A 89 -11.21 6.40 0.74
CA PHE A 89 -11.45 6.81 2.13
C PHE A 89 -12.31 8.08 2.22
N LYS A 90 -13.09 8.35 1.16
CA LYS A 90 -13.95 9.54 1.14
C LYS A 90 -15.07 9.46 2.18
N ASP A 91 -15.33 8.26 2.69
CA ASP A 91 -16.36 8.04 3.69
C ASP A 91 -15.86 8.42 5.09
N GLY A 92 -14.54 8.55 5.23
CA GLY A 92 -13.97 8.92 6.52
C GLY A 92 -13.47 7.73 7.33
N VAL A 93 -13.91 6.53 6.98
CA VAL A 93 -13.50 5.32 7.71
C VAL A 93 -12.24 4.71 7.09
N THR A 94 -11.19 4.61 7.90
CA THR A 94 -9.93 4.05 7.42
C THR A 94 -9.82 2.55 7.74
N ASN A 95 -10.10 1.72 6.75
CA ASN A 95 -10.01 0.27 6.92
C ASN A 95 -8.62 -0.23 6.57
N TRP A 96 -8.05 -1.11 7.40
CA TRP A 96 -6.71 -1.66 7.15
C TRP A 96 -6.67 -2.36 5.79
N GLY A 97 -7.72 -3.10 5.46
CA GLY A 97 -7.78 -3.79 4.17
C GLY A 97 -7.72 -2.81 3.01
N ARG A 98 -8.24 -1.60 3.23
CA ARG A 98 -8.22 -0.56 2.21
C ARG A 98 -6.78 -0.09 1.98
N ILE A 99 -6.09 0.20 3.09
CA ILE A 99 -4.71 0.67 3.04
C ILE A 99 -3.80 -0.35 2.35
N VAL A 100 -3.89 -1.61 2.77
CA VAL A 100 -3.06 -2.66 2.16
C VAL A 100 -3.44 -2.88 0.69
N THR A 101 -4.71 -2.63 0.36
CA THR A 101 -5.17 -2.78 -1.03
C THR A 101 -4.47 -1.77 -1.93
N LEU A 102 -4.42 -0.51 -1.47
CA LEU A 102 -3.76 0.56 -2.22
C LEU A 102 -2.26 0.25 -2.38
N ILE A 103 -1.64 -0.30 -1.34
CA ILE A 103 -0.23 -0.67 -1.39
C ILE A 103 -0.04 -1.87 -2.31
N SER A 104 -0.96 -2.84 -2.22
CA SER A 104 -0.92 -4.04 -3.06
C SER A 104 -1.05 -3.63 -4.53
N PHE A 105 -1.99 -2.73 -4.81
CA PHE A 105 -2.18 -2.21 -6.16
C PHE A 105 -0.95 -1.40 -6.56
N GLY A 106 -0.41 -0.65 -5.59
CA GLY A 106 0.80 0.12 -5.83
C GLY A 106 1.96 -0.76 -6.22
N ALA A 107 2.02 -1.96 -5.62
CA ALA A 107 3.06 -2.94 -5.93
C ALA A 107 2.85 -3.47 -7.36
N PHE A 108 1.59 -3.67 -7.73
CA PHE A 108 1.26 -4.14 -9.08
C PHE A 108 1.65 -3.08 -10.10
N VAL A 109 1.41 -1.81 -9.76
CA VAL A 109 1.79 -0.71 -10.62
C VAL A 109 3.30 -0.66 -10.76
N ALA A 110 4.01 -0.83 -9.64
CA ALA A 110 5.47 -0.86 -9.64
C ALA A 110 5.98 -1.99 -10.53
N LYS A 111 5.21 -3.08 -10.58
CA LYS A 111 5.55 -4.23 -11.42
C LYS A 111 5.54 -3.84 -12.90
N HIS A 112 4.46 -3.16 -13.33
CA HIS A 112 4.34 -2.72 -14.72
C HIS A 112 5.30 -1.55 -14.97
N LEU A 113 5.54 -0.73 -13.95
CA LEU A 113 6.48 0.38 -14.05
C LEU A 113 7.91 -0.14 -14.19
N LYS A 114 8.21 -1.20 -13.44
CA LYS A 114 9.53 -1.83 -13.49
C LYS A 114 9.73 -2.56 -14.82
N SER A 115 8.62 -3.01 -15.42
CA SER A 115 8.67 -3.70 -16.72
C SER A 115 9.34 -2.82 -17.77
N VAL A 116 9.21 -1.50 -17.59
CA VAL A 116 9.83 -0.54 -18.50
C VAL A 116 10.94 0.24 -17.78
N ASN A 117 11.34 -0.30 -16.62
CA ASN A 117 12.39 0.29 -15.76
C ASN A 117 12.11 1.75 -15.39
N GLN A 118 10.87 2.03 -14.99
CA GLN A 118 10.48 3.40 -14.60
C GLN A 118 10.84 3.67 -13.13
N GLU A 119 11.98 3.15 -12.69
CA GLU A 119 12.47 3.31 -11.31
C GLU A 119 12.46 4.76 -10.84
N SER A 120 12.90 5.67 -11.71
CA SER A 120 12.94 7.10 -11.40
C SER A 120 11.54 7.66 -11.12
N PHE A 121 10.52 6.89 -11.48
CA PHE A 121 9.13 7.29 -11.23
C PHE A 121 8.51 6.41 -10.14
N ILE A 122 9.08 5.21 -9.95
CA ILE A 122 8.59 4.28 -8.92
C ILE A 122 8.74 4.89 -7.54
N GLU A 123 9.91 5.48 -7.25
CA GLU A 123 10.14 6.13 -5.96
C GLU A 123 9.10 7.24 -5.71
N PRO A 124 8.96 8.24 -6.62
CA PRO A 124 7.96 9.32 -6.47
C PRO A 124 6.53 8.76 -6.38
N LEU A 125 6.29 7.59 -7.00
CA LEU A 125 4.98 6.95 -6.93
C LEU A 125 4.71 6.50 -5.50
N ALA A 126 5.66 5.73 -4.95
CA ALA A 126 5.56 5.26 -3.58
C ALA A 126 5.53 6.46 -2.64
N GLU A 127 6.29 7.48 -3.02
CA GLU A 127 6.35 8.74 -2.28
C GLU A 127 4.97 9.39 -2.25
N THR A 128 4.34 9.48 -3.43
CA THR A 128 3.00 10.06 -3.55
C THR A 128 1.99 9.23 -2.75
N ILE A 129 2.05 7.92 -2.90
CA ILE A 129 1.15 7.01 -2.19
C ILE A 129 1.27 7.21 -0.67
N THR A 130 2.51 7.13 -0.18
CA THR A 130 2.80 7.31 1.25
C THR A 130 2.35 8.67 1.75
N ASP A 131 2.77 9.73 1.05
CA ASP A 131 2.42 11.10 1.39
C ASP A 131 0.91 11.26 1.57
N VAL A 132 0.15 10.87 0.54
CA VAL A 132 -1.31 10.97 0.59
C VAL A 132 -1.92 10.08 1.68
N LEU A 133 -1.38 8.88 1.85
CA LEU A 133 -1.89 7.95 2.86
C LEU A 133 -1.62 8.47 4.28
N VAL A 134 -0.44 9.02 4.49
CA VAL A 134 -0.06 9.53 5.81
C VAL A 134 -0.71 10.89 6.12
N ARG A 135 -0.67 11.82 5.17
CA ARG A 135 -1.25 13.15 5.37
C ARG A 135 -2.77 13.13 5.54
N THR A 136 -3.47 12.23 4.84
CA THR A 136 -4.93 12.15 4.97
C THR A 136 -5.36 11.30 6.16
N LYS A 137 -4.43 10.52 6.70
CA LYS A 137 -4.73 9.68 7.86
C LYS A 137 -3.78 9.98 9.02
N ARG A 138 -3.50 11.26 9.21
CA ARG A 138 -2.60 11.72 10.28
C ARG A 138 -3.00 11.18 11.66
N ASP A 139 -4.19 11.52 12.11
CA ASP A 139 -4.68 11.07 13.42
C ASP A 139 -4.86 9.55 13.50
N TRP A 140 -5.35 8.96 12.42
CA TRP A 140 -5.57 7.51 12.41
C TRP A 140 -4.26 6.72 12.51
N LEU A 141 -3.23 7.18 11.80
CA LEU A 141 -1.93 6.52 11.81
C LEU A 141 -1.20 6.66 13.15
N VAL A 142 -1.25 7.84 13.76
CA VAL A 142 -0.58 8.05 15.04
C VAL A 142 -1.24 7.24 16.17
N LYS A 143 -2.57 7.11 16.11
CA LYS A 143 -3.30 6.36 17.13
C LYS A 143 -3.04 4.85 17.06
N GLN A 144 -2.96 4.30 15.85
CA GLN A 144 -2.75 2.86 15.69
C GLN A 144 -1.27 2.45 15.63
N ARG A 145 -0.38 3.31 16.15
CA ARG A 145 1.07 3.03 16.16
C ARG A 145 1.66 2.83 14.75
N GLY A 146 0.92 3.24 13.73
CA GLY A 146 1.37 3.12 12.36
C GLY A 146 1.51 1.68 11.88
N TRP A 147 2.72 1.34 11.40
CA TRP A 147 2.99 0.02 10.88
C TRP A 147 2.86 -1.07 11.95
N ASP A 148 3.15 -0.73 13.20
CA ASP A 148 3.03 -1.71 14.28
C ASP A 148 1.59 -2.23 14.39
N GLY A 149 0.61 -1.32 14.28
CA GLY A 149 -0.77 -1.74 14.32
C GLY A 149 -1.14 -2.54 13.08
N PHE A 150 -0.58 -2.12 11.94
CA PHE A 150 -0.80 -2.81 10.66
C PHE A 150 -0.27 -4.24 10.73
N VAL A 151 0.95 -4.39 11.26
CA VAL A 151 1.59 -5.70 11.38
C VAL A 151 0.80 -6.60 12.32
N GLU A 152 0.46 -6.08 13.51
CA GLU A 152 -0.30 -6.83 14.49
C GLU A 152 -1.69 -7.23 13.97
N PHE A 153 -2.39 -6.27 13.34
CA PHE A 153 -3.72 -6.53 12.78
C PHE A 153 -3.70 -7.64 11.74
N PHE A 154 -2.78 -7.54 10.77
CA PHE A 154 -2.69 -8.54 9.73
C PHE A 154 -1.93 -9.79 10.21
N HIS A 155 -1.58 -9.80 11.49
CA HIS A 155 -0.88 -10.93 12.09
C HIS A 155 -1.85 -11.82 12.85
N VAL A 156 -3.04 -12.01 12.29
CA VAL A 156 -4.07 -12.86 12.93
C VAL A 156 -3.80 -14.35 12.66
N GLN A 157 -2.62 -14.66 12.14
CA GLN A 157 -2.24 -16.04 11.85
C GLN A 157 -1.27 -16.58 12.90
N ASP A 158 0.01 -16.30 12.70
CA ASP A 158 1.05 -16.75 13.62
C ASP A 158 1.21 -15.77 14.79
N LEU A 159 0.78 -16.20 15.96
CA LEU A 159 0.88 -15.38 17.16
C LEU A 159 2.24 -15.54 17.84
N GLU A 160 2.62 -16.78 18.15
CA GLU A 160 3.90 -17.06 18.78
C GLU A 160 5.08 -16.89 17.80
N GLY A 161 4.84 -17.20 16.53
CA GLY A 161 5.88 -17.06 15.53
C GLY A 161 6.25 -18.38 14.87
N GLY A 162 7.52 -18.51 14.47
CA GLY A 162 7.98 -19.72 13.82
C GLY A 162 9.41 -19.60 13.28
N ALA B 1 -16.46 6.05 -24.86
CA ALA B 1 -15.73 5.92 -23.57
C ALA B 1 -14.84 4.69 -23.56
N GLU B 2 -13.94 4.61 -22.57
CA GLU B 2 -13.02 3.47 -22.46
C GLU B 2 -12.86 3.05 -21.00
N LEU B 3 -12.25 3.91 -20.19
CA LEU B 3 -12.04 3.62 -18.77
C LEU B 3 -13.08 4.33 -17.89
N PRO B 4 -14.02 3.57 -17.31
CA PRO B 4 -15.07 4.12 -16.44
C PRO B 4 -14.55 4.42 -15.02
N PRO B 5 -15.22 5.34 -14.29
CA PRO B 5 -14.82 5.71 -12.92
C PRO B 5 -15.03 4.59 -11.90
N GLU B 6 -14.90 3.35 -12.34
CA GLU B 6 -15.08 2.18 -11.48
C GLU B 6 -13.77 1.78 -10.81
N PHE B 7 -12.65 2.33 -11.27
CA PHE B 7 -11.34 2.01 -10.67
C PHE B 7 -11.28 2.47 -9.22
N ALA B 8 -11.93 3.60 -8.94
CA ALA B 8 -11.98 4.15 -7.60
C ALA B 8 -12.89 3.32 -6.70
N ALA B 9 -14.04 2.94 -7.23
CA ALA B 9 -14.99 2.12 -6.49
C ALA B 9 -14.45 0.71 -6.30
N GLN B 10 -13.75 0.20 -7.32
CA GLN B 10 -13.17 -1.15 -7.27
C GLN B 10 -12.14 -1.25 -6.15
N LEU B 11 -11.14 -0.37 -6.15
CA LEU B 11 -10.12 -0.37 -5.11
C LEU B 11 -10.78 -0.20 -3.73
N ARG B 12 -11.82 0.62 -3.68
CA ARG B 12 -12.57 0.83 -2.44
C ARG B 12 -13.20 -0.49 -2.00
N LYS B 13 -13.96 -1.11 -2.93
CA LYS B 13 -14.61 -2.40 -2.69
C LYS B 13 -13.61 -3.44 -2.21
N ILE B 14 -12.49 -3.55 -2.93
CA ILE B 14 -11.43 -4.49 -2.58
C ILE B 14 -10.91 -4.19 -1.18
N GLY B 15 -10.73 -2.91 -0.87
CA GLY B 15 -10.27 -2.52 0.46
C GLY B 15 -11.19 -3.00 1.56
N ASP B 16 -12.49 -2.74 1.43
CA ASP B 16 -13.47 -3.17 2.41
C ASP B 16 -13.49 -4.69 2.51
N LYS B 17 -13.37 -5.35 1.35
CA LYS B 17 -13.36 -6.80 1.29
C LYS B 17 -12.13 -7.38 2.00
N VAL B 18 -10.95 -6.91 1.61
CA VAL B 18 -9.70 -7.37 2.22
C VAL B 18 -9.71 -7.09 3.74
N TYR B 19 -10.25 -5.94 4.11
CA TYR B 19 -10.36 -5.54 5.51
C TYR B 19 -11.22 -6.57 6.28
N CYS B 20 -12.40 -6.86 5.74
CA CYS B 20 -13.30 -7.83 6.39
C CYS B 20 -12.67 -9.23 6.41
N THR B 21 -11.78 -9.48 5.46
CA THR B 21 -11.11 -10.78 5.36
C THR B 21 -10.03 -10.96 6.43
N TRP B 22 -9.23 -9.92 6.67
CA TRP B 22 -8.14 -10.01 7.65
C TRP B 22 -8.59 -9.64 9.07
N SER B 23 -9.80 -9.12 9.21
CA SER B 23 -10.32 -8.75 10.54
C SER B 23 -10.70 -9.99 11.36
N ALA B 24 -10.82 -11.14 10.69
CA ALA B 24 -11.16 -12.39 11.35
C ALA B 24 -9.92 -13.17 11.77
N PRO B 25 -9.82 -13.56 13.06
CA PRO B 25 -8.68 -14.32 13.58
C PRO B 25 -8.73 -15.81 13.19
N ASP B 26 -8.61 -16.08 11.89
CA ASP B 26 -8.66 -17.46 11.39
C ASP B 26 -7.38 -17.82 10.62
N MET B 27 -7.40 -18.98 9.95
CA MET B 27 -6.24 -19.45 9.19
C MET B 27 -6.36 -19.12 7.70
N GLY A 1 9.99 13.52 7.60
CA GLY A 1 8.62 14.09 7.61
C GLY A 1 8.62 15.60 7.81
N PRO A 2 7.77 16.33 7.07
CA PRO A 2 7.67 17.79 7.19
C PRO A 2 7.19 18.27 8.57
N LEU A 3 6.22 17.57 9.15
CA LEU A 3 5.69 17.95 10.46
C LEU A 3 6.33 17.16 11.60
N GLY A 4 6.40 17.76 12.79
CA GLY A 4 6.98 17.10 13.95
C GLY A 4 6.27 15.80 14.28
N SER A 5 4.99 15.90 14.64
CA SER A 5 4.18 14.71 14.96
C SER A 5 3.77 13.99 13.68
N GLU A 6 4.76 13.68 12.85
CA GLU A 6 4.54 13.01 11.57
C GLU A 6 5.85 12.45 11.02
N ASP A 7 6.96 13.15 11.27
CA ASP A 7 8.28 12.75 10.81
C ASP A 7 8.58 11.27 11.09
N ASP A 8 8.39 10.86 12.33
CA ASP A 8 8.63 9.48 12.74
C ASP A 8 7.74 8.51 11.94
N LEU A 9 6.43 8.75 11.99
CA LEU A 9 5.46 7.93 11.28
C LEU A 9 5.72 7.90 9.76
N TYR A 10 6.03 9.05 9.20
CA TYR A 10 6.28 9.19 7.76
C TYR A 10 7.58 8.50 7.33
N ARG A 11 8.66 8.72 8.08
CA ARG A 11 9.95 8.12 7.74
C ARG A 11 9.89 6.59 7.80
N GLN A 12 9.18 6.05 8.78
CA GLN A 12 9.04 4.59 8.91
C GLN A 12 8.19 4.04 7.77
N SER A 13 7.09 4.74 7.48
CA SER A 13 6.18 4.33 6.42
C SER A 13 6.87 4.40 5.06
N LEU A 14 7.53 5.52 4.77
CA LEU A 14 8.22 5.70 3.49
C LEU A 14 9.24 4.59 3.23
N GLU A 15 10.10 4.32 4.23
CA GLU A 15 11.11 3.27 4.09
C GLU A 15 10.46 1.92 3.79
N ILE A 16 9.52 1.51 4.64
CA ILE A 16 8.83 0.22 4.48
C ILE A 16 8.12 0.13 3.13
N ILE A 17 7.39 1.19 2.77
CA ILE A 17 6.67 1.22 1.50
C ILE A 17 7.64 1.15 0.32
N SER A 18 8.72 1.95 0.39
CA SER A 18 9.74 1.94 -0.66
C SER A 18 10.32 0.53 -0.82
N ARG A 19 10.55 -0.15 0.29
CA ARG A 19 11.10 -1.51 0.26
C ARG A 19 10.13 -2.48 -0.40
N TYR A 20 8.90 -2.53 0.12
CA TYR A 20 7.90 -3.45 -0.39
C TYR A 20 7.56 -3.22 -1.86
N LEU A 21 7.24 -1.98 -2.22
CA LEU A 21 6.89 -1.66 -3.60
C LEU A 21 8.04 -1.98 -4.56
N ARG A 22 9.27 -1.70 -4.13
CA ARG A 22 10.44 -1.99 -4.96
C ARG A 22 10.67 -3.50 -5.07
N GLU A 23 10.52 -4.21 -3.96
CA GLU A 23 10.69 -5.66 -3.95
C GLU A 23 9.62 -6.36 -4.78
N GLN A 24 8.37 -5.97 -4.56
CA GLN A 24 7.25 -6.56 -5.27
C GLN A 24 7.29 -6.23 -6.77
N ALA A 25 7.70 -5.01 -7.10
CA ALA A 25 7.81 -4.59 -8.50
C ALA A 25 8.88 -5.38 -9.25
N THR A 26 9.92 -5.80 -8.52
CA THR A 26 11.01 -6.56 -9.12
C THR A 26 10.79 -8.07 -9.02
N GLY A 27 10.29 -8.53 -7.88
CA GLY A 27 10.06 -9.95 -7.68
C GLY A 27 10.97 -10.56 -6.63
N SER A 28 11.78 -9.72 -6.00
CA SER A 28 12.71 -10.17 -4.95
C SER A 28 12.03 -10.23 -3.59
N LYS A 29 12.15 -11.38 -2.92
CA LYS A 29 11.55 -11.58 -1.61
C LYS A 29 12.57 -12.15 -0.61
N ASP A 30 13.78 -11.58 -0.65
CA ASP A 30 14.87 -12.02 0.24
C ASP A 30 14.87 -11.20 1.55
N SER A 31 16.05 -10.76 1.98
CA SER A 31 16.17 -9.98 3.21
C SER A 31 17.12 -8.80 3.03
N LYS A 32 16.58 -7.59 3.16
CA LYS A 32 17.38 -6.38 3.00
C LYS A 32 17.44 -5.58 4.31
N PRO A 33 18.61 -4.97 4.61
CA PRO A 33 18.80 -4.18 5.83
C PRO A 33 18.07 -2.82 5.80
N LEU A 34 17.31 -2.54 6.86
CA LEU A 34 16.55 -1.29 6.97
C LEU A 34 17.37 -0.22 7.70
N GLY A 35 17.00 1.06 7.49
CA GLY A 35 17.72 2.14 8.13
C GLY A 35 16.86 2.98 9.06
N GLU A 36 15.73 3.45 8.56
CA GLU A 36 14.83 4.28 9.37
C GLU A 36 13.87 3.42 10.21
N ALA A 37 13.40 2.32 9.62
CA ALA A 37 12.48 1.41 10.30
C ALA A 37 13.04 0.00 10.36
N GLY A 38 13.91 -0.27 11.33
CA GLY A 38 14.50 -1.60 11.45
C GLY A 38 13.56 -2.67 11.99
N ALA A 39 13.23 -2.59 13.27
CA ALA A 39 12.34 -3.57 13.91
C ALA A 39 10.95 -3.57 13.29
N ALA A 40 10.33 -2.39 13.28
CA ALA A 40 9.00 -2.24 12.70
C ALA A 40 9.03 -2.53 11.20
N GLY A 41 10.08 -2.07 10.52
CA GLY A 41 10.22 -2.29 9.09
C GLY A 41 10.36 -3.74 8.71
N ARG A 42 11.13 -4.51 9.49
CA ARG A 42 11.32 -5.93 9.21
C ARG A 42 9.98 -6.68 9.31
N ARG A 43 9.29 -6.49 10.43
CA ARG A 43 8.00 -7.14 10.65
C ARG A 43 6.94 -6.61 9.68
N ALA A 44 7.06 -5.34 9.30
CA ALA A 44 6.13 -4.72 8.37
C ALA A 44 6.34 -5.26 6.96
N LEU A 45 7.60 -5.45 6.56
CA LEU A 45 7.89 -5.98 5.23
C LEU A 45 7.35 -7.41 5.05
N GLU A 46 7.60 -8.28 6.03
CA GLU A 46 7.12 -9.65 5.97
C GLU A 46 5.60 -9.69 5.89
N THR A 47 4.95 -8.87 6.72
CA THR A 47 3.50 -8.78 6.74
C THR A 47 2.97 -8.19 5.43
N LEU A 48 3.60 -7.10 4.99
CA LEU A 48 3.22 -6.42 3.75
C LEU A 48 3.38 -7.35 2.56
N ARG A 49 4.49 -8.10 2.54
CA ARG A 49 4.74 -9.06 1.47
C ARG A 49 3.63 -10.08 1.40
N ARG A 50 3.42 -10.79 2.51
CA ARG A 50 2.39 -11.83 2.61
C ARG A 50 0.98 -11.31 2.29
N VAL A 51 0.54 -10.29 3.03
CA VAL A 51 -0.79 -9.72 2.83
C VAL A 51 -0.94 -9.13 1.42
N GLY A 52 0.11 -8.44 0.96
CA GLY A 52 0.09 -7.87 -0.37
C GLY A 52 -0.01 -8.92 -1.45
N ASP A 53 0.82 -9.97 -1.34
CA ASP A 53 0.79 -11.08 -2.29
C ASP A 53 -0.61 -11.66 -2.36
N GLY A 54 -1.21 -11.86 -1.18
CA GLY A 54 -2.56 -12.38 -1.11
C GLY A 54 -3.56 -11.49 -1.85
N VAL A 55 -3.58 -10.20 -1.50
CA VAL A 55 -4.48 -9.24 -2.14
C VAL A 55 -4.22 -9.14 -3.66
N GLN A 56 -2.94 -9.12 -4.04
CA GLN A 56 -2.55 -9.01 -5.45
C GLN A 56 -2.98 -10.23 -6.26
N ARG A 57 -2.64 -11.42 -5.80
CA ARG A 57 -3.02 -12.65 -6.50
C ARG A 57 -4.52 -12.90 -6.43
N ASN A 58 -5.14 -12.55 -5.30
CA ASN A 58 -6.57 -12.72 -5.12
C ASN A 58 -7.35 -11.77 -6.04
N HIS A 59 -6.97 -10.50 -6.04
CA HIS A 59 -7.64 -9.51 -6.88
C HIS A 59 -6.83 -9.22 -8.13
N GLU A 60 -6.14 -10.25 -8.62
CA GLU A 60 -5.30 -10.15 -9.82
C GLU A 60 -6.07 -9.66 -11.03
N THR A 61 -7.25 -10.23 -11.27
CA THR A 61 -8.09 -9.83 -12.39
C THR A 61 -8.48 -8.36 -12.31
N ALA A 62 -8.90 -7.94 -11.11
CA ALA A 62 -9.28 -6.56 -10.87
C ALA A 62 -8.07 -5.63 -11.01
N PHE A 63 -6.93 -6.06 -10.48
CA PHE A 63 -5.71 -5.25 -10.57
C PHE A 63 -5.25 -5.14 -12.02
N GLN A 64 -5.26 -6.26 -12.74
CA GLN A 64 -4.88 -6.28 -14.15
C GLN A 64 -5.84 -5.44 -14.99
N GLY A 65 -7.14 -5.60 -14.73
CA GLY A 65 -8.14 -4.83 -15.45
C GLY A 65 -7.96 -3.35 -15.22
N MET A 66 -7.74 -2.97 -13.97
CA MET A 66 -7.50 -1.58 -13.60
C MET A 66 -6.19 -1.09 -14.22
N LEU A 67 -5.17 -1.96 -14.17
CA LEU A 67 -3.85 -1.67 -14.72
C LEU A 67 -3.92 -1.36 -16.22
N ARG A 68 -4.71 -2.14 -16.95
CA ARG A 68 -4.86 -1.94 -18.39
C ARG A 68 -5.72 -0.72 -18.72
N LYS A 69 -6.65 -0.38 -17.81
CA LYS A 69 -7.51 0.78 -18.00
C LYS A 69 -6.74 2.08 -17.70
N LEU A 70 -5.83 2.01 -16.74
CA LEU A 70 -5.02 3.17 -16.37
C LEU A 70 -4.05 3.56 -17.47
N ASP A 71 -3.95 4.86 -17.73
CA ASP A 71 -3.04 5.38 -18.75
C ASP A 71 -1.77 5.94 -18.11
N ILE A 72 -1.38 5.35 -16.98
CA ILE A 72 -0.18 5.76 -16.24
C ILE A 72 1.07 5.65 -17.11
N LYS A 73 1.76 6.77 -17.33
CA LYS A 73 2.98 6.78 -18.15
C LYS A 73 3.99 7.85 -17.70
N ASN A 74 3.52 8.97 -17.17
CA ASN A 74 4.43 10.04 -16.76
C ASN A 74 4.25 10.44 -15.29
N GLU A 75 5.12 11.35 -14.83
CA GLU A 75 5.07 11.83 -13.44
C GLU A 75 3.76 12.56 -13.15
N GLY A 76 3.18 13.16 -14.18
CA GLY A 76 1.92 13.89 -14.03
C GLY A 76 0.77 12.99 -13.56
N ASP A 77 0.87 11.70 -13.86
CA ASP A 77 -0.16 10.72 -13.50
C ASP A 77 -0.41 10.65 -11.98
N VAL A 78 0.59 10.97 -11.17
CA VAL A 78 0.46 10.92 -9.70
C VAL A 78 -0.74 11.74 -9.19
N LYS A 79 -1.10 12.81 -9.90
CA LYS A 79 -2.25 13.64 -9.49
C LYS A 79 -3.54 12.84 -9.59
N SER A 80 -3.66 12.09 -10.68
CA SER A 80 -4.82 11.23 -10.91
C SER A 80 -4.81 10.06 -9.94
N PHE A 81 -3.60 9.53 -9.70
CA PHE A 81 -3.43 8.42 -8.76
C PHE A 81 -3.92 8.88 -7.37
N SER A 82 -3.63 10.13 -7.05
CA SER A 82 -4.07 10.73 -5.79
C SER A 82 -5.60 10.76 -5.74
N ARG A 83 -6.22 11.11 -6.88
CA ARG A 83 -7.68 11.15 -6.97
C ARG A 83 -8.27 9.79 -6.60
N VAL A 84 -7.64 8.72 -7.06
CA VAL A 84 -8.09 7.36 -6.76
C VAL A 84 -8.03 7.11 -5.25
N MET A 85 -6.87 7.40 -4.65
CA MET A 85 -6.67 7.22 -3.21
C MET A 85 -7.68 8.06 -2.42
N VAL A 86 -7.81 9.34 -2.79
CA VAL A 86 -8.76 10.24 -2.11
C VAL A 86 -10.21 9.76 -2.30
N HIS A 87 -10.53 9.30 -3.51
CA HIS A 87 -11.87 8.80 -3.82
C HIS A 87 -12.17 7.53 -3.02
N VAL A 88 -11.17 6.67 -2.82
CA VAL A 88 -11.35 5.43 -2.06
C VAL A 88 -11.74 5.71 -0.60
N PHE A 89 -10.95 6.54 0.06
CA PHE A 89 -11.19 6.87 1.47
C PHE A 89 -12.10 8.10 1.64
N LYS A 90 -12.92 8.37 0.62
CA LYS A 90 -13.83 9.52 0.65
C LYS A 90 -14.93 9.39 1.73
N ASP A 91 -15.12 8.17 2.25
CA ASP A 91 -16.14 7.94 3.28
C ASP A 91 -15.60 8.26 4.68
N GLY A 92 -14.27 8.35 4.81
CA GLY A 92 -13.65 8.64 6.08
C GLY A 92 -13.24 7.39 6.85
N VAL A 93 -13.50 6.21 6.28
CA VAL A 93 -13.15 4.96 6.94
C VAL A 93 -11.78 4.45 6.48
N THR A 94 -10.80 4.50 7.39
CA THR A 94 -9.46 4.04 7.06
C THR A 94 -9.25 2.58 7.48
N ASN A 95 -9.79 1.65 6.69
CA ASN A 95 -9.63 0.23 6.99
C ASN A 95 -8.24 -0.26 6.60
N TRP A 96 -7.67 -1.13 7.43
CA TRP A 96 -6.34 -1.69 7.14
C TRP A 96 -6.31 -2.37 5.78
N GLY A 97 -7.39 -3.10 5.48
CA GLY A 97 -7.49 -3.78 4.19
C GLY A 97 -7.51 -2.81 3.03
N ARG A 98 -8.01 -1.59 3.28
CA ARG A 98 -8.06 -0.56 2.25
C ARG A 98 -6.65 0.01 2.03
N ILE A 99 -5.93 0.23 3.12
CA ILE A 99 -4.57 0.74 3.07
C ILE A 99 -3.65 -0.25 2.36
N VAL A 100 -3.67 -1.51 2.83
CA VAL A 100 -2.85 -2.55 2.22
C VAL A 100 -3.25 -2.79 0.76
N THR A 101 -4.53 -2.56 0.45
CA THR A 101 -5.00 -2.72 -0.93
C THR A 101 -4.34 -1.67 -1.83
N LEU A 102 -4.30 -0.43 -1.36
CA LEU A 102 -3.65 0.65 -2.09
C LEU A 102 -2.16 0.37 -2.23
N ILE A 103 -1.54 -0.13 -1.15
CA ILE A 103 -0.13 -0.48 -1.17
C ILE A 103 0.12 -1.63 -2.17
N SER A 104 -0.77 -2.62 -2.15
CA SER A 104 -0.70 -3.76 -3.07
C SER A 104 -0.84 -3.26 -4.50
N PHE A 105 -1.77 -2.33 -4.71
CA PHE A 105 -1.98 -1.75 -6.02
C PHE A 105 -0.73 -0.99 -6.46
N GLY A 106 -0.15 -0.23 -5.53
CA GLY A 106 1.07 0.50 -5.81
C GLY A 106 2.18 -0.44 -6.27
N ALA A 107 2.36 -1.54 -5.55
CA ALA A 107 3.36 -2.53 -5.91
C ALA A 107 3.00 -3.26 -7.22
N PHE A 108 1.70 -3.35 -7.51
CA PHE A 108 1.24 -3.99 -8.74
C PHE A 108 1.48 -3.12 -9.96
N VAL A 109 1.10 -1.84 -9.87
CA VAL A 109 1.33 -0.92 -10.99
C VAL A 109 2.83 -0.75 -11.21
N ALA A 110 3.60 -0.71 -10.11
CA ALA A 110 5.05 -0.59 -10.18
C ALA A 110 5.67 -1.85 -10.79
N LYS A 111 5.03 -2.99 -10.54
CA LYS A 111 5.49 -4.27 -11.10
C LYS A 111 5.43 -4.20 -12.62
N HIS A 112 4.29 -3.71 -13.12
CA HIS A 112 4.10 -3.53 -14.56
C HIS A 112 5.07 -2.46 -15.07
N LEU A 113 5.24 -1.39 -14.30
CA LEU A 113 6.16 -0.32 -14.65
C LEU A 113 7.60 -0.84 -14.72
N LYS A 114 7.94 -1.76 -13.83
CA LYS A 114 9.27 -2.35 -13.81
C LYS A 114 9.50 -3.17 -15.08
N SER A 115 8.45 -3.85 -15.55
CA SER A 115 8.54 -4.65 -16.77
C SER A 115 8.82 -3.76 -17.99
N VAL A 116 8.44 -2.48 -17.89
CA VAL A 116 8.66 -1.52 -18.95
C VAL A 116 9.79 -0.53 -18.57
N ASN A 117 10.45 -0.84 -17.45
CA ASN A 117 11.57 -0.05 -16.91
C ASN A 117 11.20 1.41 -16.60
N GLN A 118 10.10 1.63 -15.88
CA GLN A 118 9.68 2.97 -15.51
C GLN A 118 10.24 3.38 -14.13
N GLU A 119 11.46 2.93 -13.85
CA GLU A 119 12.14 3.23 -12.57
C GLU A 119 12.08 4.72 -12.20
N SER A 120 12.31 5.58 -13.19
CA SER A 120 12.29 7.03 -12.98
C SER A 120 10.93 7.51 -12.46
N PHE A 121 9.91 6.69 -12.63
CA PHE A 121 8.58 7.01 -12.15
C PHE A 121 8.20 6.17 -10.93
N ILE A 122 8.75 4.96 -10.84
CA ILE A 122 8.47 4.06 -9.71
C ILE A 122 8.81 4.72 -8.37
N GLU A 123 10.02 5.29 -8.26
CA GLU A 123 10.44 5.95 -7.03
C GLU A 123 9.48 7.11 -6.65
N PRO A 124 9.26 8.12 -7.55
CA PRO A 124 8.34 9.23 -7.28
C PRO A 124 6.90 8.77 -7.01
N LEU A 125 6.51 7.64 -7.62
CA LEU A 125 5.16 7.10 -7.41
C LEU A 125 5.03 6.61 -5.97
N ALA A 126 6.01 5.81 -5.53
CA ALA A 126 6.01 5.29 -4.16
C ALA A 126 6.06 6.44 -3.15
N GLU A 127 6.79 7.49 -3.50
CA GLU A 127 6.88 8.68 -2.66
C GLU A 127 5.52 9.38 -2.62
N THR A 128 4.87 9.48 -3.79
CA THR A 128 3.55 10.09 -3.87
C THR A 128 2.54 9.31 -3.04
N ILE A 129 2.53 7.99 -3.24
CA ILE A 129 1.63 7.10 -2.51
C ILE A 129 1.80 7.28 -1.00
N THR A 130 3.04 7.15 -0.52
CA THR A 130 3.34 7.32 0.91
C THR A 130 2.91 8.69 1.40
N ASP A 131 3.26 9.72 0.63
CA ASP A 131 2.91 11.10 0.97
C ASP A 131 1.40 11.24 1.18
N VAL A 132 0.62 10.93 0.14
CA VAL A 132 -0.84 11.02 0.21
C VAL A 132 -1.41 10.11 1.30
N LEU A 133 -0.84 8.91 1.43
CA LEU A 133 -1.28 7.96 2.44
C LEU A 133 -1.10 8.52 3.85
N VAL A 134 0.07 9.07 4.14
CA VAL A 134 0.34 9.64 5.46
C VAL A 134 -0.42 10.96 5.67
N ARG A 135 -0.43 11.82 4.65
CA ARG A 135 -1.11 13.12 4.74
C ARG A 135 -2.62 12.96 5.00
N THR A 136 -3.23 11.93 4.43
CA THR A 136 -4.67 11.71 4.59
C THR A 136 -5.01 10.74 5.72
N LYS A 137 -3.99 10.23 6.41
CA LYS A 137 -4.23 9.29 7.52
C LYS A 137 -3.26 9.55 8.67
N ARG A 138 -2.85 10.79 8.85
CA ARG A 138 -1.91 11.15 9.91
C ARG A 138 -2.44 10.77 11.30
N ASP A 139 -3.63 11.27 11.65
CA ASP A 139 -4.24 10.99 12.95
C ASP A 139 -4.50 9.49 13.13
N TRP A 140 -5.03 8.84 12.11
CA TRP A 140 -5.35 7.42 12.17
C TRP A 140 -4.09 6.56 12.31
N LEU A 141 -3.09 6.79 11.46
CA LEU A 141 -1.86 6.00 11.48
C LEU A 141 -1.05 6.19 12.77
N VAL A 142 -0.92 7.44 13.23
CA VAL A 142 -0.14 7.70 14.44
C VAL A 142 -0.82 7.13 15.70
N LYS A 143 -2.15 7.16 15.75
CA LYS A 143 -2.89 6.64 16.89
C LYS A 143 -2.96 5.11 16.88
N GLN A 144 -3.03 4.51 15.69
CA GLN A 144 -3.14 3.05 15.57
C GLN A 144 -1.78 2.34 15.62
N ARG A 145 -0.79 2.97 16.27
CA ARG A 145 0.56 2.40 16.42
C ARG A 145 1.27 2.21 15.07
N GLY A 146 0.70 2.77 14.00
CA GLY A 146 1.28 2.66 12.69
C GLY A 146 1.39 1.23 12.17
N TRP A 147 2.57 0.90 11.65
CA TRP A 147 2.83 -0.42 11.09
C TRP A 147 2.80 -1.52 12.16
N ASP A 148 3.03 -1.16 13.42
CA ASP A 148 2.98 -2.15 14.50
C ASP A 148 1.56 -2.70 14.62
N GLY A 149 0.57 -1.82 14.57
CA GLY A 149 -0.82 -2.24 14.63
C GLY A 149 -1.21 -2.98 13.38
N PHE A 150 -0.60 -2.59 12.25
CA PHE A 150 -0.85 -3.22 10.95
C PHE A 150 -0.31 -4.67 10.92
N VAL A 151 0.94 -4.85 11.36
CA VAL A 151 1.55 -6.18 11.37
C VAL A 151 0.91 -7.08 12.42
N GLU A 152 0.48 -6.50 13.53
CA GLU A 152 -0.17 -7.24 14.61
C GLU A 152 -1.55 -7.73 14.16
N PHE A 153 -2.29 -6.86 13.48
CA PHE A 153 -3.63 -7.19 12.98
C PHE A 153 -3.58 -8.26 11.89
N PHE A 154 -2.66 -8.10 10.94
CA PHE A 154 -2.54 -9.04 9.83
C PHE A 154 -1.61 -10.22 10.16
N HIS A 155 -1.56 -10.62 11.43
CA HIS A 155 -0.71 -11.74 11.86
C HIS A 155 -1.36 -12.52 12.99
N VAL A 156 -1.06 -13.82 13.08
CA VAL A 156 -1.59 -14.66 14.13
C VAL A 156 -0.66 -14.65 15.35
N GLN A 157 -1.13 -14.07 16.45
CA GLN A 157 -0.34 -14.00 17.68
C GLN A 157 -0.79 -15.05 18.69
N ASP A 158 -2.08 -15.12 18.97
CA ASP A 158 -2.62 -16.08 19.93
C ASP A 158 -4.03 -16.54 19.53
N LEU A 159 -4.19 -17.85 19.38
CA LEU A 159 -5.48 -18.44 19.02
C LEU A 159 -5.90 -19.46 20.07
N GLU A 160 -5.05 -19.66 21.06
CA GLU A 160 -5.32 -20.62 22.13
C GLU A 160 -5.68 -19.92 23.44
N GLY A 161 -5.04 -18.77 23.70
CA GLY A 161 -5.33 -18.03 24.93
C GLY A 161 -4.24 -18.19 25.99
N GLY A 162 -3.20 -17.39 25.89
CA GLY A 162 -2.10 -17.44 26.86
C GLY A 162 -2.31 -16.52 28.05
N ALA B 1 -10.78 7.00 -24.51
CA ALA B 1 -9.73 7.13 -23.46
C ALA B 1 -10.26 7.92 -22.25
N GLU B 2 -11.43 7.53 -21.78
CA GLU B 2 -12.07 8.18 -20.65
C GLU B 2 -12.08 7.26 -19.42
N LEU B 3 -11.35 7.66 -18.38
CA LEU B 3 -11.27 6.88 -17.15
C LEU B 3 -12.31 7.36 -16.12
N PRO B 4 -13.36 6.56 -15.87
CA PRO B 4 -14.41 6.89 -14.91
C PRO B 4 -14.01 6.57 -13.47
N PRO B 5 -14.68 7.17 -12.47
CA PRO B 5 -14.39 6.94 -11.04
C PRO B 5 -14.85 5.54 -10.56
N GLU B 6 -14.68 4.55 -11.42
CA GLU B 6 -15.07 3.17 -11.11
C GLU B 6 -13.94 2.39 -10.43
N PHE B 7 -12.70 2.62 -10.88
CA PHE B 7 -11.54 1.92 -10.33
C PHE B 7 -11.42 2.10 -8.81
N ALA B 8 -11.67 3.32 -8.34
CA ALA B 8 -11.59 3.61 -6.92
C ALA B 8 -12.69 2.89 -6.13
N ALA B 9 -13.88 2.80 -6.71
CA ALA B 9 -15.00 2.11 -6.07
C ALA B 9 -14.68 0.61 -5.95
N GLN B 10 -13.99 0.10 -6.97
CA GLN B 10 -13.57 -1.30 -6.98
C GLN B 10 -12.55 -1.54 -5.87
N LEU B 11 -11.54 -0.67 -5.81
CA LEU B 11 -10.50 -0.77 -4.77
C LEU B 11 -11.14 -0.71 -3.37
N ARG B 12 -12.19 0.11 -3.24
CA ARG B 12 -12.92 0.25 -1.99
C ARG B 12 -13.45 -1.10 -1.48
N LYS B 13 -14.27 -1.75 -2.31
CA LYS B 13 -14.82 -3.06 -1.94
C LYS B 13 -13.71 -4.10 -1.81
N ILE B 14 -12.64 -3.95 -2.60
CA ILE B 14 -11.51 -4.86 -2.54
C ILE B 14 -10.86 -4.76 -1.16
N GLY B 15 -10.59 -3.54 -0.74
CA GLY B 15 -10.01 -3.30 0.56
C GLY B 15 -10.90 -3.78 1.69
N ASP B 16 -12.19 -3.49 1.57
CA ASP B 16 -13.14 -3.92 2.60
C ASP B 16 -13.29 -5.43 2.60
N LYS B 17 -13.24 -6.05 1.42
CA LYS B 17 -13.32 -7.51 1.32
C LYS B 17 -12.09 -8.15 1.99
N VAL B 18 -10.92 -7.58 1.70
CA VAL B 18 -9.67 -8.06 2.28
C VAL B 18 -9.68 -7.86 3.79
N TYR B 19 -10.01 -6.63 4.21
CA TYR B 19 -10.08 -6.29 5.63
C TYR B 19 -11.08 -7.19 6.36
N CYS B 20 -12.21 -7.47 5.72
CA CYS B 20 -13.25 -8.33 6.29
C CYS B 20 -12.79 -9.78 6.37
N THR B 21 -11.88 -10.16 5.48
CA THR B 21 -11.34 -11.52 5.44
C THR B 21 -10.33 -11.75 6.56
N TRP B 22 -9.56 -10.71 6.89
CA TRP B 22 -8.56 -10.80 7.95
C TRP B 22 -9.14 -10.48 9.34
N SER B 23 -10.06 -9.51 9.40
CA SER B 23 -10.68 -9.14 10.67
C SER B 23 -11.54 -10.28 11.23
N ALA B 24 -12.17 -11.04 10.33
CA ALA B 24 -13.00 -12.17 10.73
C ALA B 24 -12.18 -13.45 10.80
N PRO B 25 -12.11 -14.07 11.99
CA PRO B 25 -11.35 -15.32 12.19
C PRO B 25 -11.86 -16.48 11.34
N ASP B 26 -10.96 -17.11 10.59
CA ASP B 26 -11.32 -18.23 9.72
C ASP B 26 -11.46 -19.53 10.51
N MET B 27 -10.79 -19.61 11.65
CA MET B 27 -10.84 -20.82 12.50
C MET B 27 -11.50 -20.52 13.86
N GLY A 1 7.42 19.50 15.50
CA GLY A 1 8.65 20.17 15.01
C GLY A 1 9.09 19.70 13.64
N PRO A 2 10.28 20.10 13.17
CA PRO A 2 10.80 19.70 11.85
C PRO A 2 11.26 18.23 11.82
N LEU A 3 11.55 17.69 13.01
CA LEU A 3 11.99 16.30 13.14
C LEU A 3 11.61 15.76 14.52
N GLY A 4 11.06 14.55 14.55
CA GLY A 4 10.65 13.96 15.83
C GLY A 4 9.35 14.55 16.34
N SER A 5 8.24 14.19 15.69
CA SER A 5 6.91 14.69 16.05
C SER A 5 5.82 13.88 15.36
N GLU A 6 6.07 13.60 14.08
CA GLU A 6 5.16 12.81 13.24
C GLU A 6 5.93 12.25 12.04
N ASP A 7 6.98 12.96 11.66
CA ASP A 7 7.85 12.57 10.56
C ASP A 7 8.45 11.19 10.80
N ASP A 8 8.59 10.83 12.07
CA ASP A 8 9.13 9.52 12.45
C ASP A 8 8.31 8.40 11.80
N LEU A 9 6.99 8.58 11.80
CA LEU A 9 6.10 7.61 11.17
C LEU A 9 6.26 7.72 9.65
N TYR A 10 6.38 8.95 9.15
CA TYR A 10 6.55 9.21 7.72
C TYR A 10 7.84 8.55 7.20
N ARG A 11 8.94 8.73 7.93
CA ARG A 11 10.22 8.16 7.56
C ARG A 11 10.16 6.63 7.51
N GLN A 12 9.55 6.01 8.54
CA GLN A 12 9.40 4.56 8.60
C GLN A 12 8.51 4.09 7.44
N SER A 13 7.36 4.74 7.31
CA SER A 13 6.39 4.41 6.27
C SER A 13 7.03 4.53 4.88
N LEU A 14 7.72 5.63 4.63
CA LEU A 14 8.41 5.86 3.36
C LEU A 14 9.40 4.72 3.09
N GLU A 15 10.23 4.41 4.08
CA GLU A 15 11.22 3.34 3.96
C GLU A 15 10.55 1.98 3.69
N ILE A 16 9.49 1.69 4.45
CA ILE A 16 8.75 0.43 4.33
C ILE A 16 8.05 0.30 2.97
N ILE A 17 7.20 1.27 2.64
CA ILE A 17 6.44 1.25 1.38
C ILE A 17 7.33 1.20 0.15
N SER A 18 8.30 2.11 0.06
CA SER A 18 9.22 2.16 -1.09
C SER A 18 9.94 0.82 -1.29
N ARG A 19 10.39 0.22 -0.19
CA ARG A 19 11.07 -1.07 -0.27
C ARG A 19 10.11 -2.16 -0.75
N TYR A 20 8.97 -2.30 -0.08
CA TYR A 20 7.98 -3.31 -0.44
C TYR A 20 7.52 -3.19 -1.90
N LEU A 21 7.15 -1.99 -2.31
CA LEU A 21 6.66 -1.75 -3.68
C LEU A 21 7.71 -2.10 -4.74
N ARG A 22 8.95 -1.66 -4.54
CA ARG A 22 10.01 -1.91 -5.51
C ARG A 22 10.43 -3.38 -5.57
N GLU A 23 10.69 -3.98 -4.41
CA GLU A 23 11.12 -5.38 -4.36
C GLU A 23 10.04 -6.34 -4.86
N GLN A 24 8.83 -6.21 -4.33
CA GLN A 24 7.73 -7.09 -4.73
C GLN A 24 7.36 -6.89 -6.21
N ALA A 25 7.50 -5.67 -6.72
CA ALA A 25 7.20 -5.39 -8.12
C ALA A 25 8.26 -6.03 -9.02
N THR A 26 9.52 -5.82 -8.67
CA THR A 26 10.65 -6.37 -9.44
C THR A 26 10.69 -7.90 -9.35
N GLY A 27 10.44 -8.44 -8.16
CA GLY A 27 10.45 -9.89 -7.99
C GLY A 27 11.36 -10.36 -6.85
N SER A 28 11.54 -9.54 -5.83
CA SER A 28 12.39 -9.88 -4.69
C SER A 28 11.59 -9.87 -3.39
N LYS A 29 11.80 -10.89 -2.57
CA LYS A 29 11.11 -10.99 -1.29
C LYS A 29 12.07 -10.74 -0.12
N ASP A 30 13.33 -10.46 -0.45
CA ASP A 30 14.34 -10.22 0.57
C ASP A 30 14.47 -8.73 0.93
N SER A 31 13.33 -8.10 1.20
CA SER A 31 13.31 -6.69 1.57
C SER A 31 13.39 -6.56 3.09
N LYS A 32 14.59 -6.86 3.62
CA LYS A 32 14.83 -6.82 5.06
C LYS A 32 15.75 -5.67 5.50
N PRO A 33 16.86 -5.36 4.77
CA PRO A 33 17.77 -4.26 5.14
C PRO A 33 17.11 -2.88 5.16
N LEU A 34 16.74 -2.42 6.36
CA LEU A 34 16.12 -1.10 6.53
C LEU A 34 16.94 -0.29 7.53
N GLY A 35 17.00 1.04 7.32
CA GLY A 35 17.79 1.89 8.20
C GLY A 35 17.01 2.48 9.36
N GLU A 36 15.89 3.13 9.06
CA GLU A 36 15.06 3.75 10.09
C GLU A 36 14.03 2.75 10.61
N ALA A 37 13.39 2.04 9.69
CA ALA A 37 12.38 1.06 10.04
C ALA A 37 13.04 -0.28 10.44
N GLY A 38 13.56 -0.33 11.67
CA GLY A 38 14.22 -1.55 12.13
C GLY A 38 13.25 -2.62 12.62
N ALA A 39 12.66 -2.41 13.80
CA ALA A 39 11.73 -3.38 14.37
C ALA A 39 10.41 -3.38 13.61
N ALA A 40 9.81 -2.20 13.50
CA ALA A 40 8.55 -2.05 12.79
C ALA A 40 8.74 -2.35 11.30
N GLY A 41 9.90 -2.00 10.76
CA GLY A 41 10.18 -2.23 9.36
C GLY A 41 10.22 -3.71 9.00
N ARG A 42 11.02 -4.48 9.72
CA ARG A 42 11.14 -5.92 9.45
C ARG A 42 9.79 -6.62 9.62
N ARG A 43 9.05 -6.24 10.66
CA ARG A 43 7.73 -6.83 10.91
C ARG A 43 6.70 -6.37 9.88
N ALA A 44 6.75 -5.08 9.51
CA ALA A 44 5.82 -4.54 8.52
C ALA A 44 6.11 -5.09 7.14
N LEU A 45 7.38 -5.24 6.78
CA LEU A 45 7.77 -5.76 5.47
C LEU A 45 7.31 -7.21 5.30
N GLU A 46 7.59 -8.04 6.31
CA GLU A 46 7.19 -9.45 6.29
C GLU A 46 5.68 -9.60 6.17
N THR A 47 4.96 -8.78 6.93
CA THR A 47 3.50 -8.79 6.93
C THR A 47 2.95 -8.26 5.62
N LEU A 48 3.40 -7.04 5.26
CA LEU A 48 2.97 -6.38 4.03
C LEU A 48 3.23 -7.27 2.80
N ARG A 49 4.39 -7.92 2.77
CA ARG A 49 4.75 -8.79 1.65
C ARG A 49 3.79 -9.98 1.55
N ARG A 50 3.62 -10.71 2.66
CA ARG A 50 2.73 -11.87 2.69
C ARG A 50 1.28 -11.50 2.33
N VAL A 51 0.76 -10.47 2.99
CA VAL A 51 -0.61 -10.01 2.73
C VAL A 51 -0.73 -9.50 1.30
N GLY A 52 0.22 -8.67 0.88
CA GLY A 52 0.23 -8.14 -0.46
C GLY A 52 0.26 -9.23 -1.52
N ASP A 53 1.09 -10.25 -1.28
CA ASP A 53 1.19 -11.38 -2.20
C ASP A 53 -0.18 -12.03 -2.39
N GLY A 54 -0.90 -12.22 -1.30
CA GLY A 54 -2.23 -12.80 -1.36
C GLY A 54 -3.24 -11.92 -2.08
N VAL A 55 -3.35 -10.67 -1.63
CA VAL A 55 -4.30 -9.70 -2.23
C VAL A 55 -4.01 -9.45 -3.70
N GLN A 56 -2.73 -9.29 -4.03
CA GLN A 56 -2.30 -9.03 -5.41
C GLN A 56 -2.64 -10.17 -6.35
N ARG A 57 -2.23 -11.38 -5.99
CA ARG A 57 -2.49 -12.56 -6.81
C ARG A 57 -3.99 -12.85 -6.84
N ASN A 58 -4.67 -12.56 -5.73
CA ASN A 58 -6.11 -12.75 -5.63
C ASN A 58 -6.84 -11.83 -6.61
N HIS A 59 -6.53 -10.54 -6.55
CA HIS A 59 -7.16 -9.57 -7.44
C HIS A 59 -6.23 -9.17 -8.59
N GLU A 60 -5.45 -10.13 -9.09
CA GLU A 60 -4.51 -9.86 -10.19
C GLU A 60 -5.23 -9.30 -11.41
N THR A 61 -6.34 -9.94 -11.78
CA THR A 61 -7.14 -9.52 -12.92
C THR A 61 -7.74 -8.13 -12.69
N ALA A 62 -8.22 -7.90 -11.48
CA ALA A 62 -8.79 -6.60 -11.12
C ALA A 62 -7.74 -5.51 -11.20
N PHE A 63 -6.53 -5.81 -10.73
CA PHE A 63 -5.44 -4.85 -10.78
C PHE A 63 -4.99 -4.64 -12.23
N GLN A 64 -4.79 -5.75 -12.95
CA GLN A 64 -4.39 -5.68 -14.36
C GLN A 64 -5.41 -4.90 -15.18
N GLY A 65 -6.70 -5.17 -14.94
CA GLY A 65 -7.76 -4.46 -15.63
C GLY A 65 -7.77 -2.98 -15.28
N MET A 66 -7.61 -2.68 -13.99
CA MET A 66 -7.57 -1.29 -13.52
C MET A 66 -6.39 -0.55 -14.15
N LEU A 67 -5.26 -1.25 -14.28
CA LEU A 67 -4.07 -0.68 -14.91
C LEU A 67 -4.39 -0.20 -16.32
N ARG A 68 -5.12 -1.04 -17.06
CA ARG A 68 -5.53 -0.70 -18.42
C ARG A 68 -6.51 0.48 -18.41
N LYS A 69 -7.31 0.56 -17.35
CA LYS A 69 -8.29 1.65 -17.21
C LYS A 69 -7.58 2.98 -16.93
N LEU A 70 -6.58 2.95 -16.05
CA LEU A 70 -5.82 4.14 -15.69
C LEU A 70 -4.87 4.58 -16.82
N ASP A 71 -4.38 5.81 -16.73
CA ASP A 71 -3.47 6.36 -17.73
C ASP A 71 -2.06 6.55 -17.15
N ILE A 72 -1.69 5.67 -16.21
CA ILE A 72 -0.39 5.72 -15.55
C ILE A 72 0.77 5.64 -16.56
N LYS A 73 1.48 6.76 -16.75
CA LYS A 73 2.61 6.80 -17.68
C LYS A 73 3.71 7.74 -17.19
N ASN A 74 3.53 9.03 -17.45
CA ASN A 74 4.50 10.05 -17.03
C ASN A 74 4.16 10.55 -15.62
N GLU A 75 4.92 11.53 -15.13
CA GLU A 75 4.73 12.11 -13.78
C GLU A 75 3.25 12.40 -13.48
N GLY A 76 2.48 12.74 -14.52
CA GLY A 76 1.06 13.03 -14.36
C GLY A 76 0.28 11.89 -13.69
N ASP A 77 0.79 10.67 -13.80
CA ASP A 77 0.13 9.48 -13.22
C ASP A 77 -0.12 9.62 -11.71
N VAL A 78 0.81 10.26 -10.99
CA VAL A 78 0.68 10.44 -9.54
C VAL A 78 -0.57 11.25 -9.18
N LYS A 79 -0.98 12.16 -10.07
CA LYS A 79 -2.16 12.98 -9.85
C LYS A 79 -3.42 12.12 -10.01
N SER A 80 -3.40 11.25 -11.00
CA SER A 80 -4.53 10.34 -11.25
C SER A 80 -4.60 9.28 -10.15
N PHE A 81 -3.43 8.81 -9.72
CA PHE A 81 -3.35 7.82 -8.65
C PHE A 81 -3.86 8.42 -7.34
N SER A 82 -3.41 9.63 -7.03
CA SER A 82 -3.84 10.34 -5.81
C SER A 82 -5.36 10.50 -5.82
N ARG A 83 -5.91 10.81 -7.00
CA ARG A 83 -7.35 10.97 -7.16
C ARG A 83 -8.06 9.69 -6.72
N VAL A 84 -7.50 8.54 -7.12
CA VAL A 84 -8.05 7.25 -6.74
C VAL A 84 -7.92 7.05 -5.23
N MET A 85 -6.71 7.30 -4.72
CA MET A 85 -6.42 7.15 -3.28
C MET A 85 -7.38 7.96 -2.42
N VAL A 86 -7.52 9.25 -2.75
CA VAL A 86 -8.42 10.13 -2.00
C VAL A 86 -9.87 9.65 -2.06
N HIS A 87 -10.32 9.17 -3.23
CA HIS A 87 -11.68 8.68 -3.36
C HIS A 87 -11.87 7.36 -2.59
N VAL A 88 -10.87 6.50 -2.62
CA VAL A 88 -10.96 5.22 -1.90
C VAL A 88 -11.19 5.44 -0.39
N PHE A 89 -10.59 6.49 0.15
CA PHE A 89 -10.74 6.82 1.56
C PHE A 89 -11.70 8.00 1.76
N LYS A 90 -12.51 8.29 0.75
CA LYS A 90 -13.46 9.40 0.82
C LYS A 90 -14.70 9.01 1.64
N ASP A 91 -14.82 7.73 1.97
CA ASP A 91 -15.95 7.24 2.75
C ASP A 91 -15.89 7.72 4.21
N GLY A 92 -14.72 8.20 4.62
CA GLY A 92 -14.56 8.67 5.98
C GLY A 92 -14.09 7.58 6.93
N VAL A 93 -13.94 6.36 6.40
CA VAL A 93 -13.50 5.23 7.20
C VAL A 93 -12.18 4.66 6.65
N THR A 94 -11.14 4.68 7.48
CA THR A 94 -9.84 4.18 7.08
C THR A 94 -9.64 2.71 7.48
N ASN A 95 -10.13 1.80 6.65
CA ASN A 95 -10.00 0.37 6.90
C ASN A 95 -8.59 -0.12 6.57
N TRP A 96 -8.03 -0.95 7.44
CA TRP A 96 -6.69 -1.51 7.22
C TRP A 96 -6.60 -2.20 5.86
N GLY A 97 -7.63 -3.00 5.54
CA GLY A 97 -7.66 -3.70 4.27
C GLY A 97 -7.59 -2.76 3.07
N ARG A 98 -8.22 -1.59 3.19
CA ARG A 98 -8.19 -0.60 2.11
C ARG A 98 -6.78 -0.04 1.95
N ILE A 99 -6.14 0.28 3.08
CA ILE A 99 -4.77 0.80 3.08
C ILE A 99 -3.81 -0.21 2.43
N VAL A 100 -3.86 -1.46 2.89
CA VAL A 100 -3.02 -2.51 2.34
C VAL A 100 -3.35 -2.77 0.87
N THR A 101 -4.64 -2.75 0.52
CA THR A 101 -5.05 -2.96 -0.87
C THR A 101 -4.45 -1.88 -1.78
N LEU A 102 -4.46 -0.64 -1.29
CA LEU A 102 -3.88 0.47 -2.03
C LEU A 102 -2.37 0.27 -2.21
N ILE A 103 -1.73 -0.26 -1.18
CA ILE A 103 -0.30 -0.55 -1.22
C ILE A 103 -0.03 -1.71 -2.19
N SER A 104 -0.89 -2.72 -2.15
CA SER A 104 -0.78 -3.88 -3.04
C SER A 104 -0.95 -3.42 -4.48
N PHE A 105 -1.94 -2.56 -4.71
CA PHE A 105 -2.18 -2.01 -6.03
C PHE A 105 -0.97 -1.19 -6.48
N GLY A 106 -0.43 -0.39 -5.55
CA GLY A 106 0.76 0.40 -5.84
C GLY A 106 1.90 -0.48 -6.32
N ALA A 107 2.15 -1.57 -5.58
CA ALA A 107 3.18 -2.52 -5.94
C ALA A 107 2.92 -3.10 -7.33
N PHE A 108 1.65 -3.43 -7.60
CA PHE A 108 1.25 -3.97 -8.90
C PHE A 108 1.50 -2.94 -10.02
N VAL A 109 1.20 -1.68 -9.74
CA VAL A 109 1.45 -0.61 -10.70
C VAL A 109 2.96 -0.50 -10.96
N ALA A 110 3.74 -0.56 -9.88
CA ALA A 110 5.20 -0.50 -9.98
C ALA A 110 5.71 -1.70 -10.77
N LYS A 111 5.02 -2.84 -10.60
CA LYS A 111 5.34 -4.08 -11.31
C LYS A 111 5.08 -3.92 -12.80
N HIS A 112 3.93 -3.35 -13.12
CA HIS A 112 3.57 -3.10 -14.52
C HIS A 112 4.57 -2.12 -15.13
N LEU A 113 4.93 -1.09 -14.37
CA LEU A 113 5.92 -0.11 -14.83
C LEU A 113 7.31 -0.73 -14.95
N LYS A 114 7.62 -1.66 -14.05
CA LYS A 114 8.92 -2.36 -14.07
C LYS A 114 9.07 -3.17 -15.37
N SER A 115 7.98 -3.72 -15.87
CA SER A 115 8.01 -4.51 -17.12
C SER A 115 8.46 -3.66 -18.32
N VAL A 116 8.34 -2.33 -18.18
CA VAL A 116 8.76 -1.41 -19.25
C VAL A 116 9.90 -0.50 -18.77
N ASN A 117 10.57 -0.93 -17.70
CA ASN A 117 11.71 -0.20 -17.12
C ASN A 117 11.38 1.25 -16.72
N GLN A 118 10.26 1.46 -16.03
CA GLN A 118 9.88 2.80 -15.60
C GLN A 118 10.26 3.04 -14.12
N GLU A 119 11.39 2.49 -13.69
CA GLU A 119 11.87 2.62 -12.31
C GLU A 119 11.95 4.10 -11.88
N SER A 120 12.45 4.94 -12.79
CA SER A 120 12.59 6.38 -12.53
C SER A 120 11.23 7.03 -12.25
N PHE A 121 10.15 6.33 -12.58
CA PHE A 121 8.80 6.83 -12.34
C PHE A 121 8.21 6.18 -11.10
N ILE A 122 8.76 5.02 -10.73
CA ILE A 122 8.32 4.30 -9.54
C ILE A 122 8.69 5.10 -8.28
N GLU A 123 9.84 5.75 -8.31
CA GLU A 123 10.29 6.57 -7.18
C GLU A 123 9.24 7.66 -6.84
N PRO A 124 8.88 8.55 -7.80
CA PRO A 124 7.86 9.60 -7.56
C PRO A 124 6.49 9.01 -7.26
N LEU A 125 6.21 7.83 -7.83
CA LEU A 125 4.94 7.14 -7.59
C LEU A 125 4.87 6.70 -6.13
N ALA A 126 5.91 6.01 -5.67
CA ALA A 126 6.00 5.54 -4.30
C ALA A 126 6.00 6.73 -3.33
N GLU A 127 6.65 7.82 -3.73
CA GLU A 127 6.70 9.03 -2.92
C GLU A 127 5.29 9.60 -2.77
N THR A 128 4.58 9.72 -3.89
CA THR A 128 3.20 10.21 -3.89
C THR A 128 2.29 9.29 -3.08
N ILE A 129 2.38 7.99 -3.35
CA ILE A 129 1.58 6.99 -2.65
C ILE A 129 1.76 7.11 -1.14
N THR A 130 3.01 7.10 -0.69
CA THR A 130 3.33 7.19 0.73
C THR A 130 2.81 8.49 1.33
N ASP A 131 3.13 9.62 0.68
CA ASP A 131 2.71 10.93 1.13
C ASP A 131 1.18 11.00 1.28
N VAL A 132 0.45 10.74 0.19
CA VAL A 132 -1.02 10.79 0.25
C VAL A 132 -1.59 9.82 1.29
N LEU A 133 -1.02 8.62 1.36
CA LEU A 133 -1.47 7.61 2.31
C LEU A 133 -1.31 8.07 3.76
N VAL A 134 -0.14 8.60 4.11
CA VAL A 134 0.12 9.04 5.48
C VAL A 134 -0.49 10.42 5.78
N ARG A 135 -0.37 11.36 4.85
CA ARG A 135 -0.90 12.71 5.03
C ARG A 135 -2.41 12.72 5.29
N THR A 136 -3.13 11.78 4.67
CA THR A 136 -4.58 11.70 4.85
C THR A 136 -4.96 10.88 6.09
N LYS A 137 -3.94 10.35 6.78
CA LYS A 137 -4.16 9.53 7.98
C LYS A 137 -3.10 9.82 9.05
N ARG A 138 -2.64 11.07 9.13
CA ARG A 138 -1.60 11.45 10.12
C ARG A 138 -1.98 11.05 11.55
N ASP A 139 -3.07 11.64 12.05
CA ASP A 139 -3.53 11.36 13.40
C ASP A 139 -3.98 9.90 13.54
N TRP A 140 -4.62 9.37 12.49
CA TRP A 140 -5.08 7.99 12.49
C TRP A 140 -3.91 7.01 12.62
N LEU A 141 -2.81 7.31 11.93
CA LEU A 141 -1.62 6.46 11.97
C LEU A 141 -1.05 6.35 13.39
N VAL A 142 -0.88 7.48 14.07
CA VAL A 142 -0.34 7.45 15.43
C VAL A 142 -1.35 6.82 16.42
N LYS A 143 -2.64 7.01 16.17
CA LYS A 143 -3.69 6.47 17.03
C LYS A 143 -3.90 4.95 16.84
N GLN A 144 -3.85 4.48 15.59
CA GLN A 144 -4.07 3.07 15.30
C GLN A 144 -2.81 2.19 15.38
N ARG A 145 -1.86 2.57 16.24
CA ARG A 145 -0.61 1.80 16.43
C ARG A 145 0.21 1.68 15.13
N GLY A 146 -0.04 2.57 14.17
CA GLY A 146 0.67 2.59 12.90
C GLY A 146 0.92 1.22 12.27
N TRP A 147 2.15 1.03 11.78
CA TRP A 147 2.55 -0.22 11.13
C TRP A 147 2.52 -1.37 12.13
N ASP A 148 2.91 -1.10 13.37
CA ASP A 148 2.91 -2.11 14.42
C ASP A 148 1.52 -2.75 14.54
N GLY A 149 0.48 -1.92 14.55
CA GLY A 149 -0.88 -2.41 14.61
C GLY A 149 -1.27 -3.18 13.36
N PHE A 150 -0.82 -2.70 12.21
CA PHE A 150 -1.10 -3.35 10.93
C PHE A 150 -0.44 -4.73 10.86
N VAL A 151 0.74 -4.86 11.46
CA VAL A 151 1.48 -6.12 11.48
C VAL A 151 0.74 -7.19 12.28
N GLU A 152 0.40 -6.87 13.53
CA GLU A 152 -0.29 -7.80 14.40
C GLU A 152 -1.74 -8.05 13.95
N PHE A 153 -2.32 -7.11 13.20
CA PHE A 153 -3.69 -7.25 12.71
C PHE A 153 -3.80 -8.33 11.62
N PHE A 154 -2.96 -8.24 10.59
CA PHE A 154 -2.98 -9.22 9.50
C PHE A 154 -2.14 -10.45 9.82
N HIS A 155 -2.05 -10.78 11.11
CA HIS A 155 -1.26 -11.93 11.57
C HIS A 155 -1.82 -12.49 12.89
N VAL A 156 -1.06 -13.39 13.50
CA VAL A 156 -1.44 -14.00 14.76
C VAL A 156 -0.72 -13.32 15.94
N GLN A 157 -1.21 -13.54 17.15
CA GLN A 157 -0.61 -12.94 18.33
C GLN A 157 -0.34 -13.97 19.43
N ASP A 158 0.93 -14.15 19.78
CA ASP A 158 1.32 -15.08 20.82
C ASP A 158 2.14 -14.37 21.89
N LEU A 159 3.41 -14.15 21.61
CA LEU A 159 4.30 -13.45 22.53
C LEU A 159 4.15 -11.94 22.35
N GLU A 160 3.54 -11.57 21.23
CA GLU A 160 3.31 -10.17 20.89
C GLU A 160 1.81 -9.83 20.95
N GLY A 161 1.04 -10.64 21.67
CA GLY A 161 -0.40 -10.41 21.79
C GLY A 161 -0.75 -9.27 22.74
N GLY A 162 -0.22 -8.08 22.47
CA GLY A 162 -0.49 -6.93 23.31
C GLY A 162 -0.13 -5.61 22.63
N ALA B 1 -14.68 14.70 -16.65
CA ALA B 1 -15.45 13.92 -17.66
C ALA B 1 -14.51 13.15 -18.59
N GLU B 2 -13.79 12.20 -18.00
CA GLU B 2 -12.83 11.39 -18.74
C GLU B 2 -12.81 9.94 -18.23
N LEU B 3 -12.16 9.72 -17.10
CA LEU B 3 -12.07 8.38 -16.52
C LEU B 3 -13.09 8.19 -15.40
N PRO B 4 -14.03 7.23 -15.56
CA PRO B 4 -15.05 6.93 -14.55
C PRO B 4 -14.44 6.55 -13.20
N PRO B 5 -15.00 7.07 -12.09
CA PRO B 5 -14.50 6.79 -10.74
C PRO B 5 -14.78 5.36 -10.26
N GLU B 6 -14.63 4.38 -11.16
CA GLU B 6 -14.87 2.99 -10.82
C GLU B 6 -13.61 2.33 -10.24
N PHE B 7 -12.43 2.80 -10.68
CA PHE B 7 -11.17 2.26 -10.19
C PHE B 7 -11.07 2.41 -8.67
N ALA B 8 -11.52 3.56 -8.17
CA ALA B 8 -11.52 3.83 -6.73
C ALA B 8 -12.54 2.97 -6.02
N ALA B 9 -13.72 2.81 -6.64
CA ALA B 9 -14.78 1.98 -6.09
C ALA B 9 -14.36 0.52 -6.00
N GLN B 10 -13.60 0.07 -7.01
CA GLN B 10 -13.10 -1.30 -7.04
C GLN B 10 -12.17 -1.56 -5.86
N LEU B 11 -11.14 -0.71 -5.72
CA LEU B 11 -10.20 -0.83 -4.61
C LEU B 11 -10.95 -0.71 -3.28
N ARG B 12 -11.98 0.12 -3.28
CA ARG B 12 -12.84 0.31 -2.11
C ARG B 12 -13.48 -1.01 -1.70
N LYS B 13 -14.10 -1.71 -2.67
CA LYS B 13 -14.74 -2.99 -2.42
C LYS B 13 -13.71 -4.07 -2.08
N ILE B 14 -12.58 -4.05 -2.78
CA ILE B 14 -11.50 -5.02 -2.54
C ILE B 14 -10.95 -4.86 -1.12
N GLY B 15 -10.68 -3.60 -0.74
CA GLY B 15 -10.16 -3.30 0.57
C GLY B 15 -11.08 -3.76 1.68
N ASP B 16 -12.36 -3.44 1.58
CA ASP B 16 -13.34 -3.83 2.60
C ASP B 16 -13.49 -5.35 2.67
N LYS B 17 -13.46 -6.02 1.52
CA LYS B 17 -13.56 -7.48 1.46
C LYS B 17 -12.37 -8.13 2.18
N VAL B 18 -11.17 -7.64 1.86
CA VAL B 18 -9.95 -8.14 2.48
C VAL B 18 -9.93 -7.81 3.98
N TYR B 19 -10.26 -6.56 4.31
CA TYR B 19 -10.30 -6.09 5.69
C TYR B 19 -11.24 -6.94 6.56
N CYS B 20 -12.45 -7.19 6.07
CA CYS B 20 -13.42 -8.00 6.83
C CYS B 20 -12.93 -9.45 7.01
N THR B 21 -12.25 -9.96 5.99
CA THR B 21 -11.73 -11.32 6.02
C THR B 21 -10.60 -11.50 7.05
N TRP B 22 -9.71 -10.51 7.14
CA TRP B 22 -8.59 -10.59 8.08
C TRP B 22 -8.96 -10.06 9.47
N SER B 23 -10.03 -9.27 9.56
CA SER B 23 -10.47 -8.71 10.85
C SER B 23 -11.06 -9.78 11.76
N ALA B 24 -11.43 -10.93 11.20
CA ALA B 24 -12.01 -12.03 11.96
C ALA B 24 -10.97 -12.64 12.91
N PRO B 25 -11.22 -12.58 14.23
CA PRO B 25 -10.30 -13.13 15.24
C PRO B 25 -10.43 -14.64 15.41
N ASP B 26 -11.51 -15.21 14.87
CA ASP B 26 -11.76 -16.64 14.95
C ASP B 26 -10.89 -17.41 13.96
N MET B 27 -9.63 -17.63 14.34
CA MET B 27 -8.67 -18.35 13.50
C MET B 27 -8.10 -19.57 14.22
N GLY A 1 9.51 13.11 15.60
CA GLY A 1 10.95 13.28 15.93
C GLY A 1 11.46 14.68 15.65
N PRO A 2 11.95 14.93 14.41
CA PRO A 2 12.46 16.26 14.02
C PRO A 2 11.37 17.34 14.01
N LEU A 3 10.12 16.94 13.77
CA LEU A 3 9.01 17.90 13.76
C LEU A 3 7.98 17.56 14.84
N GLY A 4 7.26 16.44 14.65
CA GLY A 4 6.27 16.03 15.62
C GLY A 4 6.12 14.52 15.69
N SER A 5 5.09 14.01 15.03
CA SER A 5 4.82 12.56 15.00
C SER A 5 4.67 12.07 13.56
N GLU A 6 4.18 12.95 12.68
CA GLU A 6 3.99 12.64 11.27
C GLU A 6 5.29 12.22 10.60
N ASP A 7 6.35 13.00 10.83
CA ASP A 7 7.67 12.76 10.28
C ASP A 7 8.15 11.31 10.49
N ASP A 8 8.10 10.83 11.72
CA ASP A 8 8.53 9.46 12.04
C ASP A 8 7.70 8.43 11.29
N LEU A 9 6.39 8.65 11.27
CA LEU A 9 5.46 7.76 10.58
C LEU A 9 5.75 7.77 9.07
N TYR A 10 5.85 8.96 8.50
CA TYR A 10 6.12 9.14 7.08
C TYR A 10 7.45 8.48 6.69
N ARG A 11 8.49 8.66 7.50
CA ARG A 11 9.80 8.07 7.23
C ARG A 11 9.71 6.54 7.17
N GLN A 12 9.15 5.93 8.20
CA GLN A 12 8.99 4.48 8.25
C GLN A 12 8.08 4.00 7.12
N SER A 13 6.96 4.69 6.93
CA SER A 13 6.00 4.33 5.88
C SER A 13 6.65 4.37 4.51
N LEU A 14 7.22 5.51 4.13
CA LEU A 14 7.87 5.67 2.83
C LEU A 14 8.94 4.60 2.62
N GLU A 15 9.81 4.42 3.61
CA GLU A 15 10.89 3.42 3.53
C GLU A 15 10.34 2.01 3.29
N ILE A 16 9.42 1.58 4.15
CA ILE A 16 8.83 0.25 4.03
C ILE A 16 8.05 0.07 2.73
N ILE A 17 7.28 1.09 2.34
CA ILE A 17 6.52 1.03 1.10
C ILE A 17 7.47 0.97 -0.10
N SER A 18 8.46 1.87 -0.12
CA SER A 18 9.45 1.89 -1.19
C SER A 18 10.16 0.55 -1.29
N ARG A 19 10.55 0.02 -0.13
CA ARG A 19 11.24 -1.27 -0.08
C ARG A 19 10.39 -2.40 -0.68
N TYR A 20 9.14 -2.52 -0.22
CA TYR A 20 8.24 -3.56 -0.71
C TYR A 20 7.98 -3.46 -2.21
N LEU A 21 7.62 -2.27 -2.69
CA LEU A 21 7.34 -2.10 -4.12
C LEU A 21 8.60 -2.29 -4.96
N ARG A 22 9.76 -1.88 -4.43
CA ARG A 22 11.03 -2.03 -5.14
C ARG A 22 11.46 -3.49 -5.25
N GLU A 23 11.51 -4.19 -4.12
CA GLU A 23 11.91 -5.61 -4.11
C GLU A 23 10.97 -6.48 -4.94
N GLN A 24 9.67 -6.31 -4.71
CA GLN A 24 8.65 -7.07 -5.42
C GLN A 24 8.71 -6.84 -6.95
N ALA A 25 8.93 -5.59 -7.35
CA ALA A 25 9.00 -5.27 -8.78
C ALA A 25 10.33 -5.71 -9.40
N THR A 26 11.42 -5.62 -8.63
CA THR A 26 12.74 -6.01 -9.12
C THR A 26 12.87 -7.52 -9.30
N GLY A 27 12.35 -8.27 -8.34
CA GLY A 27 12.43 -9.72 -8.40
C GLY A 27 13.46 -10.30 -7.44
N SER A 28 13.96 -9.44 -6.55
CA SER A 28 14.95 -9.83 -5.56
C SER A 28 14.51 -9.39 -4.17
N LYS A 29 14.35 -10.34 -3.25
CA LYS A 29 13.90 -10.03 -1.90
C LYS A 29 15.05 -10.00 -0.88
N ASP A 30 15.05 -8.99 -0.04
CA ASP A 30 16.08 -8.83 1.00
C ASP A 30 15.49 -9.12 2.38
N SER A 31 16.28 -9.74 3.25
CA SER A 31 15.82 -10.08 4.61
C SER A 31 16.47 -9.18 5.66
N LYS A 32 17.37 -8.31 5.24
CA LYS A 32 18.06 -7.40 6.15
C LYS A 32 17.18 -6.20 6.52
N PRO A 33 17.53 -5.48 7.61
CA PRO A 33 16.77 -4.30 8.05
C PRO A 33 16.85 -3.11 7.08
N LEU A 34 16.03 -2.10 7.33
CA LEU A 34 16.00 -0.92 6.48
C LEU A 34 16.90 0.18 7.05
N GLY A 35 16.80 1.39 6.50
CA GLY A 35 17.63 2.50 6.98
C GLY A 35 17.15 3.02 8.32
N GLU A 36 15.89 3.39 8.40
CA GLU A 36 15.30 3.90 9.64
C GLU A 36 14.36 2.85 10.23
N ALA A 37 13.56 2.23 9.36
CA ALA A 37 12.64 1.19 9.79
C ALA A 37 13.34 -0.16 9.90
N GLY A 38 14.06 -0.36 11.00
CA GLY A 38 14.79 -1.61 11.20
C GLY A 38 13.91 -2.77 11.67
N ALA A 39 13.45 -2.71 12.91
CA ALA A 39 12.61 -3.77 13.47
C ALA A 39 11.22 -3.75 12.85
N ALA A 40 10.55 -2.60 12.91
CA ALA A 40 9.22 -2.45 12.34
C ALA A 40 9.28 -2.63 10.82
N GLY A 41 10.38 -2.17 10.22
CA GLY A 41 10.57 -2.28 8.78
C GLY A 41 10.67 -3.73 8.33
N ARG A 42 11.27 -4.57 9.15
CA ARG A 42 11.38 -6.00 8.82
C ARG A 42 10.01 -6.64 8.85
N ARG A 43 9.35 -6.54 10.01
CA ARG A 43 8.02 -7.10 10.20
C ARG A 43 7.03 -6.55 9.17
N ALA A 44 7.02 -5.23 8.99
CA ALA A 44 6.13 -4.58 8.04
C ALA A 44 6.38 -5.06 6.61
N LEU A 45 7.64 -5.28 6.26
CA LEU A 45 7.98 -5.75 4.91
C LEU A 45 7.45 -7.18 4.70
N GLU A 46 7.61 -8.02 5.72
CA GLU A 46 7.14 -9.39 5.66
C GLU A 46 5.61 -9.44 5.62
N THR A 47 4.96 -8.65 6.48
CA THR A 47 3.50 -8.58 6.51
C THR A 47 2.98 -8.02 5.19
N LEU A 48 3.66 -6.97 4.71
CA LEU A 48 3.31 -6.35 3.44
C LEU A 48 3.47 -7.33 2.28
N ARG A 49 4.56 -8.08 2.28
CA ARG A 49 4.80 -9.07 1.24
C ARG A 49 3.76 -10.19 1.30
N ARG A 50 3.38 -10.56 2.51
CA ARG A 50 2.39 -11.61 2.71
C ARG A 50 0.99 -11.18 2.23
N VAL A 51 0.45 -10.12 2.82
CA VAL A 51 -0.88 -9.64 2.46
C VAL A 51 -0.89 -9.00 1.07
N GLY A 52 0.09 -8.15 0.79
CA GLY A 52 0.16 -7.47 -0.50
C GLY A 52 0.21 -8.44 -1.69
N ASP A 53 1.04 -9.47 -1.59
CA ASP A 53 1.14 -10.45 -2.67
C ASP A 53 -0.11 -11.35 -2.72
N GLY A 54 -0.68 -11.62 -1.55
CA GLY A 54 -1.89 -12.45 -1.48
C GLY A 54 -3.11 -11.77 -2.09
N VAL A 55 -3.34 -10.51 -1.69
CA VAL A 55 -4.49 -9.73 -2.21
C VAL A 55 -4.38 -9.55 -3.72
N GLN A 56 -3.20 -9.12 -4.20
CA GLN A 56 -2.97 -8.91 -5.63
C GLN A 56 -3.13 -10.22 -6.42
N ARG A 57 -2.76 -11.34 -5.80
CA ARG A 57 -2.89 -12.63 -6.47
C ARG A 57 -4.34 -13.12 -6.47
N ASN A 58 -5.05 -12.88 -5.36
CA ASN A 58 -6.45 -13.29 -5.24
C ASN A 58 -7.37 -12.43 -6.11
N HIS A 59 -7.26 -11.11 -5.97
CA HIS A 59 -8.09 -10.19 -6.77
C HIS A 59 -7.33 -9.68 -8.00
N GLU A 60 -6.51 -10.56 -8.58
CA GLU A 60 -5.69 -10.22 -9.75
C GLU A 60 -6.54 -9.73 -10.94
N THR A 61 -7.70 -10.33 -11.15
CA THR A 61 -8.56 -9.94 -12.28
C THR A 61 -8.91 -8.44 -12.25
N ALA A 62 -9.12 -7.90 -11.04
CA ALA A 62 -9.46 -6.50 -10.88
C ALA A 62 -8.22 -5.61 -11.09
N PHE A 63 -7.10 -6.04 -10.51
CA PHE A 63 -5.84 -5.30 -10.63
C PHE A 63 -5.33 -5.31 -12.07
N GLN A 64 -5.49 -6.45 -12.75
CA GLN A 64 -5.05 -6.59 -14.13
C GLN A 64 -5.85 -5.68 -15.06
N GLY A 65 -7.18 -5.64 -14.89
CA GLY A 65 -8.00 -4.77 -15.72
C GLY A 65 -7.56 -3.31 -15.61
N MET A 66 -7.38 -2.86 -14.37
CA MET A 66 -6.95 -1.49 -14.12
C MET A 66 -5.50 -1.27 -14.60
N LEU A 67 -4.66 -2.30 -14.51
CA LEU A 67 -3.26 -2.20 -14.93
C LEU A 67 -3.12 -2.23 -16.46
N ARG A 68 -3.94 -3.05 -17.13
CA ARG A 68 -3.89 -3.15 -18.59
C ARG A 68 -4.30 -1.81 -19.20
N LYS A 69 -5.23 -1.11 -18.56
CA LYS A 69 -5.66 0.19 -19.04
C LYS A 69 -4.91 1.31 -18.30
N LEU A 70 -3.85 0.93 -17.59
CA LEU A 70 -3.04 1.89 -16.84
C LEU A 70 -1.84 2.36 -17.67
N ASP A 71 -1.98 3.53 -18.28
CA ASP A 71 -0.91 4.10 -19.09
C ASP A 71 -0.03 5.04 -18.26
N ILE A 72 0.13 4.72 -16.98
CA ILE A 72 0.94 5.52 -16.06
C ILE A 72 2.41 5.58 -16.49
N LYS A 73 2.80 6.75 -16.97
CA LYS A 73 4.17 6.98 -17.44
C LYS A 73 4.48 8.48 -17.51
N ASN A 74 3.67 9.30 -16.82
CA ASN A 74 3.84 10.75 -16.82
C ASN A 74 3.62 11.34 -15.43
N GLU A 75 4.13 12.56 -15.21
CA GLU A 75 3.99 13.26 -13.93
C GLU A 75 2.51 13.53 -13.59
N GLY A 76 1.67 13.58 -14.62
CA GLY A 76 0.24 13.83 -14.41
C GLY A 76 -0.50 12.63 -13.83
N ASP A 77 0.02 11.43 -14.08
CA ASP A 77 -0.62 10.19 -13.60
C ASP A 77 -0.71 10.11 -12.06
N VAL A 78 0.37 10.48 -11.37
CA VAL A 78 0.38 10.43 -9.90
C VAL A 78 -0.68 11.34 -9.28
N LYS A 79 -1.06 12.40 -9.98
CA LYS A 79 -2.09 13.33 -9.50
C LYS A 79 -3.43 12.60 -9.42
N SER A 80 -3.71 11.79 -10.44
CA SER A 80 -4.94 10.99 -10.47
C SER A 80 -4.85 9.88 -9.45
N PHE A 81 -3.66 9.29 -9.32
CA PHE A 81 -3.40 8.23 -8.34
C PHE A 81 -3.76 8.72 -6.93
N SER A 82 -3.35 9.95 -6.63
CA SER A 82 -3.64 10.58 -5.34
C SER A 82 -5.16 10.72 -5.16
N ARG A 83 -5.84 11.17 -6.22
CA ARG A 83 -7.29 11.33 -6.21
C ARG A 83 -7.99 9.99 -5.97
N VAL A 84 -7.45 8.92 -6.57
CA VAL A 84 -7.99 7.57 -6.40
C VAL A 84 -8.06 7.20 -4.92
N MET A 85 -6.93 7.34 -4.23
CA MET A 85 -6.86 7.03 -2.80
C MET A 85 -7.84 7.90 -1.99
N VAL A 86 -7.99 9.17 -2.37
CA VAL A 86 -8.92 10.07 -1.68
C VAL A 86 -10.36 9.56 -1.81
N HIS A 87 -10.74 9.10 -3.02
CA HIS A 87 -12.10 8.58 -3.25
C HIS A 87 -12.37 7.32 -2.41
N VAL A 88 -11.33 6.51 -2.22
CA VAL A 88 -11.45 5.28 -1.41
C VAL A 88 -11.80 5.59 0.04
N PHE A 89 -11.21 6.66 0.57
CA PHE A 89 -11.46 7.08 1.95
C PHE A 89 -12.40 8.28 2.02
N LYS A 90 -13.22 8.46 0.98
CA LYS A 90 -14.15 9.60 0.91
C LYS A 90 -15.31 9.50 1.92
N ASP A 91 -15.35 8.42 2.69
CA ASP A 91 -16.41 8.25 3.69
C ASP A 91 -15.89 8.56 5.10
N GLY A 92 -14.58 8.58 5.24
CA GLY A 92 -13.97 8.85 6.53
C GLY A 92 -13.64 7.58 7.30
N VAL A 93 -14.05 6.43 6.76
CA VAL A 93 -13.80 5.14 7.42
C VAL A 93 -12.39 4.64 7.13
N THR A 94 -11.55 4.62 8.17
CA THR A 94 -10.18 4.15 8.00
C THR A 94 -10.05 2.66 8.34
N ASN A 95 -10.00 1.83 7.32
CA ASN A 95 -9.87 0.39 7.51
C ASN A 95 -8.49 -0.09 7.08
N TRP A 96 -7.90 -1.00 7.85
CA TRP A 96 -6.57 -1.54 7.53
C TRP A 96 -6.56 -2.21 6.14
N GLY A 97 -7.62 -2.97 5.84
CA GLY A 97 -7.73 -3.64 4.55
C GLY A 97 -7.75 -2.66 3.39
N ARG A 98 -8.24 -1.44 3.64
CA ARG A 98 -8.27 -0.40 2.60
C ARG A 98 -6.85 0.09 2.34
N ILE A 99 -6.13 0.36 3.43
CA ILE A 99 -4.75 0.83 3.35
C ILE A 99 -3.86 -0.20 2.65
N VAL A 100 -4.00 -1.48 3.04
CA VAL A 100 -3.21 -2.55 2.42
C VAL A 100 -3.51 -2.67 0.93
N THR A 101 -4.79 -2.55 0.57
CA THR A 101 -5.20 -2.62 -0.83
C THR A 101 -4.48 -1.58 -1.68
N LEU A 102 -4.33 -0.37 -1.13
CA LEU A 102 -3.62 0.71 -1.82
C LEU A 102 -2.16 0.30 -2.07
N ILE A 103 -1.58 -0.40 -1.11
CA ILE A 103 -0.20 -0.87 -1.24
C ILE A 103 -0.12 -2.04 -2.22
N SER A 104 -1.13 -2.91 -2.17
CA SER A 104 -1.20 -4.05 -3.08
C SER A 104 -1.27 -3.53 -4.52
N PHE A 105 -2.09 -2.49 -4.71
CA PHE A 105 -2.20 -1.85 -6.01
C PHE A 105 -0.87 -1.21 -6.36
N GLY A 106 -0.25 -0.56 -5.37
CA GLY A 106 1.06 0.04 -5.57
C GLY A 106 2.08 -0.98 -6.04
N ALA A 107 2.02 -2.18 -5.46
CA ALA A 107 2.90 -3.27 -5.85
C ALA A 107 2.67 -3.66 -7.32
N PHE A 108 1.40 -3.62 -7.73
CA PHE A 108 1.04 -3.94 -9.12
C PHE A 108 1.53 -2.83 -10.05
N VAL A 109 1.43 -1.58 -9.59
CA VAL A 109 1.90 -0.44 -10.36
C VAL A 109 3.42 -0.49 -10.47
N ALA A 110 4.09 -0.81 -9.37
CA ALA A 110 5.55 -0.95 -9.37
C ALA A 110 5.96 -2.01 -10.40
N LYS A 111 5.22 -3.12 -10.42
CA LYS A 111 5.47 -4.20 -11.38
C LYS A 111 5.24 -3.69 -12.81
N HIS A 112 4.15 -2.93 -12.98
CA HIS A 112 3.82 -2.35 -14.28
C HIS A 112 4.93 -1.39 -14.74
N LEU A 113 5.41 -0.57 -13.82
CA LEU A 113 6.47 0.39 -14.11
C LEU A 113 7.79 -0.33 -14.39
N LYS A 114 8.15 -1.30 -13.54
CA LYS A 114 9.39 -2.06 -13.73
C LYS A 114 9.37 -2.83 -15.06
N SER A 115 8.18 -3.27 -15.46
CA SER A 115 8.02 -4.01 -16.73
C SER A 115 8.45 -3.14 -17.91
N VAL A 116 8.26 -1.83 -17.77
CA VAL A 116 8.65 -0.87 -18.81
C VAL A 116 9.85 -0.03 -18.37
N ASN A 117 10.59 -0.55 -17.38
CA ASN A 117 11.79 0.11 -16.83
C ASN A 117 11.51 1.54 -16.33
N GLN A 118 10.48 1.68 -15.51
CA GLN A 118 10.11 2.99 -14.96
C GLN A 118 10.48 3.11 -13.48
N GLU A 119 11.60 2.50 -13.09
CA GLU A 119 12.08 2.54 -11.71
C GLU A 119 12.14 3.98 -11.15
N SER A 120 12.56 4.92 -12.01
CA SER A 120 12.65 6.33 -11.65
C SER A 120 11.27 6.92 -11.33
N PHE A 121 10.22 6.19 -11.67
CA PHE A 121 8.85 6.61 -11.40
C PHE A 121 8.28 5.79 -10.24
N ILE A 122 8.84 4.59 -10.05
CA ILE A 122 8.41 3.70 -8.97
C ILE A 122 8.62 4.36 -7.60
N GLU A 123 9.82 4.89 -7.38
CA GLU A 123 10.11 5.57 -6.10
C GLU A 123 9.10 6.72 -5.85
N PRO A 124 8.97 7.69 -6.80
CA PRO A 124 8.00 8.80 -6.67
C PRO A 124 6.55 8.29 -6.55
N LEU A 125 6.27 7.12 -7.15
CA LEU A 125 4.93 6.52 -7.06
C LEU A 125 4.69 6.09 -5.61
N ALA A 126 5.71 5.48 -5.01
CA ALA A 126 5.65 5.05 -3.62
C ALA A 126 5.52 6.29 -2.74
N GLU A 127 6.18 7.38 -3.15
CA GLU A 127 6.10 8.65 -2.44
C GLU A 127 4.68 9.19 -2.55
N THR A 128 4.13 9.13 -3.75
CA THR A 128 2.76 9.58 -4.02
C THR A 128 1.77 8.88 -3.09
N ILE A 129 1.91 7.55 -2.99
CA ILE A 129 1.04 6.75 -2.13
C ILE A 129 1.21 7.17 -0.66
N THR A 130 2.45 7.11 -0.18
CA THR A 130 2.77 7.45 1.21
C THR A 130 2.32 8.87 1.56
N ASP A 131 2.66 9.84 0.69
CA ASP A 131 2.30 11.24 0.91
C ASP A 131 0.81 11.40 1.17
N VAL A 132 -0.01 10.94 0.24
CA VAL A 132 -1.47 11.05 0.38
C VAL A 132 -1.99 10.20 1.56
N LEU A 133 -1.41 9.02 1.75
CA LEU A 133 -1.82 8.11 2.83
C LEU A 133 -1.56 8.72 4.21
N VAL A 134 -0.36 9.26 4.41
CA VAL A 134 0.00 9.87 5.70
C VAL A 134 -0.70 11.22 5.89
N ARG A 135 -0.93 11.93 4.80
CA ARG A 135 -1.59 13.23 4.84
C ARG A 135 -3.09 13.12 5.14
N THR A 136 -3.77 12.16 4.51
CA THR A 136 -5.21 11.98 4.70
C THR A 136 -5.55 11.27 6.02
N LYS A 137 -4.65 10.43 6.53
CA LYS A 137 -4.90 9.70 7.78
C LYS A 137 -3.76 9.84 8.79
N ARG A 138 -3.24 11.06 8.92
CA ARG A 138 -2.11 11.35 9.82
C ARG A 138 -2.36 10.89 11.27
N ASP A 139 -3.38 11.44 11.92
CA ASP A 139 -3.68 11.09 13.31
C ASP A 139 -4.07 9.63 13.49
N TRP A 140 -4.90 9.10 12.58
CA TRP A 140 -5.35 7.72 12.66
C TRP A 140 -4.16 6.75 12.59
N LEU A 141 -3.30 6.93 11.59
CA LEU A 141 -2.15 6.07 11.40
C LEU A 141 -1.12 6.22 12.53
N VAL A 142 -0.86 7.44 12.95
CA VAL A 142 0.12 7.68 14.02
C VAL A 142 -0.36 7.12 15.37
N LYS A 143 -1.67 7.20 15.63
CA LYS A 143 -2.23 6.71 16.88
C LYS A 143 -2.37 5.18 16.88
N GLN A 144 -2.67 4.60 15.73
CA GLN A 144 -2.85 3.15 15.62
C GLN A 144 -1.50 2.41 15.51
N ARG A 145 -0.42 3.03 16.00
CA ARG A 145 0.93 2.44 15.97
C ARG A 145 1.42 2.16 14.54
N GLY A 146 0.76 2.77 13.55
CA GLY A 146 1.13 2.59 12.15
C GLY A 146 1.33 1.15 11.72
N TRP A 147 2.58 0.81 11.41
CA TRP A 147 2.93 -0.52 10.95
C TRP A 147 2.77 -1.58 12.04
N ASP A 148 2.94 -1.21 13.31
CA ASP A 148 2.77 -2.17 14.40
C ASP A 148 1.33 -2.70 14.42
N GLY A 149 0.37 -1.79 14.24
CA GLY A 149 -1.02 -2.19 14.21
C GLY A 149 -1.36 -3.03 12.98
N PHE A 150 -0.82 -2.64 11.84
CA PHE A 150 -1.04 -3.35 10.58
C PHE A 150 -0.38 -4.74 10.61
N VAL A 151 0.85 -4.80 11.12
CA VAL A 151 1.61 -6.05 11.19
C VAL A 151 0.96 -7.04 12.15
N GLU A 152 0.75 -6.63 13.40
CA GLU A 152 0.15 -7.50 14.40
C GLU A 152 -1.27 -7.93 14.04
N PHE A 153 -2.01 -7.09 13.33
CA PHE A 153 -3.39 -7.43 12.94
C PHE A 153 -3.43 -8.42 11.76
N PHE A 154 -2.55 -8.25 10.78
CA PHE A 154 -2.57 -9.12 9.61
C PHE A 154 -1.59 -10.31 9.70
N HIS A 155 -0.32 -10.06 10.03
CA HIS A 155 0.66 -11.13 10.10
C HIS A 155 1.99 -10.69 10.73
N VAL A 156 2.51 -11.48 11.64
CA VAL A 156 3.79 -11.17 12.28
C VAL A 156 4.91 -11.97 11.63
N GLN A 157 4.83 -13.30 11.77
CA GLN A 157 5.82 -14.20 11.19
C GLN A 157 5.12 -15.41 10.57
N ASP A 158 5.85 -16.51 10.41
CA ASP A 158 5.27 -17.73 9.85
C ASP A 158 4.73 -18.64 10.97
N LEU A 159 4.81 -18.16 12.21
CA LEU A 159 4.34 -18.91 13.37
C LEU A 159 2.80 -18.97 13.39
N GLU A 160 2.17 -18.02 12.71
CA GLU A 160 0.70 -17.98 12.66
C GLU A 160 0.16 -18.89 11.55
N GLY A 161 1.02 -19.21 10.58
CA GLY A 161 0.60 -20.08 9.47
C GLY A 161 -0.10 -19.33 8.34
N GLY A 162 0.21 -19.69 7.11
CA GLY A 162 -0.42 -19.05 5.95
C GLY A 162 0.38 -17.87 5.40
N ALA B 1 -9.08 4.60 -24.20
CA ALA B 1 -7.79 5.02 -23.60
C ALA B 1 -7.99 5.68 -22.23
N GLU B 2 -9.14 6.33 -22.06
CA GLU B 2 -9.50 7.00 -20.82
C GLU B 2 -9.74 6.01 -19.69
N LEU B 3 -9.62 6.48 -18.46
CA LEU B 3 -9.82 5.62 -17.29
C LEU B 3 -11.06 6.04 -16.50
N PRO B 4 -11.99 5.10 -16.26
CA PRO B 4 -13.20 5.38 -15.50
C PRO B 4 -12.94 5.54 -14.00
N PRO B 5 -13.61 6.51 -13.33
CA PRO B 5 -13.44 6.77 -11.90
C PRO B 5 -13.76 5.57 -10.99
N GLU B 6 -14.14 4.45 -11.61
CA GLU B 6 -14.47 3.23 -10.88
C GLU B 6 -13.23 2.55 -10.30
N PHE B 7 -12.03 2.98 -10.75
CA PHE B 7 -10.79 2.38 -10.24
C PHE B 7 -10.66 2.58 -8.72
N ALA B 8 -11.17 3.70 -8.24
CA ALA B 8 -11.14 4.01 -6.82
C ALA B 8 -12.18 3.17 -6.08
N ALA B 9 -13.34 3.00 -6.71
CA ALA B 9 -14.41 2.19 -6.13
C ALA B 9 -13.97 0.73 -6.08
N GLN B 10 -13.22 0.31 -7.10
CA GLN B 10 -12.69 -1.05 -7.16
C GLN B 10 -11.76 -1.32 -5.98
N LEU B 11 -10.79 -0.42 -5.77
CA LEU B 11 -9.87 -0.54 -4.65
C LEU B 11 -10.62 -0.46 -3.32
N ARG B 12 -11.72 0.28 -3.34
CA ARG B 12 -12.58 0.43 -2.17
C ARG B 12 -13.28 -0.90 -1.85
N LYS B 13 -13.92 -1.49 -2.86
CA LYS B 13 -14.61 -2.77 -2.71
C LYS B 13 -13.65 -3.84 -2.20
N ILE B 14 -12.44 -3.86 -2.76
CA ILE B 14 -11.41 -4.82 -2.34
C ILE B 14 -10.94 -4.49 -0.92
N GLY B 15 -10.71 -3.21 -0.65
CA GLY B 15 -10.27 -2.79 0.67
C GLY B 15 -11.26 -3.17 1.75
N ASP B 16 -12.54 -2.90 1.50
CA ASP B 16 -13.60 -3.23 2.45
C ASP B 16 -13.71 -4.74 2.63
N LYS B 17 -13.47 -5.47 1.55
CA LYS B 17 -13.54 -6.93 1.57
C LYS B 17 -12.34 -7.52 2.34
N VAL B 18 -11.14 -7.03 2.02
CA VAL B 18 -9.92 -7.50 2.68
C VAL B 18 -9.95 -7.19 4.18
N TYR B 19 -10.36 -5.98 4.52
CA TYR B 19 -10.45 -5.56 5.91
C TYR B 19 -11.42 -6.47 6.69
N CYS B 20 -12.59 -6.72 6.10
CA CYS B 20 -13.60 -7.56 6.73
C CYS B 20 -13.18 -9.03 6.76
N THR B 21 -12.50 -9.48 5.70
CA THR B 21 -12.03 -10.87 5.61
C THR B 21 -11.01 -11.22 6.68
N TRP B 22 -10.09 -10.29 6.97
CA TRP B 22 -9.07 -10.55 7.98
C TRP B 22 -9.59 -10.28 9.40
N SER B 23 -10.50 -9.33 9.54
CA SER B 23 -11.09 -9.03 10.85
C SER B 23 -12.04 -10.15 11.30
N ALA B 24 -12.60 -10.89 10.34
CA ALA B 24 -13.51 -11.99 10.64
C ALA B 24 -12.75 -13.32 10.80
N PRO B 25 -13.16 -14.16 11.76
CA PRO B 25 -12.52 -15.45 12.02
C PRO B 25 -12.99 -16.57 11.07
N ASP B 26 -14.02 -16.28 10.27
CA ASP B 26 -14.56 -17.25 9.33
C ASP B 26 -13.70 -17.33 8.05
N MET B 27 -12.58 -18.04 8.15
CA MET B 27 -11.67 -18.19 7.01
C MET B 27 -11.66 -19.63 6.48
N GLY A 1 4.94 20.88 18.32
CA GLY A 1 4.21 22.07 17.82
C GLY A 1 3.36 21.75 16.58
N PRO A 2 3.42 22.60 15.55
CA PRO A 2 2.64 22.39 14.31
C PRO A 2 3.17 21.21 13.50
N LEU A 3 4.43 20.86 13.70
CA LEU A 3 5.07 19.74 13.00
C LEU A 3 5.83 18.85 14.00
N GLY A 4 5.89 17.56 13.71
CA GLY A 4 6.61 16.65 14.60
C GLY A 4 5.79 15.43 15.03
N SER A 5 5.12 14.81 14.06
CA SER A 5 4.31 13.60 14.31
C SER A 5 3.79 13.05 12.98
N GLU A 6 4.56 13.29 11.93
CA GLU A 6 4.19 12.88 10.58
C GLU A 6 5.40 12.36 9.78
N ASP A 7 6.49 13.14 9.77
CA ASP A 7 7.71 12.75 9.04
C ASP A 7 8.33 11.50 9.67
N ASP A 8 8.33 11.44 11.00
CA ASP A 8 8.87 10.29 11.72
C ASP A 8 8.20 9.00 11.27
N LEU A 9 6.87 9.01 11.20
CA LEU A 9 6.11 7.85 10.75
C LEU A 9 6.25 7.65 9.23
N TYR A 10 6.32 8.77 8.51
CA TYR A 10 6.46 8.74 7.05
C TYR A 10 7.75 8.03 6.63
N ARG A 11 8.84 8.27 7.35
CA ARG A 11 10.12 7.64 7.05
C ARG A 11 10.01 6.11 7.05
N GLN A 12 9.47 5.56 8.13
CA GLN A 12 9.30 4.12 8.25
C GLN A 12 8.32 3.60 7.21
N SER A 13 7.19 4.30 7.07
CA SER A 13 6.16 3.93 6.10
C SER A 13 6.73 3.91 4.68
N LEU A 14 7.40 4.98 4.30
CA LEU A 14 8.00 5.10 2.97
C LEU A 14 9.03 4.00 2.73
N GLU A 15 9.92 3.78 3.68
CA GLU A 15 10.96 2.74 3.53
C GLU A 15 10.33 1.36 3.31
N ILE A 16 9.38 1.00 4.17
CA ILE A 16 8.70 -0.29 4.05
C ILE A 16 7.95 -0.40 2.72
N ILE A 17 7.15 0.61 2.39
CA ILE A 17 6.40 0.62 1.13
C ILE A 17 7.33 0.58 -0.09
N SER A 18 8.38 1.41 -0.08
CA SER A 18 9.35 1.45 -1.18
C SER A 18 9.96 0.06 -1.40
N ARG A 19 10.49 -0.54 -0.34
CA ARG A 19 11.09 -1.86 -0.44
C ARG A 19 10.08 -2.93 -0.89
N TYR A 20 8.86 -2.86 -0.36
CA TYR A 20 7.82 -3.83 -0.72
C TYR A 20 7.36 -3.68 -2.17
N LEU A 21 7.02 -2.45 -2.58
CA LEU A 21 6.55 -2.20 -3.94
C LEU A 21 7.56 -2.72 -4.98
N ARG A 22 8.84 -2.53 -4.69
CA ARG A 22 9.91 -3.01 -5.58
C ARG A 22 9.90 -4.53 -5.67
N GLU A 23 9.78 -5.20 -4.52
CA GLU A 23 9.75 -6.67 -4.47
C GLU A 23 8.66 -7.22 -5.41
N GLN A 24 7.48 -6.62 -5.35
CA GLN A 24 6.36 -7.07 -6.18
C GLN A 24 6.51 -6.59 -7.64
N ALA A 25 7.02 -5.38 -7.83
CA ALA A 25 7.22 -4.85 -9.18
C ALA A 25 8.28 -5.66 -9.92
N THR A 26 9.35 -6.03 -9.23
CA THR A 26 10.41 -6.83 -9.82
C THR A 26 10.00 -8.31 -9.90
N GLY A 27 9.40 -8.84 -8.83
CA GLY A 27 8.96 -10.22 -8.82
C GLY A 27 9.90 -11.15 -8.07
N SER A 28 10.65 -10.61 -7.12
CA SER A 28 11.58 -11.41 -6.33
C SER A 28 11.66 -10.89 -4.89
N LYS A 29 11.79 -11.82 -3.94
CA LYS A 29 11.87 -11.45 -2.52
C LYS A 29 13.33 -11.25 -2.10
N ASP A 30 13.72 -9.99 -1.95
CA ASP A 30 15.09 -9.67 -1.56
C ASP A 30 15.28 -9.82 -0.04
N SER A 31 16.53 -9.91 0.39
CA SER A 31 16.85 -10.07 1.82
C SER A 31 17.56 -8.84 2.37
N LYS A 32 17.67 -7.78 1.57
CA LYS A 32 18.32 -6.55 2.00
C LYS A 32 17.59 -5.92 3.20
N PRO A 33 18.31 -5.68 4.31
CA PRO A 33 17.74 -5.10 5.53
C PRO A 33 17.44 -3.60 5.41
N LEU A 34 16.51 -3.13 6.26
CA LEU A 34 16.11 -1.72 6.27
C LEU A 34 17.02 -0.90 7.22
N GLY A 35 16.92 0.43 7.13
CA GLY A 35 17.72 1.29 7.97
C GLY A 35 16.93 2.04 9.02
N GLU A 36 15.79 2.61 8.62
CA GLU A 36 14.95 3.35 9.55
C GLU A 36 13.98 2.42 10.27
N ALA A 37 13.15 1.74 9.51
CA ALA A 37 12.18 0.81 10.07
C ALA A 37 12.82 -0.53 10.44
N GLY A 38 13.49 -0.57 11.59
CA GLY A 38 14.12 -1.81 12.03
C GLY A 38 13.15 -2.79 12.67
N ALA A 39 12.68 -2.48 13.88
CA ALA A 39 11.75 -3.36 14.59
C ALA A 39 10.39 -3.40 13.90
N ALA A 40 9.80 -2.22 13.72
CA ALA A 40 8.51 -2.10 13.05
C ALA A 40 8.65 -2.54 11.59
N GLY A 41 9.75 -2.17 10.97
CA GLY A 41 10.00 -2.54 9.58
C GLY A 41 10.04 -4.04 9.35
N ARG A 42 10.83 -4.76 10.14
CA ARG A 42 10.91 -6.21 10.01
C ARG A 42 9.54 -6.88 10.14
N ARG A 43 8.80 -6.48 11.18
CA ARG A 43 7.47 -7.04 11.44
C ARG A 43 6.43 -6.58 10.41
N ALA A 44 6.49 -5.31 10.03
CA ALA A 44 5.53 -4.75 9.08
C ALA A 44 5.81 -5.20 7.66
N LEU A 45 7.08 -5.19 7.26
CA LEU A 45 7.44 -5.62 5.92
C LEU A 45 7.05 -7.08 5.70
N GLU A 46 7.43 -7.96 6.65
CA GLU A 46 7.08 -9.37 6.53
C GLU A 46 5.57 -9.56 6.51
N THR A 47 4.84 -8.87 7.39
CA THR A 47 3.39 -8.97 7.42
C THR A 47 2.79 -8.45 6.12
N LEU A 48 3.28 -7.29 5.67
CA LEU A 48 2.83 -6.68 4.42
C LEU A 48 3.15 -7.56 3.21
N ARG A 49 4.31 -8.21 3.25
CA ARG A 49 4.73 -9.10 2.16
C ARG A 49 3.70 -10.21 1.96
N ARG A 50 3.31 -10.86 3.06
CA ARG A 50 2.35 -11.94 3.00
C ARG A 50 0.93 -11.44 2.76
N VAL A 51 0.52 -10.40 3.48
CA VAL A 51 -0.82 -9.82 3.31
C VAL A 51 -1.01 -9.21 1.92
N GLY A 52 -0.08 -8.34 1.52
CA GLY A 52 -0.16 -7.68 0.22
C GLY A 52 -0.09 -8.65 -0.95
N ASP A 53 0.94 -9.51 -0.98
CA ASP A 53 1.08 -10.50 -2.06
C ASP A 53 -0.18 -11.35 -2.15
N GLY A 54 -0.74 -11.70 -0.99
CA GLY A 54 -1.97 -12.47 -0.96
C GLY A 54 -3.10 -11.72 -1.63
N VAL A 55 -3.34 -10.47 -1.19
CA VAL A 55 -4.38 -9.63 -1.77
C VAL A 55 -4.13 -9.42 -3.28
N GLN A 56 -2.86 -9.28 -3.65
CA GLN A 56 -2.47 -9.09 -5.04
C GLN A 56 -2.84 -10.29 -5.90
N ARG A 57 -2.40 -11.48 -5.49
CA ARG A 57 -2.71 -12.70 -6.25
C ARG A 57 -4.19 -13.04 -6.19
N ASN A 58 -4.82 -12.79 -5.03
CA ASN A 58 -6.25 -13.05 -4.87
C ASN A 58 -7.06 -12.17 -5.82
N HIS A 59 -6.78 -10.87 -5.80
CA HIS A 59 -7.50 -9.92 -6.66
C HIS A 59 -6.66 -9.54 -7.87
N GLU A 60 -5.89 -10.49 -8.40
CA GLU A 60 -5.03 -10.25 -9.56
C GLU A 60 -5.79 -9.64 -10.73
N THR A 61 -6.95 -10.22 -11.07
CA THR A 61 -7.78 -9.74 -12.19
C THR A 61 -8.15 -8.25 -12.04
N ALA A 62 -8.46 -7.85 -10.80
CA ALA A 62 -8.83 -6.47 -10.51
C ALA A 62 -7.67 -5.52 -10.78
N PHE A 63 -6.50 -5.87 -10.26
CA PHE A 63 -5.30 -5.08 -10.46
C PHE A 63 -4.89 -5.12 -11.93
N GLN A 64 -5.10 -6.27 -12.57
CA GLN A 64 -4.77 -6.44 -13.99
C GLN A 64 -5.65 -5.56 -14.87
N GLY A 65 -6.97 -5.56 -14.61
CA GLY A 65 -7.87 -4.73 -15.37
C GLY A 65 -7.45 -3.27 -15.33
N MET A 66 -7.18 -2.77 -14.13
CA MET A 66 -6.72 -1.40 -13.95
C MET A 66 -5.31 -1.24 -14.53
N LEU A 67 -4.52 -2.32 -14.50
CA LEU A 67 -3.15 -2.30 -15.03
C LEU A 67 -3.13 -2.19 -16.55
N ARG A 68 -4.04 -2.91 -17.22
CA ARG A 68 -4.12 -2.86 -18.69
C ARG A 68 -4.56 -1.47 -19.14
N LYS A 69 -5.52 -0.90 -18.42
CA LYS A 69 -6.03 0.41 -18.73
C LYS A 69 -5.28 1.53 -17.99
N LEU A 70 -4.13 1.20 -17.41
CA LEU A 70 -3.34 2.19 -16.68
C LEU A 70 -2.52 3.06 -17.64
N ASP A 71 -2.97 4.31 -17.80
CA ASP A 71 -2.33 5.27 -18.68
C ASP A 71 -1.16 5.99 -17.99
N ILE A 72 -0.93 5.67 -16.72
CA ILE A 72 0.15 6.29 -15.94
C ILE A 72 1.51 6.15 -16.64
N LYS A 73 2.08 7.30 -17.04
CA LYS A 73 3.37 7.32 -17.72
C LYS A 73 4.27 8.47 -17.23
N ASN A 74 3.67 9.57 -16.77
CA ASN A 74 4.46 10.71 -16.31
C ASN A 74 4.13 11.14 -14.87
N GLU A 75 4.81 12.19 -14.42
CA GLU A 75 4.62 12.74 -13.08
C GLU A 75 3.20 13.30 -12.90
N GLY A 76 2.56 13.64 -14.01
CA GLY A 76 1.20 14.17 -13.96
C GLY A 76 0.17 13.11 -13.58
N ASP A 77 0.47 11.85 -13.88
CA ASP A 77 -0.45 10.75 -13.58
C ASP A 77 -0.58 10.49 -12.07
N VAL A 78 0.49 10.76 -11.32
CA VAL A 78 0.47 10.56 -9.86
C VAL A 78 -0.63 11.38 -9.18
N LYS A 79 -1.01 12.51 -9.80
CA LYS A 79 -2.07 13.36 -9.25
C LYS A 79 -3.40 12.61 -9.29
N SER A 80 -3.60 11.83 -10.35
CA SER A 80 -4.81 11.03 -10.49
C SER A 80 -4.82 9.93 -9.42
N PHE A 81 -3.66 9.29 -9.25
CA PHE A 81 -3.48 8.25 -8.25
C PHE A 81 -3.78 8.80 -6.84
N SER A 82 -3.32 10.04 -6.59
CA SER A 82 -3.55 10.70 -5.31
C SER A 82 -5.06 10.92 -5.09
N ARG A 83 -5.74 11.28 -6.19
CA ARG A 83 -7.18 11.49 -6.17
C ARG A 83 -7.89 10.17 -5.88
N VAL A 84 -7.33 9.07 -6.40
CA VAL A 84 -7.89 7.75 -6.16
C VAL A 84 -7.87 7.44 -4.67
N MET A 85 -6.71 7.62 -4.05
CA MET A 85 -6.55 7.36 -2.62
C MET A 85 -7.55 8.16 -1.78
N VAL A 86 -7.59 9.48 -1.98
CA VAL A 86 -8.54 10.32 -1.23
C VAL A 86 -9.99 9.96 -1.57
N HIS A 87 -10.22 9.50 -2.80
CA HIS A 87 -11.56 9.09 -3.24
C HIS A 87 -11.98 7.78 -2.54
N VAL A 88 -11.02 6.88 -2.37
CA VAL A 88 -11.29 5.61 -1.69
C VAL A 88 -11.47 5.82 -0.18
N PHE A 89 -10.64 6.68 0.41
CA PHE A 89 -10.72 6.97 1.83
C PHE A 89 -11.71 8.11 2.12
N LYS A 90 -12.50 8.47 1.11
CA LYS A 90 -13.52 9.51 1.21
C LYS A 90 -14.67 9.09 2.14
N ASP A 91 -14.75 7.80 2.43
CA ASP A 91 -15.80 7.29 3.31
C ASP A 91 -15.53 7.60 4.77
N GLY A 92 -14.34 8.13 5.05
CA GLY A 92 -13.97 8.48 6.40
C GLY A 92 -13.40 7.30 7.18
N VAL A 93 -13.68 6.08 6.70
CA VAL A 93 -13.19 4.87 7.34
C VAL A 93 -11.85 4.42 6.75
N THR A 94 -10.79 4.58 7.52
CA THR A 94 -9.45 4.20 7.06
C THR A 94 -9.14 2.75 7.42
N ASN A 95 -9.84 1.82 6.77
CA ASN A 95 -9.64 0.39 7.03
C ASN A 95 -8.25 -0.05 6.58
N TRP A 96 -7.64 -0.94 7.38
CA TRP A 96 -6.32 -1.46 7.04
C TRP A 96 -6.36 -2.17 5.69
N GLY A 97 -7.47 -2.85 5.42
CA GLY A 97 -7.64 -3.54 4.15
C GLY A 97 -7.60 -2.57 2.97
N ARG A 98 -8.06 -1.34 3.19
CA ARG A 98 -8.05 -0.32 2.14
C ARG A 98 -6.62 0.22 1.96
N ILE A 99 -5.87 0.26 3.06
CA ILE A 99 -4.49 0.73 3.05
C ILE A 99 -3.57 -0.29 2.36
N VAL A 100 -3.68 -1.56 2.77
CA VAL A 100 -2.86 -2.62 2.17
C VAL A 100 -3.26 -2.86 0.71
N THR A 101 -4.54 -2.67 0.39
CA THR A 101 -5.01 -2.83 -0.99
C THR A 101 -4.39 -1.74 -1.85
N LEU A 102 -4.33 -0.52 -1.32
CA LEU A 102 -3.72 0.59 -2.03
C LEU A 102 -2.24 0.27 -2.28
N ILE A 103 -1.59 -0.30 -1.26
CA ILE A 103 -0.19 -0.69 -1.37
C ILE A 103 -0.03 -1.80 -2.44
N SER A 104 -0.93 -2.78 -2.39
CA SER A 104 -0.93 -3.89 -3.36
C SER A 104 -1.08 -3.35 -4.78
N PHE A 105 -2.01 -2.40 -4.94
CA PHE A 105 -2.23 -1.75 -6.23
C PHE A 105 -0.96 -0.98 -6.63
N GLY A 106 -0.39 -0.25 -5.67
CA GLY A 106 0.83 0.49 -5.92
C GLY A 106 1.95 -0.40 -6.43
N ALA A 107 2.11 -1.56 -5.80
CA ALA A 107 3.10 -2.54 -6.23
C ALA A 107 2.85 -2.98 -7.66
N PHE A 108 1.58 -3.24 -7.99
CA PHE A 108 1.19 -3.63 -9.34
C PHE A 108 1.47 -2.49 -10.34
N VAL A 109 1.18 -1.27 -9.92
CA VAL A 109 1.43 -0.09 -10.75
C VAL A 109 2.93 0.11 -10.94
N ALA A 110 3.71 -0.12 -9.87
CA ALA A 110 5.16 0.00 -9.97
C ALA A 110 5.68 -0.95 -11.03
N LYS A 111 5.09 -2.13 -11.09
CA LYS A 111 5.44 -3.13 -12.08
C LYS A 111 5.16 -2.60 -13.49
N HIS A 112 4.02 -1.92 -13.65
CA HIS A 112 3.65 -1.32 -14.94
C HIS A 112 4.71 -0.33 -15.41
N LEU A 113 5.16 0.52 -14.49
CA LEU A 113 6.18 1.52 -14.81
C LEU A 113 7.54 0.86 -15.04
N LYS A 114 7.89 -0.08 -14.18
CA LYS A 114 9.16 -0.80 -14.29
C LYS A 114 9.23 -1.60 -15.61
N SER A 115 8.09 -2.16 -16.01
CA SER A 115 8.02 -2.95 -17.26
C SER A 115 8.31 -2.10 -18.49
N VAL A 116 8.08 -0.79 -18.38
CA VAL A 116 8.35 0.12 -19.50
C VAL A 116 9.57 1.01 -19.21
N ASN A 117 10.43 0.54 -18.29
CA ASN A 117 11.65 1.25 -17.90
C ASN A 117 11.38 2.67 -17.38
N GLN A 118 10.35 2.82 -16.57
CA GLN A 118 10.00 4.13 -16.01
C GLN A 118 10.54 4.31 -14.58
N GLU A 119 11.75 3.83 -14.32
CA GLU A 119 12.39 3.94 -13.00
C GLU A 119 12.37 5.40 -12.49
N SER A 120 12.56 6.35 -13.41
CA SER A 120 12.55 7.78 -13.09
C SER A 120 11.18 8.22 -12.56
N PHE A 121 10.18 7.38 -12.80
CA PHE A 121 8.82 7.64 -12.33
C PHE A 121 8.46 6.64 -11.22
N ILE A 122 9.28 5.60 -11.08
CA ILE A 122 9.08 4.58 -10.06
C ILE A 122 9.26 5.17 -8.67
N GLU A 123 10.37 5.90 -8.49
CA GLU A 123 10.64 6.53 -7.20
C GLU A 123 9.55 7.56 -6.83
N PRO A 124 9.26 8.54 -7.71
CA PRO A 124 8.20 9.54 -7.45
C PRO A 124 6.83 8.91 -7.20
N LEU A 125 6.53 7.81 -7.89
CA LEU A 125 5.25 7.11 -7.71
C LEU A 125 5.13 6.55 -6.29
N ALA A 126 6.15 5.79 -5.87
CA ALA A 126 6.17 5.18 -4.54
C ALA A 126 6.06 6.24 -3.45
N GLU A 127 6.74 7.37 -3.65
CA GLU A 127 6.71 8.48 -2.69
C GLU A 127 5.34 9.17 -2.72
N THR A 128 4.78 9.36 -3.93
CA THR A 128 3.48 10.00 -4.06
C THR A 128 2.38 9.16 -3.39
N ILE A 129 2.43 7.85 -3.60
CA ILE A 129 1.46 6.94 -3.00
C ILE A 129 1.56 7.00 -1.47
N THR A 130 2.76 6.76 -0.96
CA THR A 130 2.99 6.78 0.49
C THR A 130 2.58 8.11 1.11
N ASP A 131 3.05 9.22 0.53
CA ASP A 131 2.74 10.55 1.01
C ASP A 131 1.23 10.77 1.15
N VAL A 132 0.50 10.64 0.06
CA VAL A 132 -0.95 10.85 0.07
C VAL A 132 -1.68 9.81 0.94
N LEU A 133 -1.27 8.55 0.85
CA LEU A 133 -1.89 7.47 1.62
C LEU A 133 -1.75 7.70 3.13
N VAL A 134 -0.54 8.02 3.57
CA VAL A 134 -0.27 8.24 4.99
C VAL A 134 -0.68 9.63 5.48
N ARG A 135 -0.32 10.68 4.72
CA ARG A 135 -0.64 12.06 5.13
C ARG A 135 -2.15 12.32 5.26
N THR A 136 -2.96 11.69 4.40
CA THR A 136 -4.42 11.87 4.45
C THR A 136 -5.03 11.33 5.73
N LYS A 137 -4.52 10.20 6.22
CA LYS A 137 -5.07 9.58 7.43
C LYS A 137 -3.98 9.25 8.46
N ARG A 138 -3.03 10.15 8.65
CA ARG A 138 -1.93 9.92 9.61
C ARG A 138 -2.45 9.73 11.04
N ASP A 139 -3.59 10.35 11.34
CA ASP A 139 -4.20 10.24 12.67
C ASP A 139 -4.58 8.79 12.96
N TRP A 140 -5.18 8.13 11.97
CA TRP A 140 -5.57 6.73 12.12
C TRP A 140 -4.34 5.86 12.36
N LEU A 141 -3.23 6.24 11.73
CA LEU A 141 -1.98 5.53 11.88
C LEU A 141 -1.38 5.74 13.26
N VAL A 142 -1.19 7.01 13.65
CA VAL A 142 -0.61 7.33 14.96
C VAL A 142 -1.46 6.77 16.11
N LYS A 143 -2.78 6.67 15.90
CA LYS A 143 -3.68 6.13 16.91
C LYS A 143 -3.39 4.65 17.16
N GLN A 144 -2.96 3.95 16.11
CA GLN A 144 -2.66 2.53 16.23
C GLN A 144 -1.15 2.24 16.17
N ARG A 145 -0.35 3.22 16.61
CA ARG A 145 1.12 3.08 16.63
C ARG A 145 1.71 2.88 15.23
N GLY A 146 0.95 3.25 14.21
CA GLY A 146 1.40 3.11 12.83
C GLY A 146 1.50 1.66 12.38
N TRP A 147 2.71 1.25 12.04
CA TRP A 147 2.94 -0.11 11.58
C TRP A 147 2.83 -1.12 12.72
N ASP A 148 2.99 -0.67 13.96
CA ASP A 148 2.85 -1.56 15.12
C ASP A 148 1.46 -2.21 15.09
N GLY A 149 0.43 -1.37 14.97
CA GLY A 149 -0.93 -1.86 14.90
C GLY A 149 -1.16 -2.67 13.65
N PHE A 150 -0.62 -2.19 12.53
CA PHE A 150 -0.74 -2.90 11.24
C PHE A 150 -0.21 -4.33 11.34
N VAL A 151 0.97 -4.49 11.94
CA VAL A 151 1.60 -5.79 12.10
C VAL A 151 0.70 -6.76 12.87
N GLU A 152 0.28 -6.35 14.06
CA GLU A 152 -0.56 -7.20 14.90
C GLU A 152 -1.99 -7.36 14.35
N PHE A 153 -2.51 -6.35 13.65
CA PHE A 153 -3.85 -6.43 13.07
C PHE A 153 -3.97 -7.61 12.11
N PHE A 154 -2.98 -7.77 11.23
CA PHE A 154 -3.00 -8.86 10.26
C PHE A 154 -2.39 -10.14 10.84
N HIS A 155 -2.43 -10.27 12.16
CA HIS A 155 -1.92 -11.45 12.84
C HIS A 155 -3.05 -12.22 13.52
N VAL A 156 -4.29 -11.88 13.16
CA VAL A 156 -5.45 -12.55 13.72
C VAL A 156 -5.68 -13.90 13.05
N GLN A 157 -5.26 -14.97 13.73
CA GLN A 157 -5.39 -16.33 13.22
C GLN A 157 -5.31 -17.35 14.36
N ASP A 158 -4.83 -18.55 14.05
CA ASP A 158 -4.68 -19.61 15.05
C ASP A 158 -3.49 -19.36 15.97
N LEU A 159 -3.68 -18.49 16.96
CA LEU A 159 -2.62 -18.16 17.92
C LEU A 159 -2.54 -19.20 19.03
N GLU A 160 -3.66 -19.42 19.72
CA GLU A 160 -3.71 -20.39 20.80
C GLU A 160 -4.30 -21.72 20.32
N GLY A 161 -4.73 -21.75 19.07
CA GLY A 161 -5.31 -22.97 18.50
C GLY A 161 -6.83 -22.93 18.44
N GLY A 162 -7.48 -23.49 19.45
CA GLY A 162 -8.95 -23.51 19.48
C GLY A 162 -9.51 -24.78 20.09
N ALA B 1 -2.30 10.32 -18.53
CA ALA B 1 -3.26 11.44 -18.32
C ALA B 1 -4.31 11.08 -17.26
N GLU B 2 -5.27 10.24 -17.61
CA GLU B 2 -6.33 9.86 -16.68
C GLU B 2 -6.68 8.37 -16.82
N LEU B 3 -7.10 7.76 -15.72
CA LEU B 3 -7.47 6.34 -15.71
C LEU B 3 -8.96 6.16 -15.43
N PRO B 4 -9.53 4.98 -15.76
CA PRO B 4 -10.95 4.68 -15.54
C PRO B 4 -11.34 4.64 -14.06
N PRO B 5 -12.58 5.09 -13.73
CA PRO B 5 -13.09 5.13 -12.34
C PRO B 5 -13.11 3.77 -11.62
N GLU B 6 -12.72 2.71 -12.31
CA GLU B 6 -12.68 1.38 -11.73
C GLU B 6 -11.68 1.29 -10.58
N PHE B 7 -10.65 2.15 -10.60
CA PHE B 7 -9.65 2.14 -9.54
C PHE B 7 -10.26 2.48 -8.17
N ALA B 8 -11.26 3.33 -8.17
CA ALA B 8 -11.91 3.73 -6.94
C ALA B 8 -12.86 2.63 -6.46
N ALA B 9 -13.57 2.02 -7.40
CA ALA B 9 -14.51 0.95 -7.08
C ALA B 9 -13.79 -0.31 -6.63
N GLN B 10 -12.68 -0.65 -7.30
CA GLN B 10 -11.91 -1.84 -6.95
C GLN B 10 -11.23 -1.70 -5.59
N LEU B 11 -10.50 -0.60 -5.39
CA LEU B 11 -9.79 -0.39 -4.13
C LEU B 11 -10.76 -0.23 -2.95
N ARG B 12 -11.96 0.30 -3.21
CA ARG B 12 -12.96 0.45 -2.16
C ARG B 12 -13.53 -0.92 -1.74
N LYS B 13 -14.05 -1.68 -2.70
CA LYS B 13 -14.62 -3.01 -2.43
C LYS B 13 -13.57 -3.96 -1.87
N ILE B 14 -12.45 -4.09 -2.58
CA ILE B 14 -11.37 -4.98 -2.16
C ILE B 14 -10.86 -4.60 -0.77
N GLY B 15 -10.77 -3.29 -0.52
CA GLY B 15 -10.31 -2.81 0.77
C GLY B 15 -11.16 -3.33 1.92
N ASP B 16 -12.48 -3.20 1.80
CA ASP B 16 -13.39 -3.68 2.84
C ASP B 16 -13.46 -5.21 2.86
N LYS B 17 -13.49 -5.83 1.68
CA LYS B 17 -13.53 -7.28 1.57
C LYS B 17 -12.31 -7.92 2.26
N VAL B 18 -11.13 -7.44 1.90
CA VAL B 18 -9.88 -7.93 2.50
C VAL B 18 -9.85 -7.62 3.99
N TYR B 19 -10.18 -6.37 4.33
CA TYR B 19 -10.20 -5.92 5.72
C TYR B 19 -11.11 -6.79 6.59
N CYS B 20 -12.34 -7.05 6.11
CA CYS B 20 -13.29 -7.88 6.86
C CYS B 20 -12.78 -9.31 7.00
N THR B 21 -12.05 -9.78 6.00
CA THR B 21 -11.50 -11.14 6.01
C THR B 21 -10.38 -11.29 7.03
N TRP B 22 -9.61 -10.22 7.25
CA TRP B 22 -8.51 -10.26 8.21
C TRP B 22 -8.98 -9.89 9.63
N SER B 23 -9.94 -8.98 9.72
CA SER B 23 -10.48 -8.57 11.02
C SER B 23 -11.67 -9.45 11.43
N ALA B 24 -11.62 -10.72 11.03
CA ALA B 24 -12.69 -11.67 11.34
C ALA B 24 -12.42 -12.39 12.67
N PRO B 25 -13.38 -12.32 13.61
CA PRO B 25 -13.25 -12.97 14.92
C PRO B 25 -13.45 -14.49 14.86
N ASP B 26 -12.55 -15.19 14.18
CA ASP B 26 -12.63 -16.64 14.06
C ASP B 26 -12.11 -17.33 15.33
N MET B 27 -11.24 -16.63 16.06
CA MET B 27 -10.67 -17.17 17.31
C MET B 27 -10.96 -16.24 18.48
N GLY A 1 5.70 11.53 16.29
CA GLY A 1 5.62 10.64 17.48
C GLY A 1 6.84 10.76 18.39
N PRO A 2 7.78 9.79 18.32
CA PRO A 2 8.99 9.81 19.15
C PRO A 2 10.00 10.88 18.75
N LEU A 3 9.98 11.29 17.48
CA LEU A 3 10.90 12.31 16.97
C LEU A 3 10.16 13.64 16.77
N GLY A 4 9.06 13.59 16.05
CA GLY A 4 8.27 14.78 15.81
C GLY A 4 6.78 14.51 15.90
N SER A 5 6.11 14.53 14.77
CA SER A 5 4.66 14.28 14.74
C SER A 5 4.26 13.37 13.57
N GLU A 6 4.76 13.71 12.40
CA GLU A 6 4.46 12.96 11.18
C GLU A 6 5.74 12.49 10.50
N ASP A 7 6.82 13.24 10.74
CA ASP A 7 8.14 12.96 10.17
C ASP A 7 8.64 11.56 10.51
N ASP A 8 8.64 11.20 11.80
CA ASP A 8 9.10 9.88 12.23
C ASP A 8 8.28 8.76 11.57
N LEU A 9 6.96 8.86 11.69
CA LEU A 9 6.06 7.89 11.09
C LEU A 9 6.23 7.83 9.57
N TYR A 10 6.41 9.01 8.97
CA TYR A 10 6.61 9.11 7.51
C TYR A 10 7.93 8.47 7.08
N ARG A 11 8.98 8.65 7.88
CA ARG A 11 10.30 8.09 7.55
C ARG A 11 10.22 6.57 7.39
N GLN A 12 9.64 5.89 8.38
CA GLN A 12 9.50 4.44 8.32
C GLN A 12 8.49 4.03 7.24
N SER A 13 7.36 4.75 7.16
CA SER A 13 6.33 4.44 6.17
C SER A 13 6.87 4.54 4.74
N LEU A 14 7.53 5.65 4.43
CA LEU A 14 8.10 5.87 3.10
C LEU A 14 9.09 4.76 2.74
N GLU A 15 10.07 4.53 3.63
CA GLU A 15 11.09 3.51 3.41
C GLU A 15 10.48 2.10 3.27
N ILE A 16 9.59 1.75 4.19
CA ILE A 16 8.93 0.44 4.17
C ILE A 16 8.11 0.24 2.90
N ILE A 17 7.30 1.24 2.54
CA ILE A 17 6.48 1.15 1.33
C ILE A 17 7.37 1.11 0.08
N SER A 18 8.39 1.97 0.03
CA SER A 18 9.32 1.98 -1.10
C SER A 18 9.98 0.62 -1.26
N ARG A 19 10.42 0.06 -0.12
CA ARG A 19 11.05 -1.25 -0.09
C ARG A 19 10.11 -2.35 -0.60
N TYR A 20 8.86 -2.31 -0.15
CA TYR A 20 7.87 -3.31 -0.56
C TYR A 20 7.51 -3.17 -2.05
N LEU A 21 7.16 -1.95 -2.46
CA LEU A 21 6.78 -1.71 -3.86
C LEU A 21 7.91 -2.08 -4.82
N ARG A 22 9.15 -1.75 -4.46
CA ARG A 22 10.30 -2.06 -5.30
C ARG A 22 10.53 -3.58 -5.36
N GLU A 23 10.35 -4.25 -4.22
CA GLU A 23 10.53 -5.70 -4.13
C GLU A 23 9.44 -6.44 -4.91
N GLN A 24 8.19 -6.07 -4.71
CA GLN A 24 7.08 -6.69 -5.43
C GLN A 24 7.15 -6.40 -6.93
N ALA A 25 7.78 -5.28 -7.28
CA ALA A 25 7.95 -4.90 -8.69
C ALA A 25 9.09 -5.67 -9.34
N THR A 26 10.13 -5.99 -8.56
CA THR A 26 11.27 -6.73 -9.08
C THR A 26 11.02 -8.25 -9.11
N GLY A 27 10.08 -8.70 -8.27
CA GLY A 27 9.75 -10.12 -8.23
C GLY A 27 10.82 -10.96 -7.55
N SER A 28 11.70 -10.31 -6.80
CA SER A 28 12.79 -11.01 -6.10
C SER A 28 13.20 -10.28 -4.83
N LYS A 29 14.19 -9.41 -4.95
CA LYS A 29 14.69 -8.65 -3.80
C LYS A 29 15.15 -7.25 -4.22
N ASP A 30 14.64 -6.23 -3.56
CA ASP A 30 15.01 -4.85 -3.85
C ASP A 30 16.25 -4.43 -3.06
N SER A 31 17.24 -3.89 -3.75
CA SER A 31 18.49 -3.46 -3.11
C SER A 31 18.38 -2.06 -2.54
N LYS A 32 17.61 -1.91 -1.48
CA LYS A 32 17.45 -0.60 -0.83
C LYS A 32 17.52 -0.73 0.69
N PRO A 33 18.28 0.15 1.36
CA PRO A 33 18.41 0.13 2.82
C PRO A 33 17.16 0.67 3.52
N LEU A 34 16.83 0.09 4.66
CA LEU A 34 15.66 0.51 5.43
C LEU A 34 15.98 1.66 6.39
N GLY A 35 17.27 1.82 6.71
CA GLY A 35 17.71 2.89 7.60
C GLY A 35 17.02 2.90 8.96
N GLU A 36 16.26 3.96 9.22
CA GLU A 36 15.53 4.11 10.49
C GLU A 36 14.36 3.13 10.62
N ALA A 37 14.08 2.37 9.56
CA ALA A 37 12.99 1.41 9.59
C ALA A 37 13.52 -0.03 9.68
N GLY A 38 14.32 -0.30 10.72
CA GLY A 38 14.88 -1.63 10.89
C GLY A 38 13.90 -2.63 11.49
N ALA A 39 13.59 -2.46 12.77
CA ALA A 39 12.66 -3.36 13.47
C ALA A 39 11.27 -3.33 12.83
N ALA A 40 10.69 -2.14 12.73
CA ALA A 40 9.38 -1.97 12.12
C ALA A 40 9.41 -2.38 10.65
N GLY A 41 10.52 -2.07 9.99
CA GLY A 41 10.68 -2.43 8.58
C GLY A 41 10.68 -3.93 8.36
N ARG A 42 11.37 -4.68 9.21
CA ARG A 42 11.42 -6.13 9.08
C ARG A 42 10.02 -6.74 9.26
N ARG A 43 9.32 -6.33 10.32
CA ARG A 43 7.97 -6.82 10.59
C ARG A 43 6.98 -6.36 9.52
N ALA A 44 7.12 -5.10 9.10
CA ALA A 44 6.24 -4.54 8.08
C ALA A 44 6.48 -5.18 6.71
N LEU A 45 7.75 -5.32 6.31
CA LEU A 45 8.08 -5.93 5.00
C LEU A 45 7.54 -7.36 4.91
N GLU A 46 7.75 -8.14 5.97
CA GLU A 46 7.28 -9.53 6.02
C GLU A 46 5.75 -9.60 5.94
N THR A 47 5.09 -8.80 6.77
CA THR A 47 3.62 -8.77 6.82
C THR A 47 3.04 -8.21 5.51
N LEU A 48 3.53 -7.05 5.09
CA LEU A 48 3.07 -6.39 3.87
C LEU A 48 3.25 -7.29 2.64
N ARG A 49 4.38 -8.00 2.57
CA ARG A 49 4.65 -8.90 1.45
C ARG A 49 3.60 -10.00 1.39
N ARG A 50 3.42 -10.70 2.50
CA ARG A 50 2.44 -11.79 2.58
C ARG A 50 1.01 -11.32 2.30
N VAL A 51 0.58 -10.26 2.97
CA VAL A 51 -0.78 -9.73 2.79
C VAL A 51 -0.99 -9.17 1.38
N GLY A 52 -0.05 -8.34 0.92
CA GLY A 52 -0.17 -7.74 -0.41
C GLY A 52 -0.17 -8.77 -1.53
N ASP A 53 0.71 -9.77 -1.43
CA ASP A 53 0.77 -10.83 -2.42
C ASP A 53 -0.55 -11.60 -2.44
N GLY A 54 -1.06 -11.93 -1.25
CA GLY A 54 -2.33 -12.62 -1.16
C GLY A 54 -3.47 -11.81 -1.75
N VAL A 55 -3.49 -10.51 -1.47
CA VAL A 55 -4.51 -9.61 -2.01
C VAL A 55 -4.43 -9.56 -3.54
N GLN A 56 -3.22 -9.37 -4.07
CA GLN A 56 -3.01 -9.31 -5.53
C GLN A 56 -3.32 -10.64 -6.20
N ARG A 57 -2.91 -11.73 -5.57
CA ARG A 57 -3.17 -13.07 -6.10
C ARG A 57 -4.68 -13.34 -6.17
N ASN A 58 -5.40 -12.85 -5.17
CA ASN A 58 -6.86 -13.02 -5.12
C ASN A 58 -7.57 -12.05 -6.06
N HIS A 59 -7.26 -10.76 -5.94
CA HIS A 59 -7.90 -9.74 -6.77
C HIS A 59 -7.08 -9.47 -8.03
N GLU A 60 -6.46 -10.52 -8.57
CA GLU A 60 -5.62 -10.40 -9.77
C GLU A 60 -6.39 -9.83 -10.97
N THR A 61 -7.56 -10.40 -11.25
CA THR A 61 -8.38 -9.96 -12.37
C THR A 61 -8.79 -8.49 -12.24
N ALA A 62 -9.10 -8.09 -11.01
CA ALA A 62 -9.50 -6.72 -10.73
C ALA A 62 -8.34 -5.76 -10.97
N PHE A 63 -7.18 -6.09 -10.36
CA PHE A 63 -5.99 -5.25 -10.49
C PHE A 63 -5.54 -5.20 -11.96
N GLN A 64 -5.59 -6.36 -12.63
CA GLN A 64 -5.19 -6.45 -14.03
C GLN A 64 -6.04 -5.52 -14.91
N GLY A 65 -7.36 -5.53 -14.71
CA GLY A 65 -8.24 -4.66 -15.49
C GLY A 65 -7.81 -3.20 -15.38
N MET A 66 -7.62 -2.74 -14.15
CA MET A 66 -7.20 -1.36 -13.92
C MET A 66 -5.80 -1.12 -14.48
N LEU A 67 -4.94 -2.13 -14.37
CA LEU A 67 -3.56 -2.02 -14.86
C LEU A 67 -3.50 -1.93 -16.39
N ARG A 68 -4.31 -2.76 -17.06
CA ARG A 68 -4.35 -2.77 -18.52
C ARG A 68 -4.81 -1.42 -19.06
N LYS A 69 -5.78 -0.81 -18.40
CA LYS A 69 -6.27 0.50 -18.81
C LYS A 69 -5.59 1.62 -18.02
N LEU A 70 -4.51 1.28 -17.31
CA LEU A 70 -3.78 2.28 -16.53
C LEU A 70 -2.89 3.12 -17.44
N ASP A 71 -3.36 4.31 -17.78
CA ASP A 71 -2.60 5.20 -18.65
C ASP A 71 -1.54 6.00 -17.89
N ILE A 72 -0.97 5.39 -16.85
CA ILE A 72 0.06 6.05 -16.05
C ILE A 72 1.45 5.80 -16.66
N LYS A 73 2.12 6.88 -17.04
CA LYS A 73 3.45 6.78 -17.66
C LYS A 73 4.40 7.91 -17.21
N ASN A 74 3.86 8.99 -16.62
CA ASN A 74 4.70 10.11 -16.18
C ASN A 74 4.38 10.55 -14.75
N GLU A 75 5.07 11.59 -14.27
CA GLU A 75 4.87 12.11 -12.91
C GLU A 75 3.51 12.80 -12.71
N GLY A 76 2.91 13.25 -13.80
CA GLY A 76 1.60 13.91 -13.70
C GLY A 76 0.48 12.94 -13.39
N ASP A 77 0.66 11.69 -13.79
CA ASP A 77 -0.34 10.65 -13.57
C ASP A 77 -0.54 10.35 -12.07
N VAL A 78 0.52 10.52 -11.27
CA VAL A 78 0.43 10.27 -9.83
C VAL A 78 -0.68 11.10 -9.16
N LYS A 79 -0.99 12.27 -9.74
CA LYS A 79 -2.05 13.13 -9.20
C LYS A 79 -3.40 12.42 -9.32
N SER A 80 -3.59 11.68 -10.42
CA SER A 80 -4.81 10.92 -10.63
C SER A 80 -4.86 9.78 -9.62
N PHE A 81 -3.68 9.22 -9.33
CA PHE A 81 -3.54 8.14 -8.35
C PHE A 81 -4.01 8.63 -6.98
N SER A 82 -3.70 9.89 -6.67
CA SER A 82 -4.11 10.49 -5.40
C SER A 82 -5.64 10.63 -5.37
N ARG A 83 -6.22 11.02 -6.51
CA ARG A 83 -7.67 11.16 -6.63
C ARG A 83 -8.36 9.84 -6.30
N VAL A 84 -7.74 8.73 -6.71
CA VAL A 84 -8.27 7.41 -6.44
C VAL A 84 -8.22 7.13 -4.93
N MET A 85 -7.08 7.42 -4.32
CA MET A 85 -6.88 7.21 -2.89
C MET A 85 -7.83 8.08 -2.05
N VAL A 86 -7.90 9.39 -2.35
CA VAL A 86 -8.80 10.27 -1.61
C VAL A 86 -10.25 9.85 -1.80
N HIS A 87 -10.58 9.29 -2.97
CA HIS A 87 -11.92 8.79 -3.23
C HIS A 87 -12.19 7.57 -2.33
N VAL A 88 -11.21 6.67 -2.26
CA VAL A 88 -11.32 5.47 -1.44
C VAL A 88 -11.61 5.84 0.02
N PHE A 89 -10.94 6.86 0.52
CA PHE A 89 -11.15 7.30 1.91
C PHE A 89 -12.07 8.52 1.98
N LYS A 90 -12.91 8.71 0.97
CA LYS A 90 -13.83 9.86 0.96
C LYS A 90 -14.98 9.66 1.96
N ASP A 91 -15.12 8.43 2.45
CA ASP A 91 -16.17 8.12 3.42
C ASP A 91 -15.70 8.40 4.85
N GLY A 92 -14.39 8.55 5.02
CA GLY A 92 -13.83 8.85 6.33
C GLY A 92 -13.41 7.61 7.12
N VAL A 93 -13.94 6.45 6.73
CA VAL A 93 -13.61 5.21 7.44
C VAL A 93 -12.31 4.60 6.93
N THR A 94 -11.31 4.50 7.80
CA THR A 94 -10.03 3.93 7.44
C THR A 94 -9.95 2.44 7.78
N ASN A 95 -9.79 1.61 6.77
CA ASN A 95 -9.69 0.17 6.97
C ASN A 95 -8.29 -0.33 6.60
N TRP A 96 -7.77 -1.28 7.37
CA TRP A 96 -6.45 -1.85 7.08
C TRP A 96 -6.45 -2.50 5.70
N GLY A 97 -7.53 -3.23 5.38
CA GLY A 97 -7.64 -3.87 4.09
C GLY A 97 -7.61 -2.85 2.95
N ARG A 98 -8.17 -1.67 3.22
CA ARG A 98 -8.18 -0.58 2.25
C ARG A 98 -6.76 -0.06 2.05
N ILE A 99 -6.10 0.26 3.17
CA ILE A 99 -4.73 0.77 3.15
C ILE A 99 -3.80 -0.20 2.42
N VAL A 100 -3.89 -1.49 2.77
CA VAL A 100 -3.07 -2.50 2.13
C VAL A 100 -3.41 -2.64 0.64
N THR A 101 -4.68 -2.42 0.29
CA THR A 101 -5.12 -2.49 -1.10
C THR A 101 -4.41 -1.42 -1.94
N LEU A 102 -4.34 -0.19 -1.40
CA LEU A 102 -3.67 0.91 -2.10
C LEU A 102 -2.18 0.57 -2.28
N ILE A 103 -1.59 0.00 -1.24
CA ILE A 103 -0.19 -0.41 -1.29
C ILE A 103 -0.01 -1.55 -2.30
N SER A 104 -0.97 -2.47 -2.32
CA SER A 104 -0.95 -3.59 -3.26
C SER A 104 -1.03 -3.06 -4.68
N PHE A 105 -1.90 -2.05 -4.87
CA PHE A 105 -2.04 -1.41 -6.17
C PHE A 105 -0.72 -0.76 -6.54
N GLY A 106 -0.09 -0.11 -5.56
CA GLY A 106 1.22 0.50 -5.79
C GLY A 106 2.22 -0.53 -6.28
N ALA A 107 2.27 -1.67 -5.60
CA ALA A 107 3.16 -2.76 -6.00
C ALA A 107 2.78 -3.31 -7.37
N PHE A 108 1.48 -3.34 -7.67
CA PHE A 108 1.00 -3.84 -8.97
C PHE A 108 1.34 -2.87 -10.10
N VAL A 109 1.15 -1.57 -9.88
CA VAL A 109 1.49 -0.56 -10.88
C VAL A 109 3.00 -0.50 -11.04
N ALA A 110 3.72 -0.72 -9.94
CA ALA A 110 5.18 -0.75 -9.97
C ALA A 110 5.64 -1.88 -10.88
N LYS A 111 4.90 -3.00 -10.86
CA LYS A 111 5.19 -4.14 -11.73
C LYS A 111 5.04 -3.73 -13.19
N HIS A 112 3.95 -3.01 -13.48
CA HIS A 112 3.67 -2.53 -14.84
C HIS A 112 4.79 -1.59 -15.31
N LEU A 113 5.31 -0.78 -14.39
CA LEU A 113 6.41 0.14 -14.70
C LEU A 113 7.73 -0.63 -14.86
N LYS A 114 8.01 -1.54 -13.93
CA LYS A 114 9.22 -2.33 -13.97
C LYS A 114 9.27 -3.20 -15.24
N SER A 115 8.10 -3.67 -15.67
CA SER A 115 8.00 -4.50 -16.87
C SER A 115 8.44 -3.73 -18.12
N VAL A 116 8.35 -2.40 -18.04
CA VAL A 116 8.76 -1.53 -19.15
C VAL A 116 9.96 -0.68 -18.75
N ASN A 117 10.67 -1.11 -17.69
CA ASN A 117 11.86 -0.42 -17.18
C ASN A 117 11.59 1.04 -16.78
N GLN A 118 10.56 1.27 -15.95
CA GLN A 118 10.23 2.62 -15.52
C GLN A 118 10.32 2.77 -13.99
N GLU A 119 11.28 2.09 -13.37
CA GLU A 119 11.48 2.18 -11.90
C GLU A 119 11.71 3.62 -11.44
N SER A 120 12.19 4.46 -12.36
CA SER A 120 12.42 5.87 -12.08
C SER A 120 11.11 6.57 -11.70
N PHE A 121 9.99 5.97 -12.10
CA PHE A 121 8.67 6.50 -11.78
C PHE A 121 8.11 5.83 -10.52
N ILE A 122 8.65 4.65 -10.18
CA ILE A 122 8.22 3.93 -8.99
C ILE A 122 8.63 4.70 -7.73
N GLU A 123 9.85 5.26 -7.75
CA GLU A 123 10.36 6.05 -6.62
C GLU A 123 9.37 7.17 -6.25
N PRO A 124 9.01 8.08 -7.20
CA PRO A 124 8.03 9.15 -6.93
C PRO A 124 6.66 8.58 -6.55
N LEU A 125 6.33 7.41 -7.09
CA LEU A 125 5.07 6.74 -6.78
C LEU A 125 5.02 6.39 -5.29
N ALA A 126 6.08 5.75 -4.80
CA ALA A 126 6.17 5.37 -3.39
C ALA A 126 6.01 6.59 -2.48
N GLU A 127 6.54 7.72 -2.94
CA GLU A 127 6.44 8.98 -2.19
C GLU A 127 5.02 9.53 -2.27
N THR A 128 4.48 9.62 -3.49
CA THR A 128 3.12 10.13 -3.70
C THR A 128 2.08 9.32 -2.94
N ILE A 129 2.19 7.98 -3.03
CA ILE A 129 1.25 7.11 -2.35
C ILE A 129 1.34 7.26 -0.83
N THR A 130 2.55 7.09 -0.29
CA THR A 130 2.78 7.22 1.15
C THR A 130 2.38 8.60 1.66
N ASP A 131 2.81 9.65 0.97
CA ASP A 131 2.49 11.03 1.34
C ASP A 131 0.99 11.22 1.56
N VAL A 132 0.19 10.94 0.53
CA VAL A 132 -1.25 11.10 0.63
C VAL A 132 -1.86 10.14 1.65
N LEU A 133 -1.37 8.91 1.69
CA LEU A 133 -1.89 7.90 2.62
C LEU A 133 -1.65 8.26 4.09
N VAL A 134 -0.44 8.68 4.42
CA VAL A 134 -0.08 9.05 5.79
C VAL A 134 -0.69 10.38 6.24
N ARG A 135 -0.56 11.41 5.40
CA ARG A 135 -1.09 12.74 5.74
C ARG A 135 -2.61 12.73 5.94
N THR A 136 -3.34 12.05 5.06
CA THR A 136 -4.81 11.99 5.17
C THR A 136 -5.26 11.17 6.38
N LYS A 137 -4.35 10.39 6.95
CA LYS A 137 -4.67 9.55 8.11
C LYS A 137 -3.69 9.76 9.26
N ARG A 138 -3.23 11.01 9.44
CA ARG A 138 -2.28 11.33 10.50
C ARG A 138 -2.75 10.86 11.89
N ASP A 139 -3.96 11.26 12.28
CA ASP A 139 -4.51 10.89 13.58
C ASP A 139 -4.78 9.39 13.67
N TRP A 140 -5.18 8.78 12.57
CA TRP A 140 -5.47 7.35 12.56
C TRP A 140 -4.17 6.55 12.70
N LEU A 141 -3.11 7.01 12.04
CA LEU A 141 -1.81 6.35 12.08
C LEU A 141 -1.20 6.42 13.49
N VAL A 142 -1.23 7.60 14.10
CA VAL A 142 -0.67 7.75 15.45
C VAL A 142 -1.48 6.96 16.49
N LYS A 143 -2.78 6.82 16.25
CA LYS A 143 -3.65 6.07 17.16
C LYS A 143 -3.42 4.56 17.08
N GLN A 144 -3.07 4.04 15.90
CA GLN A 144 -2.84 2.61 15.74
C GLN A 144 -1.35 2.24 15.73
N ARG A 145 -0.49 3.17 16.17
CA ARG A 145 0.97 2.93 16.22
C ARG A 145 1.55 2.64 14.84
N GLY A 146 0.85 3.11 13.80
CA GLY A 146 1.28 2.90 12.43
C GLY A 146 1.45 1.46 12.01
N TRP A 147 2.67 1.12 11.66
CA TRP A 147 3.01 -0.23 11.19
C TRP A 147 2.87 -1.28 12.29
N ASP A 148 3.16 -0.92 13.54
CA ASP A 148 3.05 -1.87 14.66
C ASP A 148 1.65 -2.51 14.69
N GLY A 149 0.62 -1.67 14.61
CA GLY A 149 -0.74 -2.17 14.61
C GLY A 149 -1.02 -2.99 13.36
N PHE A 150 -0.69 -2.42 12.20
CA PHE A 150 -0.89 -3.08 10.91
C PHE A 150 -0.23 -4.46 10.87
N VAL A 151 1.00 -4.54 11.37
CA VAL A 151 1.77 -5.79 11.38
C VAL A 151 1.12 -6.87 12.25
N GLU A 152 0.82 -6.55 13.50
CA GLU A 152 0.21 -7.51 14.40
C GLU A 152 -1.24 -7.81 14.02
N PHE A 153 -1.91 -6.85 13.38
CA PHE A 153 -3.30 -7.06 12.94
C PHE A 153 -3.35 -8.19 11.92
N PHE A 154 -2.41 -8.18 10.97
CA PHE A 154 -2.33 -9.21 9.95
C PHE A 154 -1.50 -10.40 10.44
N HIS A 155 -1.15 -10.37 11.73
CA HIS A 155 -0.39 -11.45 12.36
C HIS A 155 -1.32 -12.30 13.23
N VAL A 156 -2.17 -11.63 14.01
CA VAL A 156 -3.12 -12.30 14.88
C VAL A 156 -4.49 -11.61 14.80
N GLN A 157 -5.56 -12.41 14.72
CA GLN A 157 -6.92 -11.88 14.62
C GLN A 157 -7.42 -11.38 15.98
N ASP A 158 -6.79 -10.34 16.51
CA ASP A 158 -7.19 -9.78 17.79
C ASP A 158 -8.31 -8.76 17.60
N LEU A 159 -9.51 -9.14 18.01
CA LEU A 159 -10.68 -8.26 17.88
C LEU A 159 -11.10 -7.73 19.24
N GLU A 160 -10.76 -8.47 20.29
CA GLU A 160 -11.11 -8.09 21.65
C GLU A 160 -10.05 -7.17 22.29
N GLY A 161 -8.78 -7.40 21.96
CA GLY A 161 -7.72 -6.57 22.51
C GLY A 161 -6.85 -7.29 23.54
N GLY A 162 -5.76 -7.89 23.08
CA GLY A 162 -4.87 -8.60 23.98
C GLY A 162 -3.61 -7.82 24.35
N ALA B 1 -5.15 6.59 -23.43
CA ALA B 1 -6.63 6.66 -23.58
C ALA B 1 -7.28 7.22 -22.32
N GLU B 2 -8.58 7.01 -22.16
CA GLU B 2 -9.30 7.50 -20.98
C GLU B 2 -9.10 6.58 -19.78
N LEU B 3 -9.39 7.09 -18.59
CA LEU B 3 -9.24 6.31 -17.36
C LEU B 3 -10.61 5.97 -16.74
N PRO B 4 -11.01 4.68 -16.82
CA PRO B 4 -12.30 4.22 -16.28
C PRO B 4 -12.39 4.33 -14.76
N PRO B 5 -13.48 4.93 -14.24
CA PRO B 5 -13.69 5.12 -12.78
C PRO B 5 -13.76 3.81 -11.99
N GLU B 6 -13.55 2.68 -12.65
CA GLU B 6 -13.59 1.39 -11.97
C GLU B 6 -12.35 1.16 -11.10
N PHE B 7 -11.27 1.92 -11.32
CA PHE B 7 -10.06 1.75 -10.50
C PHE B 7 -10.30 2.20 -9.06
N ALA B 8 -11.02 3.31 -8.90
CA ALA B 8 -11.34 3.85 -7.59
C ALA B 8 -12.35 2.95 -6.89
N ALA B 9 -13.30 2.46 -7.68
CA ALA B 9 -14.32 1.56 -7.19
C ALA B 9 -13.67 0.24 -6.76
N GLN B 10 -12.80 -0.29 -7.61
CA GLN B 10 -12.11 -1.55 -7.33
C GLN B 10 -11.30 -1.46 -6.05
N LEU B 11 -10.43 -0.45 -5.95
CA LEU B 11 -9.59 -0.27 -4.76
C LEU B 11 -10.46 -0.19 -3.50
N ARG B 12 -11.63 0.43 -3.62
CA ARG B 12 -12.55 0.53 -2.49
C ARG B 12 -13.17 -0.85 -2.19
N LYS B 13 -13.74 -1.49 -3.23
CA LYS B 13 -14.34 -2.82 -3.09
C LYS B 13 -13.35 -3.80 -2.47
N ILE B 14 -12.14 -3.80 -3.01
CA ILE B 14 -11.06 -4.67 -2.54
C ILE B 14 -10.69 -4.32 -1.11
N GLY B 15 -10.54 -3.02 -0.83
CA GLY B 15 -10.18 -2.58 0.51
C GLY B 15 -11.17 -3.04 1.56
N ASP B 16 -12.46 -2.81 1.30
CA ASP B 16 -13.51 -3.23 2.24
C ASP B 16 -13.50 -4.75 2.40
N LYS B 17 -13.35 -5.45 1.29
CA LYS B 17 -13.31 -6.91 1.29
C LYS B 17 -12.12 -7.45 2.10
N VAL B 18 -10.92 -7.05 1.71
CA VAL B 18 -9.69 -7.48 2.38
C VAL B 18 -9.75 -7.20 3.89
N TYR B 19 -10.22 -6.00 4.24
CA TYR B 19 -10.35 -5.62 5.65
C TYR B 19 -11.23 -6.62 6.39
N CYS B 20 -12.34 -7.00 5.77
CA CYS B 20 -13.26 -7.96 6.38
C CYS B 20 -12.65 -9.36 6.47
N THR B 21 -11.94 -9.76 5.41
CA THR B 21 -11.29 -11.08 5.34
C THR B 21 -10.28 -11.31 6.46
N TRP B 22 -9.48 -10.29 6.79
CA TRP B 22 -8.47 -10.42 7.84
C TRP B 22 -9.04 -10.21 9.25
N SER B 23 -9.98 -9.29 9.38
CA SER B 23 -10.62 -9.03 10.68
C SER B 23 -11.55 -10.18 11.07
N ALA B 24 -12.60 -10.38 10.28
CA ALA B 24 -13.56 -11.45 10.53
C ALA B 24 -13.15 -12.73 9.81
N PRO B 25 -13.26 -13.89 10.48
CA PRO B 25 -12.91 -15.20 9.88
C PRO B 25 -13.92 -15.64 8.82
N ASP B 26 -14.12 -14.80 7.81
CA ASP B 26 -15.05 -15.10 6.72
C ASP B 26 -14.51 -14.53 5.39
N MET B 27 -15.40 -14.18 4.47
CA MET B 27 -14.99 -13.64 3.17
C MET B 27 -14.89 -12.10 3.21
N GLY A 1 9.44 14.47 14.44
CA GLY A 1 10.55 15.17 15.13
C GLY A 1 10.76 16.60 14.63
N PRO A 2 11.61 16.79 13.60
CA PRO A 2 11.90 18.12 13.02
C PRO A 2 10.67 18.82 12.45
N LEU A 3 9.80 18.06 11.77
CA LEU A 3 8.59 18.63 11.19
C LEU A 3 7.45 18.66 12.20
N GLY A 4 6.99 17.48 12.60
CA GLY A 4 5.92 17.38 13.57
C GLY A 4 5.96 16.05 14.30
N SER A 5 4.80 15.43 14.47
CA SER A 5 4.71 14.14 15.14
C SER A 5 4.25 13.04 14.19
N GLU A 6 4.64 13.16 12.92
CA GLU A 6 4.28 12.17 11.91
C GLU A 6 5.48 11.78 11.04
N ASP A 7 6.44 12.69 10.87
CA ASP A 7 7.62 12.41 10.05
C ASP A 7 8.41 11.22 10.61
N ASP A 8 8.33 11.02 11.91
CA ASP A 8 9.01 9.91 12.59
C ASP A 8 8.47 8.58 12.07
N LEU A 9 7.14 8.50 11.94
CA LEU A 9 6.51 7.29 11.41
C LEU A 9 6.66 7.25 9.90
N TYR A 10 6.59 8.44 9.30
CA TYR A 10 6.72 8.62 7.85
C TYR A 10 8.07 8.10 7.34
N ARG A 11 9.13 8.31 8.11
CA ARG A 11 10.47 7.84 7.74
C ARG A 11 10.46 6.33 7.49
N GLN A 12 9.95 5.59 8.48
CA GLN A 12 9.85 4.14 8.37
C GLN A 12 8.82 3.74 7.33
N SER A 13 7.73 4.51 7.27
CA SER A 13 6.66 4.26 6.30
C SER A 13 7.21 4.30 4.87
N LEU A 14 7.94 5.37 4.57
CA LEU A 14 8.55 5.55 3.26
C LEU A 14 9.50 4.40 2.95
N GLU A 15 10.35 4.05 3.92
CA GLU A 15 11.31 2.96 3.75
C GLU A 15 10.62 1.63 3.48
N ILE A 16 9.65 1.28 4.33
CA ILE A 16 8.91 0.02 4.18
C ILE A 16 8.20 -0.04 2.83
N ILE A 17 7.43 1.00 2.51
CA ILE A 17 6.71 1.06 1.23
C ILE A 17 7.69 1.05 0.04
N SER A 18 8.71 1.88 0.09
CA SER A 18 9.72 1.95 -0.99
C SER A 18 10.37 0.59 -1.21
N ARG A 19 10.71 -0.11 -0.13
CA ARG A 19 11.33 -1.42 -0.25
C ARG A 19 10.33 -2.48 -0.72
N TYR A 20 9.08 -2.37 -0.26
CA TYR A 20 8.05 -3.31 -0.65
C TYR A 20 7.72 -3.21 -2.15
N LEU A 21 7.42 -2.00 -2.60
CA LEU A 21 7.09 -1.78 -4.01
C LEU A 21 8.26 -2.15 -4.91
N ARG A 22 9.47 -1.79 -4.49
CA ARG A 22 10.68 -2.11 -5.27
C ARG A 22 10.85 -3.62 -5.38
N GLU A 23 10.65 -4.33 -4.27
CA GLU A 23 10.76 -5.78 -4.26
C GLU A 23 9.73 -6.40 -5.21
N GLN A 24 8.48 -5.93 -5.10
CA GLN A 24 7.40 -6.39 -5.95
C GLN A 24 7.68 -6.10 -7.43
N ALA A 25 8.17 -4.89 -7.70
CA ALA A 25 8.46 -4.48 -9.08
C ALA A 25 9.67 -5.21 -9.66
N THR A 26 10.75 -5.33 -8.89
CA THR A 26 11.95 -6.02 -9.38
C THR A 26 11.70 -7.51 -9.57
N GLY A 27 10.74 -8.06 -8.82
CA GLY A 27 10.41 -9.48 -8.95
C GLY A 27 11.37 -10.36 -8.17
N SER A 28 11.91 -9.80 -7.08
CA SER A 28 12.86 -10.53 -6.25
C SER A 28 13.01 -9.82 -4.89
N LYS A 29 14.25 -9.74 -4.41
CA LYS A 29 14.53 -9.08 -3.13
C LYS A 29 15.59 -7.98 -3.29
N ASP A 30 15.25 -6.77 -2.84
CA ASP A 30 16.18 -5.65 -2.91
C ASP A 30 17.41 -5.92 -2.03
N SER A 31 18.59 -5.77 -2.62
CA SER A 31 19.84 -5.99 -1.89
C SER A 31 20.17 -4.83 -0.94
N LYS A 32 19.42 -3.73 -1.07
CA LYS A 32 19.63 -2.56 -0.21
C LYS A 32 18.61 -2.51 0.93
N PRO A 33 19.08 -2.29 2.17
CA PRO A 33 18.22 -2.21 3.35
C PRO A 33 17.20 -1.07 3.26
N LEU A 34 16.08 -1.21 3.95
CA LEU A 34 15.05 -0.17 3.92
C LEU A 34 15.34 0.91 4.96
N GLY A 35 16.28 1.80 4.60
CA GLY A 35 16.65 2.91 5.47
C GLY A 35 17.16 2.47 6.83
N GLU A 36 16.41 2.85 7.86
CA GLU A 36 16.79 2.51 9.23
C GLU A 36 15.65 1.77 9.95
N ALA A 37 14.55 1.57 9.23
CA ALA A 37 13.39 0.85 9.77
C ALA A 37 13.70 -0.64 9.96
N GLY A 38 14.39 -0.97 11.04
CA GLY A 38 14.75 -2.35 11.31
C GLY A 38 13.61 -3.19 11.89
N ALA A 39 13.25 -2.92 13.14
CA ALA A 39 12.19 -3.67 13.82
C ALA A 39 10.83 -3.48 13.16
N ALA A 40 10.41 -2.22 13.01
CA ALA A 40 9.14 -1.92 12.38
C ALA A 40 9.19 -2.26 10.89
N GLY A 41 10.36 -2.09 10.28
CA GLY A 41 10.53 -2.41 8.88
C GLY A 41 10.41 -3.90 8.61
N ARG A 42 11.00 -4.71 9.47
CA ARG A 42 10.95 -6.17 9.34
C ARG A 42 9.51 -6.69 9.44
N ARG A 43 8.83 -6.33 10.52
CA ARG A 43 7.44 -6.76 10.74
C ARG A 43 6.50 -6.22 9.66
N ALA A 44 6.67 -4.95 9.32
CA ALA A 44 5.82 -4.32 8.30
C ALA A 44 6.10 -4.83 6.89
N LEU A 45 7.37 -4.88 6.48
CA LEU A 45 7.70 -5.36 5.12
C LEU A 45 7.25 -6.81 4.91
N GLU A 46 7.47 -7.66 5.91
CA GLU A 46 7.07 -9.07 5.83
C GLU A 46 5.54 -9.20 5.71
N THR A 47 4.84 -8.46 6.55
CA THR A 47 3.38 -8.47 6.56
C THR A 47 2.82 -7.85 5.28
N LEU A 48 3.38 -6.70 4.90
CA LEU A 48 2.95 -5.97 3.71
C LEU A 48 3.12 -6.82 2.45
N ARG A 49 4.19 -7.60 2.41
CA ARG A 49 4.44 -8.47 1.27
C ARG A 49 3.44 -9.62 1.25
N ARG A 50 3.35 -10.35 2.36
CA ARG A 50 2.44 -11.49 2.50
C ARG A 50 0.97 -11.07 2.27
N VAL A 51 0.54 -10.00 2.93
CA VAL A 51 -0.83 -9.51 2.80
C VAL A 51 -1.07 -8.88 1.43
N GLY A 52 -0.15 -8.01 1.00
CA GLY A 52 -0.29 -7.37 -0.31
C GLY A 52 -0.41 -8.40 -1.41
N ASP A 53 0.44 -9.43 -1.33
CA ASP A 53 0.42 -10.53 -2.29
C ASP A 53 -0.96 -11.18 -2.31
N GLY A 54 -1.48 -11.50 -1.11
CA GLY A 54 -2.79 -12.11 -1.00
C GLY A 54 -3.90 -11.21 -1.53
N VAL A 55 -3.81 -9.92 -1.23
CA VAL A 55 -4.81 -8.93 -1.68
C VAL A 55 -4.91 -8.93 -3.21
N GLN A 56 -3.77 -8.79 -3.87
CA GLN A 56 -3.74 -8.77 -5.33
C GLN A 56 -4.00 -10.17 -5.92
N ARG A 57 -3.60 -11.21 -5.20
CA ARG A 57 -3.85 -12.58 -5.66
C ARG A 57 -5.35 -12.87 -5.63
N ASN A 58 -6.02 -12.36 -4.58
CA ASN A 58 -7.45 -12.52 -4.42
C ASN A 58 -8.22 -11.87 -5.57
N HIS A 59 -7.95 -10.59 -5.80
CA HIS A 59 -8.61 -9.85 -6.87
C HIS A 59 -7.68 -9.72 -8.09
N GLU A 60 -6.92 -10.77 -8.38
CA GLU A 60 -5.97 -10.78 -9.49
C GLU A 60 -6.60 -10.28 -10.80
N THR A 61 -7.78 -10.77 -11.13
CA THR A 61 -8.48 -10.36 -12.35
C THR A 61 -8.82 -8.87 -12.36
N ALA A 62 -9.27 -8.37 -11.21
CA ALA A 62 -9.64 -6.95 -11.08
C ALA A 62 -8.40 -6.05 -11.06
N PHE A 63 -7.41 -6.45 -10.24
CA PHE A 63 -6.17 -5.70 -10.13
C PHE A 63 -5.44 -5.67 -11.48
N GLN A 64 -5.38 -6.81 -12.15
CA GLN A 64 -4.74 -6.90 -13.47
C GLN A 64 -5.53 -6.12 -14.51
N GLY A 65 -6.86 -6.28 -14.51
CA GLY A 65 -7.70 -5.57 -15.47
C GLY A 65 -7.48 -4.07 -15.41
N MET A 66 -7.54 -3.51 -14.21
CA MET A 66 -7.32 -2.08 -14.01
C MET A 66 -5.87 -1.70 -14.37
N LEU A 67 -4.96 -2.65 -14.20
CA LEU A 67 -3.55 -2.43 -14.52
C LEU A 67 -3.31 -2.43 -16.04
N ARG A 68 -3.95 -3.36 -16.75
CA ARG A 68 -3.82 -3.43 -18.21
C ARG A 68 -4.33 -2.13 -18.84
N LYS A 69 -5.40 -1.58 -18.25
CA LYS A 69 -5.98 -0.33 -18.73
C LYS A 69 -5.45 0.86 -17.92
N LEU A 70 -4.41 0.62 -17.12
CA LEU A 70 -3.82 1.68 -16.30
C LEU A 70 -2.93 2.57 -17.17
N ASP A 71 -3.45 3.75 -17.49
CA ASP A 71 -2.74 4.70 -18.34
C ASP A 71 -1.70 5.53 -17.58
N ILE A 72 -1.08 4.93 -16.56
CA ILE A 72 -0.05 5.61 -15.79
C ILE A 72 1.30 5.56 -16.51
N LYS A 73 1.74 6.70 -17.07
CA LYS A 73 2.99 6.74 -17.80
C LYS A 73 3.75 8.08 -17.62
N ASN A 74 3.06 9.13 -17.19
CA ASN A 74 3.70 10.43 -17.00
C ASN A 74 3.77 10.84 -15.52
N GLU A 75 4.35 12.03 -15.27
CA GLU A 75 4.47 12.55 -13.91
C GLU A 75 3.10 12.92 -13.33
N GLY A 76 2.25 13.52 -14.18
CA GLY A 76 0.91 13.91 -13.75
C GLY A 76 0.08 12.74 -13.24
N ASP A 77 0.40 11.55 -13.72
CA ASP A 77 -0.32 10.32 -13.35
C ASP A 77 -0.26 10.05 -11.83
N VAL A 78 0.82 10.46 -11.17
CA VAL A 78 0.95 10.24 -9.72
C VAL A 78 -0.14 11.00 -8.95
N LYS A 79 -0.61 12.12 -9.52
CA LYS A 79 -1.67 12.91 -8.91
C LYS A 79 -3.00 12.17 -9.02
N SER A 80 -3.14 11.39 -10.09
CA SER A 80 -4.34 10.59 -10.31
C SER A 80 -4.41 9.51 -9.23
N PHE A 81 -3.27 8.87 -8.95
CA PHE A 81 -3.17 7.85 -7.92
C PHE A 81 -3.50 8.45 -6.56
N SER A 82 -3.07 9.70 -6.36
CA SER A 82 -3.34 10.43 -5.11
C SER A 82 -4.86 10.60 -4.93
N ARG A 83 -5.53 10.91 -6.04
CA ARG A 83 -6.99 11.08 -6.03
C ARG A 83 -7.68 9.74 -5.81
N VAL A 84 -7.20 8.70 -6.51
CA VAL A 84 -7.77 7.36 -6.36
C VAL A 84 -7.65 6.90 -4.91
N MET A 85 -6.47 7.07 -4.33
CA MET A 85 -6.22 6.71 -2.92
C MET A 85 -7.25 7.36 -2.00
N VAL A 86 -7.39 8.68 -2.09
CA VAL A 86 -8.34 9.42 -1.26
C VAL A 86 -9.78 8.93 -1.48
N HIS A 87 -10.17 8.74 -2.75
CA HIS A 87 -11.52 8.28 -3.09
C HIS A 87 -11.85 6.93 -2.41
N VAL A 88 -10.86 6.07 -2.24
CA VAL A 88 -11.09 4.76 -1.61
C VAL A 88 -11.69 4.93 -0.20
N PHE A 89 -11.34 6.01 0.49
CA PHE A 89 -11.84 6.28 1.83
C PHE A 89 -12.95 7.36 1.82
N LYS A 90 -13.63 7.49 0.68
CA LYS A 90 -14.70 8.50 0.50
C LYS A 90 -15.74 8.50 1.63
N ASP A 91 -16.07 7.33 2.18
CA ASP A 91 -17.06 7.24 3.26
C ASP A 91 -16.51 7.80 4.58
N GLY A 92 -15.20 7.95 4.65
CA GLY A 92 -14.57 8.45 5.86
C GLY A 92 -14.01 7.32 6.72
N VAL A 93 -14.50 6.10 6.48
CA VAL A 93 -14.04 4.94 7.23
C VAL A 93 -12.69 4.44 6.71
N THR A 94 -11.68 4.52 7.57
CA THR A 94 -10.34 4.09 7.19
C THR A 94 -10.10 2.62 7.51
N ASN A 95 -10.68 1.73 6.71
CA ASN A 95 -10.50 0.29 6.93
C ASN A 95 -9.04 -0.11 6.68
N TRP A 96 -8.48 -0.92 7.57
CA TRP A 96 -7.08 -1.36 7.42
C TRP A 96 -6.86 -2.05 6.08
N GLY A 97 -7.86 -2.82 5.64
CA GLY A 97 -7.78 -3.52 4.35
C GLY A 97 -7.72 -2.55 3.18
N ARG A 98 -8.25 -1.35 3.35
CA ARG A 98 -8.23 -0.35 2.29
C ARG A 98 -6.83 0.25 2.17
N ILE A 99 -6.23 0.59 3.31
CA ILE A 99 -4.88 1.15 3.34
C ILE A 99 -3.88 0.22 2.66
N VAL A 100 -3.94 -1.07 3.01
CA VAL A 100 -3.04 -2.05 2.41
C VAL A 100 -3.38 -2.26 0.92
N THR A 101 -4.66 -2.15 0.57
CA THR A 101 -5.07 -2.29 -0.84
C THR A 101 -4.43 -1.21 -1.70
N LEU A 102 -4.33 0.01 -1.16
CA LEU A 102 -3.70 1.12 -1.88
C LEU A 102 -2.22 0.82 -2.13
N ILE A 103 -1.60 0.12 -1.19
CA ILE A 103 -0.20 -0.27 -1.31
C ILE A 103 -0.07 -1.45 -2.28
N SER A 104 -1.02 -2.39 -2.18
CA SER A 104 -1.04 -3.55 -3.08
C SER A 104 -1.18 -3.08 -4.52
N PHE A 105 -2.08 -2.13 -4.74
CA PHE A 105 -2.30 -1.55 -6.06
C PHE A 105 -1.04 -0.76 -6.46
N GLY A 106 -0.52 0.03 -5.51
CA GLY A 106 0.70 0.80 -5.78
C GLY A 106 1.82 -0.12 -6.25
N ALA A 107 1.95 -1.26 -5.58
CA ALA A 107 2.94 -2.26 -5.95
C ALA A 107 2.68 -2.77 -7.36
N PHE A 108 1.41 -3.10 -7.66
CA PHE A 108 1.03 -3.57 -8.99
C PHE A 108 1.41 -2.53 -10.06
N VAL A 109 1.16 -1.25 -9.74
CA VAL A 109 1.51 -0.16 -10.65
C VAL A 109 3.03 -0.12 -10.86
N ALA A 110 3.79 -0.26 -9.77
CA ALA A 110 5.24 -0.29 -9.84
C ALA A 110 5.69 -1.45 -10.73
N LYS A 111 5.04 -2.60 -10.56
CA LYS A 111 5.34 -3.78 -11.38
C LYS A 111 5.04 -3.49 -12.84
N HIS A 112 3.93 -2.77 -13.09
CA HIS A 112 3.54 -2.39 -14.45
C HIS A 112 4.56 -1.42 -15.04
N LEU A 113 4.98 -0.44 -14.23
CA LEU A 113 5.98 0.54 -14.67
C LEU A 113 7.32 -0.14 -14.92
N LYS A 114 7.68 -1.10 -14.07
CA LYS A 114 8.93 -1.84 -14.24
C LYS A 114 8.84 -2.74 -15.48
N SER A 115 7.63 -3.21 -15.78
CA SER A 115 7.39 -4.07 -16.95
C SER A 115 7.79 -3.33 -18.23
N VAL A 116 7.58 -2.01 -18.23
CA VAL A 116 7.93 -1.19 -19.39
C VAL A 116 9.24 -0.43 -19.15
N ASN A 117 10.00 -0.87 -18.14
CA ASN A 117 11.29 -0.28 -17.78
C ASN A 117 11.19 1.23 -17.49
N GLN A 118 10.21 1.61 -16.68
CA GLN A 118 10.03 3.02 -16.32
C GLN A 118 10.19 3.24 -14.80
N GLU A 119 11.14 2.51 -14.20
CA GLU A 119 11.42 2.60 -12.76
C GLU A 119 11.65 4.05 -12.28
N SER A 120 12.10 4.92 -13.18
CA SER A 120 12.33 6.33 -12.85
C SER A 120 11.05 7.01 -12.36
N PHE A 121 9.90 6.48 -12.80
CA PHE A 121 8.61 7.02 -12.39
C PHE A 121 8.12 6.34 -11.10
N ILE A 122 8.68 5.17 -10.81
CA ILE A 122 8.33 4.40 -9.60
C ILE A 122 8.82 5.13 -8.34
N GLU A 123 10.04 5.66 -8.39
CA GLU A 123 10.61 6.39 -7.25
C GLU A 123 9.68 7.52 -6.78
N PRO A 124 9.30 8.48 -7.66
CA PRO A 124 8.39 9.57 -7.29
C PRO A 124 7.00 9.06 -6.93
N LEU A 125 6.57 7.99 -7.62
CA LEU A 125 5.26 7.39 -7.36
C LEU A 125 5.22 6.83 -5.93
N ALA A 126 6.31 6.18 -5.52
CA ALA A 126 6.41 5.62 -4.17
C ALA A 126 6.25 6.72 -3.12
N GLU A 127 7.01 7.81 -3.29
CA GLU A 127 6.93 8.95 -2.38
C GLU A 127 5.55 9.58 -2.42
N THR A 128 4.99 9.70 -3.63
CA THR A 128 3.65 10.27 -3.81
C THR A 128 2.63 9.42 -3.05
N ILE A 129 2.68 8.11 -3.24
CA ILE A 129 1.78 7.20 -2.55
C ILE A 129 1.98 7.28 -1.03
N THR A 130 3.23 7.17 -0.60
CA THR A 130 3.57 7.21 0.83
C THR A 130 3.13 8.50 1.52
N ASP A 131 3.54 9.66 0.98
CA ASP A 131 3.18 10.94 1.59
C ASP A 131 1.67 11.10 1.69
N VAL A 132 0.97 10.96 0.57
CA VAL A 132 -0.49 11.10 0.55
C VAL A 132 -1.15 10.08 1.49
N LEU A 133 -0.57 8.88 1.60
CA LEU A 133 -1.11 7.84 2.46
C LEU A 133 -1.04 8.24 3.94
N VAL A 134 0.12 8.72 4.38
CA VAL A 134 0.31 9.12 5.77
C VAL A 134 -0.30 10.50 6.07
N ARG A 135 -0.20 11.41 5.10
CA ARG A 135 -0.73 12.77 5.25
C ARG A 135 -2.26 12.78 5.38
N THR A 136 -2.95 11.90 4.66
CA THR A 136 -4.42 11.83 4.72
C THR A 136 -4.90 11.20 6.04
N LYS A 137 -4.37 10.04 6.37
CA LYS A 137 -4.73 9.35 7.61
C LYS A 137 -3.83 9.81 8.77
N ARG A 138 -3.57 11.11 8.84
CA ARG A 138 -2.70 11.70 9.85
C ARG A 138 -3.02 11.24 11.28
N ASP A 139 -4.22 11.55 11.77
CA ASP A 139 -4.61 11.18 13.12
C ASP A 139 -4.85 9.68 13.24
N TRP A 140 -5.33 9.06 12.17
CA TRP A 140 -5.61 7.63 12.18
C TRP A 140 -4.32 6.82 12.28
N LEU A 141 -3.34 7.15 11.43
CA LEU A 141 -2.06 6.43 11.42
C LEU A 141 -1.31 6.59 12.75
N VAL A 142 -1.32 7.80 13.31
CA VAL A 142 -0.61 8.03 14.58
C VAL A 142 -1.33 7.34 15.76
N LYS A 143 -2.67 7.34 15.75
CA LYS A 143 -3.45 6.71 16.82
C LYS A 143 -3.40 5.19 16.75
N GLN A 144 -3.30 4.64 15.54
CA GLN A 144 -3.27 3.18 15.35
C GLN A 144 -1.85 2.60 15.49
N ARG A 145 -0.94 3.37 16.10
CA ARG A 145 0.46 2.95 16.32
C ARG A 145 1.19 2.64 15.00
N GLY A 146 0.65 3.14 13.90
CA GLY A 146 1.26 2.94 12.59
C GLY A 146 1.32 1.49 12.14
N TRP A 147 2.47 1.12 11.57
CA TRP A 147 2.71 -0.23 11.06
C TRP A 147 2.55 -1.30 12.13
N ASP A 148 2.82 -0.95 13.38
CA ASP A 148 2.66 -1.90 14.48
C ASP A 148 1.22 -2.40 14.55
N GLY A 149 0.26 -1.47 14.51
CA GLY A 149 -1.15 -1.85 14.54
C GLY A 149 -1.53 -2.62 13.27
N PHE A 150 -0.94 -2.21 12.15
CA PHE A 150 -1.19 -2.84 10.86
C PHE A 150 -0.81 -4.33 10.91
N VAL A 151 0.38 -4.63 11.44
CA VAL A 151 0.84 -6.02 11.52
C VAL A 151 0.07 -6.80 12.59
N GLU A 152 -0.50 -6.11 13.56
CA GLU A 152 -1.29 -6.78 14.61
C GLU A 152 -2.55 -7.42 14.01
N PHE A 153 -3.29 -6.63 13.25
CA PHE A 153 -4.51 -7.11 12.61
C PHE A 153 -4.23 -7.98 11.38
N PHE A 154 -3.08 -7.80 10.75
CA PHE A 154 -2.75 -8.55 9.53
C PHE A 154 -1.65 -9.61 9.70
N HIS A 155 -1.16 -9.86 10.91
CA HIS A 155 -0.09 -10.87 11.07
C HIS A 155 0.04 -11.38 12.50
N VAL A 156 0.32 -10.46 13.43
CA VAL A 156 0.50 -10.83 14.84
C VAL A 156 -0.83 -10.76 15.60
N GLN A 157 -1.71 -11.71 15.35
CA GLN A 157 -3.02 -11.73 16.00
C GLN A 157 -2.98 -12.51 17.32
N ASP A 158 -1.80 -12.98 17.71
CA ASP A 158 -1.63 -13.75 18.95
C ASP A 158 -1.15 -12.86 20.10
N LEU A 159 -1.59 -11.62 20.13
CA LEU A 159 -1.19 -10.68 21.18
C LEU A 159 -2.30 -10.54 22.23
N GLU A 160 -3.33 -11.37 22.10
CA GLU A 160 -4.46 -11.35 23.03
C GLU A 160 -4.52 -12.63 23.87
N GLY A 161 -4.55 -13.78 23.20
CA GLY A 161 -4.59 -15.06 23.90
C GLY A 161 -3.23 -15.75 23.96
N GLY A 162 -2.49 -15.50 25.03
CA GLY A 162 -1.18 -16.11 25.17
C GLY A 162 -0.76 -16.26 26.63
N ALA B 1 -10.83 10.45 -20.88
CA ALA B 1 -11.82 9.32 -20.82
C ALA B 1 -11.18 8.00 -21.23
N GLU B 2 -9.90 7.85 -20.87
CA GLU B 2 -9.14 6.65 -21.19
C GLU B 2 -9.08 5.70 -19.99
N LEU B 3 -9.00 6.26 -18.79
CA LEU B 3 -8.92 5.48 -17.57
C LEU B 3 -10.31 5.28 -16.95
N PRO B 4 -10.68 4.02 -16.65
CA PRO B 4 -11.97 3.70 -16.05
C PRO B 4 -12.07 4.14 -14.59
N PRO B 5 -13.04 5.01 -14.25
CA PRO B 5 -13.22 5.53 -12.88
C PRO B 5 -13.51 4.43 -11.85
N GLU B 6 -13.81 3.22 -12.34
CA GLU B 6 -14.11 2.09 -11.47
C GLU B 6 -12.90 1.65 -10.65
N PHE B 7 -11.68 2.10 -10.99
CA PHE B 7 -10.49 1.71 -10.24
C PHE B 7 -10.58 2.13 -8.76
N ALA B 8 -11.25 3.26 -8.50
CA ALA B 8 -11.39 3.75 -7.14
C ALA B 8 -12.40 2.92 -6.36
N ALA B 9 -13.56 2.69 -6.97
CA ALA B 9 -14.60 1.88 -6.36
C ALA B 9 -14.14 0.44 -6.18
N GLN B 10 -13.38 -0.06 -7.15
CA GLN B 10 -12.85 -1.42 -7.08
C GLN B 10 -11.91 -1.56 -5.89
N LEU B 11 -10.98 -0.61 -5.74
CA LEU B 11 -10.06 -0.64 -4.60
C LEU B 11 -10.84 -0.59 -3.30
N ARG B 12 -11.99 0.10 -3.32
CA ARG B 12 -12.87 0.18 -2.15
C ARG B 12 -13.43 -1.21 -1.83
N LYS B 13 -14.06 -1.81 -2.84
CA LYS B 13 -14.63 -3.16 -2.70
C LYS B 13 -13.55 -4.14 -2.24
N ILE B 14 -12.38 -4.06 -2.89
CA ILE B 14 -11.25 -4.91 -2.57
C ILE B 14 -10.78 -4.71 -1.13
N GLY B 15 -10.54 -3.45 -0.75
CA GLY B 15 -10.10 -3.14 0.59
C GLY B 15 -11.07 -3.64 1.66
N ASP B 16 -12.36 -3.43 1.44
CA ASP B 16 -13.37 -3.87 2.39
C ASP B 16 -13.46 -5.39 2.43
N LYS B 17 -13.38 -6.04 1.28
CA LYS B 17 -13.42 -7.50 1.22
C LYS B 17 -12.15 -8.09 1.85
N VAL B 18 -11.02 -7.45 1.58
CA VAL B 18 -9.72 -7.87 2.11
C VAL B 18 -9.69 -7.81 3.65
N TYR B 19 -10.05 -6.65 4.20
CA TYR B 19 -10.06 -6.49 5.67
C TYR B 19 -10.99 -7.54 6.30
N CYS B 20 -12.15 -7.78 5.67
CA CYS B 20 -13.10 -8.78 6.17
C CYS B 20 -12.55 -10.20 6.04
N THR B 21 -11.65 -10.39 5.08
CA THR B 21 -11.04 -11.71 4.85
C THR B 21 -9.94 -12.01 5.86
N TRP B 22 -9.06 -11.03 6.10
CA TRP B 22 -7.94 -11.21 7.03
C TRP B 22 -8.40 -11.14 8.50
N SER B 23 -9.63 -10.66 8.73
CA SER B 23 -10.18 -10.57 10.08
C SER B 23 -10.29 -11.95 10.76
N ALA B 24 -10.52 -12.99 9.97
CA ALA B 24 -10.65 -14.35 10.50
C ALA B 24 -9.30 -15.08 10.55
N PRO B 25 -8.86 -15.46 11.76
CA PRO B 25 -7.59 -16.18 11.94
C PRO B 25 -7.75 -17.70 11.80
N ASP B 26 -6.79 -18.44 12.33
CA ASP B 26 -6.85 -19.91 12.28
C ASP B 26 -7.59 -20.46 13.49
N MET B 27 -7.15 -20.06 14.68
CA MET B 27 -7.78 -20.49 15.93
C MET B 27 -8.81 -19.46 16.41
N GLY A 1 8.49 13.00 15.46
CA GLY A 1 9.72 13.08 16.30
C GLY A 1 10.23 14.51 16.45
N PRO A 2 11.52 14.75 16.15
CA PRO A 2 12.13 16.09 16.27
C PRO A 2 11.65 17.08 15.21
N LEU A 3 11.16 16.57 14.08
CA LEU A 3 10.69 17.44 12.99
C LEU A 3 9.34 18.09 13.34
N GLY A 4 8.43 17.31 13.92
CA GLY A 4 7.13 17.82 14.29
C GLY A 4 6.01 17.12 13.55
N SER A 5 5.97 17.33 12.23
CA SER A 5 4.95 16.69 11.40
C SER A 5 5.33 15.22 11.19
N GLU A 6 4.75 14.36 12.06
CA GLU A 6 4.98 12.89 12.12
C GLU A 6 6.05 12.37 11.15
N ASP A 7 7.30 12.71 11.45
CA ASP A 7 8.45 12.29 10.65
C ASP A 7 8.71 10.80 10.83
N ASP A 8 8.50 10.32 12.06
CA ASP A 8 8.69 8.90 12.40
C ASP A 8 7.78 8.01 11.53
N LEU A 9 6.47 8.27 11.60
CA LEU A 9 5.50 7.51 10.81
C LEU A 9 5.74 7.71 9.31
N TYR A 10 6.15 8.92 8.92
CA TYR A 10 6.41 9.22 7.52
C TYR A 10 7.65 8.47 7.01
N ARG A 11 8.73 8.50 7.79
CA ARG A 11 9.97 7.80 7.40
C ARG A 11 9.74 6.30 7.29
N GLN A 12 9.07 5.72 8.30
CA GLN A 12 8.77 4.28 8.29
C GLN A 12 7.97 3.92 7.05
N SER A 13 6.98 4.75 6.73
CA SER A 13 6.13 4.53 5.57
C SER A 13 6.95 4.54 4.29
N LEU A 14 7.70 5.61 4.07
CA LEU A 14 8.55 5.73 2.88
C LEU A 14 9.56 4.57 2.79
N GLU A 15 10.24 4.28 3.90
CA GLU A 15 11.23 3.20 3.96
C GLU A 15 10.61 1.84 3.64
N ILE A 16 9.52 1.50 4.35
CA ILE A 16 8.85 0.20 4.17
C ILE A 16 8.10 0.10 2.84
N ILE A 17 7.29 1.12 2.51
CA ILE A 17 6.51 1.11 1.27
C ILE A 17 7.41 1.00 0.04
N SER A 18 8.43 1.85 -0.05
CA SER A 18 9.36 1.82 -1.19
C SER A 18 10.08 0.47 -1.25
N ARG A 19 10.50 -0.04 -0.10
CA ARG A 19 11.21 -1.31 -0.05
C ARG A 19 10.33 -2.46 -0.58
N TYR A 20 9.09 -2.54 -0.11
CA TYR A 20 8.18 -3.59 -0.54
C TYR A 20 7.83 -3.49 -2.02
N LEU A 21 7.40 -2.30 -2.46
CA LEU A 21 7.01 -2.10 -3.86
C LEU A 21 8.16 -2.41 -4.80
N ARG A 22 9.36 -1.93 -4.48
CA ARG A 22 10.53 -2.17 -5.33
C ARG A 22 10.97 -3.63 -5.27
N GLU A 23 10.98 -4.22 -4.08
CA GLU A 23 11.38 -5.63 -3.93
C GLU A 23 10.45 -6.52 -4.77
N GLN A 24 9.15 -6.24 -4.65
CA GLN A 24 8.13 -6.98 -5.40
C GLN A 24 8.25 -6.75 -6.91
N ALA A 25 8.33 -5.48 -7.31
CA ALA A 25 8.42 -5.12 -8.73
C ALA A 25 9.69 -5.63 -9.39
N THR A 26 10.78 -5.73 -8.63
CA THR A 26 12.06 -6.19 -9.17
C THR A 26 12.16 -7.72 -9.17
N GLY A 27 11.73 -8.35 -8.08
CA GLY A 27 11.83 -9.80 -7.98
C GLY A 27 13.20 -10.25 -7.51
N SER A 28 13.98 -9.28 -7.02
CA SER A 28 15.33 -9.54 -6.52
C SER A 28 15.35 -9.65 -4.99
N LYS A 29 16.51 -9.46 -4.38
CA LYS A 29 16.63 -9.53 -2.92
C LYS A 29 17.32 -8.29 -2.36
N ASP A 30 17.16 -8.08 -1.05
CA ASP A 30 17.76 -6.90 -0.40
C ASP A 30 18.53 -7.31 0.87
N SER A 31 19.84 -7.06 0.87
CA SER A 31 20.69 -7.37 2.02
C SER A 31 21.07 -6.10 2.78
N LYS A 32 20.34 -5.02 2.51
CA LYS A 32 20.59 -3.74 3.14
C LYS A 32 19.52 -3.42 4.19
N PRO A 33 19.94 -3.07 5.42
CA PRO A 33 19.01 -2.74 6.52
C PRO A 33 18.20 -1.46 6.28
N LEU A 34 17.38 -1.09 7.26
CA LEU A 34 16.56 0.11 7.15
C LEU A 34 17.11 1.25 8.03
N GLY A 35 16.38 2.35 8.15
CA GLY A 35 16.85 3.47 8.94
C GLY A 35 16.04 3.69 10.21
N GLU A 36 14.93 4.42 10.08
CA GLU A 36 14.08 4.72 11.24
C GLU A 36 13.07 3.59 11.50
N ALA A 37 13.00 2.65 10.57
CA ALA A 37 12.09 1.52 10.69
C ALA A 37 12.87 0.23 10.95
N GLY A 38 13.47 0.12 12.14
CA GLY A 38 14.25 -1.08 12.47
C GLY A 38 13.39 -2.30 12.77
N ALA A 39 12.70 -2.28 13.92
CA ALA A 39 11.84 -3.40 14.31
C ALA A 39 10.58 -3.44 13.46
N ALA A 40 9.97 -2.26 13.26
CA ALA A 40 8.76 -2.15 12.46
C ALA A 40 9.04 -2.43 10.97
N GLY A 41 10.29 -2.19 10.55
CA GLY A 41 10.65 -2.43 9.17
C GLY A 41 10.56 -3.90 8.80
N ARG A 42 11.22 -4.75 9.58
CA ARG A 42 11.17 -6.19 9.32
C ARG A 42 9.75 -6.72 9.48
N ARG A 43 9.08 -6.27 10.56
CA ARG A 43 7.70 -6.68 10.83
C ARG A 43 6.76 -6.27 9.68
N ALA A 44 6.88 -5.03 9.23
CA ALA A 44 6.04 -4.53 8.16
C ALA A 44 6.44 -5.11 6.81
N LEU A 45 7.73 -5.22 6.56
CA LEU A 45 8.21 -5.78 5.29
C LEU A 45 7.69 -7.19 5.08
N GLU A 46 7.76 -8.01 6.12
CA GLU A 46 7.30 -9.39 6.02
C GLU A 46 5.77 -9.48 6.10
N THR A 47 5.13 -8.70 6.97
CA THR A 47 3.67 -8.71 7.07
C THR A 47 3.05 -8.20 5.78
N LEU A 48 3.54 -7.06 5.29
CA LEU A 48 3.06 -6.47 4.06
C LEU A 48 3.38 -7.37 2.87
N ARG A 49 4.46 -8.13 2.97
CA ARG A 49 4.84 -9.07 1.92
C ARG A 49 3.75 -10.12 1.73
N ARG A 50 3.32 -10.72 2.84
CA ARG A 50 2.29 -11.75 2.80
C ARG A 50 0.91 -11.17 2.47
N VAL A 51 0.47 -10.18 3.25
CA VAL A 51 -0.85 -9.56 3.03
C VAL A 51 -0.93 -8.85 1.67
N GLY A 52 0.09 -8.06 1.36
CA GLY A 52 0.13 -7.33 0.11
C GLY A 52 0.12 -8.23 -1.10
N ASP A 53 0.92 -9.29 -1.09
CA ASP A 53 0.93 -10.22 -2.20
C ASP A 53 -0.33 -11.06 -2.20
N GLY A 54 -0.86 -11.33 -1.00
CA GLY A 54 -2.10 -12.07 -0.89
C GLY A 54 -3.21 -11.39 -1.66
N VAL A 55 -3.35 -10.08 -1.45
CA VAL A 55 -4.37 -9.29 -2.15
C VAL A 55 -4.05 -9.25 -3.66
N GLN A 56 -2.76 -9.16 -3.98
CA GLN A 56 -2.31 -9.12 -5.38
C GLN A 56 -2.69 -10.39 -6.15
N ARG A 57 -2.34 -11.55 -5.61
CA ARG A 57 -2.66 -12.82 -6.27
C ARG A 57 -4.15 -13.14 -6.15
N ASN A 58 -4.80 -12.65 -5.09
CA ASN A 58 -6.23 -12.88 -4.88
C ASN A 58 -7.05 -12.07 -5.88
N HIS A 59 -6.80 -10.76 -5.92
CA HIS A 59 -7.52 -9.88 -6.84
C HIS A 59 -6.67 -9.57 -8.07
N GLU A 60 -5.90 -10.56 -8.54
CA GLU A 60 -5.03 -10.41 -9.70
C GLU A 60 -5.80 -9.88 -10.92
N THR A 61 -6.96 -10.48 -11.18
CA THR A 61 -7.79 -10.08 -12.30
C THR A 61 -8.30 -8.64 -12.13
N ALA A 62 -8.57 -8.27 -10.88
CA ALA A 62 -9.03 -6.92 -10.59
C ALA A 62 -7.91 -5.92 -10.82
N PHE A 63 -6.70 -6.29 -10.38
CA PHE A 63 -5.53 -5.43 -10.57
C PHE A 63 -5.13 -5.40 -12.05
N GLN A 64 -5.30 -6.53 -12.73
CA GLN A 64 -5.01 -6.63 -14.16
C GLN A 64 -6.00 -5.75 -14.94
N GLY A 65 -7.27 -5.88 -14.58
CA GLY A 65 -8.30 -5.06 -15.20
C GLY A 65 -8.06 -3.60 -14.91
N MET A 66 -7.65 -3.31 -13.67
CA MET A 66 -7.34 -1.94 -13.26
C MET A 66 -6.20 -1.39 -14.11
N LEU A 67 -5.23 -2.25 -14.44
CA LEU A 67 -4.10 -1.84 -15.27
C LEU A 67 -4.58 -1.36 -16.65
N ARG A 68 -5.56 -2.09 -17.20
CA ARG A 68 -6.11 -1.74 -18.51
C ARG A 68 -6.96 -0.45 -18.44
N LYS A 69 -7.52 -0.19 -17.26
CA LYS A 69 -8.33 1.01 -17.06
C LYS A 69 -7.49 2.19 -16.56
N LEU A 70 -6.26 1.91 -16.18
CA LEU A 70 -5.34 2.94 -15.68
C LEU A 70 -4.35 3.39 -16.76
N ASP A 71 -4.46 4.64 -17.20
CA ASP A 71 -3.58 5.17 -18.23
C ASP A 71 -2.30 5.80 -17.64
N ILE A 72 -1.93 5.36 -16.44
CA ILE A 72 -0.73 5.89 -15.78
C ILE A 72 0.55 5.49 -16.53
N LYS A 73 1.32 6.49 -16.92
CA LYS A 73 2.55 6.27 -17.67
C LYS A 73 3.58 7.40 -17.50
N ASN A 74 3.15 8.58 -17.02
CA ASN A 74 4.07 9.71 -16.88
C ASN A 74 3.97 10.37 -15.49
N GLU A 75 4.76 11.41 -15.28
CA GLU A 75 4.80 12.14 -14.00
C GLU A 75 3.45 12.75 -13.62
N GLY A 76 2.74 13.32 -14.61
CA GLY A 76 1.45 13.94 -14.36
C GLY A 76 0.44 13.03 -13.68
N ASP A 77 0.61 11.74 -13.88
CA ASP A 77 -0.28 10.72 -13.31
C ASP A 77 -0.32 10.75 -11.76
N VAL A 78 0.76 11.19 -11.11
CA VAL A 78 0.82 11.22 -9.64
C VAL A 78 -0.36 12.00 -9.00
N LYS A 79 -0.88 13.02 -9.69
CA LYS A 79 -2.01 13.79 -9.15
C LYS A 79 -3.28 12.91 -9.11
N SER A 80 -3.41 12.02 -10.10
CA SER A 80 -4.54 11.12 -10.18
C SER A 80 -4.48 10.10 -9.05
N PHE A 81 -3.30 9.50 -8.86
CA PHE A 81 -3.10 8.50 -7.79
C PHE A 81 -3.47 9.10 -6.44
N SER A 82 -3.13 10.39 -6.27
CA SER A 82 -3.47 11.11 -5.04
C SER A 82 -4.98 11.11 -4.85
N ARG A 83 -5.71 11.46 -5.92
CA ARG A 83 -7.17 11.49 -5.89
C ARG A 83 -7.78 10.08 -5.76
N VAL A 84 -7.12 9.08 -6.36
CA VAL A 84 -7.62 7.70 -6.28
C VAL A 84 -7.74 7.26 -4.83
N MET A 85 -6.65 7.36 -4.08
CA MET A 85 -6.65 6.99 -2.67
C MET A 85 -7.69 7.79 -1.87
N VAL A 86 -7.75 9.10 -2.12
CA VAL A 86 -8.73 9.96 -1.44
C VAL A 86 -10.16 9.48 -1.71
N HIS A 87 -10.45 9.14 -2.97
CA HIS A 87 -11.78 8.65 -3.36
C HIS A 87 -12.15 7.36 -2.61
N VAL A 88 -11.17 6.49 -2.41
CA VAL A 88 -11.39 5.22 -1.68
C VAL A 88 -11.82 5.49 -0.24
N PHE A 89 -11.21 6.50 0.38
CA PHE A 89 -11.52 6.87 1.76
C PHE A 89 -12.48 8.06 1.82
N LYS A 90 -13.26 8.27 0.76
CA LYS A 90 -14.21 9.39 0.68
C LYS A 90 -15.29 9.29 1.77
N ASP A 91 -15.46 8.11 2.34
CA ASP A 91 -16.45 7.89 3.40
C ASP A 91 -15.90 8.31 4.77
N GLY A 92 -14.58 8.46 4.87
CA GLY A 92 -13.97 8.86 6.13
C GLY A 92 -13.57 7.71 7.02
N VAL A 93 -14.00 6.49 6.67
CA VAL A 93 -13.67 5.31 7.46
C VAL A 93 -12.40 4.62 6.95
N THR A 94 -11.38 4.56 7.79
CA THR A 94 -10.12 3.94 7.40
C THR A 94 -10.07 2.46 7.81
N ASN A 95 -9.92 1.58 6.84
CA ASN A 95 -9.81 0.15 7.11
C ASN A 95 -8.42 -0.36 6.74
N TRP A 96 -7.87 -1.26 7.54
CA TRP A 96 -6.54 -1.81 7.27
C TRP A 96 -6.49 -2.47 5.88
N GLY A 97 -7.53 -3.25 5.56
CA GLY A 97 -7.61 -3.90 4.26
C GLY A 97 -7.64 -2.90 3.11
N ARG A 98 -8.19 -1.71 3.38
CA ARG A 98 -8.25 -0.66 2.37
C ARG A 98 -6.85 -0.13 2.08
N ILE A 99 -6.11 0.14 3.15
CA ILE A 99 -4.74 0.64 3.04
C ILE A 99 -3.83 -0.37 2.34
N VAL A 100 -3.88 -1.62 2.78
CA VAL A 100 -3.04 -2.66 2.17
C VAL A 100 -3.44 -2.91 0.70
N THR A 101 -4.71 -2.66 0.38
CA THR A 101 -5.20 -2.82 -0.99
C THR A 101 -4.52 -1.80 -1.90
N LEU A 102 -4.38 -0.58 -1.41
CA LEU A 102 -3.72 0.48 -2.16
C LEU A 102 -2.24 0.14 -2.34
N ILE A 103 -1.63 -0.45 -1.31
CA ILE A 103 -0.23 -0.84 -1.38
C ILE A 103 -0.05 -2.00 -2.37
N SER A 104 -0.95 -2.98 -2.31
CA SER A 104 -0.89 -4.12 -3.22
C SER A 104 -1.16 -3.65 -4.66
N PHE A 105 -2.09 -2.70 -4.80
CA PHE A 105 -2.40 -2.10 -6.09
C PHE A 105 -1.14 -1.38 -6.59
N GLY A 106 -0.51 -0.64 -5.68
CA GLY A 106 0.72 0.07 -6.01
C GLY A 106 1.82 -0.90 -6.43
N ALA A 107 1.94 -2.02 -5.70
CA ALA A 107 2.93 -3.03 -6.05
C ALA A 107 2.66 -3.62 -7.43
N PHE A 108 1.37 -3.82 -7.74
CA PHE A 108 0.97 -4.35 -9.04
C PHE A 108 1.30 -3.37 -10.18
N VAL A 109 0.94 -2.11 -10.00
CA VAL A 109 1.24 -1.10 -11.03
C VAL A 109 2.75 -0.88 -11.13
N ALA A 110 3.46 -1.00 -10.00
CA ALA A 110 4.92 -0.88 -9.99
C ALA A 110 5.55 -1.99 -10.82
N LYS A 111 4.98 -3.19 -10.69
CA LYS A 111 5.43 -4.34 -11.47
C LYS A 111 5.19 -4.09 -12.96
N HIS A 112 4.05 -3.47 -13.28
CA HIS A 112 3.73 -3.11 -14.65
C HIS A 112 4.74 -2.09 -15.17
N LEU A 113 5.15 -1.19 -14.28
CA LEU A 113 6.14 -0.16 -14.63
C LEU A 113 7.51 -0.82 -14.83
N LYS A 114 7.85 -1.75 -13.93
CA LYS A 114 9.12 -2.46 -14.00
C LYS A 114 9.19 -3.32 -15.27
N SER A 115 8.03 -3.85 -15.68
CA SER A 115 7.94 -4.68 -16.90
C SER A 115 8.39 -3.90 -18.14
N VAL A 116 8.28 -2.58 -18.05
CA VAL A 116 8.70 -1.70 -19.15
C VAL A 116 9.85 -0.79 -18.70
N ASN A 117 10.49 -1.20 -17.59
CA ASN A 117 11.62 -0.48 -17.00
C ASN A 117 11.32 1.01 -16.74
N GLN A 118 10.17 1.29 -16.15
CA GLN A 118 9.80 2.67 -15.85
C GLN A 118 10.24 3.08 -14.45
N GLU A 119 11.44 2.63 -14.07
CA GLU A 119 12.04 2.94 -12.76
C GLU A 119 11.93 4.43 -12.42
N SER A 120 12.07 5.28 -13.43
CA SER A 120 11.99 6.73 -13.27
C SER A 120 10.67 7.15 -12.63
N PHE A 121 9.60 6.39 -12.85
CA PHE A 121 8.30 6.71 -12.26
C PHE A 121 8.06 5.96 -10.95
N ILE A 122 8.77 4.86 -10.74
CA ILE A 122 8.63 4.09 -9.51
C ILE A 122 9.07 4.92 -8.30
N GLU A 123 10.13 5.71 -8.49
CA GLU A 123 10.64 6.58 -7.43
C GLU A 123 9.57 7.59 -6.92
N PRO A 124 9.01 8.46 -7.80
CA PRO A 124 7.98 9.44 -7.40
C PRO A 124 6.66 8.78 -6.99
N LEU A 125 6.40 7.59 -7.51
CA LEU A 125 5.17 6.86 -7.19
C LEU A 125 5.15 6.48 -5.70
N ALA A 126 6.27 5.96 -5.21
CA ALA A 126 6.38 5.58 -3.80
C ALA A 126 6.19 6.79 -2.88
N GLU A 127 6.74 7.92 -3.29
CA GLU A 127 6.61 9.17 -2.53
C GLU A 127 5.16 9.67 -2.55
N THR A 128 4.56 9.67 -3.74
CA THR A 128 3.17 10.12 -3.92
C THR A 128 2.22 9.30 -3.05
N ILE A 129 2.35 7.97 -3.12
CA ILE A 129 1.52 7.09 -2.33
C ILE A 129 1.71 7.38 -0.84
N THR A 130 2.97 7.34 -0.40
CA THR A 130 3.33 7.59 0.99
C THR A 130 2.74 8.90 1.53
N ASP A 131 2.99 10.01 0.83
CA ASP A 131 2.48 11.31 1.27
C ASP A 131 0.96 11.32 1.37
N VAL A 132 0.27 11.03 0.27
CA VAL A 132 -1.19 11.02 0.26
C VAL A 132 -1.77 10.04 1.29
N LEU A 133 -1.16 8.86 1.39
CA LEU A 133 -1.61 7.83 2.34
C LEU A 133 -1.50 8.31 3.79
N VAL A 134 -0.35 8.87 4.16
CA VAL A 134 -0.14 9.33 5.53
C VAL A 134 -0.84 10.67 5.81
N ARG A 135 -0.70 11.63 4.90
CA ARG A 135 -1.32 12.96 5.08
C ARG A 135 -2.85 12.89 5.21
N THR A 136 -3.48 11.90 4.57
CA THR A 136 -4.95 11.77 4.64
C THR A 136 -5.43 11.00 5.88
N LYS A 137 -4.56 10.17 6.47
CA LYS A 137 -4.96 9.38 7.66
C LYS A 137 -3.86 9.32 8.73
N ARG A 138 -3.19 10.44 8.98
CA ARG A 138 -2.11 10.47 9.98
C ARG A 138 -2.62 10.17 11.40
N ASP A 139 -3.72 10.81 11.80
CA ASP A 139 -4.30 10.60 13.13
C ASP A 139 -4.73 9.14 13.32
N TRP A 140 -5.34 8.56 12.29
CA TRP A 140 -5.77 7.17 12.35
C TRP A 140 -4.57 6.25 12.48
N LEU A 141 -3.51 6.55 11.73
CA LEU A 141 -2.29 5.74 11.76
C LEU A 141 -1.58 5.82 13.12
N VAL A 142 -1.33 7.05 13.60
CA VAL A 142 -0.64 7.24 14.88
C VAL A 142 -1.41 6.60 16.05
N LYS A 143 -2.74 6.58 15.97
CA LYS A 143 -3.55 5.98 17.02
C LYS A 143 -3.40 4.45 17.03
N GLN A 144 -3.27 3.86 15.85
CA GLN A 144 -3.11 2.41 15.75
C GLN A 144 -1.64 2.02 15.81
N ARG A 145 -0.83 2.83 16.51
CA ARG A 145 0.61 2.57 16.66
C ARG A 145 1.34 2.52 15.31
N GLY A 146 0.74 3.15 14.29
CA GLY A 146 1.33 3.17 12.97
C GLY A 146 1.49 1.80 12.33
N TRP A 147 2.69 1.54 11.82
CA TRP A 147 2.98 0.27 11.17
C TRP A 147 2.91 -0.91 12.13
N ASP A 148 3.13 -0.66 13.43
CA ASP A 148 3.04 -1.71 14.43
C ASP A 148 1.60 -2.25 14.50
N GLY A 149 0.63 -1.36 14.35
CA GLY A 149 -0.76 -1.77 14.36
C GLY A 149 -1.09 -2.54 13.10
N PHE A 150 -0.50 -2.09 11.98
CA PHE A 150 -0.69 -2.75 10.69
C PHE A 150 -0.13 -4.17 10.70
N VAL A 151 1.08 -4.34 11.23
CA VAL A 151 1.71 -5.66 11.28
C VAL A 151 1.07 -6.58 12.33
N GLU A 152 0.49 -6.00 13.38
CA GLU A 152 -0.17 -6.77 14.43
C GLU A 152 -1.53 -7.27 13.98
N PHE A 153 -2.36 -6.36 13.45
CA PHE A 153 -3.70 -6.72 12.97
C PHE A 153 -3.63 -7.85 11.94
N PHE A 154 -2.75 -7.72 10.96
CA PHE A 154 -2.60 -8.73 9.92
C PHE A 154 -1.73 -9.92 10.39
N HIS A 155 -1.78 -10.22 11.68
CA HIS A 155 -1.00 -11.33 12.24
C HIS A 155 -1.81 -12.12 13.28
N VAL A 156 -2.47 -11.41 14.20
CA VAL A 156 -3.27 -12.06 15.25
C VAL A 156 -4.55 -12.69 14.68
N GLN A 157 -4.40 -13.70 13.84
CA GLN A 157 -5.55 -14.38 13.24
C GLN A 157 -5.80 -15.77 13.85
N ASP A 158 -5.35 -15.98 15.08
CA ASP A 158 -5.53 -17.26 15.77
C ASP A 158 -6.98 -17.43 16.23
N LEU A 159 -7.89 -17.62 15.27
CA LEU A 159 -9.30 -17.80 15.56
C LEU A 159 -9.60 -19.23 16.03
N GLU A 160 -8.85 -20.19 15.48
CA GLU A 160 -9.03 -21.60 15.83
C GLU A 160 -8.49 -21.90 17.24
N GLY A 161 -7.47 -21.15 17.65
CA GLY A 161 -6.88 -21.35 18.96
C GLY A 161 -7.36 -20.33 19.99
N GLY A 162 -8.62 -20.44 20.38
CA GLY A 162 -9.18 -19.51 21.37
C GLY A 162 -9.43 -20.16 22.72
N ALA B 1 -12.03 15.83 -17.61
CA ALA B 1 -12.67 14.49 -17.51
C ALA B 1 -12.00 13.50 -18.46
N GLU B 2 -10.93 12.88 -18.00
CA GLU B 2 -10.18 11.92 -18.81
C GLU B 2 -10.37 10.49 -18.30
N LEU B 3 -9.66 10.14 -17.23
CA LEU B 3 -9.77 8.81 -16.65
C LEU B 3 -10.90 8.75 -15.60
N PRO B 4 -11.88 7.87 -15.80
CA PRO B 4 -13.02 7.72 -14.89
C PRO B 4 -12.63 7.09 -13.53
N PRO B 5 -13.19 7.59 -12.41
CA PRO B 5 -12.89 7.08 -11.07
C PRO B 5 -13.50 5.70 -10.77
N GLU B 6 -13.52 4.84 -11.78
CA GLU B 6 -14.07 3.50 -11.65
C GLU B 6 -13.11 2.59 -10.87
N PHE B 7 -11.81 2.83 -11.04
CA PHE B 7 -10.78 2.05 -10.37
C PHE B 7 -10.86 2.20 -8.85
N ALA B 8 -11.10 3.42 -8.38
CA ALA B 8 -11.20 3.70 -6.96
C ALA B 8 -12.38 2.97 -6.34
N ALA B 9 -13.47 2.88 -7.11
CA ALA B 9 -14.67 2.17 -6.67
C ALA B 9 -14.34 0.71 -6.40
N GLN B 10 -13.64 0.10 -7.35
CA GLN B 10 -13.22 -1.30 -7.22
C GLN B 10 -12.21 -1.44 -6.08
N LEU B 11 -11.23 -0.54 -6.02
CA LEU B 11 -10.23 -0.55 -4.95
C LEU B 11 -10.89 -0.46 -3.59
N ARG B 12 -11.94 0.36 -3.50
CA ARG B 12 -12.71 0.52 -2.27
C ARG B 12 -13.35 -0.82 -1.89
N LYS B 13 -14.07 -1.41 -2.85
CA LYS B 13 -14.72 -2.70 -2.64
C LYS B 13 -13.70 -3.77 -2.23
N ILE B 14 -12.53 -3.74 -2.88
CA ILE B 14 -11.46 -4.69 -2.55
C ILE B 14 -10.95 -4.44 -1.12
N GLY B 15 -10.76 -3.17 -0.78
CA GLY B 15 -10.29 -2.81 0.55
C GLY B 15 -11.22 -3.31 1.64
N ASP B 16 -12.52 -3.02 1.50
CA ASP B 16 -13.52 -3.47 2.48
C ASP B 16 -13.53 -5.00 2.53
N LYS B 17 -13.51 -5.62 1.35
CA LYS B 17 -13.52 -7.07 1.22
C LYS B 17 -12.31 -7.71 1.93
N VAL B 18 -11.10 -7.28 1.54
CA VAL B 18 -9.87 -7.81 2.13
C VAL B 18 -9.84 -7.56 3.64
N TYR B 19 -10.21 -6.35 4.05
CA TYR B 19 -10.25 -5.98 5.46
C TYR B 19 -11.16 -6.94 6.24
N CYS B 20 -12.35 -7.20 5.69
CA CYS B 20 -13.31 -8.11 6.31
C CYS B 20 -12.77 -9.54 6.35
N THR B 21 -11.95 -9.91 5.38
CA THR B 21 -11.37 -11.25 5.32
C THR B 21 -10.40 -11.48 6.49
N TRP B 22 -9.53 -10.51 6.76
CA TRP B 22 -8.58 -10.63 7.86
C TRP B 22 -9.25 -10.43 9.22
N SER B 23 -10.17 -9.46 9.29
CA SER B 23 -10.90 -9.18 10.54
C SER B 23 -12.07 -10.15 10.74
N ALA B 24 -11.78 -11.45 10.70
CA ALA B 24 -12.80 -12.49 10.89
C ALA B 24 -13.30 -12.53 12.33
N PRO B 25 -14.59 -12.20 12.55
CA PRO B 25 -15.20 -12.19 13.87
C PRO B 25 -15.98 -13.46 14.22
N ASP B 26 -15.56 -14.59 13.67
CA ASP B 26 -16.23 -15.87 13.94
C ASP B 26 -15.85 -16.44 15.32
N MET B 27 -16.12 -15.66 16.36
CA MET B 27 -15.80 -16.09 17.73
C MET B 27 -17.04 -16.04 18.64
N GLY A 1 12.71 14.93 13.21
CA GLY A 1 13.11 15.44 11.87
C GLY A 1 12.90 16.94 11.72
N PRO A 2 13.03 17.48 10.50
CA PRO A 2 12.83 18.93 10.25
C PRO A 2 11.43 19.40 10.67
N LEU A 3 10.39 18.75 10.14
CA LEU A 3 9.01 19.10 10.47
C LEU A 3 8.57 18.39 11.76
N GLY A 4 9.34 18.59 12.83
CA GLY A 4 9.03 17.98 14.11
C GLY A 4 9.33 16.49 14.12
N SER A 5 8.28 15.68 14.16
CA SER A 5 8.45 14.23 14.15
C SER A 5 7.78 13.63 12.90
N GLU A 6 7.30 14.50 12.01
CA GLU A 6 6.64 14.07 10.79
C GLU A 6 7.61 13.33 9.86
N ASP A 7 8.84 13.82 9.78
CA ASP A 7 9.86 13.20 8.93
C ASP A 7 10.21 11.78 9.40
N ASP A 8 10.48 11.63 10.70
CA ASP A 8 10.85 10.33 11.29
C ASP A 8 9.81 9.24 11.01
N LEU A 9 8.54 9.55 11.23
CA LEU A 9 7.46 8.60 10.98
C LEU A 9 7.34 8.30 9.48
N TYR A 10 7.56 9.32 8.66
CA TYR A 10 7.49 9.18 7.22
C TYR A 10 8.63 8.32 6.68
N ARG A 11 9.86 8.54 7.18
CA ARG A 11 11.03 7.78 6.74
C ARG A 11 10.84 6.26 6.92
N GLN A 12 10.41 5.87 8.11
CA GLN A 12 10.18 4.45 8.41
C GLN A 12 9.05 3.88 7.56
N SER A 13 7.97 4.64 7.45
CA SER A 13 6.82 4.22 6.65
C SER A 13 7.21 4.09 5.18
N LEU A 14 7.98 5.08 4.71
CA LEU A 14 8.46 5.08 3.34
C LEU A 14 9.40 3.91 3.08
N GLU A 15 10.35 3.69 4.00
CA GLU A 15 11.31 2.59 3.84
C GLU A 15 10.59 1.24 3.68
N ILE A 16 9.60 0.99 4.52
CA ILE A 16 8.83 -0.25 4.48
C ILE A 16 8.05 -0.41 3.17
N ILE A 17 7.26 0.61 2.82
CA ILE A 17 6.48 0.57 1.59
C ILE A 17 7.40 0.52 0.36
N SER A 18 8.45 1.33 0.37
CA SER A 18 9.42 1.36 -0.73
C SER A 18 10.05 -0.01 -0.93
N ARG A 19 10.48 -0.63 0.17
CA ARG A 19 11.08 -1.96 0.11
C ARG A 19 10.14 -2.97 -0.54
N TYR A 20 8.85 -2.89 -0.22
CA TYR A 20 7.86 -3.80 -0.78
C TYR A 20 7.60 -3.51 -2.27
N LEU A 21 7.26 -2.26 -2.60
CA LEU A 21 6.97 -1.89 -3.97
C LEU A 21 8.16 -2.11 -4.90
N ARG A 22 9.36 -1.73 -4.46
CA ARG A 22 10.56 -1.88 -5.29
C ARG A 22 10.94 -3.35 -5.50
N GLU A 23 10.94 -4.15 -4.44
CA GLU A 23 11.30 -5.56 -4.55
C GLU A 23 10.28 -6.34 -5.38
N GLN A 24 8.99 -6.03 -5.21
CA GLN A 24 7.94 -6.69 -5.98
C GLN A 24 8.01 -6.26 -7.45
N ALA A 25 8.54 -5.06 -7.69
CA ALA A 25 8.67 -4.53 -9.05
C ALA A 25 9.89 -5.11 -9.77
N THR A 26 11.04 -5.12 -9.10
CA THR A 26 12.27 -5.66 -9.72
C THR A 26 12.18 -7.16 -9.92
N GLY A 27 11.78 -7.89 -8.86
CA GLY A 27 11.64 -9.35 -8.92
C GLY A 27 12.95 -10.12 -9.13
N SER A 28 13.99 -9.44 -9.63
CA SER A 28 15.28 -10.09 -9.88
C SER A 28 16.46 -9.18 -9.53
N LYS A 29 16.17 -8.06 -8.88
CA LYS A 29 17.20 -7.11 -8.51
C LYS A 29 17.11 -6.79 -7.01
N ASP A 30 18.21 -6.99 -6.29
CA ASP A 30 18.23 -6.73 -4.85
C ASP A 30 18.19 -5.23 -4.55
N SER A 31 16.97 -4.68 -4.50
CA SER A 31 16.78 -3.26 -4.24
C SER A 31 16.30 -3.03 -2.80
N LYS A 32 17.25 -3.07 -1.85
CA LYS A 32 16.90 -2.89 -0.44
C LYS A 32 17.36 -1.52 0.10
N PRO A 33 16.44 -0.53 0.15
CA PRO A 33 16.73 0.80 0.67
C PRO A 33 16.32 0.95 2.15
N LEU A 34 16.58 -0.08 2.94
CA LEU A 34 16.22 -0.07 4.36
C LEU A 34 17.37 0.48 5.22
N GLY A 35 17.03 1.31 6.19
CA GLY A 35 18.05 1.89 7.05
C GLY A 35 17.56 2.17 8.46
N GLU A 36 16.46 2.90 8.58
CA GLU A 36 15.89 3.22 9.87
C GLU A 36 14.75 2.27 10.26
N ALA A 37 14.04 1.75 9.25
CA ALA A 37 12.93 0.82 9.52
C ALA A 37 13.44 -0.59 9.77
N GLY A 38 14.22 -0.77 10.83
CA GLY A 38 14.75 -2.09 11.15
C GLY A 38 13.76 -3.01 11.86
N ALA A 39 13.46 -2.71 13.13
CA ALA A 39 12.54 -3.53 13.91
C ALA A 39 11.10 -3.38 13.43
N ALA A 40 10.60 -2.14 13.42
CA ALA A 40 9.23 -1.89 12.96
C ALA A 40 9.13 -2.18 11.46
N GLY A 41 10.25 -2.02 10.77
CA GLY A 41 10.29 -2.29 9.35
C GLY A 41 10.22 -3.78 9.05
N ARG A 42 10.81 -4.58 9.94
CA ARG A 42 10.79 -6.03 9.78
C ARG A 42 9.37 -6.56 9.91
N ARG A 43 8.72 -6.23 11.03
CA ARG A 43 7.34 -6.65 11.27
C ARG A 43 6.43 -6.23 10.12
N ALA A 44 6.55 -4.98 9.71
CA ALA A 44 5.74 -4.45 8.63
C ALA A 44 6.13 -5.02 7.26
N LEU A 45 7.40 -5.35 7.06
CA LEU A 45 7.85 -5.92 5.79
C LEU A 45 7.17 -7.25 5.49
N GLU A 46 7.24 -8.18 6.45
CA GLU A 46 6.61 -9.49 6.28
C GLU A 46 5.10 -9.36 6.18
N THR A 47 4.52 -8.50 7.02
CA THR A 47 3.07 -8.28 7.01
C THR A 47 2.62 -7.67 5.67
N LEU A 48 3.34 -6.63 5.22
CA LEU A 48 3.01 -5.97 3.96
C LEU A 48 3.27 -6.90 2.79
N ARG A 49 4.31 -7.72 2.89
CA ARG A 49 4.65 -8.67 1.84
C ARG A 49 3.57 -9.76 1.72
N ARG A 50 3.32 -10.47 2.81
CA ARG A 50 2.33 -11.55 2.82
C ARG A 50 0.92 -11.05 2.48
N VAL A 51 0.47 -10.00 3.17
CA VAL A 51 -0.88 -9.46 2.94
C VAL A 51 -0.98 -8.76 1.57
N GLY A 52 0.00 -7.91 1.25
CA GLY A 52 -0.01 -7.18 -0.01
C GLY A 52 -0.01 -8.09 -1.23
N ASP A 53 0.88 -9.08 -1.24
CA ASP A 53 0.96 -10.02 -2.35
C ASP A 53 -0.32 -10.86 -2.42
N GLY A 54 -0.87 -11.20 -1.24
CA GLY A 54 -2.11 -11.97 -1.20
C GLY A 54 -3.26 -11.22 -1.85
N VAL A 55 -3.31 -9.91 -1.65
CA VAL A 55 -4.36 -9.07 -2.23
C VAL A 55 -4.23 -9.02 -3.75
N GLN A 56 -3.01 -8.81 -4.25
CA GLN A 56 -2.77 -8.74 -5.69
C GLN A 56 -2.94 -10.12 -6.35
N ARG A 57 -2.64 -11.20 -5.61
CA ARG A 57 -2.80 -12.55 -6.14
C ARG A 57 -4.27 -12.97 -6.16
N ASN A 58 -5.00 -12.67 -5.08
CA ASN A 58 -6.42 -13.01 -4.98
C ASN A 58 -7.26 -12.19 -5.97
N HIS A 59 -7.01 -10.88 -6.02
CA HIS A 59 -7.75 -10.00 -6.93
C HIS A 59 -6.94 -9.71 -8.19
N GLU A 60 -6.14 -10.70 -8.60
CA GLU A 60 -5.27 -10.59 -9.78
C GLU A 60 -6.00 -10.06 -11.03
N THR A 61 -7.12 -10.68 -11.37
CA THR A 61 -7.90 -10.29 -12.55
C THR A 61 -8.34 -8.81 -12.51
N ALA A 62 -8.98 -8.42 -11.43
CA ALA A 62 -9.44 -7.04 -11.27
C ALA A 62 -8.25 -6.07 -11.26
N PHE A 63 -7.18 -6.47 -10.58
CA PHE A 63 -5.98 -5.66 -10.48
C PHE A 63 -5.32 -5.46 -11.86
N GLN A 64 -5.13 -6.55 -12.60
CA GLN A 64 -4.51 -6.45 -13.93
C GLN A 64 -5.44 -5.71 -14.90
N GLY A 65 -6.75 -5.87 -14.75
CA GLY A 65 -7.69 -5.18 -15.62
C GLY A 65 -7.49 -3.67 -15.54
N MET A 66 -7.45 -3.16 -14.31
CA MET A 66 -7.24 -1.73 -14.08
C MET A 66 -5.82 -1.33 -14.50
N LEU A 67 -4.87 -2.26 -14.31
CA LEU A 67 -3.47 -2.02 -14.67
C LEU A 67 -3.30 -1.92 -16.18
N ARG A 68 -4.07 -2.72 -16.92
CA ARG A 68 -4.03 -2.71 -18.38
C ARG A 68 -4.62 -1.39 -18.90
N LYS A 69 -5.63 -0.89 -18.18
CA LYS A 69 -6.26 0.39 -18.54
C LYS A 69 -5.51 1.57 -17.91
N LEU A 70 -4.53 1.26 -17.06
CA LEU A 70 -3.75 2.28 -16.38
C LEU A 70 -2.84 3.04 -17.34
N ASP A 71 -3.19 4.30 -17.57
CA ASP A 71 -2.42 5.15 -18.47
C ASP A 71 -1.40 5.99 -17.68
N ILE A 72 -1.10 5.53 -16.46
CA ILE A 72 -0.14 6.23 -15.59
C ILE A 72 1.24 6.33 -16.24
N LYS A 73 1.58 7.54 -16.65
CA LYS A 73 2.86 7.83 -17.30
C LYS A 73 3.32 9.27 -17.03
N ASN A 74 2.37 10.19 -16.82
CA ASN A 74 2.71 11.58 -16.56
C ASN A 74 2.48 11.96 -15.09
N GLU A 75 3.01 13.11 -14.67
CA GLU A 75 2.86 13.56 -13.28
C GLU A 75 1.40 13.63 -12.83
N GLY A 76 0.49 13.95 -13.75
CA GLY A 76 -0.92 14.05 -13.40
C GLY A 76 -1.54 12.71 -12.98
N ASP A 77 -0.98 11.61 -13.48
CA ASP A 77 -1.48 10.28 -13.15
C ASP A 77 -1.25 9.94 -11.67
N VAL A 78 -0.10 10.36 -11.14
CA VAL A 78 0.25 10.12 -9.74
C VAL A 78 -0.74 10.84 -8.82
N LYS A 79 -1.20 12.01 -9.26
CA LYS A 79 -2.16 12.80 -8.51
C LYS A 79 -3.49 12.05 -8.44
N SER A 80 -3.78 11.27 -9.49
CA SER A 80 -4.99 10.46 -9.55
C SER A 80 -4.89 9.30 -8.56
N PHE A 81 -3.68 8.74 -8.45
CA PHE A 81 -3.42 7.65 -7.51
C PHE A 81 -3.81 8.08 -6.09
N SER A 82 -3.42 9.31 -5.73
CA SER A 82 -3.77 9.87 -4.43
C SER A 82 -5.26 10.18 -4.38
N ARG A 83 -5.82 10.55 -5.54
CA ARG A 83 -7.25 10.85 -5.66
C ARG A 83 -8.08 9.59 -5.38
N VAL A 84 -7.70 8.48 -6.01
CA VAL A 84 -8.38 7.19 -5.79
C VAL A 84 -8.26 6.80 -4.33
N MET A 85 -7.05 6.96 -3.79
CA MET A 85 -6.78 6.66 -2.39
C MET A 85 -7.75 7.42 -1.48
N VAL A 86 -7.86 8.73 -1.70
CA VAL A 86 -8.77 9.55 -0.92
C VAL A 86 -10.23 9.14 -1.15
N HIS A 87 -10.57 8.87 -2.42
CA HIS A 87 -11.93 8.46 -2.79
C HIS A 87 -12.35 7.15 -2.09
N VAL A 88 -11.42 6.21 -1.97
CA VAL A 88 -11.71 4.93 -1.32
C VAL A 88 -12.27 5.12 0.10
N PHE A 89 -11.66 6.03 0.86
CA PHE A 89 -12.07 6.31 2.25
C PHE A 89 -13.12 7.42 2.33
N LYS A 90 -13.89 7.63 1.25
CA LYS A 90 -14.91 8.69 1.21
C LYS A 90 -15.97 8.57 2.32
N ASP A 91 -16.10 7.41 2.94
CA ASP A 91 -17.09 7.23 4.01
C ASP A 91 -16.52 7.65 5.37
N GLY A 92 -15.20 7.78 5.44
CA GLY A 92 -14.56 8.19 6.69
C GLY A 92 -13.96 7.04 7.48
N VAL A 93 -14.39 5.81 7.18
CA VAL A 93 -13.88 4.64 7.89
C VAL A 93 -12.58 4.13 7.24
N THR A 94 -11.50 4.13 8.01
CA THR A 94 -10.23 3.67 7.49
C THR A 94 -10.02 2.19 7.72
N ASN A 95 -10.28 1.39 6.68
CA ASN A 95 -10.10 -0.04 6.79
C ASN A 95 -8.67 -0.43 6.39
N TRP A 96 -8.00 -1.25 7.20
CA TRP A 96 -6.64 -1.70 6.90
C TRP A 96 -6.58 -2.36 5.53
N GLY A 97 -7.64 -3.09 5.19
CA GLY A 97 -7.72 -3.75 3.90
C GLY A 97 -7.70 -2.76 2.75
N ARG A 98 -8.26 -1.56 2.98
CA ARG A 98 -8.27 -0.52 1.96
C ARG A 98 -6.86 0.05 1.80
N ILE A 99 -6.23 0.33 2.94
CA ILE A 99 -4.87 0.86 2.98
C ILE A 99 -3.89 -0.09 2.27
N VAL A 100 -3.94 -1.37 2.62
CA VAL A 100 -3.06 -2.35 2.00
C VAL A 100 -3.42 -2.58 0.52
N THR A 101 -4.68 -2.34 0.17
CA THR A 101 -5.13 -2.48 -1.23
C THR A 101 -4.44 -1.43 -2.10
N LEU A 102 -4.25 -0.24 -1.55
CA LEU A 102 -3.56 0.83 -2.26
C LEU A 102 -2.10 0.44 -2.46
N ILE A 103 -1.52 -0.18 -1.44
CA ILE A 103 -0.13 -0.65 -1.51
C ILE A 103 -0.03 -1.78 -2.53
N SER A 104 -1.02 -2.68 -2.51
CA SER A 104 -1.08 -3.80 -3.44
C SER A 104 -1.19 -3.29 -4.86
N PHE A 105 -2.01 -2.26 -5.05
CA PHE A 105 -2.16 -1.62 -6.35
C PHE A 105 -0.86 -0.92 -6.71
N GLY A 106 -0.25 -0.27 -5.70
CA GLY A 106 1.02 0.41 -5.91
C GLY A 106 2.07 -0.56 -6.44
N ALA A 107 2.09 -1.77 -5.86
CA ALA A 107 3.02 -2.81 -6.31
C ALA A 107 2.76 -3.16 -7.77
N PHE A 108 1.47 -3.31 -8.12
CA PHE A 108 1.08 -3.61 -9.50
C PHE A 108 1.53 -2.49 -10.43
N VAL A 109 1.37 -1.24 -9.99
CA VAL A 109 1.80 -0.08 -10.78
C VAL A 109 3.31 -0.13 -10.99
N ALA A 110 4.04 -0.42 -9.92
CA ALA A 110 5.50 -0.55 -10.00
C ALA A 110 5.86 -1.65 -10.99
N LYS A 111 5.09 -2.74 -10.96
CA LYS A 111 5.28 -3.86 -11.88
C LYS A 111 5.03 -3.41 -13.32
N HIS A 112 3.93 -2.68 -13.53
CA HIS A 112 3.59 -2.17 -14.86
C HIS A 112 4.70 -1.25 -15.37
N LEU A 113 5.24 -0.42 -14.48
CA LEU A 113 6.32 0.49 -14.83
C LEU A 113 7.61 -0.29 -15.11
N LYS A 114 7.89 -1.30 -14.28
CA LYS A 114 9.07 -2.14 -14.47
C LYS A 114 8.96 -2.94 -15.78
N SER A 115 7.74 -3.34 -16.13
CA SER A 115 7.49 -4.09 -17.36
C SER A 115 7.84 -3.27 -18.59
N VAL A 116 7.79 -1.94 -18.46
CA VAL A 116 8.13 -1.04 -19.56
C VAL A 116 9.43 -0.27 -19.26
N ASN A 117 10.17 -0.75 -18.25
CA ASN A 117 11.45 -0.14 -17.84
C ASN A 117 11.30 1.34 -17.48
N GLN A 118 10.34 1.66 -16.62
CA GLN A 118 10.12 3.03 -16.19
C GLN A 118 10.30 3.22 -14.68
N GLU A 119 11.31 2.55 -14.11
CA GLU A 119 11.61 2.66 -12.66
C GLU A 119 11.69 4.14 -12.20
N SER A 120 12.04 5.02 -13.13
CA SER A 120 12.13 6.45 -12.86
C SER A 120 10.79 7.01 -12.37
N PHE A 121 9.71 6.29 -12.66
CA PHE A 121 8.37 6.70 -12.22
C PHE A 121 7.97 5.96 -10.94
N ILE A 122 8.62 4.82 -10.68
CA ILE A 122 8.33 4.03 -9.49
C ILE A 122 8.72 4.81 -8.23
N GLU A 123 9.89 5.45 -8.28
CA GLU A 123 10.38 6.25 -7.15
C GLU A 123 9.37 7.32 -6.72
N PRO A 124 8.92 8.22 -7.62
CA PRO A 124 7.92 9.25 -7.29
C PRO A 124 6.58 8.64 -6.89
N LEU A 125 6.23 7.49 -7.49
CA LEU A 125 4.97 6.80 -7.19
C LEU A 125 4.95 6.33 -5.74
N ALA A 126 6.02 5.64 -5.33
CA ALA A 126 6.15 5.13 -3.96
C ALA A 126 6.12 6.26 -2.92
N GLU A 127 6.81 7.35 -3.22
CA GLU A 127 6.84 8.51 -2.32
C GLU A 127 5.47 9.18 -2.25
N THR A 128 4.83 9.35 -3.40
CA THR A 128 3.52 9.98 -3.47
C THR A 128 2.46 9.19 -2.69
N ILE A 129 2.33 7.88 -2.97
CA ILE A 129 1.36 7.06 -2.28
C ILE A 129 1.59 7.06 -0.76
N THR A 130 2.85 6.87 -0.35
CA THR A 130 3.22 6.84 1.07
C THR A 130 2.88 8.17 1.76
N ASP A 131 3.37 9.28 1.23
CA ASP A 131 3.10 10.59 1.83
C ASP A 131 1.60 10.86 1.89
N VAL A 132 0.91 10.72 0.77
CA VAL A 132 -0.54 10.95 0.74
C VAL A 132 -1.26 10.05 1.74
N LEU A 133 -0.94 8.76 1.72
CA LEU A 133 -1.55 7.78 2.63
C LEU A 133 -1.29 8.13 4.10
N VAL A 134 -0.03 8.43 4.43
CA VAL A 134 0.33 8.78 5.80
C VAL A 134 -0.30 10.12 6.20
N ARG A 135 -0.31 11.07 5.27
CA ARG A 135 -0.89 12.40 5.54
C ARG A 135 -2.41 12.37 5.72
N THR A 136 -3.15 11.68 4.83
CA THR A 136 -4.61 11.61 4.96
C THR A 136 -5.05 10.91 6.24
N LYS A 137 -4.42 9.79 6.58
CA LYS A 137 -4.78 9.05 7.79
C LYS A 137 -3.80 9.36 8.93
N ARG A 138 -3.41 10.62 9.05
CA ARG A 138 -2.47 11.06 10.09
C ARG A 138 -3.00 10.74 11.50
N ASP A 139 -4.23 11.14 11.78
CA ASP A 139 -4.85 10.91 13.09
C ASP A 139 -5.10 9.41 13.32
N TRP A 140 -5.61 8.73 12.29
CA TRP A 140 -5.90 7.30 12.39
C TRP A 140 -4.63 6.46 12.59
N LEU A 141 -3.55 6.82 11.87
CA LEU A 141 -2.28 6.10 11.98
C LEU A 141 -1.60 6.31 13.34
N VAL A 142 -1.52 7.56 13.79
CA VAL A 142 -0.87 7.84 15.09
C VAL A 142 -1.60 7.15 16.25
N LYS A 143 -2.93 7.08 16.18
CA LYS A 143 -3.73 6.43 17.22
C LYS A 143 -3.63 4.90 17.11
N GLN A 144 -3.28 4.41 15.92
CA GLN A 144 -3.16 2.98 15.69
C GLN A 144 -1.70 2.50 15.83
N ARG A 145 -0.84 3.35 16.39
CA ARG A 145 0.58 3.02 16.59
C ARG A 145 1.30 2.75 15.26
N GLY A 146 0.70 3.23 14.17
CA GLY A 146 1.28 3.08 12.85
C GLY A 146 1.37 1.63 12.38
N TRP A 147 2.59 1.20 12.07
CA TRP A 147 2.83 -0.14 11.59
C TRP A 147 2.56 -1.18 12.66
N ASP A 148 2.82 -0.84 13.93
CA ASP A 148 2.55 -1.77 15.03
C ASP A 148 1.09 -2.22 14.99
N GLY A 149 0.19 -1.29 14.70
CA GLY A 149 -1.23 -1.62 14.61
C GLY A 149 -1.53 -2.43 13.36
N PHE A 150 -0.97 -2.02 12.23
CA PHE A 150 -1.15 -2.72 10.95
C PHE A 150 -0.67 -4.17 11.04
N VAL A 151 0.50 -4.36 11.64
CA VAL A 151 1.09 -5.70 11.79
C VAL A 151 0.28 -6.58 12.75
N GLU A 152 -0.21 -5.99 13.84
CA GLU A 152 -0.99 -6.73 14.84
C GLU A 152 -2.42 -7.02 14.37
N PHE A 153 -2.96 -6.18 13.49
CA PHE A 153 -4.32 -6.38 12.98
C PHE A 153 -4.44 -7.71 12.23
N PHE A 154 -3.43 -8.04 11.43
CA PHE A 154 -3.43 -9.29 10.66
C PHE A 154 -2.84 -10.46 11.46
N HIS A 155 -2.97 -10.40 12.79
CA HIS A 155 -2.44 -11.44 13.66
C HIS A 155 -3.35 -12.68 13.65
N VAL A 156 -3.34 -13.40 12.53
CA VAL A 156 -4.15 -14.61 12.39
C VAL A 156 -3.40 -15.84 12.94
N GLN A 157 -3.67 -16.18 14.20
CA GLN A 157 -3.02 -17.31 14.87
C GLN A 157 -3.52 -17.48 16.31
N ASP A 158 -2.99 -16.63 17.20
CA ASP A 158 -3.37 -16.68 18.62
C ASP A 158 -4.19 -15.45 19.04
N LEU A 159 -4.95 -14.90 18.11
CA LEU A 159 -5.78 -13.72 18.40
C LEU A 159 -7.27 -14.05 18.32
N GLU A 160 -7.62 -14.97 17.42
CA GLU A 160 -9.00 -15.39 17.24
C GLU A 160 -9.37 -16.54 18.18
N GLY A 161 -8.37 -17.23 18.71
CA GLY A 161 -8.61 -18.34 19.61
C GLY A 161 -7.37 -19.16 19.91
N GLY A 162 -7.40 -20.43 19.50
CA GLY A 162 -6.25 -21.32 19.73
C GLY A 162 -6.66 -22.78 19.88
N ALA B 1 -8.59 13.95 -18.67
CA ALA B 1 -9.07 12.88 -19.57
C ALA B 1 -8.25 11.59 -19.36
N GLU B 2 -8.61 10.84 -18.34
CA GLU B 2 -7.91 9.61 -18.01
C GLU B 2 -8.79 8.38 -18.24
N LEU B 3 -8.36 7.24 -17.72
CA LEU B 3 -9.11 5.99 -17.86
C LEU B 3 -10.42 6.02 -17.05
N PRO B 4 -11.42 5.19 -17.42
CA PRO B 4 -12.72 5.12 -16.73
C PRO B 4 -12.56 4.96 -15.21
N PRO B 5 -13.27 5.82 -14.43
CA PRO B 5 -13.21 5.81 -12.94
C PRO B 5 -13.74 4.53 -12.28
N GLU B 6 -13.39 3.39 -12.83
CA GLU B 6 -13.81 2.10 -12.27
C GLU B 6 -12.84 1.65 -11.18
N PHE B 7 -11.57 2.07 -11.32
CA PHE B 7 -10.52 1.73 -10.37
C PHE B 7 -10.85 2.25 -8.96
N ALA B 8 -11.48 3.42 -8.90
CA ALA B 8 -11.86 4.03 -7.63
C ALA B 8 -12.83 3.12 -6.87
N ALA B 9 -13.85 2.66 -7.58
CA ALA B 9 -14.84 1.77 -7.00
C ALA B 9 -14.24 0.39 -6.73
N GLN B 10 -13.50 -0.12 -7.70
CA GLN B 10 -12.86 -1.43 -7.56
C GLN B 10 -11.95 -1.49 -6.34
N LEU B 11 -10.97 -0.58 -6.27
CA LEU B 11 -10.03 -0.54 -5.14
C LEU B 11 -10.77 -0.39 -3.80
N ARG B 12 -11.79 0.47 -3.79
CA ARG B 12 -12.60 0.68 -2.61
C ARG B 12 -13.24 -0.63 -2.14
N LYS B 13 -13.84 -1.36 -3.08
CA LYS B 13 -14.46 -2.65 -2.77
C LYS B 13 -13.41 -3.69 -2.39
N ILE B 14 -12.26 -3.68 -3.08
CA ILE B 14 -11.16 -4.60 -2.77
C ILE B 14 -10.80 -4.45 -1.31
N GLY B 15 -10.59 -3.20 -0.89
CA GLY B 15 -10.24 -2.90 0.47
C GLY B 15 -11.30 -3.39 1.45
N ASP B 16 -12.57 -3.14 1.12
CA ASP B 16 -13.69 -3.56 1.96
C ASP B 16 -13.67 -5.08 2.17
N LYS B 17 -13.45 -5.82 1.08
CA LYS B 17 -13.40 -7.27 1.17
C LYS B 17 -12.15 -7.74 1.92
N VAL B 18 -10.98 -7.27 1.50
CA VAL B 18 -9.72 -7.65 2.14
C VAL B 18 -9.78 -7.40 3.65
N TYR B 19 -10.22 -6.19 4.02
CA TYR B 19 -10.37 -5.82 5.43
C TYR B 19 -11.30 -6.80 6.15
N CYS B 20 -12.45 -7.06 5.56
CA CYS B 20 -13.43 -7.97 6.15
C CYS B 20 -12.90 -9.41 6.22
N THR B 21 -12.11 -9.78 5.20
CA THR B 21 -11.51 -11.12 5.10
C THR B 21 -10.50 -11.37 6.23
N TRP B 22 -9.76 -10.33 6.59
CA TRP B 22 -8.75 -10.44 7.64
C TRP B 22 -9.38 -10.22 9.03
N SER B 23 -10.37 -9.32 9.10
CA SER B 23 -11.07 -9.07 10.36
C SER B 23 -11.90 -10.29 10.74
N ALA B 24 -12.80 -10.70 9.86
CA ALA B 24 -13.61 -11.88 10.08
C ALA B 24 -12.95 -13.11 9.46
N PRO B 25 -12.53 -14.09 10.27
CA PRO B 25 -11.86 -15.31 9.77
C PRO B 25 -12.81 -16.23 8.97
N ASP B 26 -14.10 -15.92 9.02
CA ASP B 26 -15.11 -16.70 8.32
C ASP B 26 -15.51 -16.05 6.99
N MET B 27 -14.59 -15.32 6.36
CA MET B 27 -14.89 -14.65 5.09
C MET B 27 -13.92 -15.08 3.98
#